data_1Q3S
#
_entry.id   1Q3S
#
_cell.length_a   207.425
_cell.length_b   236.230
_cell.length_c   234.106
_cell.angle_alpha   90.00
_cell.angle_beta   90.00
_cell.angle_gamma   90.00
#
_symmetry.space_group_name_H-M   'C 2 2 21'
#
loop_
_entity.id
_entity.type
_entity.pdbx_description
1 polymer 'Thermosome alpha subunit'
2 non-polymer 'MAGNESIUM ION'
3 non-polymer "ADENOSINE-5'-DIPHOSPHATE"
#
_entity_poly.entity_id   1
_entity_poly.type   'polypeptide(L)'
_entity_poly.pdbx_seq_one_letter_code
;MAQLSGQPVVILPEGTQRYVGRDAQRLNILAARIIAETVRTTLGPKGMDKMLVDSLGDIVVTNDCATILDKIDLQHPAAK
MMVEVAKTQDKEAGDGTTTAVVIAGELLRKAEELLDQNIHPSIIIKGYALAAEKAQEILDEIAIRVDPDDEETLLKIAAT
SITGKNAESHKELLAKLAVEAVKQVAEKKDGKYVVDLDNIKFEKKAGEGVEESELVRGVVIDKEVVHPRMPKRVENAKIA
LINEALEVKKTETDAKINITSPDQLMSFLEQEEKMLKDMVDHIAQTGANVVFVQKGIDDLAQHYLAKYGIMAVRRVKKSD
MEKLAKATGAKIVTNVKDLTPEDLGYAEVVEERKLAGENMIFVEGCKNPKAVTILIRGGTEHVIDEVERALEDAVKVVKD
VMEDGAVLPAGGAPEIELAIRLDEYAKQVGGKEALAIENFADALKIIPKTLAENAGLDTVEMLVKVISEHKNRGLGIGID
VFEGKPADMLEKGIIEPLRVKKQAIKSASEAAIMILRIDDVIAAKATKPEGGQGGGMPGGMGGMDMGM
;
_entity_poly.pdbx_strand_id   A,B,C,D,E,F,G,H
#
# COMPACT_ATOMS: atom_id res chain seq x y z
N VAL A 10 15.29 8.82 -39.56
CA VAL A 10 14.47 8.08 -38.56
C VAL A 10 12.98 8.39 -38.72
N ILE A 11 12.34 7.82 -39.74
CA ILE A 11 10.90 8.07 -39.95
C ILE A 11 10.07 7.21 -38.98
N LEU A 12 10.38 5.91 -38.91
CA LEU A 12 9.68 4.99 -38.02
C LEU A 12 10.46 4.71 -36.73
N PRO A 13 9.76 4.23 -35.68
CA PRO A 13 10.39 3.91 -34.38
C PRO A 13 11.30 2.68 -34.58
N GLU A 14 12.35 2.56 -33.78
CA GLU A 14 13.24 1.39 -33.93
C GLU A 14 12.49 0.16 -33.38
N GLY A 15 12.66 -0.98 -34.03
CA GLY A 15 11.97 -2.20 -33.59
C GLY A 15 10.69 -2.38 -34.39
N THR A 16 10.61 -1.61 -35.46
CA THR A 16 9.48 -1.61 -36.39
C THR A 16 10.04 -2.27 -37.66
N GLN A 17 9.31 -3.23 -38.23
CA GLN A 17 9.77 -3.90 -39.45
C GLN A 17 8.88 -3.45 -40.59
N ARG A 18 9.42 -3.47 -41.80
CA ARG A 18 8.66 -3.08 -42.98
C ARG A 18 9.17 -3.87 -44.19
N TYR A 19 8.28 -4.18 -45.12
CA TYR A 19 8.65 -4.94 -46.32
C TYR A 19 7.89 -4.36 -47.50
N VAL A 20 8.51 -4.37 -48.68
CA VAL A 20 7.83 -3.81 -49.85
C VAL A 20 7.91 -4.72 -51.08
N GLY A 21 7.04 -4.47 -52.06
CA GLY A 21 7.01 -5.23 -53.28
C GLY A 21 7.08 -6.74 -53.11
N ARG A 22 8.12 -7.35 -53.67
CA ARG A 22 8.30 -8.80 -53.58
C ARG A 22 8.22 -9.27 -52.13
N ASP A 23 9.05 -8.68 -51.28
CA ASP A 23 9.11 -9.01 -49.85
C ASP A 23 7.74 -9.10 -49.21
N ALA A 24 6.99 -8.01 -49.33
CA ALA A 24 5.66 -7.92 -48.77
C ALA A 24 4.84 -9.13 -49.21
N GLN A 25 4.54 -9.18 -50.51
CA GLN A 25 3.75 -10.27 -51.09
C GLN A 25 4.30 -11.66 -50.79
N ARG A 26 5.59 -11.84 -51.06
CA ARG A 26 6.29 -13.10 -50.82
C ARG A 26 6.04 -13.64 -49.41
N LEU A 27 6.19 -12.78 -48.41
CA LEU A 27 6.00 -13.19 -47.02
C LEU A 27 4.55 -13.37 -46.64
N ASN A 28 3.69 -12.49 -47.14
CA ASN A 28 2.25 -12.61 -46.88
C ASN A 28 1.78 -13.94 -47.44
N ILE A 29 2.04 -14.15 -48.73
CA ILE A 29 1.66 -15.39 -49.39
C ILE A 29 2.23 -16.58 -48.64
N LEU A 30 3.46 -16.49 -48.18
CA LEU A 30 4.05 -17.61 -47.48
C LEU A 30 3.34 -17.89 -46.16
N ALA A 31 2.98 -16.83 -45.44
CA ALA A 31 2.30 -16.97 -44.16
C ALA A 31 0.90 -17.50 -44.37
N ALA A 32 0.28 -17.09 -45.47
CA ALA A 32 -1.07 -17.54 -45.78
C ALA A 32 -1.02 -19.04 -46.08
N ARG A 33 -0.19 -19.40 -47.06
CA ARG A 33 -0.01 -20.78 -47.47
C ARG A 33 0.36 -21.69 -46.30
N ILE A 34 1.20 -21.20 -45.40
CA ILE A 34 1.61 -22.01 -44.26
C ILE A 34 0.40 -22.40 -43.43
N ILE A 35 -0.40 -21.40 -43.08
CA ILE A 35 -1.59 -21.66 -42.29
C ILE A 35 -2.54 -22.60 -43.05
N ALA A 36 -2.69 -22.36 -44.35
CA ALA A 36 -3.55 -23.19 -45.16
C ALA A 36 -3.17 -24.67 -45.10
N GLU A 37 -1.88 -24.95 -45.26
CA GLU A 37 -1.38 -26.32 -45.23
C GLU A 37 -1.48 -26.94 -43.85
N THR A 38 -1.67 -26.09 -42.85
CA THR A 38 -1.79 -26.56 -41.48
C THR A 38 -3.15 -27.22 -41.26
N VAL A 39 -4.18 -26.74 -41.96
CA VAL A 39 -5.52 -27.31 -41.83
C VAL A 39 -5.92 -28.27 -42.93
N ARG A 40 -5.30 -28.16 -44.12
CA ARG A 40 -5.67 -29.04 -45.21
C ARG A 40 -5.61 -30.53 -44.86
N THR A 41 -4.83 -30.87 -43.84
CA THR A 41 -4.71 -32.27 -43.43
C THR A 41 -5.97 -32.80 -42.72
N THR A 42 -6.98 -31.96 -42.58
CA THR A 42 -8.22 -32.35 -41.89
C THR A 42 -9.41 -32.34 -42.85
N LEU A 43 -9.13 -32.11 -44.13
CA LEU A 43 -10.17 -32.04 -45.14
C LEU A 43 -10.77 -33.39 -45.48
N GLY A 44 -12.10 -33.42 -45.60
CA GLY A 44 -12.81 -34.64 -45.93
C GLY A 44 -13.05 -35.57 -44.78
N PRO A 45 -13.71 -36.70 -45.06
CA PRO A 45 -14.05 -37.75 -44.10
C PRO A 45 -12.85 -38.42 -43.47
N LYS A 46 -11.81 -38.59 -44.27
CA LYS A 46 -10.58 -39.24 -43.82
C LYS A 46 -9.61 -38.27 -43.17
N GLY A 47 -9.97 -36.99 -43.12
CA GLY A 47 -9.12 -36.00 -42.51
C GLY A 47 -8.63 -36.38 -41.12
N MET A 48 -7.54 -35.75 -40.70
CA MET A 48 -6.94 -36.01 -39.40
C MET A 48 -7.27 -34.91 -38.40
N ASP A 49 -7.06 -35.19 -37.12
CA ASP A 49 -7.34 -34.22 -36.07
C ASP A 49 -6.07 -33.62 -35.47
N LYS A 50 -6.21 -32.42 -34.90
CA LYS A 50 -5.08 -31.75 -34.26
C LYS A 50 -5.32 -31.64 -32.76
N MET A 51 -4.25 -31.60 -32.00
CA MET A 51 -4.33 -31.46 -30.55
C MET A 51 -3.75 -30.10 -30.21
N LEU A 52 -4.58 -29.24 -29.63
CA LEU A 52 -4.17 -27.90 -29.27
C LEU A 52 -4.04 -27.76 -27.75
N VAL A 53 -2.82 -27.49 -27.29
CA VAL A 53 -2.53 -27.32 -25.87
C VAL A 53 -2.23 -25.85 -25.61
N ASP A 54 -3.12 -25.19 -24.87
CA ASP A 54 -2.94 -23.78 -24.55
C ASP A 54 -2.05 -23.58 -23.32
N SER A 55 -1.48 -22.39 -23.19
CA SER A 55 -0.60 -22.02 -22.09
C SER A 55 -1.12 -22.44 -20.71
N LEU A 56 -2.44 -22.30 -20.51
CA LEU A 56 -3.08 -22.66 -19.25
C LEU A 56 -3.10 -24.17 -19.00
N GLY A 57 -2.73 -24.95 -20.04
CA GLY A 57 -2.71 -26.41 -19.91
C GLY A 57 -3.93 -27.10 -20.50
N ASP A 58 -4.93 -26.31 -20.91
CA ASP A 58 -6.14 -26.76 -21.51
C ASP A 58 -5.89 -27.53 -22.79
N ILE A 59 -6.63 -28.62 -23.05
CA ILE A 59 -6.42 -29.41 -24.26
C ILE A 59 -7.65 -29.52 -25.12
N VAL A 60 -7.52 -29.09 -26.37
CA VAL A 60 -8.62 -29.14 -27.33
C VAL A 60 -8.24 -30.07 -28.49
N VAL A 61 -9.10 -31.03 -28.81
CA VAL A 61 -8.85 -31.99 -29.89
C VAL A 61 -10.01 -31.92 -30.89
N THR A 62 -9.79 -31.28 -32.03
CA THR A 62 -10.85 -31.13 -33.03
C THR A 62 -10.41 -31.33 -34.49
N ASN A 63 -11.39 -31.42 -35.38
CA ASN A 63 -11.18 -31.57 -36.82
C ASN A 63 -11.62 -30.26 -37.47
N ASP A 64 -12.31 -29.46 -36.67
CA ASP A 64 -12.88 -28.20 -37.13
C ASP A 64 -11.87 -27.09 -37.38
N CYS A 65 -11.84 -26.64 -38.63
CA CYS A 65 -10.94 -25.58 -39.07
C CYS A 65 -11.09 -24.34 -38.22
N ALA A 66 -12.31 -23.86 -38.12
CA ALA A 66 -12.62 -22.67 -37.35
C ALA A 66 -12.06 -22.71 -35.92
N THR A 67 -12.23 -23.82 -35.21
CA THR A 67 -11.73 -23.91 -33.85
C THR A 67 -10.20 -23.83 -33.85
N ILE A 68 -9.58 -24.57 -34.76
CA ILE A 68 -8.12 -24.63 -34.86
C ILE A 68 -7.46 -23.28 -35.17
N LEU A 69 -7.93 -22.61 -36.22
CA LEU A 69 -7.36 -21.31 -36.57
C LEU A 69 -7.55 -20.33 -35.42
N ASP A 70 -8.60 -20.57 -34.66
CA ASP A 70 -8.92 -19.72 -33.53
C ASP A 70 -8.10 -20.00 -32.26
N LYS A 71 -8.04 -21.27 -31.84
CA LYS A 71 -7.28 -21.64 -30.65
C LYS A 71 -5.78 -21.41 -30.82
N ILE A 72 -5.25 -21.78 -31.99
CA ILE A 72 -3.83 -21.61 -32.29
C ILE A 72 -3.55 -20.12 -32.21
N ASP A 73 -2.39 -19.76 -31.68
CA ASP A 73 -2.04 -18.36 -31.57
C ASP A 73 -1.26 -17.88 -32.80
N LEU A 74 -1.97 -17.36 -33.79
CA LEU A 74 -1.31 -16.87 -34.98
C LEU A 74 -0.74 -15.49 -34.72
N GLN A 75 0.43 -15.24 -35.29
CA GLN A 75 1.08 -13.95 -35.10
C GLN A 75 1.25 -13.18 -36.40
N HIS A 76 1.74 -13.84 -37.45
CA HIS A 76 1.90 -13.12 -38.69
C HIS A 76 0.54 -12.61 -39.12
N PRO A 77 0.44 -11.33 -39.53
CA PRO A 77 -0.80 -10.67 -39.96
C PRO A 77 -1.53 -11.44 -41.04
N ALA A 78 -0.85 -11.69 -42.15
CA ALA A 78 -1.44 -12.41 -43.28
C ALA A 78 -2.07 -13.76 -42.88
N ALA A 79 -1.51 -14.40 -41.85
CA ALA A 79 -2.01 -15.68 -41.37
C ALA A 79 -3.29 -15.50 -40.58
N LYS A 80 -3.49 -14.32 -40.00
CA LYS A 80 -4.68 -14.05 -39.22
C LYS A 80 -5.82 -13.74 -40.19
N MET A 81 -5.49 -13.21 -41.35
CA MET A 81 -6.51 -12.89 -42.33
C MET A 81 -7.08 -14.16 -42.90
N MET A 82 -6.53 -15.28 -42.48
CA MET A 82 -7.02 -16.57 -42.93
C MET A 82 -8.05 -17.00 -41.91
N VAL A 83 -7.85 -16.59 -40.66
CA VAL A 83 -8.80 -16.94 -39.63
C VAL A 83 -10.12 -16.31 -40.05
N GLU A 84 -10.06 -15.09 -40.58
CA GLU A 84 -11.26 -14.39 -41.04
C GLU A 84 -12.02 -15.16 -42.10
N VAL A 85 -11.30 -15.77 -43.05
CA VAL A 85 -11.94 -16.52 -44.13
C VAL A 85 -12.86 -17.58 -43.50
N ALA A 86 -12.29 -18.41 -42.64
CA ALA A 86 -13.03 -19.47 -41.96
C ALA A 86 -14.17 -18.91 -41.11
N LYS A 87 -14.00 -17.70 -40.60
CA LYS A 87 -15.01 -17.05 -39.76
C LYS A 87 -16.21 -16.62 -40.59
N THR A 88 -15.94 -15.99 -41.73
CA THR A 88 -16.98 -15.54 -42.63
C THR A 88 -17.76 -16.74 -43.12
N GLN A 89 -17.03 -17.75 -43.55
CA GLN A 89 -17.60 -19.00 -44.06
C GLN A 89 -18.55 -19.64 -43.04
N ASP A 90 -18.14 -19.69 -41.78
CA ASP A 90 -18.93 -20.30 -40.70
C ASP A 90 -20.18 -19.50 -40.35
N LYS A 91 -20.11 -18.21 -40.64
CA LYS A 91 -21.21 -17.31 -40.36
C LYS A 91 -22.15 -17.18 -41.55
N GLU A 92 -21.85 -17.85 -42.65
CA GLU A 92 -22.70 -17.73 -43.84
C GLU A 92 -23.25 -19.04 -44.32
N ALA A 93 -22.41 -20.06 -44.34
CA ALA A 93 -22.83 -21.36 -44.81
C ALA A 93 -22.59 -22.40 -43.72
N GLY A 94 -22.01 -21.98 -42.61
CA GLY A 94 -21.78 -22.90 -41.51
C GLY A 94 -20.83 -24.07 -41.76
N ASP A 95 -20.58 -24.41 -43.01
CA ASP A 95 -19.68 -25.51 -43.31
C ASP A 95 -18.73 -25.14 -44.45
N GLY A 96 -17.67 -25.92 -44.58
CA GLY A 96 -16.68 -25.70 -45.62
C GLY A 96 -15.60 -24.71 -45.21
N THR A 97 -15.36 -24.61 -43.91
CA THR A 97 -14.33 -23.71 -43.42
C THR A 97 -12.96 -24.15 -43.91
N THR A 98 -12.64 -25.43 -43.74
CA THR A 98 -11.35 -25.96 -44.19
C THR A 98 -11.24 -25.74 -45.70
N THR A 99 -12.32 -25.99 -46.43
CA THR A 99 -12.32 -25.81 -47.88
C THR A 99 -11.99 -24.38 -48.36
N ALA A 100 -12.61 -23.37 -47.76
CA ALA A 100 -12.37 -21.97 -48.14
C ALA A 100 -10.94 -21.51 -47.88
N VAL A 101 -10.38 -21.96 -46.76
CA VAL A 101 -9.03 -21.62 -46.36
C VAL A 101 -8.01 -22.28 -47.29
N VAL A 102 -8.20 -23.56 -47.56
CA VAL A 102 -7.31 -24.28 -48.46
C VAL A 102 -7.32 -23.63 -49.85
N ILE A 103 -8.50 -23.33 -50.39
CA ILE A 103 -8.59 -22.72 -51.73
C ILE A 103 -8.01 -21.30 -51.75
N ALA A 104 -7.86 -20.72 -50.57
CA ALA A 104 -7.31 -19.38 -50.47
C ALA A 104 -5.78 -19.51 -50.56
N GLY A 105 -5.21 -20.37 -49.74
CA GLY A 105 -3.78 -20.59 -49.80
C GLY A 105 -3.36 -21.02 -51.19
N GLU A 106 -4.17 -21.87 -51.81
CA GLU A 106 -3.85 -22.38 -53.14
C GLU A 106 -3.95 -21.32 -54.22
N LEU A 107 -4.89 -20.41 -54.03
CA LEU A 107 -5.13 -19.35 -54.98
C LEU A 107 -3.93 -18.41 -54.95
N LEU A 108 -3.37 -18.22 -53.76
CA LEU A 108 -2.21 -17.35 -53.57
C LEU A 108 -0.93 -17.98 -54.12
N ARG A 109 -0.78 -19.28 -53.90
CA ARG A 109 0.38 -20.00 -54.40
C ARG A 109 0.43 -19.86 -55.92
N LYS A 110 -0.64 -20.22 -56.60
CA LYS A 110 -0.65 -20.10 -58.06
C LYS A 110 -0.52 -18.64 -58.48
N ALA A 111 -0.92 -17.72 -57.59
CA ALA A 111 -0.87 -16.30 -57.89
C ALA A 111 0.58 -15.80 -57.91
N GLU A 112 1.36 -16.29 -56.96
CA GLU A 112 2.77 -15.92 -56.86
C GLU A 112 3.51 -16.38 -58.08
N GLU A 113 3.18 -17.58 -58.54
CA GLU A 113 3.80 -18.13 -59.73
C GLU A 113 3.65 -17.14 -60.88
N LEU A 114 2.52 -16.44 -60.93
CA LEU A 114 2.24 -15.45 -61.97
C LEU A 114 3.01 -14.15 -61.75
N LEU A 115 3.32 -13.91 -60.48
CA LEU A 115 4.08 -12.74 -60.08
C LEU A 115 5.51 -12.97 -60.52
N ASP A 116 6.04 -14.16 -60.23
CA ASP A 116 7.39 -14.51 -60.63
C ASP A 116 7.59 -14.28 -62.13
N GLN A 117 6.58 -14.55 -62.94
CA GLN A 117 6.69 -14.33 -64.37
C GLN A 117 6.62 -12.86 -64.72
N ASN A 118 6.61 -12.03 -63.69
CA ASN A 118 6.58 -10.56 -63.83
C ASN A 118 5.26 -9.97 -64.27
N ILE A 119 4.18 -10.71 -64.03
CA ILE A 119 2.87 -10.23 -64.40
C ILE A 119 2.43 -9.29 -63.29
N HIS A 120 2.14 -8.05 -63.69
CA HIS A 120 1.73 -7.00 -62.74
C HIS A 120 0.65 -7.53 -61.83
N PRO A 121 0.75 -7.26 -60.52
CA PRO A 121 -0.28 -7.75 -59.60
C PRO A 121 -1.66 -7.30 -60.08
N SER A 122 -1.70 -6.13 -60.72
CA SER A 122 -2.92 -5.56 -61.27
C SER A 122 -3.63 -6.58 -62.16
N ILE A 123 -2.88 -7.19 -63.07
CA ILE A 123 -3.44 -8.20 -63.97
C ILE A 123 -3.97 -9.42 -63.22
N ILE A 124 -3.18 -9.93 -62.27
CA ILE A 124 -3.59 -11.10 -61.50
C ILE A 124 -4.87 -10.84 -60.73
N ILE A 125 -5.01 -9.65 -60.15
CA ILE A 125 -6.19 -9.29 -59.37
C ILE A 125 -7.43 -9.26 -60.27
N LYS A 126 -7.36 -8.63 -61.44
CA LYS A 126 -8.48 -8.53 -62.36
C LYS A 126 -8.92 -9.91 -62.87
N GLY A 127 -7.94 -10.75 -63.16
CA GLY A 127 -8.24 -12.08 -63.67
C GLY A 127 -8.84 -12.98 -62.61
N TYR A 128 -8.41 -12.79 -61.37
CA TYR A 128 -8.92 -13.60 -60.27
C TYR A 128 -10.36 -13.21 -59.95
N ALA A 129 -10.70 -11.95 -60.24
CA ALA A 129 -12.03 -11.43 -60.00
C ALA A 129 -12.99 -11.95 -61.05
N LEU A 130 -12.53 -12.01 -62.30
CA LEU A 130 -13.36 -12.52 -63.37
C LEU A 130 -13.60 -14.00 -63.14
N ALA A 131 -12.60 -14.67 -62.58
CA ALA A 131 -12.69 -16.10 -62.30
C ALA A 131 -13.69 -16.34 -61.18
N ALA A 132 -13.60 -15.54 -60.13
CA ALA A 132 -14.50 -15.67 -58.98
C ALA A 132 -15.94 -15.32 -59.34
N GLU A 133 -16.11 -14.31 -60.19
CA GLU A 133 -17.43 -13.87 -60.63
C GLU A 133 -18.10 -14.90 -61.52
N LYS A 134 -17.31 -15.47 -62.42
CA LYS A 134 -17.81 -16.46 -63.36
C LYS A 134 -18.05 -17.77 -62.63
N ALA A 135 -17.32 -17.96 -61.53
CA ALA A 135 -17.45 -19.19 -60.76
C ALA A 135 -18.78 -19.25 -60.05
N GLN A 136 -19.26 -18.10 -59.56
CA GLN A 136 -20.54 -18.03 -58.86
C GLN A 136 -21.60 -18.41 -59.87
N GLU A 137 -21.58 -17.68 -60.99
CA GLU A 137 -22.48 -17.88 -62.10
C GLU A 137 -22.63 -19.36 -62.48
N ILE A 138 -21.51 -20.05 -62.66
CA ILE A 138 -21.52 -21.46 -63.04
C ILE A 138 -22.09 -22.34 -61.94
N LEU A 139 -21.90 -21.92 -60.69
CA LEU A 139 -22.41 -22.68 -59.55
C LEU A 139 -23.93 -22.50 -59.45
N ASP A 140 -24.40 -21.28 -59.70
CA ASP A 140 -25.83 -20.99 -59.65
C ASP A 140 -26.50 -21.86 -60.69
N GLU A 141 -25.82 -22.06 -61.81
CA GLU A 141 -26.35 -22.87 -62.88
C GLU A 141 -26.39 -24.36 -62.53
N ILE A 142 -25.26 -25.02 -62.60
CA ILE A 142 -25.16 -26.45 -62.31
C ILE A 142 -25.83 -26.88 -61.00
N ALA A 143 -26.30 -25.90 -60.22
CA ALA A 143 -26.95 -26.17 -58.95
C ALA A 143 -28.22 -27.00 -59.07
N ILE A 144 -28.25 -28.11 -58.33
CA ILE A 144 -29.38 -29.01 -58.31
C ILE A 144 -30.53 -28.48 -57.44
N ARG A 145 -31.50 -27.80 -58.06
CA ARG A 145 -32.63 -27.25 -57.32
C ARG A 145 -33.52 -28.33 -56.70
N VAL A 146 -33.54 -28.35 -55.37
CA VAL A 146 -34.31 -29.32 -54.62
C VAL A 146 -35.46 -28.61 -53.89
N ASP A 147 -36.37 -29.39 -53.30
CA ASP A 147 -37.54 -28.87 -52.59
C ASP A 147 -37.23 -28.41 -51.16
N PRO A 148 -37.33 -27.10 -50.89
CA PRO A 148 -37.07 -26.45 -49.60
C PRO A 148 -37.30 -27.24 -48.33
N ASP A 149 -38.14 -28.28 -48.40
CA ASP A 149 -38.40 -29.08 -47.21
C ASP A 149 -38.41 -30.58 -47.47
N ASP A 150 -37.78 -30.99 -48.55
CA ASP A 150 -37.69 -32.40 -48.89
C ASP A 150 -36.95 -33.13 -47.78
N GLU A 151 -37.69 -33.73 -46.85
CA GLU A 151 -37.12 -34.47 -45.73
C GLU A 151 -35.93 -35.33 -46.17
N GLU A 152 -36.05 -35.89 -47.37
CA GLU A 152 -35.04 -36.76 -47.96
C GLU A 152 -33.65 -36.12 -48.06
N THR A 153 -33.50 -35.18 -49.00
CA THR A 153 -32.25 -34.49 -49.22
C THR A 153 -31.74 -33.72 -47.99
N LEU A 154 -32.65 -33.21 -47.17
CA LEU A 154 -32.24 -32.51 -45.96
C LEU A 154 -31.55 -33.47 -45.00
N LEU A 155 -32.01 -34.72 -44.98
CA LEU A 155 -31.44 -35.76 -44.12
C LEU A 155 -30.04 -36.12 -44.64
N LYS A 156 -29.87 -35.99 -45.95
CA LYS A 156 -28.60 -36.27 -46.60
C LYS A 156 -27.63 -35.13 -46.29
N ILE A 157 -27.94 -33.93 -46.76
CA ILE A 157 -27.11 -32.76 -46.52
C ILE A 157 -26.52 -32.78 -45.10
N ALA A 158 -27.36 -33.07 -44.12
CA ALA A 158 -26.93 -33.13 -42.74
C ALA A 158 -25.92 -34.24 -42.45
N ALA A 159 -26.16 -35.40 -43.03
CA ALA A 159 -25.29 -36.56 -42.84
C ALA A 159 -23.95 -36.45 -43.56
N THR A 160 -23.98 -35.96 -44.79
CA THR A 160 -22.77 -35.78 -45.59
C THR A 160 -21.86 -34.86 -44.80
N SER A 161 -22.49 -33.93 -44.09
CA SER A 161 -21.77 -32.97 -43.28
C SER A 161 -21.10 -33.61 -42.08
N ILE A 162 -21.87 -34.36 -41.31
CA ILE A 162 -21.37 -35.03 -40.12
C ILE A 162 -20.22 -35.95 -40.48
N THR A 163 -20.24 -36.44 -41.72
CA THR A 163 -19.19 -37.31 -42.22
C THR A 163 -18.12 -36.40 -42.84
N GLY A 164 -17.16 -36.01 -42.02
CA GLY A 164 -16.11 -35.13 -42.46
C GLY A 164 -15.38 -34.94 -41.16
N LYS A 165 -16.12 -35.28 -40.11
CA LYS A 165 -15.63 -35.19 -38.75
C LYS A 165 -15.57 -36.52 -38.01
N ASN A 166 -15.10 -36.41 -36.77
CA ASN A 166 -14.95 -37.52 -35.84
C ASN A 166 -16.26 -38.31 -35.71
N ALA A 167 -17.31 -37.59 -35.35
CA ALA A 167 -18.68 -38.09 -35.11
C ALA A 167 -19.45 -39.00 -36.11
N GLU A 168 -18.90 -39.25 -37.30
CA GLU A 168 -19.55 -40.09 -38.32
C GLU A 168 -20.00 -41.48 -37.84
N SER A 169 -19.51 -41.91 -36.68
CA SER A 169 -19.89 -43.20 -36.10
C SER A 169 -21.43 -43.25 -35.90
N HIS A 170 -22.03 -42.09 -35.64
CA HIS A 170 -23.48 -41.99 -35.46
C HIS A 170 -24.05 -40.93 -36.38
N LYS A 171 -23.50 -40.81 -37.59
CA LYS A 171 -23.98 -39.82 -38.55
C LYS A 171 -25.48 -40.01 -38.69
N GLU A 172 -25.91 -41.23 -38.39
CA GLU A 172 -27.29 -41.65 -38.47
C GLU A 172 -28.23 -40.80 -37.58
N LEU A 173 -28.10 -41.00 -36.28
CA LEU A 173 -28.90 -40.31 -35.28
C LEU A 173 -28.81 -38.80 -35.44
N LEU A 174 -27.60 -38.27 -35.25
CA LEU A 174 -27.31 -36.84 -35.34
C LEU A 174 -27.94 -36.13 -36.54
N ALA A 175 -27.86 -36.72 -37.72
CA ALA A 175 -28.44 -36.12 -38.91
C ALA A 175 -29.96 -36.01 -38.76
N LYS A 176 -30.53 -37.00 -38.08
CA LYS A 176 -31.97 -37.02 -37.84
C LYS A 176 -32.36 -35.93 -36.86
N LEU A 177 -31.66 -35.88 -35.74
CA LEU A 177 -31.90 -34.87 -34.72
C LEU A 177 -31.75 -33.47 -35.33
N ALA A 178 -30.80 -33.29 -36.22
CA ALA A 178 -30.54 -32.00 -36.83
C ALA A 178 -31.59 -31.50 -37.81
N VAL A 179 -32.11 -32.40 -38.64
CA VAL A 179 -33.12 -32.01 -39.62
C VAL A 179 -34.43 -31.77 -38.90
N GLU A 180 -34.69 -32.62 -37.93
CA GLU A 180 -35.88 -32.56 -37.12
C GLU A 180 -35.93 -31.23 -36.35
N ALA A 181 -34.84 -30.92 -35.67
CA ALA A 181 -34.72 -29.70 -34.88
C ALA A 181 -34.86 -28.41 -35.68
N VAL A 182 -34.28 -28.35 -36.89
CA VAL A 182 -34.37 -27.13 -37.68
C VAL A 182 -35.75 -26.93 -38.29
N LYS A 183 -36.44 -28.04 -38.57
CA LYS A 183 -37.78 -27.97 -39.16
C LYS A 183 -38.76 -27.42 -38.12
N GLN A 184 -38.55 -27.78 -36.86
CA GLN A 184 -39.43 -27.31 -35.80
C GLN A 184 -39.35 -25.80 -35.58
N VAL A 185 -38.14 -25.27 -35.38
CA VAL A 185 -37.98 -23.84 -35.16
C VAL A 185 -38.02 -23.04 -36.46
N ALA A 186 -37.88 -23.72 -37.60
CA ALA A 186 -37.90 -23.05 -38.90
C ALA A 186 -39.19 -22.27 -39.05
N GLU A 187 -39.06 -20.99 -39.41
CA GLU A 187 -40.17 -20.04 -39.57
C GLU A 187 -40.38 -19.53 -40.98
N LYS A 188 -41.61 -19.68 -41.47
CA LYS A 188 -41.96 -19.24 -42.81
C LYS A 188 -43.42 -18.76 -42.80
N LYS A 189 -43.70 -17.69 -43.53
CA LYS A 189 -45.08 -17.17 -43.59
C LYS A 189 -45.23 -16.15 -44.71
N ASP A 190 -44.14 -15.96 -45.47
CA ASP A 190 -44.07 -15.00 -46.55
C ASP A 190 -43.72 -15.68 -47.87
N GLY A 191 -43.81 -17.03 -47.87
CA GLY A 191 -43.47 -17.82 -49.07
C GLY A 191 -42.29 -18.81 -48.81
N LYS A 192 -41.08 -18.27 -48.43
CA LYS A 192 -39.82 -19.08 -48.19
C LYS A 192 -39.39 -19.18 -46.69
N TYR A 193 -38.59 -20.19 -46.33
CA TYR A 193 -38.15 -20.40 -44.96
C TYR A 193 -37.13 -19.38 -44.46
N VAL A 194 -37.04 -19.27 -43.14
CA VAL A 194 -36.14 -18.38 -42.46
C VAL A 194 -35.79 -19.03 -41.14
N VAL A 195 -34.54 -19.45 -40.96
CA VAL A 195 -34.18 -20.11 -39.74
C VAL A 195 -33.28 -19.30 -38.84
N ASP A 196 -33.71 -19.13 -37.60
CA ASP A 196 -32.91 -18.41 -36.61
C ASP A 196 -32.38 -19.50 -35.69
N LEU A 197 -31.22 -20.04 -36.04
CA LEU A 197 -30.59 -21.11 -35.29
C LEU A 197 -30.37 -20.83 -33.82
N ASP A 198 -30.68 -19.61 -33.38
CA ASP A 198 -30.53 -19.22 -31.99
C ASP A 198 -31.64 -19.86 -31.19
N ASN A 199 -32.65 -20.34 -31.90
CA ASN A 199 -33.78 -20.99 -31.27
C ASN A 199 -33.51 -22.47 -31.03
N ILE A 200 -32.26 -22.89 -31.27
CA ILE A 200 -31.85 -24.29 -31.05
C ILE A 200 -30.68 -24.29 -30.07
N LYS A 201 -30.95 -24.77 -28.86
CA LYS A 201 -29.95 -24.81 -27.81
C LYS A 201 -29.35 -26.20 -27.69
N PHE A 202 -28.05 -26.27 -27.46
CA PHE A 202 -27.38 -27.54 -27.29
C PHE A 202 -27.10 -27.74 -25.82
N GLU A 203 -27.33 -28.94 -25.33
CA GLU A 203 -27.09 -29.24 -23.93
C GLU A 203 -26.19 -30.45 -23.90
N LYS A 204 -24.99 -30.29 -23.35
CA LYS A 204 -24.03 -31.39 -23.30
C LYS A 204 -23.81 -31.97 -21.93
N LYS A 205 -23.93 -33.28 -21.84
CA LYS A 205 -23.73 -33.96 -20.57
C LYS A 205 -22.94 -35.24 -20.78
N ALA A 206 -21.87 -35.38 -20.01
CA ALA A 206 -20.99 -36.53 -20.08
C ALA A 206 -21.71 -37.79 -19.58
N GLY A 207 -21.13 -38.94 -19.89
CA GLY A 207 -21.73 -40.20 -19.50
C GLY A 207 -22.61 -40.71 -20.63
N GLU A 208 -22.94 -42.04 -20.54
CA GLU A 208 -23.79 -42.71 -21.53
C GLU A 208 -23.08 -42.74 -22.89
N GLY A 209 -23.81 -43.06 -23.96
CA GLY A 209 -23.12 -43.09 -25.26
C GLY A 209 -23.69 -42.00 -26.16
N VAL A 210 -22.92 -41.52 -27.13
CA VAL A 210 -23.47 -40.52 -28.05
C VAL A 210 -24.84 -40.95 -28.56
N GLU A 211 -25.14 -42.22 -28.32
CA GLU A 211 -26.38 -42.86 -28.72
C GLU A 211 -27.62 -42.30 -28.04
N GLU A 212 -27.46 -41.84 -26.81
CA GLU A 212 -28.57 -41.33 -26.02
C GLU A 212 -28.91 -39.87 -26.31
N SER A 213 -28.32 -39.33 -27.36
CA SER A 213 -28.58 -37.95 -27.73
C SER A 213 -29.98 -37.91 -28.29
N GLU A 214 -30.73 -36.88 -27.90
CA GLU A 214 -32.10 -36.75 -28.32
C GLU A 214 -32.55 -35.33 -28.51
N LEU A 215 -33.70 -35.18 -29.14
CA LEU A 215 -34.27 -33.86 -29.36
C LEU A 215 -35.42 -33.67 -28.38
N VAL A 216 -35.25 -32.73 -27.46
CA VAL A 216 -36.27 -32.40 -26.48
C VAL A 216 -37.13 -31.33 -27.11
N ARG A 217 -38.38 -31.65 -27.44
CA ARG A 217 -39.26 -30.67 -28.06
C ARG A 217 -39.74 -29.64 -27.06
N GLY A 218 -38.77 -29.13 -26.28
CA GLY A 218 -39.02 -28.14 -25.26
C GLY A 218 -37.74 -27.40 -24.93
N VAL A 219 -37.27 -27.52 -23.69
CA VAL A 219 -36.07 -26.82 -23.24
C VAL A 219 -35.50 -27.52 -22.02
N VAL A 220 -34.18 -27.55 -21.90
CA VAL A 220 -33.56 -28.16 -20.73
C VAL A 220 -32.84 -27.04 -20.00
N ILE A 221 -33.06 -26.95 -18.70
CA ILE A 221 -32.46 -25.90 -17.89
C ILE A 221 -31.65 -26.48 -16.77
N ASP A 222 -30.47 -25.90 -16.54
CA ASP A 222 -29.59 -26.38 -15.49
C ASP A 222 -29.80 -25.66 -14.19
N LYS A 223 -30.99 -25.83 -13.62
CA LYS A 223 -31.32 -25.22 -12.35
C LYS A 223 -32.05 -26.30 -11.59
N GLU A 224 -32.39 -26.03 -10.33
CA GLU A 224 -33.11 -27.01 -9.52
C GLU A 224 -34.40 -26.40 -8.98
N VAL A 225 -35.28 -27.26 -8.46
CA VAL A 225 -36.52 -26.79 -7.87
C VAL A 225 -36.01 -26.10 -6.61
N VAL A 226 -36.32 -24.82 -6.48
CA VAL A 226 -35.85 -24.02 -5.38
C VAL A 226 -36.22 -24.44 -3.96
N HIS A 227 -37.34 -25.15 -3.78
CA HIS A 227 -37.78 -25.55 -2.44
C HIS A 227 -37.99 -27.06 -2.28
N PRO A 228 -37.58 -27.62 -1.13
CA PRO A 228 -37.68 -29.05 -0.78
C PRO A 228 -39.06 -29.63 -0.98
N ARG A 229 -40.04 -28.94 -0.43
CA ARG A 229 -41.44 -29.35 -0.46
C ARG A 229 -42.20 -29.06 -1.75
N MET A 230 -41.52 -28.53 -2.75
CA MET A 230 -42.22 -28.25 -4.00
C MET A 230 -42.29 -29.51 -4.85
N PRO A 231 -43.15 -29.50 -5.88
CA PRO A 231 -43.31 -30.63 -6.79
C PRO A 231 -42.07 -30.80 -7.66
N LYS A 232 -41.58 -32.02 -7.78
CA LYS A 232 -40.42 -32.25 -8.62
C LYS A 232 -40.88 -32.68 -10.01
N ARG A 233 -42.18 -32.83 -10.18
CA ARG A 233 -42.71 -33.26 -11.47
C ARG A 233 -44.14 -32.77 -11.64
N VAL A 234 -44.42 -32.18 -12.80
CA VAL A 234 -45.74 -31.64 -13.06
C VAL A 234 -46.28 -32.06 -14.42
N GLU A 235 -47.37 -32.83 -14.39
CA GLU A 235 -48.03 -33.23 -15.63
C GLU A 235 -48.82 -32.06 -16.19
N ASN A 236 -48.91 -31.94 -17.52
CA ASN A 236 -49.62 -30.79 -18.07
C ASN A 236 -49.46 -29.61 -17.18
N ALA A 237 -48.35 -28.90 -17.39
CA ALA A 237 -48.04 -27.74 -16.59
C ALA A 237 -48.50 -26.45 -17.24
N LYS A 238 -49.01 -25.54 -16.41
CA LYS A 238 -49.43 -24.22 -16.84
C LYS A 238 -48.21 -23.44 -16.31
N ILE A 239 -47.39 -22.95 -17.24
CA ILE A 239 -46.13 -22.28 -16.90
C ILE A 239 -46.11 -20.76 -16.95
N ALA A 240 -45.53 -20.19 -15.89
CA ALA A 240 -45.41 -18.73 -15.78
C ALA A 240 -43.96 -18.29 -15.81
N LEU A 241 -43.68 -17.29 -16.64
CA LEU A 241 -42.34 -16.74 -16.77
C LEU A 241 -42.31 -15.35 -16.16
N ILE A 242 -41.79 -15.26 -14.94
CA ILE A 242 -41.73 -14.01 -14.22
C ILE A 242 -40.35 -13.41 -14.15
N ASN A 243 -40.20 -12.22 -14.71
CA ASN A 243 -38.93 -11.51 -14.70
C ASN A 243 -39.02 -10.37 -13.70
N GLU A 244 -39.19 -10.73 -12.44
CA GLU A 244 -39.31 -9.78 -11.35
C GLU A 244 -38.89 -10.54 -10.12
N ALA A 245 -38.38 -9.85 -9.12
CA ALA A 245 -37.94 -10.54 -7.92
C ALA A 245 -39.07 -10.76 -6.95
N LEU A 246 -39.21 -11.99 -6.50
CA LEU A 246 -40.22 -12.33 -5.54
C LEU A 246 -39.64 -12.08 -4.17
N GLU A 247 -39.36 -10.81 -3.90
CA GLU A 247 -38.82 -10.40 -2.60
C GLU A 247 -39.29 -9.01 -2.23
N VAL A 248 -39.24 -8.71 -0.93
CA VAL A 248 -39.68 -7.43 -0.39
C VAL A 248 -39.22 -6.19 -1.16
N LYS A 249 -40.11 -5.55 -1.90
CA LYS A 249 -39.73 -4.36 -2.64
C LYS A 249 -39.38 -3.20 -1.72
N LYS A 250 -38.47 -2.34 -2.18
CA LYS A 250 -38.02 -1.19 -1.42
C LYS A 250 -38.22 0.03 -2.30
N THR A 251 -38.27 1.20 -1.70
CA THR A 251 -38.48 2.43 -2.45
C THR A 251 -37.19 2.99 -3.02
N GLU A 252 -37.31 3.64 -4.17
CA GLU A 252 -36.17 4.24 -4.82
C GLU A 252 -35.60 5.27 -3.84
N THR A 253 -36.51 6.03 -3.23
CA THR A 253 -36.12 7.04 -2.27
C THR A 253 -35.60 6.32 -1.05
N ASP A 254 -34.43 6.73 -0.55
CA ASP A 254 -33.85 6.09 0.61
C ASP A 254 -34.88 6.05 1.75
N ALA A 255 -34.91 4.97 2.52
CA ALA A 255 -35.85 4.83 3.62
C ALA A 255 -35.36 3.86 4.68
N LYS A 256 -35.80 4.06 5.93
CA LYS A 256 -35.41 3.18 7.02
C LYS A 256 -36.50 3.14 8.08
N ILE A 257 -36.64 1.99 8.71
CA ILE A 257 -37.66 1.81 9.72
C ILE A 257 -37.21 2.19 11.13
N ASN A 258 -38.05 2.98 11.82
CA ASN A 258 -37.77 3.44 13.19
C ASN A 258 -38.69 2.73 14.18
N ILE A 259 -38.29 1.56 14.66
CA ILE A 259 -39.10 0.82 15.62
C ILE A 259 -39.17 1.66 16.87
N THR A 260 -40.38 1.91 17.34
CA THR A 260 -40.56 2.73 18.50
C THR A 260 -41.08 1.95 19.71
N SER A 261 -41.75 0.82 19.48
CA SER A 261 -42.30 0.01 20.56
C SER A 261 -42.23 -1.47 20.24
N PRO A 262 -42.06 -2.33 21.26
CA PRO A 262 -41.97 -3.78 21.10
C PRO A 262 -42.90 -4.45 20.10
N ASP A 263 -44.16 -4.09 20.13
CA ASP A 263 -45.15 -4.66 19.23
C ASP A 263 -44.85 -4.38 17.75
N GLN A 264 -43.86 -3.53 17.51
CA GLN A 264 -43.47 -3.14 16.15
C GLN A 264 -42.66 -4.21 15.42
N LEU A 265 -41.78 -4.89 16.16
CA LEU A 265 -40.95 -5.93 15.57
C LEU A 265 -41.83 -6.89 14.80
N MET A 266 -42.80 -7.48 15.49
CA MET A 266 -43.72 -8.42 14.89
C MET A 266 -44.52 -7.87 13.74
N SER A 267 -45.29 -6.82 14.00
CA SER A 267 -46.13 -6.23 12.97
C SER A 267 -45.42 -5.86 11.67
N PHE A 268 -44.17 -5.42 11.76
CA PHE A 268 -43.43 -5.06 10.55
C PHE A 268 -43.07 -6.30 9.73
N LEU A 269 -42.64 -7.37 10.41
CA LEU A 269 -42.29 -8.59 9.71
C LEU A 269 -43.51 -9.12 9.00
N GLU A 270 -44.63 -9.13 9.71
CA GLU A 270 -45.88 -9.60 9.14
C GLU A 270 -46.23 -8.78 7.90
N GLN A 271 -46.05 -7.48 7.98
CA GLN A 271 -46.35 -6.62 6.85
C GLN A 271 -45.55 -7.00 5.62
N GLU A 272 -44.38 -7.60 5.81
CA GLU A 272 -43.57 -8.01 4.68
C GLU A 272 -44.03 -9.38 4.22
N GLU A 273 -44.35 -10.28 5.15
CA GLU A 273 -44.82 -11.63 4.80
C GLU A 273 -45.99 -11.43 3.87
N LYS A 274 -46.84 -10.49 4.24
CA LYS A 274 -48.02 -10.18 3.45
C LYS A 274 -47.61 -9.75 2.04
N MET A 275 -46.73 -8.77 1.94
CA MET A 275 -46.28 -8.30 0.64
C MET A 275 -45.83 -9.47 -0.21
N LEU A 276 -45.06 -10.35 0.41
CA LEU A 276 -44.54 -11.55 -0.24
C LEU A 276 -45.68 -12.46 -0.67
N LYS A 277 -46.52 -12.84 0.28
CA LYS A 277 -47.63 -13.72 -0.02
C LYS A 277 -48.54 -13.14 -1.08
N ASP A 278 -48.75 -11.83 -1.08
CA ASP A 278 -49.63 -11.24 -2.07
C ASP A 278 -49.08 -11.42 -3.47
N MET A 279 -47.77 -11.43 -3.60
CA MET A 279 -47.16 -11.62 -4.91
C MET A 279 -47.37 -13.07 -5.34
N VAL A 280 -47.16 -13.99 -4.40
CA VAL A 280 -47.33 -15.42 -4.69
C VAL A 280 -48.78 -15.69 -5.06
N ASP A 281 -49.69 -14.96 -4.42
CA ASP A 281 -51.12 -15.12 -4.68
C ASP A 281 -51.45 -14.71 -6.10
N HIS A 282 -50.86 -13.61 -6.56
CA HIS A 282 -51.12 -13.15 -7.93
C HIS A 282 -50.71 -14.20 -8.96
N ILE A 283 -49.72 -15.01 -8.61
CA ILE A 283 -49.21 -16.06 -9.47
C ILE A 283 -50.12 -17.28 -9.40
N ALA A 284 -50.47 -17.70 -8.18
CA ALA A 284 -51.34 -18.86 -8.00
C ALA A 284 -52.71 -18.70 -8.67
N GLN A 285 -53.33 -17.52 -8.49
CA GLN A 285 -54.63 -17.22 -9.07
C GLN A 285 -54.77 -17.35 -10.57
N THR A 286 -53.65 -17.53 -11.28
CA THR A 286 -53.70 -17.66 -12.75
C THR A 286 -53.80 -19.11 -13.14
N GLY A 287 -53.51 -19.97 -12.17
CA GLY A 287 -53.58 -21.39 -12.42
C GLY A 287 -52.22 -22.00 -12.60
N ALA A 288 -51.21 -21.16 -12.75
CA ALA A 288 -49.84 -21.62 -12.94
C ALA A 288 -49.36 -22.54 -11.80
N ASN A 289 -48.81 -23.70 -12.17
CA ASN A 289 -48.30 -24.68 -11.22
C ASN A 289 -46.80 -24.84 -11.42
N VAL A 290 -46.27 -24.03 -12.32
CA VAL A 290 -44.84 -24.01 -12.62
C VAL A 290 -44.41 -22.56 -12.88
N VAL A 291 -43.47 -22.10 -12.05
CA VAL A 291 -42.96 -20.73 -12.18
C VAL A 291 -41.44 -20.68 -12.33
N PHE A 292 -41.01 -19.96 -13.35
CA PHE A 292 -39.59 -19.76 -13.64
C PHE A 292 -39.38 -18.26 -13.40
N VAL A 293 -38.66 -17.92 -12.34
CA VAL A 293 -38.39 -16.52 -12.01
C VAL A 293 -36.97 -16.14 -12.42
N GLN A 294 -36.84 -15.03 -13.15
CA GLN A 294 -35.53 -14.58 -13.59
C GLN A 294 -34.64 -14.09 -12.46
N LYS A 295 -35.23 -13.42 -11.47
CA LYS A 295 -34.48 -12.91 -10.34
C LYS A 295 -34.61 -13.86 -9.16
N GLY A 296 -34.32 -13.39 -7.96
CA GLY A 296 -34.39 -14.23 -6.78
C GLY A 296 -35.77 -14.41 -6.17
N ILE A 297 -35.85 -15.29 -5.18
CA ILE A 297 -37.12 -15.58 -4.49
C ILE A 297 -36.92 -15.68 -2.98
N ASP A 298 -37.44 -14.72 -2.22
CA ASP A 298 -37.30 -14.72 -0.76
C ASP A 298 -37.64 -16.11 -0.23
N ASP A 299 -37.22 -16.42 1.00
CA ASP A 299 -37.51 -17.75 1.57
C ASP A 299 -38.96 -17.98 1.89
N LEU A 300 -39.70 -16.90 2.15
CA LEU A 300 -41.11 -16.99 2.47
C LEU A 300 -41.91 -17.15 1.20
N ALA A 301 -41.59 -16.36 0.19
CA ALA A 301 -42.30 -16.46 -1.07
C ALA A 301 -42.16 -17.89 -1.56
N GLN A 302 -41.04 -18.51 -1.23
CA GLN A 302 -40.77 -19.90 -1.60
C GLN A 302 -41.75 -20.80 -0.88
N HIS A 303 -41.86 -20.60 0.44
CA HIS A 303 -42.73 -21.37 1.28
C HIS A 303 -44.20 -21.28 0.85
N TYR A 304 -44.68 -20.06 0.61
CA TYR A 304 -46.07 -19.91 0.16
C TYR A 304 -46.19 -20.61 -1.19
N LEU A 305 -45.25 -20.37 -2.09
CA LEU A 305 -45.27 -21.04 -3.40
C LEU A 305 -45.34 -22.54 -3.24
N ALA A 306 -44.67 -23.09 -2.22
CA ALA A 306 -44.67 -24.52 -1.97
C ALA A 306 -46.01 -25.02 -1.47
N LYS A 307 -46.65 -24.24 -0.60
CA LYS A 307 -47.96 -24.62 -0.05
C LYS A 307 -49.02 -24.76 -1.14
N TYR A 308 -48.95 -23.94 -2.17
CA TYR A 308 -49.91 -24.04 -3.27
C TYR A 308 -49.51 -25.14 -4.24
N GLY A 309 -48.53 -25.95 -3.88
CA GLY A 309 -48.08 -27.02 -4.74
C GLY A 309 -47.54 -26.57 -6.10
N ILE A 310 -46.97 -25.37 -6.13
CA ILE A 310 -46.41 -24.80 -7.34
C ILE A 310 -44.90 -25.07 -7.37
N MET A 311 -44.37 -25.44 -8.54
CA MET A 311 -42.95 -25.73 -8.68
C MET A 311 -42.25 -24.48 -9.21
N ALA A 312 -41.27 -23.97 -8.47
CA ALA A 312 -40.57 -22.76 -8.88
C ALA A 312 -39.06 -22.87 -8.92
N VAL A 313 -38.49 -22.07 -9.81
CA VAL A 313 -37.05 -22.00 -10.00
C VAL A 313 -36.66 -20.53 -10.09
N ARG A 314 -35.56 -20.16 -9.45
CA ARG A 314 -35.10 -18.77 -9.47
C ARG A 314 -33.82 -18.58 -10.27
N ARG A 315 -33.28 -17.36 -10.23
CA ARG A 315 -32.07 -17.03 -10.96
C ARG A 315 -31.99 -17.73 -12.31
N VAL A 316 -33.06 -17.66 -13.08
CA VAL A 316 -33.06 -18.30 -14.38
C VAL A 316 -32.45 -17.37 -15.42
N LYS A 317 -31.45 -17.86 -16.15
CA LYS A 317 -30.77 -17.08 -17.18
C LYS A 317 -31.70 -16.42 -18.18
N LYS A 318 -31.43 -15.16 -18.51
CA LYS A 318 -32.26 -14.42 -19.45
C LYS A 318 -32.40 -15.15 -20.78
N SER A 319 -31.35 -15.88 -21.16
CA SER A 319 -31.35 -16.62 -22.41
C SER A 319 -32.30 -17.81 -22.30
N ASP A 320 -32.40 -18.36 -21.10
CA ASP A 320 -33.26 -19.50 -20.80
C ASP A 320 -34.72 -19.08 -20.81
N MET A 321 -35.01 -17.96 -20.14
CA MET A 321 -36.34 -17.42 -20.06
C MET A 321 -36.88 -17.20 -21.47
N GLU A 322 -36.06 -16.62 -22.32
CA GLU A 322 -36.48 -16.37 -23.69
C GLU A 322 -36.78 -17.65 -24.45
N LYS A 323 -36.09 -18.73 -24.09
CA LYS A 323 -36.32 -20.01 -24.75
C LYS A 323 -37.59 -20.67 -24.25
N LEU A 324 -37.80 -20.65 -22.94
CA LEU A 324 -39.01 -21.23 -22.34
C LEU A 324 -40.19 -20.47 -22.90
N ALA A 325 -40.01 -19.18 -23.07
CA ALA A 325 -41.04 -18.33 -23.62
C ALA A 325 -41.40 -18.81 -25.01
N LYS A 326 -40.40 -18.99 -25.86
CA LYS A 326 -40.64 -19.46 -27.22
C LYS A 326 -41.11 -20.91 -27.31
N ALA A 327 -40.58 -21.76 -26.44
CA ALA A 327 -40.92 -23.18 -26.43
C ALA A 327 -42.28 -23.54 -25.84
N THR A 328 -42.74 -22.78 -24.83
CA THR A 328 -44.00 -23.07 -24.16
C THR A 328 -45.16 -22.12 -24.50
N GLY A 329 -44.89 -21.06 -25.25
CA GLY A 329 -45.95 -20.14 -25.61
C GLY A 329 -46.33 -19.22 -24.47
N ALA A 330 -45.59 -19.32 -23.37
CA ALA A 330 -45.84 -18.49 -22.20
C ALA A 330 -45.28 -17.10 -22.51
N LYS A 331 -45.78 -16.08 -21.84
CA LYS A 331 -45.29 -14.72 -22.05
C LYS A 331 -44.52 -14.28 -20.79
N ILE A 332 -43.44 -13.53 -20.97
CA ILE A 332 -42.66 -13.07 -19.84
C ILE A 332 -43.34 -11.84 -19.24
N VAL A 333 -43.47 -11.82 -17.92
CA VAL A 333 -44.10 -10.70 -17.25
C VAL A 333 -43.15 -10.01 -16.27
N THR A 334 -43.31 -8.68 -16.15
CA THR A 334 -42.49 -7.88 -15.27
C THR A 334 -43.18 -7.59 -13.95
N ASN A 335 -44.51 -7.59 -13.99
CA ASN A 335 -45.36 -7.31 -12.83
C ASN A 335 -46.27 -8.50 -12.54
N VAL A 336 -46.15 -9.10 -11.35
CA VAL A 336 -47.02 -10.22 -11.03
C VAL A 336 -48.47 -9.77 -10.89
N LYS A 337 -48.66 -8.49 -10.62
CA LYS A 337 -50.00 -7.91 -10.48
C LYS A 337 -50.79 -8.00 -11.78
N ASP A 338 -50.11 -8.10 -12.90
CA ASP A 338 -50.80 -8.17 -14.20
C ASP A 338 -50.64 -9.48 -14.94
N LEU A 339 -50.31 -10.53 -14.20
CA LEU A 339 -50.16 -11.85 -14.80
C LEU A 339 -51.57 -12.43 -14.94
N THR A 340 -51.96 -12.72 -16.17
CA THR A 340 -53.27 -13.31 -16.43
C THR A 340 -53.05 -14.76 -16.82
N PRO A 341 -54.11 -15.57 -16.89
CA PRO A 341 -53.87 -16.96 -17.27
C PRO A 341 -53.44 -17.10 -18.75
N GLU A 342 -53.66 -16.04 -19.53
CA GLU A 342 -53.29 -16.03 -20.95
C GLU A 342 -51.80 -15.81 -21.12
N ASP A 343 -51.12 -15.53 -20.02
CA ASP A 343 -49.69 -15.32 -20.07
C ASP A 343 -48.99 -16.63 -19.81
N LEU A 344 -49.73 -17.62 -19.33
CA LEU A 344 -49.14 -18.92 -19.04
C LEU A 344 -48.85 -19.70 -20.33
N GLY A 345 -48.00 -20.72 -20.21
CA GLY A 345 -47.65 -21.52 -21.36
C GLY A 345 -47.83 -22.98 -21.02
N TYR A 346 -47.81 -23.84 -22.03
CA TYR A 346 -48.01 -25.27 -21.80
C TYR A 346 -46.83 -26.18 -22.10
N ALA A 347 -46.60 -27.12 -21.19
CA ALA A 347 -45.56 -28.11 -21.32
C ALA A 347 -46.17 -29.43 -20.85
N GLU A 348 -46.12 -30.44 -21.70
CA GLU A 348 -46.68 -31.74 -21.37
C GLU A 348 -46.12 -32.26 -20.05
N VAL A 349 -44.82 -32.09 -19.84
CA VAL A 349 -44.16 -32.53 -18.60
C VAL A 349 -43.00 -31.61 -18.25
N VAL A 350 -42.92 -31.25 -16.97
CA VAL A 350 -41.84 -30.41 -16.46
C VAL A 350 -41.30 -31.19 -15.26
N GLU A 351 -40.09 -31.75 -15.39
CA GLU A 351 -39.51 -32.54 -14.31
C GLU A 351 -38.03 -32.32 -14.05
N GLU A 352 -37.66 -32.47 -12.78
CA GLU A 352 -36.28 -32.31 -12.36
C GLU A 352 -35.64 -33.68 -12.30
N ARG A 353 -34.76 -33.95 -13.27
CA ARG A 353 -34.04 -35.22 -13.33
C ARG A 353 -32.57 -35.03 -12.96
N LYS A 354 -32.01 -36.03 -12.28
CA LYS A 354 -30.62 -35.99 -11.87
C LYS A 354 -29.77 -36.65 -12.96
N LEU A 355 -29.53 -35.89 -14.02
CA LEU A 355 -28.76 -36.36 -15.16
C LEU A 355 -27.26 -36.29 -14.93
N ALA A 356 -26.67 -37.45 -14.63
CA ALA A 356 -25.25 -37.57 -14.38
C ALA A 356 -24.84 -36.81 -13.11
N GLY A 357 -25.52 -37.11 -12.01
CA GLY A 357 -25.22 -36.47 -10.74
C GLY A 357 -25.63 -35.01 -10.62
N GLU A 358 -25.92 -34.37 -11.77
CA GLU A 358 -26.33 -32.96 -11.82
C GLU A 358 -27.83 -32.81 -11.98
N ASN A 359 -28.45 -31.99 -11.14
CA ASN A 359 -29.88 -31.80 -11.27
C ASN A 359 -30.16 -30.82 -12.38
N MET A 360 -31.17 -31.12 -13.17
CA MET A 360 -31.55 -30.28 -14.28
C MET A 360 -33.07 -30.33 -14.43
N ILE A 361 -33.63 -29.37 -15.12
CA ILE A 361 -35.07 -29.32 -15.32
C ILE A 361 -35.45 -29.44 -16.76
N PHE A 362 -36.26 -30.46 -17.07
CA PHE A 362 -36.71 -30.70 -18.42
C PHE A 362 -38.13 -30.20 -18.65
N VAL A 363 -38.29 -29.36 -19.65
CA VAL A 363 -39.60 -28.85 -19.99
C VAL A 363 -39.85 -29.52 -21.34
N GLU A 364 -40.51 -30.66 -21.32
CA GLU A 364 -40.76 -31.39 -22.54
C GLU A 364 -42.20 -31.59 -22.95
N GLY A 365 -42.39 -31.94 -24.21
CA GLY A 365 -43.71 -32.18 -24.74
C GLY A 365 -44.43 -30.87 -24.92
N CYS A 366 -43.71 -29.84 -25.31
CA CYS A 366 -44.35 -28.57 -25.52
C CYS A 366 -45.24 -28.66 -26.76
N LYS A 367 -46.19 -27.75 -26.88
CA LYS A 367 -47.14 -27.77 -28.01
C LYS A 367 -46.47 -27.76 -29.37
N ASN A 368 -46.26 -26.56 -29.88
CA ASN A 368 -45.46 -26.36 -31.08
C ASN A 368 -44.29 -25.42 -30.64
N PRO A 369 -43.13 -25.97 -30.42
CA PRO A 369 -41.95 -25.18 -30.01
C PRO A 369 -41.62 -24.16 -30.98
N LYS A 370 -41.18 -23.04 -30.53
CA LYS A 370 -40.54 -22.16 -31.52
C LYS A 370 -39.03 -22.16 -31.20
N ALA A 371 -38.69 -22.85 -30.12
CA ALA A 371 -37.32 -23.01 -29.67
C ALA A 371 -37.26 -24.47 -29.22
N VAL A 372 -36.13 -25.14 -29.46
CA VAL A 372 -36.02 -26.54 -29.08
C VAL A 372 -34.59 -26.90 -28.66
N THR A 373 -34.45 -27.86 -27.76
CA THR A 373 -33.13 -28.26 -27.27
C THR A 373 -32.65 -29.66 -27.70
N ILE A 374 -31.37 -29.79 -28.00
CA ILE A 374 -30.82 -31.09 -28.36
C ILE A 374 -29.85 -31.51 -27.25
N LEU A 375 -30.22 -32.56 -26.53
CA LEU A 375 -29.41 -33.08 -25.45
C LEU A 375 -28.33 -34.00 -26.04
N ILE A 376 -27.08 -33.74 -25.70
CA ILE A 376 -25.95 -34.53 -26.21
C ILE A 376 -25.30 -35.39 -25.11
N ARG A 377 -25.18 -36.70 -25.37
CA ARG A 377 -24.55 -37.61 -24.40
C ARG A 377 -23.23 -38.12 -24.99
N GLY A 378 -22.32 -38.59 -24.15
CA GLY A 378 -21.04 -39.08 -24.66
C GLY A 378 -20.08 -39.50 -23.57
N GLY A 379 -19.14 -40.38 -23.90
CA GLY A 379 -18.19 -40.88 -22.91
C GLY A 379 -17.31 -39.85 -22.23
N THR A 380 -16.63 -39.02 -23.03
CA THR A 380 -15.76 -38.00 -22.49
C THR A 380 -16.17 -36.60 -22.90
N GLU A 381 -15.58 -35.61 -22.24
CA GLU A 381 -15.83 -34.19 -22.49
C GLU A 381 -15.55 -33.84 -23.96
N HIS A 382 -14.50 -34.47 -24.50
CA HIS A 382 -14.06 -34.27 -25.90
C HIS A 382 -15.06 -34.89 -26.89
N VAL A 383 -15.61 -36.04 -26.55
CA VAL A 383 -16.58 -36.71 -27.42
C VAL A 383 -17.78 -35.78 -27.58
N ILE A 384 -18.21 -35.26 -26.44
CA ILE A 384 -19.33 -34.33 -26.35
C ILE A 384 -19.10 -33.07 -27.22
N ASP A 385 -18.03 -32.34 -26.92
CA ASP A 385 -17.71 -31.13 -27.65
C ASP A 385 -17.66 -31.30 -29.16
N GLU A 386 -16.99 -32.36 -29.62
CA GLU A 386 -16.86 -32.62 -31.05
C GLU A 386 -18.18 -32.95 -31.74
N VAL A 387 -19.07 -33.63 -31.01
CA VAL A 387 -20.38 -34.00 -31.56
C VAL A 387 -21.21 -32.73 -31.72
N GLU A 388 -21.08 -31.82 -30.76
CA GLU A 388 -21.79 -30.55 -30.81
C GLU A 388 -21.32 -29.78 -32.02
N ARG A 389 -20.01 -29.79 -32.25
CA ARG A 389 -19.41 -29.11 -33.39
C ARG A 389 -19.93 -29.74 -34.68
N ALA A 390 -20.09 -31.06 -34.68
CA ALA A 390 -20.61 -31.76 -35.86
C ALA A 390 -22.05 -31.32 -36.08
N LEU A 391 -22.83 -31.38 -35.00
CA LEU A 391 -24.24 -30.99 -35.04
C LEU A 391 -24.45 -29.57 -35.52
N GLU A 392 -23.55 -28.68 -35.11
CA GLU A 392 -23.64 -27.27 -35.48
C GLU A 392 -23.51 -27.01 -36.96
N ASP A 393 -22.66 -27.78 -37.62
CA ASP A 393 -22.47 -27.61 -39.04
C ASP A 393 -23.64 -28.34 -39.72
N ALA A 394 -24.14 -29.35 -39.02
CA ALA A 394 -25.27 -30.15 -39.49
C ALA A 394 -26.50 -29.28 -39.57
N VAL A 395 -26.77 -28.57 -38.47
CA VAL A 395 -27.92 -27.68 -38.38
C VAL A 395 -27.76 -26.49 -39.32
N LYS A 396 -26.54 -26.01 -39.46
CA LYS A 396 -26.27 -24.88 -40.33
C LYS A 396 -26.43 -25.17 -41.82
N VAL A 397 -26.15 -26.42 -42.24
CA VAL A 397 -26.31 -26.77 -43.65
C VAL A 397 -27.77 -27.02 -43.97
N VAL A 398 -28.51 -27.57 -43.01
CA VAL A 398 -29.93 -27.83 -43.19
C VAL A 398 -30.63 -26.49 -43.34
N LYS A 399 -30.13 -25.49 -42.63
CA LYS A 399 -30.67 -24.14 -42.68
C LYS A 399 -30.46 -23.57 -44.06
N ASP A 400 -29.33 -23.92 -44.67
CA ASP A 400 -28.98 -23.44 -46.00
C ASP A 400 -29.95 -23.90 -47.06
N VAL A 401 -30.26 -25.19 -47.07
CA VAL A 401 -31.15 -25.71 -48.09
C VAL A 401 -32.58 -25.22 -47.94
N MET A 402 -33.08 -25.16 -46.72
CA MET A 402 -34.45 -24.69 -46.51
C MET A 402 -34.63 -23.25 -46.97
N GLU A 403 -33.57 -22.46 -46.87
CA GLU A 403 -33.63 -21.07 -47.28
C GLU A 403 -33.31 -20.90 -48.76
N ASP A 404 -32.35 -21.69 -49.24
CA ASP A 404 -31.90 -21.64 -50.62
C ASP A 404 -32.65 -22.55 -51.57
N GLY A 405 -32.80 -23.80 -51.17
CA GLY A 405 -33.49 -24.76 -52.01
C GLY A 405 -32.65 -25.18 -53.20
N ALA A 406 -31.35 -25.33 -52.97
CA ALA A 406 -30.41 -25.75 -54.01
C ALA A 406 -29.26 -26.55 -53.38
N VAL A 407 -28.80 -27.59 -54.06
CA VAL A 407 -27.69 -28.41 -53.56
C VAL A 407 -26.68 -28.76 -54.66
N LEU A 408 -25.59 -29.42 -54.28
CA LEU A 408 -24.54 -29.83 -55.19
C LEU A 408 -23.90 -31.14 -54.75
N PRO A 409 -23.23 -31.84 -55.68
CA PRO A 409 -22.57 -33.10 -55.31
C PRO A 409 -21.33 -32.77 -54.48
N ALA A 410 -20.84 -33.72 -53.70
CA ALA A 410 -19.65 -33.48 -52.87
C ALA A 410 -18.35 -34.01 -53.50
N GLY A 411 -17.40 -34.41 -52.65
CA GLY A 411 -16.14 -34.94 -53.14
C GLY A 411 -15.45 -34.08 -54.22
N GLY A 412 -15.41 -32.77 -54.01
CA GLY A 412 -14.76 -31.90 -54.97
C GLY A 412 -15.33 -31.89 -56.37
N ALA A 413 -16.53 -32.44 -56.53
CA ALA A 413 -17.17 -32.47 -57.85
C ALA A 413 -17.50 -31.07 -58.35
N PRO A 414 -17.92 -30.16 -57.44
CA PRO A 414 -18.25 -28.81 -57.90
C PRO A 414 -17.00 -28.08 -58.39
N GLU A 415 -15.89 -28.31 -57.69
CA GLU A 415 -14.65 -27.68 -58.08
C GLU A 415 -14.11 -28.27 -59.39
N ILE A 416 -14.18 -29.59 -59.55
CA ILE A 416 -13.71 -30.23 -60.78
C ILE A 416 -14.47 -29.64 -61.95
N GLU A 417 -15.76 -29.47 -61.77
CA GLU A 417 -16.62 -28.90 -62.80
C GLU A 417 -16.22 -27.43 -62.99
N LEU A 418 -15.95 -26.74 -61.89
CA LEU A 418 -15.55 -25.33 -61.94
C LEU A 418 -14.22 -25.19 -62.67
N ALA A 419 -13.30 -26.11 -62.40
CA ALA A 419 -11.99 -26.11 -63.04
C ALA A 419 -12.16 -26.23 -64.55
N ILE A 420 -12.67 -27.38 -64.98
CA ILE A 420 -12.90 -27.67 -66.40
C ILE A 420 -13.57 -26.49 -67.12
N ARG A 421 -14.65 -26.01 -66.54
CA ARG A 421 -15.41 -24.92 -67.13
C ARG A 421 -14.71 -23.55 -67.06
N LEU A 422 -14.16 -23.21 -65.90
CA LEU A 422 -13.48 -21.92 -65.72
C LEU A 422 -12.33 -21.75 -66.68
N ASP A 423 -11.67 -22.85 -66.98
CA ASP A 423 -10.54 -22.83 -67.89
C ASP A 423 -11.00 -22.38 -69.28
N GLU A 424 -12.16 -22.88 -69.74
CA GLU A 424 -12.69 -22.49 -71.04
C GLU A 424 -12.87 -21.00 -71.04
N TYR A 425 -13.45 -20.51 -69.95
CA TYR A 425 -13.67 -19.10 -69.80
C TYR A 425 -12.35 -18.37 -70.06
N ALA A 426 -11.26 -18.93 -69.54
CA ALA A 426 -9.92 -18.37 -69.70
C ALA A 426 -9.65 -18.11 -71.18
N LYS A 427 -9.79 -19.16 -71.98
CA LYS A 427 -9.56 -19.05 -73.41
C LYS A 427 -10.28 -17.86 -73.98
N GLN A 428 -11.60 -17.79 -73.83
CA GLN A 428 -12.33 -16.68 -74.38
C GLN A 428 -11.93 -15.30 -73.84
N VAL A 429 -11.48 -15.24 -72.59
CA VAL A 429 -11.06 -13.94 -72.04
C VAL A 429 -9.74 -13.58 -72.71
N GLY A 430 -8.77 -14.48 -72.59
CA GLY A 430 -7.48 -14.27 -73.20
C GLY A 430 -6.61 -13.17 -72.59
N GLY A 431 -5.36 -13.12 -73.04
CA GLY A 431 -4.43 -12.13 -72.55
C GLY A 431 -3.69 -12.68 -71.34
N LYS A 432 -3.22 -11.79 -70.48
CA LYS A 432 -2.52 -12.21 -69.27
C LYS A 432 -3.59 -12.68 -68.28
N GLU A 433 -4.74 -12.01 -68.30
CA GLU A 433 -5.86 -12.36 -67.43
C GLU A 433 -6.13 -13.85 -67.51
N ALA A 434 -6.09 -14.36 -68.74
CA ALA A 434 -6.31 -15.77 -69.01
C ALA A 434 -5.36 -16.66 -68.20
N LEU A 435 -4.15 -16.18 -67.97
CA LEU A 435 -3.16 -16.92 -67.19
C LEU A 435 -3.62 -16.95 -65.74
N ALA A 436 -4.18 -15.83 -65.29
CA ALA A 436 -4.69 -15.70 -63.93
C ALA A 436 -5.92 -16.58 -63.75
N ILE A 437 -6.82 -16.51 -64.74
CA ILE A 437 -8.05 -17.31 -64.75
C ILE A 437 -7.71 -18.80 -64.74
N GLU A 438 -6.86 -19.21 -65.69
CA GLU A 438 -6.46 -20.61 -65.78
C GLU A 438 -5.88 -21.11 -64.47
N ASN A 439 -5.07 -20.26 -63.83
CA ASN A 439 -4.45 -20.62 -62.55
C ASN A 439 -5.46 -20.72 -61.40
N PHE A 440 -6.42 -19.79 -61.42
CA PHE A 440 -7.48 -19.75 -60.41
C PHE A 440 -8.19 -21.10 -60.49
N ALA A 441 -8.49 -21.51 -61.72
CA ALA A 441 -9.16 -22.75 -62.02
C ALA A 441 -8.36 -23.97 -61.56
N ASP A 442 -7.07 -23.94 -61.83
CA ASP A 442 -6.21 -25.05 -61.44
C ASP A 442 -6.08 -25.10 -59.94
N ALA A 443 -6.15 -23.94 -59.31
CA ALA A 443 -6.04 -23.87 -57.86
C ALA A 443 -7.18 -24.63 -57.19
N LEU A 444 -8.40 -24.48 -57.73
CA LEU A 444 -9.57 -25.15 -57.18
C LEU A 444 -9.44 -26.66 -57.04
N LYS A 445 -8.49 -27.25 -57.74
CA LYS A 445 -8.32 -28.68 -57.69
C LYS A 445 -7.70 -29.22 -56.41
N ILE A 446 -7.29 -28.36 -55.47
CA ILE A 446 -6.68 -28.86 -54.23
C ILE A 446 -7.69 -29.61 -53.40
N ILE A 447 -8.96 -29.38 -53.69
CA ILE A 447 -10.00 -30.04 -52.93
C ILE A 447 -10.00 -31.54 -53.26
N PRO A 448 -10.21 -31.89 -54.55
CA PRO A 448 -10.20 -33.30 -54.91
C PRO A 448 -8.83 -33.84 -54.51
N LYS A 449 -7.81 -33.08 -54.90
CA LYS A 449 -6.42 -33.38 -54.64
C LYS A 449 -6.16 -33.78 -53.18
N THR A 450 -6.36 -32.84 -52.26
CA THR A 450 -6.12 -33.10 -50.86
C THR A 450 -7.15 -34.04 -50.21
N LEU A 451 -8.21 -34.36 -50.93
CA LEU A 451 -9.22 -35.28 -50.39
C LEU A 451 -8.68 -36.69 -50.60
N ALA A 452 -8.21 -36.95 -51.82
CA ALA A 452 -7.64 -38.25 -52.14
C ALA A 452 -6.40 -38.47 -51.27
N GLU A 453 -5.63 -37.41 -51.10
CA GLU A 453 -4.39 -37.42 -50.33
C GLU A 453 -4.57 -37.80 -48.87
N ASN A 454 -5.49 -37.12 -48.18
CA ASN A 454 -5.74 -37.40 -46.77
C ASN A 454 -6.27 -38.81 -46.61
N ALA A 455 -6.93 -39.27 -47.66
CA ALA A 455 -7.51 -40.61 -47.71
C ALA A 455 -6.41 -41.65 -47.83
N GLY A 456 -5.28 -41.25 -48.42
CA GLY A 456 -4.16 -42.17 -48.60
C GLY A 456 -4.05 -42.69 -50.02
N LEU A 457 -4.82 -42.12 -50.93
CA LEU A 457 -4.81 -42.56 -52.32
C LEU A 457 -3.72 -41.87 -53.15
N ASP A 458 -3.50 -42.39 -54.35
CA ASP A 458 -2.50 -41.83 -55.24
C ASP A 458 -3.01 -40.56 -55.89
N THR A 459 -2.74 -39.45 -55.24
CA THR A 459 -3.16 -38.14 -55.73
C THR A 459 -3.06 -37.99 -57.25
N VAL A 460 -1.83 -37.91 -57.75
CA VAL A 460 -1.58 -37.72 -59.17
C VAL A 460 -2.52 -38.47 -60.10
N GLU A 461 -2.47 -39.79 -59.99
CA GLU A 461 -3.26 -40.72 -60.79
C GLU A 461 -4.76 -40.55 -60.59
N MET A 462 -5.15 -40.55 -59.31
CA MET A 462 -6.54 -40.43 -58.89
C MET A 462 -7.21 -39.16 -59.42
N LEU A 463 -6.45 -38.08 -59.47
CA LEU A 463 -6.99 -36.83 -59.93
C LEU A 463 -7.14 -36.81 -61.43
N VAL A 464 -6.49 -37.74 -62.12
CA VAL A 464 -6.59 -37.82 -63.58
C VAL A 464 -7.88 -38.52 -63.93
N LYS A 465 -8.18 -39.56 -63.15
CA LYS A 465 -9.39 -40.36 -63.30
C LYS A 465 -10.64 -39.52 -63.07
N VAL A 466 -10.68 -38.83 -61.94
CA VAL A 466 -11.82 -38.01 -61.59
C VAL A 466 -12.10 -36.93 -62.62
N ILE A 467 -11.05 -36.35 -63.21
CA ILE A 467 -11.28 -35.31 -64.21
C ILE A 467 -11.75 -35.98 -65.49
N SER A 468 -11.47 -37.27 -65.59
CA SER A 468 -11.86 -38.05 -66.75
C SER A 468 -13.34 -38.36 -66.64
N GLU A 469 -13.68 -39.16 -65.63
CA GLU A 469 -15.06 -39.56 -65.34
C GLU A 469 -15.97 -38.36 -65.51
N HIS A 470 -15.64 -37.30 -64.78
CA HIS A 470 -16.38 -36.06 -64.78
C HIS A 470 -16.62 -35.48 -66.16
N LYS A 471 -15.61 -35.59 -67.02
CA LYS A 471 -15.70 -35.09 -68.38
C LYS A 471 -16.69 -35.92 -69.17
N ASN A 472 -16.83 -37.20 -68.79
CA ASN A 472 -17.77 -38.09 -69.45
C ASN A 472 -19.08 -38.12 -68.69
N ARG A 473 -19.13 -39.01 -67.69
CA ARG A 473 -20.30 -39.22 -66.85
C ARG A 473 -21.10 -37.98 -66.40
N GLY A 474 -20.46 -36.81 -66.38
CA GLY A 474 -21.18 -35.60 -66.01
C GLY A 474 -20.87 -34.95 -64.66
N LEU A 475 -21.44 -33.76 -64.49
CA LEU A 475 -21.30 -32.92 -63.30
C LEU A 475 -21.36 -33.57 -61.91
N GLY A 476 -21.82 -34.82 -61.83
CA GLY A 476 -21.93 -35.46 -60.53
C GLY A 476 -20.76 -36.31 -60.11
N ILE A 477 -19.73 -36.36 -60.95
CA ILE A 477 -18.57 -37.17 -60.64
C ILE A 477 -17.55 -36.47 -59.74
N GLY A 478 -17.27 -37.12 -58.62
CA GLY A 478 -16.32 -36.62 -57.66
C GLY A 478 -15.62 -37.81 -57.03
N ILE A 479 -14.71 -37.56 -56.10
CA ILE A 479 -13.96 -38.63 -55.44
C ILE A 479 -14.72 -39.05 -54.21
N ASP A 480 -14.70 -40.34 -53.91
CA ASP A 480 -15.37 -40.86 -52.75
C ASP A 480 -14.30 -41.50 -51.89
N VAL A 481 -13.80 -40.75 -50.92
CA VAL A 481 -12.75 -41.26 -50.04
C VAL A 481 -13.04 -42.62 -49.45
N PHE A 482 -14.29 -43.05 -49.51
CA PHE A 482 -14.65 -44.34 -48.95
C PHE A 482 -14.58 -45.40 -50.03
N GLU A 483 -14.73 -44.97 -51.27
CA GLU A 483 -14.68 -45.87 -52.43
C GLU A 483 -13.25 -45.98 -52.97
N GLY A 484 -12.46 -44.95 -52.74
CA GLY A 484 -11.09 -44.95 -53.22
C GLY A 484 -11.07 -44.77 -54.72
N LYS A 485 -12.11 -44.13 -55.26
CA LYS A 485 -12.17 -43.92 -56.69
C LYS A 485 -13.26 -42.92 -57.00
N PRO A 486 -13.37 -42.50 -58.27
CA PRO A 486 -14.41 -41.53 -58.64
C PRO A 486 -15.77 -42.21 -58.47
N ALA A 487 -16.84 -41.44 -58.39
CA ALA A 487 -18.17 -42.01 -58.22
C ALA A 487 -19.19 -40.93 -58.53
N ASP A 488 -20.42 -41.34 -58.82
CA ASP A 488 -21.44 -40.33 -59.07
C ASP A 488 -21.98 -40.01 -57.66
N MET A 489 -21.57 -38.85 -57.17
CA MET A 489 -21.93 -38.34 -55.84
C MET A 489 -23.44 -38.20 -55.64
N LEU A 490 -24.17 -37.96 -56.73
CA LEU A 490 -25.61 -37.84 -56.63
C LEU A 490 -26.20 -39.21 -56.30
N GLU A 491 -25.91 -40.23 -57.08
CA GLU A 491 -26.44 -41.55 -56.81
C GLU A 491 -26.00 -42.04 -55.45
N LYS A 492 -24.92 -41.47 -54.92
CA LYS A 492 -24.42 -41.89 -53.62
C LYS A 492 -25.10 -41.12 -52.50
N GLY A 493 -25.76 -40.03 -52.88
CA GLY A 493 -26.48 -39.21 -51.91
C GLY A 493 -25.55 -38.30 -51.12
N ILE A 494 -24.26 -38.30 -51.49
CA ILE A 494 -23.24 -37.48 -50.84
C ILE A 494 -23.27 -36.09 -51.45
N ILE A 495 -23.99 -35.17 -50.81
CA ILE A 495 -24.09 -33.81 -51.31
C ILE A 495 -23.93 -32.73 -50.24
N GLU A 496 -23.84 -31.49 -50.71
CA GLU A 496 -23.65 -30.34 -49.84
C GLU A 496 -24.43 -29.14 -50.38
N PRO A 497 -24.71 -28.17 -49.52
CA PRO A 497 -25.45 -26.96 -49.87
C PRO A 497 -24.81 -26.18 -51.01
N LEU A 498 -25.62 -25.56 -51.85
CA LEU A 498 -25.10 -24.75 -52.96
C LEU A 498 -24.44 -23.51 -52.36
N ARG A 499 -24.81 -23.21 -51.11
CA ARG A 499 -24.27 -22.04 -50.39
C ARG A 499 -22.82 -22.28 -49.95
N VAL A 500 -22.55 -23.46 -49.39
CA VAL A 500 -21.21 -23.82 -48.96
C VAL A 500 -20.17 -23.53 -50.05
N LYS A 501 -20.42 -23.97 -51.29
CA LYS A 501 -19.48 -23.74 -52.37
C LYS A 501 -19.45 -22.31 -52.87
N LYS A 502 -20.62 -21.69 -52.98
CA LYS A 502 -20.67 -20.30 -53.43
C LYS A 502 -19.94 -19.43 -52.43
N GLN A 503 -20.02 -19.79 -51.15
CA GLN A 503 -19.37 -19.02 -50.09
C GLN A 503 -17.87 -19.30 -49.98
N ALA A 504 -17.43 -20.52 -50.29
CA ALA A 504 -16.02 -20.83 -50.24
C ALA A 504 -15.34 -19.95 -51.27
N ILE A 505 -15.83 -20.00 -52.52
CA ILE A 505 -15.26 -19.18 -53.58
C ILE A 505 -15.24 -17.71 -53.20
N LYS A 506 -16.35 -17.19 -52.65
CA LYS A 506 -16.38 -15.78 -52.25
C LYS A 506 -15.27 -15.49 -51.25
N SER A 507 -15.30 -16.19 -50.11
CA SER A 507 -14.31 -16.00 -49.08
C SER A 507 -12.86 -16.08 -49.57
N ALA A 508 -12.49 -17.22 -50.13
CA ALA A 508 -11.14 -17.44 -50.62
C ALA A 508 -10.67 -16.44 -51.66
N SER A 509 -11.44 -16.23 -52.71
CA SER A 509 -11.03 -15.29 -53.74
C SER A 509 -10.87 -13.87 -53.21
N GLU A 510 -11.70 -13.49 -52.25
CA GLU A 510 -11.67 -12.17 -51.64
C GLU A 510 -10.34 -11.98 -50.93
N ALA A 511 -10.02 -12.94 -50.08
CA ALA A 511 -8.79 -12.95 -49.29
C ALA A 511 -7.57 -13.00 -50.20
N ALA A 512 -7.62 -13.83 -51.23
CA ALA A 512 -6.52 -13.95 -52.15
C ALA A 512 -6.23 -12.58 -52.75
N ILE A 513 -7.28 -11.93 -53.23
CA ILE A 513 -7.14 -10.62 -53.83
C ILE A 513 -6.75 -9.55 -52.82
N MET A 514 -7.24 -9.66 -51.59
CA MET A 514 -6.90 -8.68 -50.56
C MET A 514 -5.40 -8.68 -50.38
N ILE A 515 -4.85 -9.86 -50.17
CA ILE A 515 -3.43 -10.04 -49.98
C ILE A 515 -2.63 -9.67 -51.25
N LEU A 516 -3.12 -10.05 -52.42
CA LEU A 516 -2.44 -9.71 -53.67
C LEU A 516 -2.34 -8.21 -53.89
N ARG A 517 -3.13 -7.43 -53.15
CA ARG A 517 -3.12 -5.98 -53.30
C ARG A 517 -2.12 -5.28 -52.39
N ILE A 518 -1.83 -5.88 -51.25
CA ILE A 518 -0.90 -5.32 -50.28
C ILE A 518 0.54 -5.40 -50.76
N ASP A 519 1.14 -4.23 -50.99
CA ASP A 519 2.52 -4.12 -51.45
C ASP A 519 3.42 -3.47 -50.39
N ASP A 520 2.96 -3.47 -49.15
CA ASP A 520 3.73 -2.86 -48.07
C ASP A 520 3.16 -3.25 -46.71
N VAL A 521 4.02 -3.73 -45.82
CA VAL A 521 3.58 -4.11 -44.47
C VAL A 521 4.41 -3.35 -43.42
N ILE A 522 3.72 -2.68 -42.48
CA ILE A 522 4.39 -1.89 -41.45
C ILE A 522 3.93 -2.29 -40.06
N ALA A 523 4.79 -3.03 -39.34
CA ALA A 523 4.50 -3.56 -37.99
C ALA A 523 5.39 -3.07 -36.80
N ALA A 524 4.79 -3.02 -35.60
CA ALA A 524 5.46 -2.56 -34.36
C ALA A 524 5.99 -3.59 -33.32
N LYS A 525 5.09 -4.32 -32.63
CA LYS A 525 5.51 -5.31 -31.60
C LYS A 525 4.83 -6.73 -31.56
N ALA A 526 5.32 -7.69 -32.39
CA ALA A 526 4.80 -9.11 -32.47
C ALA A 526 5.58 -10.04 -33.48
N VAL B 10 5.30 -11.36 -33.46
CA VAL B 10 6.00 -12.35 -34.35
C VAL B 10 5.10 -13.13 -35.40
N ILE B 11 5.44 -14.39 -35.72
CA ILE B 11 4.66 -15.23 -36.70
C ILE B 11 3.74 -16.34 -36.04
N LEU B 12 4.31 -17.06 -35.07
CA LEU B 12 3.64 -18.11 -34.26
C LEU B 12 4.51 -18.03 -33.01
N PRO B 13 3.88 -17.77 -31.83
CA PRO B 13 4.63 -17.65 -30.56
C PRO B 13 5.83 -18.58 -30.42
N GLU B 14 7.00 -18.00 -30.11
CA GLU B 14 8.20 -18.81 -29.91
C GLU B 14 8.00 -19.44 -28.50
N GLY B 15 8.65 -20.58 -28.26
CA GLY B 15 8.46 -21.25 -26.97
C GLY B 15 7.26 -22.15 -27.13
N THR B 16 6.69 -22.11 -28.34
CA THR B 16 5.53 -22.92 -28.76
C THR B 16 6.10 -24.04 -29.65
N GLN B 17 5.89 -25.31 -29.26
CA GLN B 17 6.40 -26.41 -30.07
C GLN B 17 5.33 -27.02 -30.96
N ARG B 18 5.77 -27.88 -31.88
CA ARG B 18 4.87 -28.53 -32.82
C ARG B 18 5.48 -29.82 -33.35
N TYR B 19 4.63 -30.78 -33.69
CA TYR B 19 5.08 -32.06 -34.23
C TYR B 19 4.04 -32.48 -35.24
N VAL B 20 4.45 -33.28 -36.22
CA VAL B 20 3.52 -33.76 -37.25
C VAL B 20 3.82 -35.22 -37.62
N GLY B 21 2.90 -35.86 -38.32
CA GLY B 21 3.05 -37.23 -38.76
C GLY B 21 3.62 -38.23 -37.76
N ARG B 22 4.71 -38.88 -38.14
CA ARG B 22 5.36 -39.88 -37.28
C ARG B 22 5.66 -39.30 -35.90
N ASP B 23 6.32 -38.14 -35.90
CA ASP B 23 6.71 -37.45 -34.69
C ASP B 23 5.56 -37.32 -33.71
N ALA B 24 4.52 -36.65 -34.15
CA ALA B 24 3.33 -36.45 -33.33
C ALA B 24 2.90 -37.79 -32.72
N GLN B 25 2.48 -38.69 -33.59
CA GLN B 25 2.02 -40.01 -33.17
C GLN B 25 3.00 -40.80 -32.30
N ARG B 26 4.25 -40.91 -32.75
CA ARG B 26 5.29 -41.64 -32.02
C ARG B 26 5.45 -41.15 -30.58
N LEU B 27 5.40 -39.83 -30.40
CA LEU B 27 5.53 -39.23 -29.08
C LEU B 27 4.27 -39.45 -28.27
N ASN B 28 3.13 -39.12 -28.85
CA ASN B 28 1.83 -39.30 -28.20
C ASN B 28 1.70 -40.75 -27.73
N ILE B 29 1.87 -41.67 -28.67
CA ILE B 29 1.78 -43.09 -28.38
C ILE B 29 2.74 -43.45 -27.26
N LEU B 30 3.94 -42.86 -27.30
CA LEU B 30 4.95 -43.11 -26.29
C LEU B 30 4.54 -42.61 -24.92
N ALA B 31 4.07 -41.37 -24.87
CA ALA B 31 3.64 -40.74 -23.62
C ALA B 31 2.53 -41.56 -23.01
N ALA B 32 1.60 -41.97 -23.87
CA ALA B 32 0.48 -42.78 -23.46
C ALA B 32 0.97 -44.06 -22.81
N ARG B 33 1.83 -44.79 -23.52
CA ARG B 33 2.37 -46.04 -23.03
C ARG B 33 3.10 -45.93 -21.70
N ILE B 34 3.86 -44.87 -21.53
CA ILE B 34 4.62 -44.69 -20.30
C ILE B 34 3.70 -44.62 -19.09
N ILE B 35 2.61 -43.88 -19.25
CA ILE B 35 1.62 -43.71 -18.20
C ILE B 35 0.96 -45.04 -17.86
N ALA B 36 0.68 -45.82 -18.91
CA ALA B 36 0.05 -47.12 -18.79
C ALA B 36 0.97 -48.12 -18.11
N GLU B 37 2.22 -48.16 -18.55
CA GLU B 37 3.20 -49.07 -17.96
C GLU B 37 3.47 -48.70 -16.51
N THR B 38 3.03 -47.51 -16.12
CA THR B 38 3.23 -47.05 -14.75
C THR B 38 2.25 -47.70 -13.77
N VAL B 39 0.99 -47.76 -14.18
CA VAL B 39 -0.07 -48.31 -13.35
C VAL B 39 -0.21 -49.83 -13.43
N ARG B 40 0.26 -50.42 -14.53
CA ARG B 40 0.14 -51.86 -14.75
C ARG B 40 0.79 -52.72 -13.69
N THR B 41 1.67 -52.14 -12.90
CA THR B 41 2.34 -52.91 -11.88
C THR B 41 1.45 -53.08 -10.65
N THR B 42 0.22 -52.57 -10.74
CA THR B 42 -0.74 -52.65 -9.62
C THR B 42 -1.97 -53.48 -9.98
N LEU B 43 -1.98 -54.03 -11.20
CA LEU B 43 -3.10 -54.83 -11.67
C LEU B 43 -3.25 -56.14 -10.93
N GLY B 44 -4.50 -56.50 -10.69
CA GLY B 44 -4.80 -57.74 -10.00
C GLY B 44 -4.55 -57.75 -8.51
N PRO B 45 -4.77 -58.91 -7.88
CA PRO B 45 -4.61 -59.21 -6.45
C PRO B 45 -3.18 -59.18 -5.96
N LYS B 46 -2.23 -59.36 -6.88
CA LYS B 46 -0.81 -59.37 -6.54
C LYS B 46 -0.12 -58.09 -6.97
N GLY B 47 -0.91 -57.15 -7.51
CA GLY B 47 -0.38 -55.87 -7.96
C GLY B 47 0.26 -55.12 -6.79
N MET B 48 1.16 -54.20 -7.11
CA MET B 48 1.85 -53.44 -6.08
C MET B 48 1.26 -52.07 -5.88
N ASP B 49 1.63 -51.44 -4.77
CA ASP B 49 1.14 -50.10 -4.44
C ASP B 49 2.18 -49.05 -4.82
N LYS B 50 1.71 -47.81 -4.93
CA LYS B 50 2.58 -46.68 -5.25
C LYS B 50 2.52 -45.66 -4.11
N MET B 51 3.61 -44.95 -3.89
CA MET B 51 3.66 -43.92 -2.86
C MET B 51 3.83 -42.56 -3.53
N LEU B 52 2.78 -41.76 -3.45
CA LEU B 52 2.74 -40.43 -4.04
C LEU B 52 2.96 -39.32 -2.99
N VAL B 53 4.02 -38.54 -3.16
CA VAL B 53 4.34 -37.44 -2.25
C VAL B 53 4.18 -36.10 -2.97
N ASP B 54 3.18 -35.34 -2.56
CA ASP B 54 2.92 -34.04 -3.19
C ASP B 54 3.76 -32.90 -2.58
N SER B 55 3.87 -31.79 -3.33
CA SER B 55 4.63 -30.57 -2.96
C SER B 55 4.54 -30.13 -1.49
N LEU B 56 3.36 -30.27 -0.90
CA LEU B 56 3.10 -29.91 0.50
C LEU B 56 3.48 -31.05 1.44
N GLY B 57 4.35 -31.97 0.99
CA GLY B 57 4.77 -33.09 1.81
C GLY B 57 3.69 -34.12 2.15
N ASP B 58 2.55 -34.08 1.43
CA ASP B 58 1.45 -34.97 1.59
C ASP B 58 1.75 -36.34 1.03
N ILE B 59 1.42 -37.42 1.77
CA ILE B 59 1.70 -38.78 1.34
C ILE B 59 0.46 -39.64 1.12
N VAL B 60 0.29 -40.12 -0.10
CA VAL B 60 -0.85 -40.97 -0.46
C VAL B 60 -0.37 -42.35 -0.95
N VAL B 61 -0.67 -43.42 -0.21
CA VAL B 61 -0.26 -44.76 -0.62
C VAL B 61 -1.50 -45.53 -1.16
N THR B 62 -1.49 -45.91 -2.44
CA THR B 62 -2.67 -46.59 -3.01
C THR B 62 -2.43 -47.57 -4.19
N ASN B 63 -3.40 -48.47 -4.39
CA ASN B 63 -3.35 -49.42 -5.49
C ASN B 63 -4.30 -48.90 -6.59
N ASP B 64 -5.07 -47.86 -6.27
CA ASP B 64 -6.06 -47.30 -7.19
C ASP B 64 -5.52 -46.48 -8.35
N CYS B 65 -5.89 -46.88 -9.55
CA CYS B 65 -5.43 -46.19 -10.75
C CYS B 65 -5.92 -44.77 -10.85
N ALA B 66 -7.23 -44.57 -10.65
CA ALA B 66 -7.81 -43.24 -10.72
C ALA B 66 -7.11 -42.27 -9.75
N THR B 67 -6.81 -42.72 -8.53
CA THR B 67 -6.12 -41.86 -7.57
C THR B 67 -4.71 -41.58 -8.10
N ILE B 68 -3.93 -42.62 -8.30
CA ILE B 68 -2.57 -42.47 -8.82
C ILE B 68 -2.53 -41.54 -10.04
N LEU B 69 -3.21 -41.90 -11.13
CA LEU B 69 -3.19 -41.05 -12.33
C LEU B 69 -3.56 -39.60 -12.06
N ASP B 70 -4.40 -39.41 -11.06
CA ASP B 70 -4.89 -38.09 -10.68
C ASP B 70 -3.97 -37.26 -9.77
N LYS B 71 -3.41 -37.89 -8.73
CA LYS B 71 -2.50 -37.22 -7.82
C LYS B 71 -1.16 -36.85 -8.51
N ILE B 72 -0.72 -37.67 -9.45
CA ILE B 72 0.51 -37.42 -10.19
C ILE B 72 0.29 -36.20 -11.07
N ASP B 73 1.34 -35.44 -11.33
CA ASP B 73 1.19 -34.26 -12.16
C ASP B 73 1.59 -34.48 -13.63
N LEU B 74 0.77 -35.22 -14.38
CA LEU B 74 1.11 -35.45 -15.78
C LEU B 74 1.25 -34.14 -16.52
N GLN B 75 2.30 -34.05 -17.33
CA GLN B 75 2.55 -32.84 -18.09
C GLN B 75 2.27 -33.03 -19.58
N HIS B 76 2.55 -34.21 -20.11
CA HIS B 76 2.32 -34.47 -21.52
C HIS B 76 0.84 -34.62 -21.83
N PRO B 77 0.36 -33.94 -22.87
CA PRO B 77 -1.05 -34.00 -23.26
C PRO B 77 -1.59 -35.42 -23.35
N ALA B 78 -1.07 -36.18 -24.30
CA ALA B 78 -1.47 -37.55 -24.55
C ALA B 78 -1.45 -38.46 -23.31
N ALA B 79 -0.76 -38.04 -22.25
CA ALA B 79 -0.71 -38.85 -21.04
C ALA B 79 -1.83 -38.39 -20.11
N LYS B 80 -2.30 -37.18 -20.30
CA LYS B 80 -3.40 -36.65 -19.49
C LYS B 80 -4.67 -37.31 -19.99
N MET B 81 -4.69 -37.60 -21.29
CA MET B 81 -5.84 -38.23 -21.92
C MET B 81 -6.04 -39.60 -21.33
N MET B 82 -4.95 -40.16 -20.81
CA MET B 82 -4.99 -41.47 -20.20
C MET B 82 -5.71 -41.36 -18.88
N VAL B 83 -5.83 -40.15 -18.35
CA VAL B 83 -6.53 -39.96 -17.10
C VAL B 83 -8.03 -39.98 -17.37
N GLU B 84 -8.45 -39.37 -18.47
CA GLU B 84 -9.86 -39.35 -18.82
C GLU B 84 -10.38 -40.78 -18.95
N VAL B 85 -9.50 -41.71 -19.32
CA VAL B 85 -9.89 -43.10 -19.46
C VAL B 85 -10.30 -43.64 -18.09
N ALA B 86 -9.39 -43.62 -17.12
CA ALA B 86 -9.70 -44.10 -15.78
C ALA B 86 -10.88 -43.34 -15.18
N LYS B 87 -11.08 -42.12 -15.68
CA LYS B 87 -12.14 -41.22 -15.22
C LYS B 87 -13.51 -41.69 -15.72
N THR B 88 -13.61 -41.95 -17.02
CA THR B 88 -14.85 -42.43 -17.63
C THR B 88 -15.19 -43.81 -17.08
N GLN B 89 -14.16 -44.62 -16.89
CA GLN B 89 -14.31 -45.97 -16.38
C GLN B 89 -14.87 -45.95 -14.95
N ASP B 90 -14.24 -45.16 -14.08
CA ASP B 90 -14.67 -45.06 -12.69
C ASP B 90 -16.07 -44.49 -12.56
N LYS B 91 -16.48 -43.70 -13.54
CA LYS B 91 -17.79 -43.09 -13.52
C LYS B 91 -18.87 -43.93 -14.19
N GLU B 92 -18.51 -45.06 -14.78
CA GLU B 92 -19.52 -45.84 -15.46
C GLU B 92 -19.72 -47.23 -14.90
N ALA B 93 -18.62 -47.91 -14.63
CA ALA B 93 -18.66 -49.27 -14.10
C ALA B 93 -18.02 -49.26 -12.74
N GLY B 94 -17.40 -48.13 -12.41
CA GLY B 94 -16.75 -47.98 -11.12
C GLY B 94 -15.56 -48.88 -10.80
N ASP B 95 -15.22 -49.79 -11.70
CA ASP B 95 -14.09 -50.69 -11.47
C ASP B 95 -13.34 -50.99 -12.76
N GLY B 96 -12.15 -51.55 -12.61
CA GLY B 96 -11.32 -51.89 -13.75
C GLY B 96 -10.68 -50.68 -14.38
N THR B 97 -10.42 -49.64 -13.58
CA THR B 97 -9.80 -48.44 -14.10
C THR B 97 -8.38 -48.74 -14.61
N THR B 98 -7.64 -49.56 -13.86
CA THR B 98 -6.29 -49.93 -14.27
C THR B 98 -6.42 -50.62 -15.62
N THR B 99 -7.24 -51.66 -15.68
CA THR B 99 -7.48 -52.43 -16.90
C THR B 99 -7.75 -51.63 -18.18
N ALA B 100 -8.60 -50.62 -18.12
CA ALA B 100 -8.90 -49.83 -19.32
C ALA B 100 -7.70 -49.02 -19.80
N VAL B 101 -6.91 -48.52 -18.84
CA VAL B 101 -5.72 -47.75 -19.15
C VAL B 101 -4.66 -48.66 -19.75
N VAL B 102 -4.39 -49.79 -19.11
CA VAL B 102 -3.40 -50.73 -19.65
C VAL B 102 -3.76 -51.17 -21.08
N ILE B 103 -5.02 -51.54 -21.30
CA ILE B 103 -5.48 -51.96 -22.61
C ILE B 103 -5.44 -50.83 -23.62
N ALA B 104 -5.40 -49.60 -23.14
CA ALA B 104 -5.38 -48.45 -24.04
C ALA B 104 -3.98 -48.20 -24.54
N GLY B 105 -3.00 -48.38 -23.66
CA GLY B 105 -1.63 -48.16 -24.06
C GLY B 105 -1.14 -49.30 -24.93
N GLU B 106 -1.49 -50.52 -24.53
CA GLU B 106 -1.11 -51.71 -25.26
C GLU B 106 -1.73 -51.67 -26.64
N LEU B 107 -2.91 -51.08 -26.72
CA LEU B 107 -3.63 -50.96 -27.97
C LEU B 107 -2.86 -49.99 -28.84
N LEU B 108 -2.30 -48.95 -28.22
CA LEU B 108 -1.52 -47.93 -28.92
C LEU B 108 -0.15 -48.44 -29.38
N ARG B 109 0.44 -49.34 -28.62
CA ARG B 109 1.74 -49.92 -28.97
C ARG B 109 1.58 -50.76 -30.22
N LYS B 110 0.72 -51.78 -30.13
CA LYS B 110 0.47 -52.66 -31.25
C LYS B 110 0.00 -51.85 -32.45
N ALA B 111 -0.54 -50.67 -32.17
CA ALA B 111 -1.03 -49.81 -33.24
C ALA B 111 0.11 -49.12 -33.94
N GLU B 112 1.22 -48.93 -33.21
CA GLU B 112 2.38 -48.26 -33.80
C GLU B 112 3.11 -49.22 -34.74
N GLU B 113 3.19 -50.49 -34.33
CA GLU B 113 3.82 -51.50 -35.14
C GLU B 113 3.23 -51.44 -36.56
N LEU B 114 1.92 -51.22 -36.63
CA LEU B 114 1.20 -51.15 -37.90
C LEU B 114 1.47 -49.83 -38.59
N LEU B 115 1.93 -48.85 -37.82
CA LEU B 115 2.24 -47.55 -38.37
C LEU B 115 3.61 -47.65 -39.00
N ASP B 116 4.55 -48.20 -38.25
CA ASP B 116 5.91 -48.40 -38.73
C ASP B 116 5.83 -49.15 -40.05
N GLN B 117 5.04 -50.22 -40.03
CA GLN B 117 4.86 -51.05 -41.22
C GLN B 117 4.31 -50.27 -42.41
N ASN B 118 4.05 -48.98 -42.19
CA ASN B 118 3.55 -48.07 -43.22
C ASN B 118 2.07 -48.06 -43.52
N ILE B 119 1.27 -48.79 -42.72
CA ILE B 119 -0.17 -48.85 -42.93
C ILE B 119 -0.80 -47.50 -42.57
N HIS B 120 -1.56 -46.92 -43.50
CA HIS B 120 -2.20 -45.62 -43.27
C HIS B 120 -2.93 -45.63 -41.94
N PRO B 121 -2.88 -44.52 -41.18
CA PRO B 121 -3.56 -44.51 -39.88
C PRO B 121 -5.07 -44.76 -40.04
N SER B 122 -5.60 -44.36 -41.19
CA SER B 122 -7.01 -44.54 -41.53
C SER B 122 -7.42 -45.99 -41.33
N ILE B 123 -6.60 -46.88 -41.89
CA ILE B 123 -6.81 -48.32 -41.80
C ILE B 123 -6.73 -48.82 -40.37
N ILE B 124 -5.74 -48.37 -39.61
CA ILE B 124 -5.59 -48.82 -38.23
C ILE B 124 -6.80 -48.42 -37.41
N ILE B 125 -7.36 -47.26 -37.70
CA ILE B 125 -8.51 -46.76 -36.98
C ILE B 125 -9.75 -47.61 -37.29
N LYS B 126 -10.15 -47.68 -38.56
CA LYS B 126 -11.30 -48.47 -38.97
C LYS B 126 -11.30 -49.88 -38.40
N GLY B 127 -10.13 -50.49 -38.38
CA GLY B 127 -10.03 -51.85 -37.88
C GLY B 127 -10.20 -51.92 -36.38
N TYR B 128 -9.72 -50.89 -35.70
CA TYR B 128 -9.83 -50.84 -34.25
C TYR B 128 -11.28 -50.66 -33.85
N ALA B 129 -12.03 -49.97 -34.70
CA ALA B 129 -13.44 -49.71 -34.50
C ALA B 129 -14.24 -50.99 -34.66
N LEU B 130 -13.95 -51.75 -35.72
CA LEU B 130 -14.63 -53.01 -35.97
C LEU B 130 -14.31 -53.97 -34.85
N ALA B 131 -13.06 -53.93 -34.42
CA ALA B 131 -12.58 -54.77 -33.35
C ALA B 131 -13.29 -54.41 -32.04
N ALA B 132 -13.32 -53.11 -31.74
CA ALA B 132 -13.96 -52.61 -30.53
C ALA B 132 -15.47 -52.85 -30.51
N GLU B 133 -16.11 -52.70 -31.67
CA GLU B 133 -17.55 -52.91 -31.84
C GLU B 133 -17.92 -54.37 -31.64
N LYS B 134 -17.26 -55.26 -32.39
CA LYS B 134 -17.50 -56.70 -32.32
C LYS B 134 -17.17 -57.19 -30.94
N ALA B 135 -16.38 -56.42 -30.22
CA ALA B 135 -15.97 -56.79 -28.86
C ALA B 135 -17.14 -56.65 -27.90
N GLN B 136 -17.95 -55.62 -28.09
CA GLN B 136 -19.10 -55.40 -27.24
C GLN B 136 -20.04 -56.57 -27.48
N GLU B 137 -20.33 -56.77 -28.75
CA GLU B 137 -21.20 -57.84 -29.23
C GLU B 137 -20.87 -59.20 -28.57
N ILE B 138 -19.61 -59.62 -28.65
CA ILE B 138 -19.15 -60.89 -28.08
C ILE B 138 -19.38 -60.96 -26.59
N LEU B 139 -19.17 -59.84 -25.93
CA LEU B 139 -19.33 -59.74 -24.48
C LEU B 139 -20.79 -59.88 -24.08
N ASP B 140 -21.68 -59.22 -24.82
CA ASP B 140 -23.09 -59.30 -24.53
C ASP B 140 -23.48 -60.77 -24.65
N GLU B 141 -22.97 -61.42 -25.69
CA GLU B 141 -23.23 -62.83 -25.94
C GLU B 141 -22.77 -63.76 -24.80
N ILE B 142 -21.46 -63.87 -24.61
CA ILE B 142 -20.91 -64.75 -23.58
C ILE B 142 -21.31 -64.42 -22.14
N ALA B 143 -21.91 -63.26 -21.95
CA ALA B 143 -22.31 -62.80 -20.61
C ALA B 143 -23.12 -63.83 -19.84
N ILE B 144 -22.78 -64.02 -18.56
CA ILE B 144 -23.49 -64.96 -17.72
C ILE B 144 -24.65 -64.30 -16.98
N ARG B 145 -25.80 -64.20 -17.63
CA ARG B 145 -26.99 -63.59 -17.05
C ARG B 145 -27.38 -64.16 -15.68
N VAL B 146 -27.45 -63.29 -14.68
CA VAL B 146 -27.78 -63.73 -13.35
C VAL B 146 -29.00 -62.96 -12.80
N ASP B 147 -29.54 -63.41 -11.68
CA ASP B 147 -30.73 -62.78 -11.07
C ASP B 147 -30.33 -61.45 -10.36
N PRO B 148 -31.00 -60.34 -10.75
CA PRO B 148 -30.64 -59.01 -10.25
C PRO B 148 -30.28 -58.88 -8.80
N ASP B 149 -30.73 -59.82 -8.00
CA ASP B 149 -30.49 -59.70 -6.57
C ASP B 149 -30.06 -61.00 -5.93
N ASP B 150 -29.52 -61.89 -6.76
CA ASP B 150 -29.01 -63.16 -6.30
C ASP B 150 -27.99 -62.89 -5.20
N GLU B 151 -28.43 -63.00 -3.95
CA GLU B 151 -27.56 -62.77 -2.80
C GLU B 151 -26.17 -63.35 -3.03
N GLU B 152 -26.15 -64.64 -3.39
CA GLU B 152 -24.94 -65.40 -3.64
C GLU B 152 -23.89 -64.72 -4.52
N THR B 153 -24.21 -64.59 -5.80
CA THR B 153 -23.30 -64.00 -6.76
C THR B 153 -23.09 -62.51 -6.55
N LEU B 154 -23.99 -61.87 -5.82
CA LEU B 154 -23.82 -60.44 -5.57
C LEU B 154 -22.76 -60.24 -4.49
N LEU B 155 -22.56 -61.26 -3.66
CA LEU B 155 -21.56 -61.23 -2.59
C LEU B 155 -20.18 -61.57 -3.16
N LYS B 156 -20.18 -62.28 -4.28
CA LYS B 156 -18.94 -62.65 -4.96
C LYS B 156 -18.46 -61.44 -5.73
N ILE B 157 -19.31 -60.93 -6.62
CA ILE B 157 -18.97 -59.75 -7.42
C ILE B 157 -18.31 -58.67 -6.57
N ALA B 158 -18.77 -58.52 -5.34
CA ALA B 158 -18.22 -57.54 -4.41
C ALA B 158 -16.89 -57.93 -3.81
N ALA B 159 -16.73 -59.21 -3.46
CA ALA B 159 -15.49 -59.68 -2.86
C ALA B 159 -14.37 -59.85 -3.88
N THR B 160 -14.72 -60.19 -5.11
CA THR B 160 -13.73 -60.37 -6.17
C THR B 160 -13.06 -59.02 -6.40
N SER B 161 -13.84 -57.95 -6.21
CA SER B 161 -13.36 -56.59 -6.41
C SER B 161 -12.46 -56.10 -5.26
N ILE B 162 -12.86 -56.36 -4.03
CA ILE B 162 -12.06 -55.97 -2.88
C ILE B 162 -10.69 -56.62 -2.96
N THR B 163 -10.67 -57.81 -3.53
CA THR B 163 -9.43 -58.57 -3.72
C THR B 163 -8.87 -58.04 -5.05
N GLY B 164 -7.78 -57.30 -4.97
CA GLY B 164 -7.22 -56.72 -6.17
C GLY B 164 -6.61 -55.46 -5.62
N LYS B 165 -6.91 -55.27 -4.34
CA LYS B 165 -6.45 -54.13 -3.57
C LYS B 165 -5.85 -54.60 -2.26
N ASN B 166 -5.38 -53.61 -1.49
CA ASN B 166 -4.74 -53.83 -0.19
C ASN B 166 -5.60 -54.54 0.86
N ALA B 167 -6.63 -53.83 1.33
CA ALA B 167 -7.56 -54.30 2.37
C ALA B 167 -8.24 -55.68 2.18
N GLU B 168 -7.74 -56.48 1.24
CA GLU B 168 -8.28 -57.82 0.96
C GLU B 168 -8.17 -58.75 2.18
N SER B 169 -7.62 -58.22 3.27
CA SER B 169 -7.46 -58.97 4.52
C SER B 169 -8.82 -59.33 5.16
N HIS B 170 -9.85 -58.54 4.87
CA HIS B 170 -11.19 -58.82 5.39
C HIS B 170 -12.19 -58.61 4.29
N LYS B 171 -11.96 -59.22 3.12
CA LYS B 171 -12.90 -59.06 2.01
C LYS B 171 -14.26 -59.61 2.45
N GLU B 172 -14.21 -60.45 3.48
CA GLU B 172 -15.40 -61.07 4.04
C GLU B 172 -16.43 -60.01 4.43
N LEU B 173 -16.13 -59.36 5.54
CA LEU B 173 -16.95 -58.31 6.12
C LEU B 173 -17.32 -57.20 5.13
N LEU B 174 -16.32 -56.62 4.47
CA LEU B 174 -16.54 -55.53 3.52
C LEU B 174 -17.51 -55.86 2.39
N ALA B 175 -17.41 -57.07 1.84
CA ALA B 175 -18.29 -57.48 0.75
C ALA B 175 -19.72 -57.49 1.25
N LYS B 176 -19.92 -58.07 2.42
CA LYS B 176 -21.22 -58.14 3.04
C LYS B 176 -21.82 -56.73 3.19
N LEU B 177 -21.09 -55.84 3.87
CA LEU B 177 -21.53 -54.46 4.09
C LEU B 177 -21.86 -53.73 2.81
N ALA B 178 -21.08 -53.96 1.76
CA ALA B 178 -21.32 -53.28 0.49
C ALA B 178 -22.55 -53.77 -0.25
N VAL B 179 -22.86 -55.06 -0.12
CA VAL B 179 -24.02 -55.63 -0.79
C VAL B 179 -25.26 -55.22 0.01
N GLU B 180 -25.17 -55.48 1.30
CA GLU B 180 -26.22 -55.14 2.24
C GLU B 180 -26.63 -53.66 2.08
N ALA B 181 -25.64 -52.79 1.90
CA ALA B 181 -25.86 -51.35 1.73
C ALA B 181 -26.56 -50.98 0.44
N VAL B 182 -26.11 -51.53 -0.69
CA VAL B 182 -26.73 -51.21 -1.96
C VAL B 182 -28.11 -51.82 -2.11
N LYS B 183 -28.37 -52.92 -1.40
CA LYS B 183 -29.69 -53.54 -1.46
C LYS B 183 -30.68 -52.61 -0.76
N GLN B 184 -30.26 -52.09 0.39
CA GLN B 184 -31.08 -51.18 1.17
C GLN B 184 -31.45 -49.87 0.46
N VAL B 185 -30.46 -49.18 -0.10
CA VAL B 185 -30.74 -47.90 -0.78
C VAL B 185 -31.26 -48.11 -2.19
N ALA B 186 -31.12 -49.32 -2.70
CA ALA B 186 -31.56 -49.67 -4.04
C ALA B 186 -33.00 -49.24 -4.25
N GLU B 187 -33.32 -48.84 -5.47
CA GLU B 187 -34.67 -48.42 -5.79
C GLU B 187 -35.11 -49.01 -7.12
N LYS B 188 -36.27 -49.65 -7.11
CA LYS B 188 -36.82 -50.28 -8.30
C LYS B 188 -38.34 -50.15 -8.27
N LYS B 189 -38.95 -49.90 -9.42
CA LYS B 189 -40.42 -49.79 -9.48
C LYS B 189 -40.91 -49.81 -10.93
N ASP B 190 -39.97 -50.00 -11.84
CA ASP B 190 -40.23 -50.01 -13.28
C ASP B 190 -39.79 -51.32 -13.91
N GLY B 191 -39.56 -52.31 -13.06
CA GLY B 191 -39.11 -53.60 -13.54
C GLY B 191 -37.71 -53.87 -13.01
N LYS B 192 -36.76 -53.03 -13.41
CA LYS B 192 -35.37 -53.19 -12.99
C LYS B 192 -34.98 -52.17 -11.91
N TYR B 193 -33.89 -52.46 -11.21
CA TYR B 193 -33.40 -51.58 -10.16
C TYR B 193 -32.70 -50.36 -10.76
N VAL B 194 -32.40 -49.40 -9.89
CA VAL B 194 -31.73 -48.16 -10.27
C VAL B 194 -31.09 -47.67 -8.98
N VAL B 195 -29.78 -47.80 -8.86
CA VAL B 195 -29.09 -47.37 -7.65
C VAL B 195 -28.39 -46.02 -7.76
N ASP B 196 -28.56 -45.20 -6.74
CA ASP B 196 -27.95 -43.89 -6.66
C ASP B 196 -27.02 -44.01 -5.47
N LEU B 197 -25.72 -44.10 -5.75
CA LEU B 197 -24.75 -44.27 -4.69
C LEU B 197 -24.57 -43.07 -3.77
N ASP B 198 -25.17 -41.94 -4.14
CA ASP B 198 -25.08 -40.75 -3.31
C ASP B 198 -25.89 -40.97 -2.04
N ASN B 199 -26.66 -42.06 -2.02
CA ASN B 199 -27.47 -42.39 -0.86
C ASN B 199 -26.69 -43.29 0.10
N ILE B 200 -25.39 -43.43 -0.13
CA ILE B 200 -24.54 -44.23 0.74
C ILE B 200 -23.39 -43.34 1.14
N LYS B 201 -23.35 -43.03 2.42
CA LYS B 201 -22.32 -42.17 2.97
C LYS B 201 -21.28 -43.02 3.68
N PHE B 202 -20.00 -42.66 3.49
CA PHE B 202 -18.89 -43.37 4.13
C PHE B 202 -18.36 -42.50 5.25
N GLU B 203 -18.21 -43.09 6.42
CA GLU B 203 -17.72 -42.35 7.56
C GLU B 203 -16.42 -43.00 7.99
N LYS B 204 -15.31 -42.29 7.84
CA LYS B 204 -14.02 -42.81 8.24
C LYS B 204 -13.58 -42.26 9.60
N LYS B 205 -13.18 -43.15 10.50
CA LYS B 205 -12.69 -42.73 11.80
C LYS B 205 -11.58 -43.67 12.24
N ALA B 206 -10.41 -43.09 12.46
CA ALA B 206 -9.25 -43.86 12.86
C ALA B 206 -9.45 -44.47 14.25
N GLY B 207 -8.62 -45.47 14.60
CA GLY B 207 -8.75 -46.18 15.82
C GLY B 207 -9.41 -47.52 15.47
N GLU B 208 -9.26 -48.51 16.34
CA GLU B 208 -9.89 -49.82 16.11
C GLU B 208 -9.26 -50.57 14.94
N GLY B 209 -9.92 -51.63 14.50
CA GLY B 209 -9.46 -52.43 13.40
C GLY B 209 -10.51 -52.33 12.31
N VAL B 210 -10.20 -52.80 11.11
CA VAL B 210 -11.16 -52.77 10.02
C VAL B 210 -12.30 -53.74 10.38
N GLU B 211 -12.03 -54.57 11.37
CA GLU B 211 -12.99 -55.56 11.86
C GLU B 211 -14.23 -54.90 12.45
N GLU B 212 -14.06 -53.67 12.93
CA GLU B 212 -15.12 -52.94 13.58
C GLU B 212 -15.98 -52.19 12.61
N SER B 213 -15.57 -52.10 11.36
CA SER B 213 -16.39 -51.39 10.39
C SER B 213 -17.81 -51.95 10.45
N GLU B 214 -18.80 -51.13 10.08
CA GLU B 214 -20.18 -51.57 10.15
C GLU B 214 -21.13 -50.72 9.32
N LEU B 215 -22.34 -51.23 9.14
CA LEU B 215 -23.38 -50.56 8.38
C LEU B 215 -24.44 -50.01 9.32
N VAL B 216 -24.57 -48.68 9.31
CA VAL B 216 -25.55 -47.99 10.14
C VAL B 216 -26.79 -47.82 9.27
N ARG B 217 -27.87 -48.54 9.58
CA ARG B 217 -29.09 -48.42 8.79
C ARG B 217 -29.76 -47.11 9.14
N GLY B 218 -29.02 -46.04 8.93
CA GLY B 218 -29.47 -44.70 9.21
C GLY B 218 -28.44 -43.69 8.74
N VAL B 219 -28.02 -42.78 9.61
CA VAL B 219 -27.04 -41.76 9.24
C VAL B 219 -26.14 -41.38 10.41
N VAL B 220 -24.89 -41.05 10.10
CA VAL B 220 -23.94 -40.62 11.12
C VAL B 220 -23.50 -39.21 10.74
N ILE B 221 -23.65 -38.30 11.68
CA ILE B 221 -23.29 -36.91 11.47
C ILE B 221 -22.16 -36.54 12.43
N ASP B 222 -21.31 -35.64 11.98
CA ASP B 222 -20.19 -35.18 12.80
C ASP B 222 -20.47 -33.84 13.46
N LYS B 223 -21.39 -33.84 14.42
CA LYS B 223 -21.75 -32.64 15.15
C LYS B 223 -22.08 -33.10 16.54
N GLU B 224 -22.31 -32.16 17.46
CA GLU B 224 -22.64 -32.50 18.83
C GLU B 224 -24.02 -31.97 19.16
N VAL B 225 -24.53 -32.28 20.34
CA VAL B 225 -25.82 -31.76 20.73
C VAL B 225 -25.46 -30.32 21.13
N VAL B 226 -26.16 -29.34 20.54
CA VAL B 226 -25.87 -27.93 20.78
C VAL B 226 -25.91 -27.35 22.19
N HIS B 227 -26.65 -27.98 23.11
CA HIS B 227 -26.77 -27.47 24.48
C HIS B 227 -26.45 -28.55 25.52
N PRO B 228 -25.73 -28.19 26.60
CA PRO B 228 -25.34 -29.10 27.68
C PRO B 228 -26.48 -29.80 28.39
N ARG B 229 -27.66 -29.20 28.41
CA ARG B 229 -28.81 -29.75 29.11
C ARG B 229 -29.81 -30.53 28.29
N MET B 230 -29.51 -30.82 27.03
CA MET B 230 -30.43 -31.57 26.18
C MET B 230 -30.12 -33.06 26.27
N PRO B 231 -31.09 -33.92 25.96
CA PRO B 231 -30.83 -35.35 26.02
C PRO B 231 -29.70 -35.74 25.09
N LYS B 232 -28.82 -36.63 25.54
CA LYS B 232 -27.71 -37.07 24.71
C LYS B 232 -28.09 -38.40 24.03
N ARG B 233 -29.26 -38.92 24.37
CA ARG B 233 -29.74 -40.17 23.83
C ARG B 233 -31.25 -40.23 23.88
N VAL B 234 -31.87 -40.39 22.73
CA VAL B 234 -33.31 -40.48 22.62
C VAL B 234 -33.70 -41.86 22.19
N GLU B 235 -34.82 -42.39 22.69
CA GLU B 235 -35.27 -43.74 22.36
C GLU B 235 -36.06 -43.84 21.07
N ASN B 236 -37.37 -43.77 21.15
CA ASN B 236 -38.12 -43.81 19.92
C ASN B 236 -38.30 -42.36 19.49
N ALA B 237 -37.39 -41.92 18.64
CA ALA B 237 -37.35 -40.53 18.22
C ALA B 237 -38.23 -40.14 17.03
N LYS B 238 -38.83 -38.97 17.21
CA LYS B 238 -39.65 -38.31 16.22
C LYS B 238 -38.76 -37.14 15.84
N ILE B 239 -38.15 -37.25 14.66
CA ILE B 239 -37.20 -36.28 14.16
C ILE B 239 -37.75 -35.20 13.25
N ALA B 240 -37.27 -33.98 13.48
CA ALA B 240 -37.71 -32.84 12.70
C ALA B 240 -36.55 -32.17 12.01
N LEU B 241 -36.68 -32.01 10.70
CA LEU B 241 -35.63 -31.36 9.93
C LEU B 241 -36.06 -29.93 9.59
N ILE B 242 -35.49 -28.97 10.29
CA ILE B 242 -35.80 -27.56 10.10
C ILE B 242 -34.69 -26.83 9.38
N ASN B 243 -34.99 -26.31 8.19
CA ASN B 243 -33.98 -25.58 7.44
C ASN B 243 -34.27 -24.09 7.52
N GLU B 244 -34.48 -23.63 8.75
CA GLU B 244 -34.75 -22.23 8.99
C GLU B 244 -33.91 -21.88 10.18
N ALA B 245 -33.56 -20.60 10.30
CA ALA B 245 -32.74 -20.18 11.40
C ALA B 245 -33.57 -19.93 12.64
N LEU B 246 -33.29 -20.69 13.68
CA LEU B 246 -33.99 -20.54 14.94
C LEU B 246 -33.39 -19.34 15.65
N GLU B 247 -33.61 -18.16 15.08
CA GLU B 247 -33.12 -16.93 15.65
C GLU B 247 -33.97 -15.71 15.27
N VAL B 248 -33.83 -14.64 16.04
CA VAL B 248 -34.60 -13.42 15.86
C VAL B 248 -34.69 -12.88 14.44
N LYS B 249 -35.77 -13.19 13.73
CA LYS B 249 -35.93 -12.70 12.37
C LYS B 249 -35.81 -11.18 12.30
N LYS B 250 -35.48 -10.67 11.13
CA LYS B 250 -35.34 -9.23 10.93
C LYS B 250 -35.95 -8.88 9.60
N THR B 251 -36.47 -7.67 9.46
CA THR B 251 -37.10 -7.25 8.22
C THR B 251 -36.13 -7.00 7.09
N GLU B 252 -36.60 -7.19 5.88
CA GLU B 252 -35.77 -6.97 4.71
C GLU B 252 -35.52 -5.48 4.60
N THR B 253 -36.52 -4.70 4.96
CA THR B 253 -36.41 -3.25 4.91
C THR B 253 -35.59 -2.83 6.11
N ASP B 254 -34.53 -2.07 5.84
CA ASP B 254 -33.64 -1.61 6.89
C ASP B 254 -34.40 -1.06 8.08
N ALA B 255 -34.02 -1.48 9.28
CA ALA B 255 -34.71 -1.01 10.47
C ALA B 255 -33.86 -1.01 11.73
N LYS B 256 -34.12 -0.04 12.60
CA LYS B 256 -33.40 0.10 13.87
C LYS B 256 -34.39 0.51 14.97
N ILE B 257 -34.07 0.17 16.22
CA ILE B 257 -34.90 0.48 17.38
C ILE B 257 -34.46 1.73 18.15
N ASN B 258 -35.40 2.63 18.42
CA ASN B 258 -35.10 3.87 19.15
C ASN B 258 -35.53 3.85 20.60
N ILE B 259 -34.75 3.24 21.49
CA ILE B 259 -35.13 3.22 22.89
C ILE B 259 -35.30 4.67 23.36
N THR B 260 -36.45 4.96 23.95
CA THR B 260 -36.74 6.31 24.42
C THR B 260 -36.96 6.37 25.92
N SER B 261 -37.09 5.21 26.56
CA SER B 261 -37.28 5.17 28.01
C SER B 261 -36.81 3.85 28.62
N PRO B 262 -36.22 3.91 29.81
CA PRO B 262 -35.67 2.79 30.57
C PRO B 262 -36.47 1.49 30.63
N ASP B 263 -37.79 1.59 30.80
CA ASP B 263 -38.59 0.38 30.87
C ASP B 263 -38.47 -0.39 29.56
N GLN B 264 -38.18 0.32 28.46
CA GLN B 264 -38.05 -0.28 27.13
C GLN B 264 -36.91 -1.27 26.89
N LEU B 265 -35.82 -1.15 27.62
CA LEU B 265 -34.71 -2.08 27.43
C LEU B 265 -35.17 -3.50 27.71
N MET B 266 -36.01 -3.66 28.72
CA MET B 266 -36.53 -4.96 29.10
C MET B 266 -37.64 -5.46 28.18
N SER B 267 -38.55 -4.58 27.81
CA SER B 267 -39.66 -4.97 26.96
C SER B 267 -39.21 -5.53 25.62
N PHE B 268 -38.19 -4.93 25.02
CA PHE B 268 -37.69 -5.40 23.72
C PHE B 268 -36.97 -6.74 23.83
N LEU B 269 -36.17 -6.90 24.88
CA LEU B 269 -35.48 -8.16 25.06
C LEU B 269 -36.50 -9.27 25.20
N GLU B 270 -37.53 -8.99 25.97
CA GLU B 270 -38.59 -9.96 26.18
C GLU B 270 -39.35 -10.23 24.89
N GLN B 271 -39.63 -9.18 24.13
CA GLN B 271 -40.36 -9.32 22.87
C GLN B 271 -39.65 -10.30 21.95
N GLU B 272 -38.33 -10.33 22.01
CA GLU B 272 -37.56 -11.24 21.18
C GLU B 272 -37.54 -12.63 21.79
N GLU B 273 -37.45 -12.72 23.12
CA GLU B 273 -37.46 -14.03 23.78
C GLU B 273 -38.73 -14.73 23.38
N LYS B 274 -39.79 -13.95 23.22
CA LYS B 274 -41.09 -14.49 22.85
C LYS B 274 -41.02 -15.04 21.44
N MET B 275 -40.54 -14.22 20.50
CA MET B 275 -40.42 -14.65 19.12
C MET B 275 -39.64 -15.93 19.03
N LEU B 276 -38.58 -16.01 19.83
CA LEU B 276 -37.72 -17.17 19.87
C LEU B 276 -38.48 -18.35 20.46
N LYS B 277 -39.10 -18.14 21.61
CA LYS B 277 -39.85 -19.21 22.26
C LYS B 277 -41.08 -19.65 21.48
N ASP B 278 -41.59 -18.79 20.61
CA ASP B 278 -42.76 -19.14 19.81
C ASP B 278 -42.38 -20.13 18.71
N MET B 279 -41.13 -20.04 18.25
CA MET B 279 -40.64 -20.94 17.21
C MET B 279 -40.37 -22.28 17.87
N VAL B 280 -39.66 -22.26 18.98
CA VAL B 280 -39.36 -23.48 19.70
C VAL B 280 -40.65 -24.22 20.04
N ASP B 281 -41.71 -23.47 20.34
CA ASP B 281 -43.01 -24.07 20.67
C ASP B 281 -43.58 -24.78 19.47
N HIS B 282 -43.67 -24.08 18.35
CA HIS B 282 -44.18 -24.66 17.11
C HIS B 282 -43.57 -26.03 16.85
N ILE B 283 -42.32 -26.18 17.25
CA ILE B 283 -41.61 -27.43 17.04
C ILE B 283 -42.02 -28.46 18.10
N ALA B 284 -42.01 -28.08 19.37
CA ALA B 284 -42.38 -29.01 20.45
C ALA B 284 -43.79 -29.59 20.31
N GLN B 285 -44.74 -28.78 19.86
CA GLN B 285 -46.12 -29.21 19.67
C GLN B 285 -46.29 -30.40 18.77
N THR B 286 -45.43 -30.52 17.76
CA THR B 286 -45.53 -31.63 16.82
C THR B 286 -45.18 -32.96 17.48
N GLY B 287 -44.58 -32.89 18.66
CA GLY B 287 -44.21 -34.11 19.35
C GLY B 287 -42.75 -34.45 19.16
N ALA B 288 -42.09 -33.70 18.28
CA ALA B 288 -40.68 -33.91 17.99
C ALA B 288 -39.79 -33.82 19.23
N ASN B 289 -38.84 -34.74 19.35
CA ASN B 289 -37.92 -34.76 20.51
C ASN B 289 -36.45 -34.73 20.07
N VAL B 290 -36.26 -34.53 18.77
CA VAL B 290 -34.94 -34.47 18.15
C VAL B 290 -35.06 -33.51 16.95
N VAL B 291 -34.27 -32.44 16.96
CA VAL B 291 -34.30 -31.48 15.87
C VAL B 291 -32.95 -31.21 15.23
N PHE B 292 -32.93 -31.28 13.90
CA PHE B 292 -31.73 -31.02 13.14
C PHE B 292 -32.01 -29.74 12.38
N VAL B 293 -31.30 -28.67 12.72
CA VAL B 293 -31.46 -27.38 12.07
C VAL B 293 -30.27 -27.09 11.15
N GLN B 294 -30.55 -26.66 9.92
CA GLN B 294 -29.53 -26.35 8.95
C GLN B 294 -28.79 -25.06 9.27
N LYS B 295 -29.52 -24.05 9.75
CA LYS B 295 -28.94 -22.77 10.09
C LYS B 295 -28.58 -22.73 11.56
N GLY B 296 -28.46 -21.52 12.12
CA GLY B 296 -28.09 -21.38 13.51
C GLY B 296 -29.20 -21.48 14.53
N ILE B 297 -28.84 -21.53 15.80
CA ILE B 297 -29.83 -21.63 16.86
C ILE B 297 -29.48 -20.71 18.03
N ASP B 298 -30.15 -19.56 18.09
CA ASP B 298 -29.93 -18.57 19.16
C ASP B 298 -29.77 -19.25 20.51
N ASP B 299 -29.08 -18.62 21.45
CA ASP B 299 -28.87 -19.23 22.77
C ASP B 299 -30.15 -19.45 23.58
N LEU B 300 -31.11 -18.55 23.44
CA LEU B 300 -32.35 -18.68 24.17
C LEU B 300 -33.15 -19.80 23.57
N ALA B 301 -33.29 -19.78 22.25
CA ALA B 301 -34.02 -20.83 21.55
C ALA B 301 -33.50 -22.18 22.01
N GLN B 302 -32.19 -22.26 22.24
CA GLN B 302 -31.55 -23.49 22.70
C GLN B 302 -32.04 -23.85 24.09
N HIS B 303 -32.22 -22.82 24.92
CA HIS B 303 -32.67 -23.04 26.29
C HIS B 303 -34.07 -23.60 26.37
N TYR B 304 -34.99 -23.04 25.60
CA TYR B 304 -36.36 -23.52 25.62
C TYR B 304 -36.40 -24.94 25.08
N LEU B 305 -35.62 -25.23 24.04
CA LEU B 305 -35.56 -26.57 23.46
C LEU B 305 -35.08 -27.58 24.49
N ALA B 306 -34.17 -27.14 25.35
CA ALA B 306 -33.63 -28.00 26.39
C ALA B 306 -34.69 -28.28 27.45
N LYS B 307 -35.49 -27.27 27.79
CA LYS B 307 -36.54 -27.43 28.79
C LYS B 307 -37.60 -28.42 28.37
N TYR B 308 -37.93 -28.44 27.09
CA TYR B 308 -38.91 -29.38 26.59
C TYR B 308 -38.29 -30.77 26.43
N GLY B 309 -37.02 -30.90 26.81
CA GLY B 309 -36.36 -32.20 26.69
C GLY B 309 -36.05 -32.60 25.26
N ILE B 310 -35.97 -31.62 24.38
CA ILE B 310 -35.68 -31.84 22.97
C ILE B 310 -34.16 -31.79 22.70
N MET B 311 -33.67 -32.73 21.89
CA MET B 311 -32.26 -32.77 21.54
C MET B 311 -32.15 -32.09 20.19
N ALA B 312 -31.32 -31.05 20.11
CA ALA B 312 -31.15 -30.32 18.87
C ALA B 312 -29.70 -30.13 18.46
N VAL B 313 -29.49 -30.02 17.15
CA VAL B 313 -28.16 -29.82 16.59
C VAL B 313 -28.28 -28.72 15.56
N ARG B 314 -27.26 -27.88 15.47
CA ARG B 314 -27.28 -26.79 14.52
C ARG B 314 -26.20 -26.89 13.48
N ARG B 315 -26.22 -25.96 12.52
CA ARG B 315 -25.26 -25.92 11.44
C ARG B 315 -25.08 -27.32 10.85
N VAL B 316 -26.17 -27.91 10.40
CA VAL B 316 -26.12 -29.23 9.80
C VAL B 316 -25.93 -29.05 8.30
N LYS B 317 -24.92 -29.71 7.76
CA LYS B 317 -24.62 -29.62 6.35
C LYS B 317 -25.86 -29.94 5.51
N LYS B 318 -26.06 -29.16 4.46
CA LYS B 318 -27.20 -29.36 3.56
C LYS B 318 -27.28 -30.80 3.09
N SER B 319 -26.14 -31.35 2.66
CA SER B 319 -26.08 -32.73 2.19
C SER B 319 -26.44 -33.72 3.30
N ASP B 320 -26.21 -33.33 4.55
CA ASP B 320 -26.52 -34.18 5.70
C ASP B 320 -28.01 -34.19 6.00
N MET B 321 -28.65 -33.04 5.79
CA MET B 321 -30.08 -32.91 6.03
C MET B 321 -30.81 -33.87 5.13
N GLU B 322 -30.48 -33.83 3.84
CA GLU B 322 -31.12 -34.70 2.87
C GLU B 322 -30.94 -36.19 3.16
N LYS B 323 -29.77 -36.59 3.62
CA LYS B 323 -29.55 -37.99 3.96
C LYS B 323 -30.42 -38.35 5.15
N LEU B 324 -30.67 -37.38 6.03
CA LEU B 324 -31.51 -37.59 7.19
C LEU B 324 -32.96 -37.67 6.72
N ALA B 325 -33.28 -36.89 5.70
CA ALA B 325 -34.62 -36.92 5.15
C ALA B 325 -34.89 -38.36 4.72
N LYS B 326 -34.05 -38.85 3.80
CA LYS B 326 -34.18 -40.21 3.29
C LYS B 326 -34.05 -41.32 4.31
N ALA B 327 -33.13 -41.17 5.26
CA ALA B 327 -32.91 -42.20 6.27
C ALA B 327 -34.02 -42.39 7.29
N THR B 328 -34.60 -41.28 7.77
CA THR B 328 -35.65 -41.30 8.79
C THR B 328 -37.06 -41.15 8.27
N GLY B 329 -37.20 -40.61 7.06
CA GLY B 329 -38.52 -40.43 6.49
C GLY B 329 -39.14 -39.11 6.87
N ALA B 330 -38.35 -38.21 7.45
CA ALA B 330 -38.81 -36.90 7.86
C ALA B 330 -38.78 -35.97 6.67
N LYS B 331 -39.49 -34.85 6.77
CA LYS B 331 -39.51 -33.90 5.68
C LYS B 331 -38.82 -32.64 6.13
N ILE B 332 -38.12 -32.02 5.19
CA ILE B 332 -37.40 -30.78 5.47
C ILE B 332 -38.36 -29.62 5.41
N VAL B 333 -38.39 -28.82 6.48
CA VAL B 333 -39.28 -27.67 6.56
C VAL B 333 -38.52 -26.35 6.57
N THR B 334 -39.08 -25.37 5.88
CA THR B 334 -38.51 -24.04 5.76
C THR B 334 -39.11 -23.05 6.75
N ASN B 335 -40.33 -23.33 7.19
CA ASN B 335 -41.05 -22.47 8.14
C ASN B 335 -41.51 -23.30 9.33
N VAL B 336 -41.07 -22.95 10.53
CA VAL B 336 -41.49 -23.72 11.71
C VAL B 336 -42.99 -23.61 11.94
N LYS B 337 -43.59 -22.53 11.46
CA LYS B 337 -45.03 -22.33 11.63
C LYS B 337 -45.87 -23.42 10.98
N ASP B 338 -45.34 -24.06 9.95
CA ASP B 338 -46.07 -25.12 9.24
C ASP B 338 -45.56 -26.53 9.51
N LEU B 339 -44.83 -26.71 10.60
CA LEU B 339 -44.33 -28.03 10.93
C LEU B 339 -45.50 -28.82 11.50
N THR B 340 -45.75 -30.00 10.95
CA THR B 340 -46.85 -30.84 11.41
C THR B 340 -46.25 -32.17 11.84
N PRO B 341 -46.96 -32.97 12.66
CA PRO B 341 -46.34 -34.24 13.06
C PRO B 341 -46.10 -35.16 11.87
N GLU B 342 -46.77 -34.88 10.75
CA GLU B 342 -46.63 -35.69 9.54
C GLU B 342 -45.28 -35.44 8.88
N ASP B 343 -44.59 -34.41 9.35
CA ASP B 343 -43.29 -34.05 8.81
C ASP B 343 -42.15 -34.66 9.61
N LEU B 344 -42.47 -35.28 10.74
CA LEU B 344 -41.43 -35.88 11.57
C LEU B 344 -41.04 -37.24 11.02
N GLY B 345 -39.83 -37.69 11.36
CA GLY B 345 -39.33 -38.97 10.88
C GLY B 345 -38.98 -39.85 12.06
N TYR B 346 -38.80 -41.14 11.81
CA TYR B 346 -38.49 -42.07 12.90
C TYR B 346 -37.08 -42.62 12.89
N ALA B 347 -36.63 -43.00 14.08
CA ALA B 347 -35.31 -43.58 14.29
C ALA B 347 -35.36 -44.36 15.58
N GLU B 348 -34.88 -45.60 15.53
CA GLU B 348 -34.88 -46.49 16.68
C GLU B 348 -34.03 -45.94 17.85
N VAL B 349 -32.98 -45.21 17.51
CA VAL B 349 -32.09 -44.59 18.50
C VAL B 349 -31.35 -43.43 17.83
N VAL B 350 -31.22 -42.33 18.56
CA VAL B 350 -30.49 -41.14 18.09
C VAL B 350 -29.62 -40.76 19.28
N GLU B 351 -28.33 -41.01 19.18
CA GLU B 351 -27.44 -40.75 20.31
C GLU B 351 -26.08 -40.14 19.97
N GLU B 352 -25.50 -39.45 20.94
CA GLU B 352 -24.20 -38.81 20.77
C GLU B 352 -23.14 -39.69 21.40
N ARG B 353 -22.22 -40.19 20.57
CA ARG B 353 -21.15 -41.05 21.04
C ARG B 353 -19.78 -40.43 20.78
N LYS B 354 -18.85 -40.67 21.69
CA LYS B 354 -17.51 -40.13 21.55
C LYS B 354 -16.64 -41.17 20.85
N LEU B 355 -16.64 -41.12 19.53
CA LEU B 355 -15.89 -42.05 18.70
C LEU B 355 -14.48 -41.55 18.37
N ALA B 356 -13.48 -42.21 18.96
CA ALA B 356 -12.09 -41.84 18.75
C ALA B 356 -11.84 -40.39 19.14
N GLY B 357 -12.19 -40.05 20.38
CA GLY B 357 -12.01 -38.69 20.87
C GLY B 357 -13.01 -37.67 20.34
N GLU B 358 -13.63 -37.97 19.20
CA GLU B 358 -14.60 -37.09 18.56
C GLU B 358 -16.04 -37.34 19.01
N ASN B 359 -16.90 -36.37 18.76
CA ASN B 359 -18.30 -36.51 19.10
C ASN B 359 -19.09 -36.59 17.84
N MET B 360 -19.95 -37.59 17.77
CA MET B 360 -20.77 -37.80 16.60
C MET B 360 -22.17 -38.15 17.02
N ILE B 361 -23.11 -37.93 16.12
CA ILE B 361 -24.49 -38.26 16.42
C ILE B 361 -24.90 -39.39 15.50
N PHE B 362 -25.36 -40.49 16.08
CA PHE B 362 -25.78 -41.64 15.29
C PHE B 362 -27.29 -41.69 15.18
N VAL B 363 -27.79 -41.76 13.95
CA VAL B 363 -29.21 -41.87 13.75
C VAL B 363 -29.34 -43.28 13.17
N GLU B 364 -29.60 -44.24 14.04
CA GLU B 364 -29.70 -45.65 13.64
C GLU B 364 -31.04 -46.31 13.94
N GLY B 365 -31.27 -47.46 13.32
CA GLY B 365 -32.51 -48.18 13.54
C GLY B 365 -33.67 -47.66 12.73
N CYS B 366 -33.37 -46.83 11.74
CA CYS B 366 -34.42 -46.27 10.92
C CYS B 366 -35.33 -47.33 10.33
N LYS B 367 -36.55 -46.92 9.92
CA LYS B 367 -37.60 -47.83 9.39
C LYS B 367 -37.15 -48.62 8.19
N ASN B 368 -37.34 -47.99 7.04
CA ASN B 368 -36.82 -48.49 5.78
C ASN B 368 -36.09 -47.22 5.31
N PRO B 369 -34.79 -47.19 5.65
CA PRO B 369 -33.90 -46.15 5.15
C PRO B 369 -33.60 -46.14 3.65
N LYS B 370 -33.73 -44.96 3.04
CA LYS B 370 -33.48 -44.78 1.62
C LYS B 370 -32.08 -44.21 1.41
N ALA B 371 -31.38 -44.02 2.52
CA ALA B 371 -30.03 -43.52 2.54
C ALA B 371 -29.44 -44.13 3.79
N VAL B 372 -28.27 -44.74 3.66
CA VAL B 372 -27.62 -45.39 4.79
C VAL B 372 -26.14 -44.98 4.87
N THR B 373 -25.46 -45.34 5.96
CA THR B 373 -24.06 -44.97 6.15
C THR B 373 -23.20 -46.19 6.52
N ILE B 374 -21.96 -46.20 6.03
CA ILE B 374 -21.03 -47.29 6.37
C ILE B 374 -19.90 -46.68 7.20
N LEU B 375 -19.75 -47.14 8.43
CA LEU B 375 -18.71 -46.65 9.30
C LEU B 375 -17.44 -47.49 9.20
N ILE B 376 -16.35 -46.85 8.74
CA ILE B 376 -15.06 -47.53 8.58
C ILE B 376 -14.09 -47.25 9.75
N ARG B 377 -13.47 -48.31 10.25
CA ARG B 377 -12.52 -48.19 11.36
C ARG B 377 -11.17 -48.75 10.89
N GLY B 378 -10.08 -48.34 11.53
CA GLY B 378 -8.77 -48.83 11.13
C GLY B 378 -7.66 -48.16 11.90
N GLY B 379 -6.56 -48.87 12.11
CA GLY B 379 -5.44 -48.33 12.85
C GLY B 379 -4.85 -47.02 12.36
N THR B 380 -4.65 -46.88 11.05
CA THR B 380 -4.07 -45.65 10.54
C THR B 380 -4.97 -44.91 9.60
N GLU B 381 -4.59 -43.69 9.27
CA GLU B 381 -5.34 -42.85 8.36
C GLU B 381 -5.30 -43.47 6.98
N HIS B 382 -4.19 -44.12 6.65
CA HIS B 382 -4.00 -44.76 5.35
C HIS B 382 -4.82 -46.01 5.22
N VAL B 383 -4.86 -46.82 6.28
CA VAL B 383 -5.67 -48.04 6.29
C VAL B 383 -7.10 -47.68 5.88
N ILE B 384 -7.66 -46.73 6.60
CA ILE B 384 -9.01 -46.22 6.39
C ILE B 384 -9.27 -45.78 4.95
N ASP B 385 -8.48 -44.83 4.46
CA ASP B 385 -8.66 -44.31 3.11
C ASP B 385 -8.70 -45.36 2.01
N GLU B 386 -7.91 -46.43 2.17
CA GLU B 386 -7.86 -47.50 1.17
C GLU B 386 -9.08 -48.42 1.32
N VAL B 387 -9.45 -48.73 2.55
CA VAL B 387 -10.62 -49.57 2.82
C VAL B 387 -11.80 -48.86 2.19
N GLU B 388 -11.86 -47.55 2.36
CA GLU B 388 -12.94 -46.75 1.80
C GLU B 388 -12.93 -46.86 0.28
N ARG B 389 -11.73 -46.86 -0.32
CA ARG B 389 -11.58 -46.96 -1.77
C ARG B 389 -12.05 -48.31 -2.29
N ALA B 390 -11.76 -49.36 -1.54
CA ALA B 390 -12.18 -50.69 -1.91
C ALA B 390 -13.71 -50.71 -1.94
N LEU B 391 -14.31 -50.26 -0.84
CA LEU B 391 -15.76 -50.22 -0.69
C LEU B 391 -16.46 -49.45 -1.80
N GLU B 392 -15.85 -48.37 -2.27
CA GLU B 392 -16.47 -47.58 -3.31
C GLU B 392 -16.56 -48.35 -4.61
N ASP B 393 -15.65 -49.28 -4.80
CA ASP B 393 -15.67 -50.09 -6.01
C ASP B 393 -16.61 -51.26 -5.75
N ALA B 394 -16.56 -51.79 -4.53
CA ALA B 394 -17.42 -52.90 -4.11
C ALA B 394 -18.87 -52.50 -4.24
N VAL B 395 -19.16 -51.25 -3.90
CA VAL B 395 -20.50 -50.72 -3.99
C VAL B 395 -20.88 -50.42 -5.44
N LYS B 396 -19.92 -49.95 -6.22
CA LYS B 396 -20.18 -49.60 -7.61
C LYS B 396 -20.44 -50.83 -8.50
N VAL B 397 -19.82 -51.96 -8.15
CA VAL B 397 -19.97 -53.19 -8.92
C VAL B 397 -21.29 -53.87 -8.59
N VAL B 398 -21.59 -53.97 -7.30
CA VAL B 398 -22.84 -54.56 -6.86
C VAL B 398 -23.97 -53.80 -7.54
N LYS B 399 -23.73 -52.51 -7.77
CA LYS B 399 -24.72 -51.66 -8.42
C LYS B 399 -24.87 -52.02 -9.89
N ASP B 400 -23.76 -52.37 -10.52
CA ASP B 400 -23.76 -52.74 -11.93
C ASP B 400 -24.58 -53.99 -12.17
N VAL B 401 -24.42 -54.95 -11.28
CA VAL B 401 -25.13 -56.21 -11.41
C VAL B 401 -26.62 -56.06 -11.15
N MET B 402 -26.98 -55.33 -10.11
CA MET B 402 -28.38 -55.14 -9.82
C MET B 402 -29.09 -54.41 -10.95
N GLU B 403 -28.38 -53.55 -11.68
CA GLU B 403 -29.00 -52.83 -12.77
C GLU B 403 -28.91 -53.60 -14.08
N ASP B 404 -27.80 -54.30 -14.28
CA ASP B 404 -27.56 -55.07 -15.51
C ASP B 404 -27.99 -56.52 -15.46
N GLY B 405 -27.79 -57.17 -14.33
CA GLY B 405 -28.17 -58.56 -14.18
C GLY B 405 -27.38 -59.45 -15.12
N ALA B 406 -26.09 -59.16 -15.22
CA ALA B 406 -25.18 -59.92 -16.09
C ALA B 406 -23.75 -59.85 -15.57
N VAL B 407 -23.13 -61.00 -15.29
CA VAL B 407 -21.75 -61.01 -14.83
C VAL B 407 -20.81 -61.68 -15.85
N LEU B 408 -19.54 -61.81 -15.47
CA LEU B 408 -18.51 -62.43 -16.30
C LEU B 408 -17.43 -63.05 -15.42
N PRO B 409 -16.62 -63.96 -15.98
CA PRO B 409 -15.56 -64.57 -15.17
C PRO B 409 -14.37 -63.60 -15.15
N ALA B 410 -13.51 -63.73 -14.15
CA ALA B 410 -12.35 -62.84 -14.04
C ALA B 410 -11.01 -63.44 -14.53
N GLY B 411 -9.92 -62.92 -13.98
CA GLY B 411 -8.59 -63.39 -14.32
C GLY B 411 -8.24 -63.34 -15.79
N GLY B 412 -8.72 -62.32 -16.51
CA GLY B 412 -8.41 -62.24 -17.92
C GLY B 412 -9.23 -63.15 -18.80
N ALA B 413 -10.11 -63.93 -18.18
CA ALA B 413 -10.97 -64.85 -18.92
C ALA B 413 -11.68 -64.16 -20.07
N PRO B 414 -12.34 -63.00 -19.82
CA PRO B 414 -13.04 -62.31 -20.89
C PRO B 414 -12.15 -61.82 -22.02
N GLU B 415 -10.95 -61.36 -21.63
CA GLU B 415 -9.99 -60.84 -22.60
C GLU B 415 -9.38 -61.93 -23.47
N ILE B 416 -9.19 -63.11 -22.90
CA ILE B 416 -8.65 -64.25 -23.64
C ILE B 416 -9.70 -64.67 -24.64
N GLU B 417 -10.93 -64.76 -24.17
CA GLU B 417 -12.08 -65.13 -24.99
C GLU B 417 -12.17 -64.16 -26.14
N LEU B 418 -12.08 -62.88 -25.81
CA LEU B 418 -12.15 -61.82 -26.81
C LEU B 418 -10.97 -61.92 -27.77
N ALA B 419 -9.80 -62.21 -27.21
CA ALA B 419 -8.59 -62.34 -27.99
C ALA B 419 -8.79 -63.39 -29.04
N ILE B 420 -9.09 -64.60 -28.58
CA ILE B 420 -9.32 -65.73 -29.47
C ILE B 420 -10.39 -65.45 -30.51
N ARG B 421 -11.57 -65.06 -30.07
CA ARG B 421 -12.66 -64.81 -30.99
C ARG B 421 -12.40 -63.63 -31.94
N LEU B 422 -11.76 -62.58 -31.45
CA LEU B 422 -11.50 -61.42 -32.29
C LEU B 422 -10.49 -61.67 -33.40
N ASP B 423 -9.59 -62.62 -33.18
CA ASP B 423 -8.59 -62.96 -34.19
C ASP B 423 -9.29 -63.62 -35.37
N GLU B 424 -10.31 -64.43 -35.07
CA GLU B 424 -11.10 -65.10 -36.08
C GLU B 424 -11.75 -64.00 -36.90
N TYR B 425 -12.46 -63.13 -36.20
CA TYR B 425 -13.17 -62.03 -36.82
C TYR B 425 -12.27 -61.26 -37.77
N ALA B 426 -10.97 -61.26 -37.48
CA ALA B 426 -9.99 -60.57 -38.30
C ALA B 426 -9.86 -61.18 -39.71
N LYS B 427 -9.63 -62.49 -39.75
CA LYS B 427 -9.50 -63.19 -41.04
C LYS B 427 -10.74 -62.93 -41.88
N GLN B 428 -11.90 -62.90 -41.23
CA GLN B 428 -13.16 -62.65 -41.93
C GLN B 428 -13.19 -61.28 -42.59
N VAL B 429 -12.74 -60.26 -41.87
CA VAL B 429 -12.72 -58.91 -42.41
C VAL B 429 -11.66 -58.89 -43.47
N GLY B 430 -10.48 -59.40 -43.11
CA GLY B 430 -9.37 -59.46 -44.04
C GLY B 430 -8.90 -58.11 -44.57
N GLY B 431 -7.81 -58.14 -45.33
CA GLY B 431 -7.26 -56.93 -45.88
C GLY B 431 -6.33 -56.31 -44.87
N LYS B 432 -6.02 -55.02 -45.05
CA LYS B 432 -5.14 -54.35 -44.10
C LYS B 432 -5.87 -54.27 -42.74
N GLU B 433 -7.18 -54.03 -42.79
CA GLU B 433 -8.02 -53.94 -41.60
C GLU B 433 -7.83 -55.11 -40.67
N ALA B 434 -7.68 -56.30 -41.24
CA ALA B 434 -7.50 -57.49 -40.43
C ALA B 434 -6.24 -57.44 -39.59
N LEU B 435 -5.23 -56.73 -40.07
CA LEU B 435 -3.97 -56.61 -39.33
C LEU B 435 -4.24 -55.82 -38.06
N ALA B 436 -5.03 -54.77 -38.20
CA ALA B 436 -5.42 -53.93 -37.07
C ALA B 436 -6.23 -54.73 -36.07
N ILE B 437 -7.26 -55.43 -36.59
CA ILE B 437 -8.14 -56.27 -35.79
C ILE B 437 -7.38 -57.38 -35.09
N GLU B 438 -6.36 -57.91 -35.77
CA GLU B 438 -5.53 -58.99 -35.23
C GLU B 438 -4.71 -58.48 -34.07
N ASN B 439 -4.21 -57.26 -34.22
CA ASN B 439 -3.37 -56.59 -33.21
C ASN B 439 -4.15 -56.19 -31.98
N PHE B 440 -5.36 -55.68 -32.21
CA PHE B 440 -6.28 -55.23 -31.16
C PHE B 440 -6.59 -56.44 -30.28
N ALA B 441 -6.81 -57.57 -30.93
CA ALA B 441 -7.10 -58.82 -30.27
C ALA B 441 -5.90 -59.26 -29.44
N ASP B 442 -4.70 -59.13 -29.99
CA ASP B 442 -3.49 -59.52 -29.29
C ASP B 442 -3.32 -58.62 -28.08
N ALA B 443 -3.47 -57.32 -28.31
CA ALA B 443 -3.34 -56.32 -27.27
C ALA B 443 -4.08 -56.72 -26.00
N LEU B 444 -5.34 -57.11 -26.12
CA LEU B 444 -6.17 -57.50 -24.98
C LEU B 444 -5.53 -58.53 -24.05
N LYS B 445 -4.39 -59.08 -24.46
CA LYS B 445 -3.73 -60.09 -23.64
C LYS B 445 -2.87 -59.54 -22.51
N ILE B 446 -2.64 -58.24 -22.44
CA ILE B 446 -1.79 -57.72 -21.37
C ILE B 446 -2.45 -57.94 -20.03
N ILE B 447 -3.77 -58.13 -20.06
CA ILE B 447 -4.49 -58.34 -18.82
C ILE B 447 -4.05 -59.66 -18.21
N PRO B 448 -4.16 -60.77 -18.96
CA PRO B 448 -3.74 -62.05 -18.37
C PRO B 448 -2.23 -61.94 -18.16
N LYS B 449 -1.57 -61.40 -19.18
CA LYS B 449 -0.13 -61.19 -19.22
C LYS B 449 0.39 -60.50 -17.95
N THR B 450 -0.03 -59.26 -17.73
CA THR B 450 0.44 -58.53 -16.57
C THR B 450 -0.13 -59.07 -15.25
N LEU B 451 -1.16 -59.89 -15.32
CA LEU B 451 -1.74 -60.46 -14.09
C LEU B 451 -0.76 -61.51 -13.57
N ALA B 452 -0.25 -62.31 -14.49
CA ALA B 452 0.71 -63.37 -14.17
C ALA B 452 2.04 -62.77 -13.78
N GLU B 453 2.41 -61.70 -14.49
CA GLU B 453 3.64 -60.98 -14.24
C GLU B 453 3.75 -60.45 -12.82
N ASN B 454 2.78 -59.64 -12.41
CA ASN B 454 2.78 -59.08 -11.07
C ASN B 454 2.72 -60.14 -10.00
N ALA B 455 2.21 -61.31 -10.37
CA ALA B 455 2.09 -62.43 -9.45
C ALA B 455 3.43 -63.15 -9.27
N GLY B 456 4.36 -62.91 -10.19
CA GLY B 456 5.67 -63.52 -10.14
C GLY B 456 5.78 -64.82 -10.94
N LEU B 457 4.82 -65.03 -11.82
CA LEU B 457 4.76 -66.23 -12.64
C LEU B 457 5.46 -66.07 -13.96
N ASP B 458 5.68 -67.19 -14.65
CA ASP B 458 6.34 -67.16 -15.94
C ASP B 458 5.41 -66.66 -17.04
N THR B 459 5.33 -65.34 -17.19
CA THR B 459 4.51 -64.74 -18.22
C THR B 459 4.36 -65.59 -19.47
N VAL B 460 5.41 -65.64 -20.29
CA VAL B 460 5.42 -66.38 -21.55
C VAL B 460 4.75 -67.76 -21.53
N GLU B 461 5.21 -68.60 -20.61
CA GLU B 461 4.72 -69.96 -20.45
C GLU B 461 3.30 -70.01 -19.91
N MET B 462 3.09 -69.30 -18.82
CA MET B 462 1.78 -69.23 -18.19
C MET B 462 0.71 -68.71 -19.14
N LEU B 463 1.10 -67.90 -20.13
CA LEU B 463 0.12 -67.34 -21.06
C LEU B 463 -0.18 -68.36 -22.14
N VAL B 464 0.69 -69.35 -22.28
CA VAL B 464 0.52 -70.39 -23.27
C VAL B 464 -0.49 -71.40 -22.74
N LYS B 465 -0.38 -71.74 -21.45
CA LYS B 465 -1.28 -72.68 -20.81
C LYS B 465 -2.70 -72.13 -20.75
N VAL B 466 -2.85 -70.84 -20.48
CA VAL B 466 -4.17 -70.23 -20.36
C VAL B 466 -4.89 -70.05 -21.69
N ILE B 467 -4.18 -69.67 -22.74
CA ILE B 467 -4.85 -69.51 -24.01
C ILE B 467 -5.25 -70.89 -24.52
N SER B 468 -4.63 -71.91 -23.95
CA SER B 468 -4.91 -73.30 -24.31
C SER B 468 -6.13 -73.78 -23.55
N GLU B 469 -5.98 -73.98 -22.23
CA GLU B 469 -7.08 -74.43 -21.37
C GLU B 469 -8.40 -73.80 -21.76
N HIS B 470 -8.35 -72.52 -22.10
CA HIS B 470 -9.52 -71.76 -22.51
C HIS B 470 -10.06 -72.29 -23.82
N LYS B 471 -9.19 -72.51 -24.79
CA LYS B 471 -9.60 -73.04 -26.09
C LYS B 471 -10.21 -74.43 -25.87
N ASN B 472 -9.72 -75.12 -24.84
CA ASN B 472 -10.21 -76.47 -24.55
C ASN B 472 -11.44 -76.44 -23.67
N ARG B 473 -11.24 -75.99 -22.44
CA ARG B 473 -12.28 -75.94 -21.44
C ARG B 473 -13.35 -74.86 -21.58
N GLY B 474 -13.00 -73.71 -22.16
CA GLY B 474 -14.00 -72.69 -22.36
C GLY B 474 -13.95 -71.35 -21.65
N LEU B 475 -15.02 -70.58 -21.86
CA LEU B 475 -15.18 -69.24 -21.30
C LEU B 475 -14.71 -68.96 -19.88
N GLY B 476 -14.91 -69.90 -18.96
CA GLY B 476 -14.52 -69.66 -17.58
C GLY B 476 -13.06 -69.85 -17.24
N ILE B 477 -12.22 -70.00 -18.24
CA ILE B 477 -10.80 -70.20 -17.96
C ILE B 477 -10.01 -68.92 -18.02
N GLY B 478 -9.34 -68.63 -16.91
CA GLY B 478 -8.51 -67.46 -16.80
C GLY B 478 -7.35 -67.81 -15.88
N ILE B 479 -6.60 -66.80 -15.43
CA ILE B 479 -5.48 -67.03 -14.54
C ILE B 479 -5.88 -66.74 -13.10
N ASP B 480 -5.47 -67.60 -12.18
CA ASP B 480 -5.77 -67.39 -10.78
C ASP B 480 -4.42 -67.15 -10.12
N VAL B 481 -4.08 -65.88 -9.96
CA VAL B 481 -2.80 -65.50 -9.38
C VAL B 481 -2.55 -66.10 -8.01
N PHE B 482 -3.57 -66.69 -7.41
CA PHE B 482 -3.41 -67.30 -6.10
C PHE B 482 -3.03 -68.76 -6.28
N GLU B 483 -3.46 -69.33 -7.40
CA GLU B 483 -3.19 -70.72 -7.74
C GLU B 483 -1.88 -70.81 -8.52
N GLY B 484 -1.53 -69.71 -9.18
CA GLY B 484 -0.32 -69.69 -9.97
C GLY B 484 -0.49 -70.48 -11.25
N LYS B 485 -1.73 -70.83 -11.57
CA LYS B 485 -2.02 -71.59 -12.78
C LYS B 485 -3.38 -71.24 -13.32
N PRO B 486 -3.72 -71.72 -14.52
CA PRO B 486 -5.04 -71.40 -15.07
C PRO B 486 -6.11 -72.09 -14.22
N ALA B 487 -7.36 -71.66 -14.33
CA ALA B 487 -8.43 -72.26 -13.56
C ALA B 487 -9.78 -71.84 -14.08
N ASP B 488 -10.84 -72.48 -13.58
CA ASP B 488 -12.19 -72.13 -13.99
C ASP B 488 -12.62 -71.11 -12.96
N MET B 489 -12.71 -69.86 -13.39
CA MET B 489 -13.08 -68.76 -12.52
C MET B 489 -14.49 -68.90 -11.97
N LEU B 490 -15.40 -69.44 -12.78
CA LEU B 490 -16.77 -69.64 -12.36
C LEU B 490 -16.78 -70.62 -11.21
N GLU B 491 -15.88 -71.60 -11.26
CA GLU B 491 -15.77 -72.59 -10.22
C GLU B 491 -15.33 -71.98 -8.91
N LYS B 492 -14.54 -70.92 -9.00
CA LYS B 492 -14.01 -70.27 -7.82
C LYS B 492 -14.80 -69.07 -7.31
N GLY B 493 -15.82 -68.67 -8.06
CA GLY B 493 -16.62 -67.53 -7.64
C GLY B 493 -15.93 -66.22 -7.97
N ILE B 494 -14.82 -66.32 -8.70
CA ILE B 494 -14.06 -65.15 -9.09
C ILE B 494 -14.66 -64.49 -10.35
N ILE B 495 -15.61 -63.59 -10.13
CA ILE B 495 -16.28 -62.90 -11.21
C ILE B 495 -16.33 -61.37 -11.07
N GLU B 496 -16.73 -60.73 -12.16
CA GLU B 496 -16.83 -59.29 -12.21
C GLU B 496 -17.99 -58.87 -13.10
N PRO B 497 -18.44 -57.63 -12.98
CA PRO B 497 -19.56 -57.11 -13.78
C PRO B 497 -19.36 -57.16 -15.28
N LEU B 498 -20.42 -57.46 -16.01
CA LEU B 498 -20.36 -57.49 -17.45
C LEU B 498 -20.17 -56.06 -17.96
N ARG B 499 -20.41 -55.08 -17.09
CA ARG B 499 -20.28 -53.67 -17.45
C ARG B 499 -18.83 -53.22 -17.38
N VAL B 500 -18.11 -53.73 -16.37
CA VAL B 500 -16.72 -53.39 -16.19
C VAL B 500 -15.95 -53.67 -17.48
N LYS B 501 -16.09 -54.87 -18.05
CA LYS B 501 -15.40 -55.24 -19.27
C LYS B 501 -15.92 -54.53 -20.51
N LYS B 502 -17.21 -54.27 -20.56
CA LYS B 502 -17.79 -53.57 -21.71
C LYS B 502 -17.31 -52.12 -21.72
N GLN B 503 -17.07 -51.58 -20.52
CA GLN B 503 -16.63 -50.18 -20.43
C GLN B 503 -15.13 -50.06 -20.68
N ALA B 504 -14.34 -51.02 -20.21
CA ALA B 504 -12.90 -50.99 -20.44
C ALA B 504 -12.64 -50.94 -21.93
N ILE B 505 -13.30 -51.81 -22.69
CA ILE B 505 -13.12 -51.83 -24.13
C ILE B 505 -13.53 -50.48 -24.74
N LYS B 506 -14.70 -49.96 -24.37
CA LYS B 506 -15.13 -48.68 -24.93
C LYS B 506 -14.12 -47.60 -24.63
N SER B 507 -13.76 -47.47 -23.35
CA SER B 507 -12.82 -46.46 -22.88
C SER B 507 -11.47 -46.51 -23.61
N ALA B 508 -10.76 -47.62 -23.47
CA ALA B 508 -9.46 -47.78 -24.07
C ALA B 508 -9.49 -47.67 -25.59
N SER B 509 -10.47 -48.28 -26.24
CA SER B 509 -10.52 -48.22 -27.68
C SER B 509 -10.77 -46.83 -28.22
N GLU B 510 -11.49 -46.00 -27.46
CA GLU B 510 -11.76 -44.64 -27.93
C GLU B 510 -10.54 -43.78 -27.70
N ALA B 511 -9.86 -44.03 -26.60
CA ALA B 511 -8.66 -43.28 -26.27
C ALA B 511 -7.67 -43.53 -27.40
N ALA B 512 -7.38 -44.81 -27.61
CA ALA B 512 -6.45 -45.22 -28.66
C ALA B 512 -6.82 -44.59 -29.99
N ILE B 513 -8.06 -44.80 -30.43
CA ILE B 513 -8.49 -44.24 -31.71
C ILE B 513 -8.34 -42.73 -31.76
N MET B 514 -8.57 -42.06 -30.63
CA MET B 514 -8.47 -40.62 -30.60
C MET B 514 -7.03 -40.16 -30.81
N ILE B 515 -6.10 -40.83 -30.14
CA ILE B 515 -4.71 -40.50 -30.26
C ILE B 515 -4.20 -40.80 -31.67
N LEU B 516 -4.66 -41.90 -32.24
CA LEU B 516 -4.28 -42.30 -33.59
C LEU B 516 -4.82 -41.34 -34.65
N ARG B 517 -5.84 -40.56 -34.31
CA ARG B 517 -6.41 -39.63 -35.27
C ARG B 517 -5.63 -38.34 -35.27
N ILE B 518 -4.92 -38.06 -34.19
CA ILE B 518 -4.14 -36.84 -34.06
C ILE B 518 -2.84 -36.87 -34.84
N ASP B 519 -2.76 -36.03 -35.87
CA ASP B 519 -1.59 -35.95 -36.73
C ASP B 519 -0.77 -34.68 -36.55
N ASP B 520 -1.19 -33.84 -35.61
CA ASP B 520 -0.52 -32.57 -35.36
C ASP B 520 -0.70 -32.13 -33.91
N VAL B 521 0.38 -31.74 -33.24
CA VAL B 521 0.28 -31.27 -31.86
C VAL B 521 0.90 -29.89 -31.78
N ILE B 522 0.13 -28.92 -31.27
CA ILE B 522 0.59 -27.54 -31.17
C ILE B 522 0.40 -26.99 -29.75
N ALA B 523 1.49 -26.91 -28.98
CA ALA B 523 1.49 -26.45 -27.58
C ALA B 523 2.27 -25.16 -27.23
N ALA B 524 1.77 -24.41 -26.24
CA ALA B 524 2.36 -23.14 -25.78
C ALA B 524 3.45 -23.19 -24.66
N LYS B 525 3.08 -23.56 -23.43
CA LYS B 525 4.03 -23.63 -22.27
C LYS B 525 4.00 -24.88 -21.30
N ALA B 526 4.57 -26.04 -21.69
CA ALA B 526 4.60 -27.26 -20.83
C ALA B 526 5.71 -28.34 -21.11
N VAL C 10 5.60 -29.52 -20.46
CA VAL C 10 6.58 -30.65 -20.59
C VAL C 10 5.96 -32.10 -20.49
N ILE C 11 6.77 -33.14 -20.12
CA ILE C 11 6.30 -34.56 -20.00
C ILE C 11 6.00 -35.10 -18.55
N LEU C 12 6.62 -34.48 -17.55
CA LEU C 12 6.45 -34.80 -16.10
C LEU C 12 7.23 -33.69 -15.33
N PRO C 13 6.68 -33.21 -14.18
CA PRO C 13 7.33 -32.15 -13.38
C PRO C 13 8.83 -32.35 -13.12
N GLU C 14 9.64 -31.39 -13.56
CA GLU C 14 11.09 -31.47 -13.34
C GLU C 14 11.35 -31.36 -11.83
N GLY C 15 12.46 -31.94 -11.37
CA GLY C 15 12.77 -31.89 -9.95
C GLY C 15 12.01 -33.00 -9.22
N THR C 16 11.15 -33.69 -9.96
CA THR C 16 10.37 -34.82 -9.43
C THR C 16 11.19 -36.08 -9.69
N GLN C 17 11.54 -36.79 -8.61
CA GLN C 17 12.32 -38.01 -8.73
C GLN C 17 11.38 -39.21 -8.65
N ARG C 18 11.88 -40.35 -9.07
CA ARG C 18 11.09 -41.57 -9.05
C ARG C 18 12.03 -42.75 -8.82
N TYR C 19 11.55 -43.76 -8.12
CA TYR C 19 12.33 -44.96 -7.83
C TYR C 19 11.43 -46.14 -8.09
N VAL C 20 12.00 -47.25 -8.56
CA VAL C 20 11.18 -48.43 -8.82
C VAL C 20 11.88 -49.71 -8.40
N GLY C 21 11.09 -50.76 -8.18
CA GLY C 21 11.65 -52.04 -7.79
C GLY C 21 12.54 -52.06 -6.56
N ARG C 22 13.76 -52.58 -6.75
CA ARG C 22 14.75 -52.69 -5.69
C ARG C 22 15.05 -51.30 -5.13
N ASP C 23 15.24 -50.34 -6.03
CA ASP C 23 15.53 -48.96 -5.66
C ASP C 23 14.52 -48.49 -4.66
N ALA C 24 13.27 -48.36 -5.10
CA ALA C 24 12.20 -47.93 -4.23
C ALA C 24 12.23 -48.69 -2.90
N GLN C 25 12.11 -50.01 -2.97
CA GLN C 25 12.10 -50.83 -1.77
C GLN C 25 13.31 -50.68 -0.86
N ARG C 26 14.49 -50.70 -1.48
CA ARG C 26 15.75 -50.58 -0.76
C ARG C 26 15.87 -49.28 0.03
N LEU C 27 15.48 -48.18 -0.61
CA LEU C 27 15.53 -46.87 0.01
C LEU C 27 14.50 -46.75 1.12
N ASN C 28 13.25 -47.04 0.79
CA ASN C 28 12.18 -46.98 1.77
C ASN C 28 12.59 -47.79 2.97
N ILE C 29 13.11 -48.99 2.74
CA ILE C 29 13.52 -49.83 3.86
C ILE C 29 14.66 -49.17 4.62
N LEU C 30 15.58 -48.55 3.90
CA LEU C 30 16.71 -47.90 4.55
C LEU C 30 16.21 -46.76 5.41
N ALA C 31 15.38 -45.90 4.81
CA ALA C 31 14.82 -44.77 5.50
C ALA C 31 14.18 -45.22 6.81
N ALA C 32 13.25 -46.16 6.70
CA ALA C 32 12.57 -46.71 7.85
C ALA C 32 13.57 -47.22 8.91
N ARG C 33 14.54 -48.02 8.46
CA ARG C 33 15.55 -48.59 9.35
C ARG C 33 16.37 -47.56 10.11
N ILE C 34 16.72 -46.48 9.43
CA ILE C 34 17.50 -45.40 10.02
C ILE C 34 16.70 -44.79 11.16
N ILE C 35 15.51 -44.32 10.85
CA ILE C 35 14.62 -43.71 11.82
C ILE C 35 14.41 -44.62 13.02
N ALA C 36 14.33 -45.92 12.74
CA ALA C 36 14.13 -46.92 13.77
C ALA C 36 15.32 -47.05 14.70
N GLU C 37 16.52 -47.04 14.12
CA GLU C 37 17.74 -47.15 14.93
C GLU C 37 17.93 -45.89 15.76
N THR C 38 17.36 -44.79 15.28
CA THR C 38 17.45 -43.52 15.97
C THR C 38 16.79 -43.56 17.34
N VAL C 39 15.69 -44.30 17.43
CA VAL C 39 14.96 -44.39 18.69
C VAL C 39 15.32 -45.60 19.55
N ARG C 40 15.93 -46.61 18.95
CA ARG C 40 16.25 -47.83 19.69
C ARG C 40 17.24 -47.64 20.84
N THR C 41 17.90 -46.50 20.86
CA THR C 41 18.87 -46.22 21.91
C THR C 41 18.15 -45.78 23.19
N THR C 42 16.82 -45.62 23.09
CA THR C 42 16.00 -45.17 24.22
C THR C 42 15.20 -46.29 24.87
N LEU C 43 15.19 -47.46 24.21
CA LEU C 43 14.42 -48.60 24.70
C LEU C 43 14.81 -49.13 26.06
N GLY C 44 13.79 -49.32 26.90
CA GLY C 44 13.98 -49.85 28.24
C GLY C 44 14.41 -48.85 29.28
N PRO C 45 14.62 -49.31 30.53
CA PRO C 45 15.03 -48.55 31.73
C PRO C 45 16.41 -47.89 31.58
N LYS C 46 17.31 -48.52 30.83
CA LYS C 46 18.64 -47.97 30.64
C LYS C 46 18.71 -47.06 29.41
N GLY C 47 17.63 -47.03 28.63
CA GLY C 47 17.59 -46.20 27.43
C GLY C 47 18.11 -44.79 27.66
N MET C 48 18.71 -44.22 26.64
CA MET C 48 19.25 -42.88 26.73
C MET C 48 18.24 -41.85 26.23
N ASP C 49 18.48 -40.58 26.56
CA ASP C 49 17.60 -39.49 26.15
C ASP C 49 18.16 -38.76 24.94
N LYS C 50 17.30 -37.97 24.30
CA LYS C 50 17.69 -37.19 23.14
C LYS C 50 17.45 -35.70 23.40
N MET C 51 18.23 -34.85 22.75
CA MET C 51 18.06 -33.41 22.89
C MET C 51 17.64 -32.83 21.55
N LEU C 52 16.39 -32.39 21.49
CA LEU C 52 15.83 -31.83 20.27
C LEU C 52 15.78 -30.30 20.32
N VAL C 53 16.53 -29.69 19.42
CA VAL C 53 16.58 -28.24 19.34
C VAL C 53 15.90 -27.81 18.06
N ASP C 54 14.68 -27.31 18.20
CA ASP C 54 13.96 -26.85 17.02
C ASP C 54 14.57 -25.54 16.52
N SER C 55 14.13 -25.11 15.32
CA SER C 55 14.59 -23.89 14.66
C SER C 55 14.46 -22.60 15.48
N LEU C 56 13.51 -22.58 16.42
CA LEU C 56 13.28 -21.43 17.29
C LEU C 56 14.01 -21.58 18.63
N GLY C 57 15.16 -22.27 18.62
CA GLY C 57 15.94 -22.48 19.84
C GLY C 57 15.35 -23.40 20.91
N ASP C 58 14.01 -23.48 21.00
CA ASP C 58 13.29 -24.27 21.94
C ASP C 58 13.93 -25.63 22.12
N ILE C 59 14.19 -26.03 23.39
CA ILE C 59 14.84 -27.29 23.71
C ILE C 59 13.95 -28.34 24.36
N VAL C 60 13.91 -29.53 23.76
CA VAL C 60 13.13 -30.65 24.28
C VAL C 60 14.05 -31.84 24.60
N VAL C 61 14.16 -32.19 25.87
CA VAL C 61 14.98 -33.31 26.28
C VAL C 61 14.00 -34.42 26.69
N THR C 62 13.98 -35.53 25.95
CA THR C 62 13.03 -36.61 26.24
C THR C 62 13.52 -38.05 25.99
N ASN C 63 12.75 -39.04 26.47
CA ASN C 63 13.05 -40.46 26.28
C ASN C 63 11.94 -41.04 25.40
N ASP C 64 10.84 -40.28 25.30
CA ASP C 64 9.64 -40.65 24.55
C ASP C 64 9.79 -40.66 23.03
N CYS C 65 9.55 -41.84 22.46
CA CYS C 65 9.65 -42.07 21.03
C CYS C 65 8.66 -41.23 20.24
N ALA C 66 7.42 -41.20 20.71
CA ALA C 66 6.39 -40.45 20.01
C ALA C 66 6.80 -38.97 19.88
N THR C 67 7.31 -38.39 20.97
CA THR C 67 7.73 -37.00 20.98
C THR C 67 8.92 -36.79 20.03
N ILE C 68 9.93 -37.65 20.15
CA ILE C 68 11.12 -37.57 19.32
C ILE C 68 10.80 -37.62 17.82
N LEU C 69 10.04 -38.63 17.40
CA LEU C 69 9.68 -38.76 15.98
C LEU C 69 8.83 -37.58 15.51
N ASP C 70 7.99 -37.08 16.41
CA ASP C 70 7.11 -35.94 16.14
C ASP C 70 7.87 -34.61 16.05
N LYS C 71 8.77 -34.37 17.00
CA LYS C 71 9.57 -33.16 17.04
C LYS C 71 10.60 -33.13 15.89
N ILE C 72 11.25 -34.26 15.64
CA ILE C 72 12.23 -34.32 14.56
C ILE C 72 11.53 -34.08 13.24
N ASP C 73 12.12 -33.25 12.41
CA ASP C 73 11.55 -32.96 11.10
C ASP C 73 11.97 -34.04 10.10
N LEU C 74 11.27 -35.17 10.11
CA LEU C 74 11.61 -36.21 9.16
C LEU C 74 11.21 -35.73 7.77
N GLN C 75 12.02 -36.07 6.79
CA GLN C 75 11.75 -35.63 5.42
C GLN C 75 11.41 -36.80 4.50
N HIS C 76 12.14 -37.91 4.62
CA HIS C 76 11.88 -39.06 3.78
C HIS C 76 10.51 -39.64 4.10
N PRO C 77 9.70 -39.93 3.08
CA PRO C 77 8.36 -40.49 3.23
C PRO C 77 8.28 -41.73 4.13
N ALA C 78 9.05 -42.76 3.76
CA ALA C 78 9.05 -44.01 4.53
C ALA C 78 9.35 -43.79 6.00
N ALA C 79 10.13 -42.75 6.31
CA ALA C 79 10.46 -42.44 7.69
C ALA C 79 9.29 -41.73 8.38
N LYS C 80 8.48 -41.02 7.60
CA LYS C 80 7.32 -40.34 8.14
C LYS C 80 6.27 -41.38 8.49
N MET C 81 6.25 -42.47 7.73
CA MET C 81 5.30 -43.54 7.97
C MET C 81 5.64 -44.23 9.27
N MET C 82 6.92 -44.19 9.62
CA MET C 82 7.39 -44.80 10.85
C MET C 82 6.90 -44.01 12.05
N VAL C 83 6.43 -42.80 11.77
CA VAL C 83 5.90 -41.94 12.82
C VAL C 83 4.50 -42.43 13.15
N GLU C 84 3.71 -42.68 12.11
CA GLU C 84 2.36 -43.18 12.30
C GLU C 84 2.37 -44.42 13.20
N VAL C 85 3.39 -45.25 13.06
CA VAL C 85 3.45 -46.47 13.88
C VAL C 85 3.42 -46.12 15.35
N ALA C 86 4.26 -45.17 15.76
CA ALA C 86 4.29 -44.77 17.17
C ALA C 86 3.00 -44.04 17.55
N LYS C 87 2.43 -43.34 16.57
CA LYS C 87 1.20 -42.57 16.76
C LYS C 87 0.03 -43.51 17.08
N THR C 88 -0.09 -44.59 16.33
CA THR C 88 -1.16 -45.57 16.54
C THR C 88 -0.95 -46.31 17.84
N GLN C 89 0.30 -46.65 18.14
CA GLN C 89 0.61 -47.36 19.37
C GLN C 89 0.19 -46.52 20.57
N ASP C 90 0.65 -45.27 20.60
CA ASP C 90 0.37 -44.32 21.69
C ASP C 90 -1.11 -44.08 21.88
N LYS C 91 -1.85 -44.17 20.78
CA LYS C 91 -3.28 -43.97 20.78
C LYS C 91 -4.10 -45.21 21.04
N GLU C 92 -3.47 -46.38 21.09
CA GLU C 92 -4.25 -47.60 21.29
C GLU C 92 -3.92 -48.35 22.55
N ALA C 93 -2.64 -48.35 22.92
CA ALA C 93 -2.19 -49.04 24.12
C ALA C 93 -1.45 -48.03 24.99
N GLY C 94 -1.12 -46.89 24.38
CA GLY C 94 -0.44 -45.84 25.12
C GLY C 94 1.03 -46.05 25.42
N ASP C 95 1.48 -47.30 25.53
CA ASP C 95 2.89 -47.56 25.79
C ASP C 95 3.47 -48.48 24.73
N GLY C 96 4.80 -48.57 24.71
CA GLY C 96 5.51 -49.41 23.76
C GLY C 96 5.66 -48.79 22.39
N THR C 97 5.64 -47.46 22.33
CA THR C 97 5.79 -46.76 21.05
C THR C 97 7.14 -47.08 20.40
N THR C 98 8.18 -47.12 21.24
CA THR C 98 9.53 -47.43 20.77
C THR C 98 9.50 -48.86 20.26
N THR C 99 9.13 -49.79 21.16
CA THR C 99 9.05 -51.20 20.82
C THR C 99 8.46 -51.45 19.42
N ALA C 100 7.37 -50.76 19.09
CA ALA C 100 6.71 -50.92 17.80
C ALA C 100 7.54 -50.41 16.62
N VAL C 101 8.14 -49.23 16.79
CA VAL C 101 8.96 -48.63 15.74
C VAL C 101 10.22 -49.49 15.50
N VAL C 102 10.85 -49.94 16.58
CA VAL C 102 12.03 -50.78 16.48
C VAL C 102 11.71 -52.09 15.75
N ILE C 103 10.65 -52.76 16.18
CA ILE C 103 10.25 -54.03 15.55
C ILE C 103 9.85 -53.83 14.10
N ALA C 104 9.34 -52.65 13.78
CA ALA C 104 8.93 -52.35 12.42
C ALA C 104 10.14 -52.26 11.49
N GLY C 105 11.20 -51.64 12.00
CA GLY C 105 12.41 -51.48 11.20
C GLY C 105 13.15 -52.79 11.06
N GLU C 106 13.21 -53.54 12.16
CA GLU C 106 13.87 -54.83 12.16
C GLU C 106 13.18 -55.77 11.19
N LEU C 107 11.85 -55.78 11.24
CA LEU C 107 11.04 -56.59 10.36
C LEU C 107 11.40 -56.24 8.93
N LEU C 108 11.54 -54.93 8.67
CA LEU C 108 11.88 -54.44 7.34
C LEU C 108 13.29 -54.82 6.90
N ARG C 109 14.22 -54.92 7.84
CA ARG C 109 15.59 -55.29 7.54
C ARG C 109 15.60 -56.76 7.12
N LYS C 110 15.17 -57.64 8.02
CA LYS C 110 15.13 -59.06 7.73
C LYS C 110 14.34 -59.30 6.44
N ALA C 111 13.36 -58.45 6.19
CA ALA C 111 12.54 -58.60 5.00
C ALA C 111 13.35 -58.34 3.73
N GLU C 112 14.34 -57.46 3.81
CA GLU C 112 15.17 -57.14 2.64
C GLU C 112 16.11 -58.31 2.37
N GLU C 113 16.62 -58.91 3.43
CA GLU C 113 17.50 -60.06 3.30
C GLU C 113 16.82 -61.04 2.34
N LEU C 114 15.54 -61.30 2.60
CA LEU C 114 14.76 -62.21 1.78
C LEU C 114 14.59 -61.73 0.35
N LEU C 115 14.52 -60.41 0.16
CA LEU C 115 14.37 -59.83 -1.17
C LEU C 115 15.63 -60.01 -2.00
N ASP C 116 16.77 -59.82 -1.34
CA ASP C 116 18.08 -59.98 -1.98
C ASP C 116 18.12 -61.41 -2.47
N GLN C 117 17.70 -62.32 -1.59
CA GLN C 117 17.66 -63.73 -1.90
C GLN C 117 16.78 -64.05 -3.10
N ASN C 118 16.10 -63.05 -3.61
CA ASN C 118 15.24 -63.08 -4.83
C ASN C 118 13.77 -63.51 -4.62
N ILE C 119 13.39 -63.73 -3.36
CA ILE C 119 12.02 -64.08 -3.01
C ILE C 119 11.06 -62.93 -3.35
N HIS C 120 10.00 -63.26 -4.08
CA HIS C 120 9.01 -62.27 -4.51
C HIS C 120 8.45 -61.51 -3.31
N PRO C 121 8.23 -60.19 -3.48
CA PRO C 121 7.67 -59.44 -2.35
C PRO C 121 6.36 -60.08 -1.90
N SER C 122 5.63 -60.61 -2.87
CA SER C 122 4.37 -61.28 -2.63
C SER C 122 4.48 -62.36 -1.55
N ILE C 123 5.51 -63.20 -1.67
CA ILE C 123 5.74 -64.28 -0.71
C ILE C 123 6.08 -63.76 0.70
N ILE C 124 6.88 -62.69 0.77
CA ILE C 124 7.29 -62.13 2.05
C ILE C 124 6.13 -61.51 2.80
N ILE C 125 5.30 -60.78 2.05
CA ILE C 125 4.11 -60.15 2.63
C ILE C 125 3.20 -61.21 3.24
N LYS C 126 2.84 -62.21 2.43
CA LYS C 126 1.98 -63.31 2.88
C LYS C 126 2.51 -64.03 4.10
N GLY C 127 3.82 -64.21 4.16
CA GLY C 127 4.41 -64.88 5.30
C GLY C 127 4.38 -64.02 6.54
N TYR C 128 4.53 -62.72 6.37
CA TYR C 128 4.51 -61.80 7.51
C TYR C 128 3.09 -61.74 8.08
N ALA C 129 2.12 -61.84 7.20
CA ALA C 129 0.72 -61.82 7.58
C ALA C 129 0.42 -62.99 8.49
N LEU C 130 0.79 -64.19 8.04
CA LEU C 130 0.55 -65.42 8.81
C LEU C 130 1.29 -65.36 10.14
N ALA C 131 2.54 -64.94 10.07
CA ALA C 131 3.38 -64.83 11.26
C ALA C 131 2.76 -63.81 12.20
N ALA C 132 2.18 -62.76 11.61
CA ALA C 132 1.53 -61.68 12.36
C ALA C 132 0.24 -62.18 13.04
N GLU C 133 -0.69 -62.67 12.23
CA GLU C 133 -1.96 -63.20 12.69
C GLU C 133 -1.73 -64.30 13.73
N LYS C 134 -0.80 -65.19 13.44
CA LYS C 134 -0.49 -66.30 14.34
C LYS C 134 0.12 -65.76 15.63
N ALA C 135 0.71 -64.58 15.53
CA ALA C 135 1.35 -63.97 16.70
C ALA C 135 0.34 -63.47 17.73
N GLN C 136 -0.75 -62.87 17.26
CA GLN C 136 -1.79 -62.37 18.14
C GLN C 136 -2.30 -63.55 18.96
N GLU C 137 -2.58 -64.63 18.23
CA GLU C 137 -3.05 -65.89 18.78
C GLU C 137 -2.19 -66.37 19.94
N ILE C 138 -0.88 -66.42 19.72
CA ILE C 138 0.08 -66.87 20.72
C ILE C 138 0.06 -66.04 22.00
N LEU C 139 -0.22 -64.75 21.83
CA LEU C 139 -0.27 -63.81 22.94
C LEU C 139 -1.58 -63.92 23.72
N ASP C 140 -2.71 -63.88 23.02
CA ASP C 140 -4.00 -64.01 23.68
C ASP C 140 -3.91 -65.24 24.58
N GLU C 141 -3.28 -66.30 24.06
CA GLU C 141 -3.16 -67.56 24.77
C GLU C 141 -2.23 -67.55 25.98
N ILE C 142 -1.03 -67.02 25.81
CA ILE C 142 -0.07 -67.00 26.91
C ILE C 142 -0.32 -65.89 27.92
N ALA C 143 -1.22 -64.97 27.58
CA ALA C 143 -1.55 -63.84 28.45
C ALA C 143 -2.04 -64.23 29.83
N ILE C 144 -1.37 -63.71 30.86
CA ILE C 144 -1.75 -63.98 32.25
C ILE C 144 -2.99 -63.19 32.62
N ARG C 145 -4.17 -63.80 32.45
CA ARG C 145 -5.43 -63.14 32.76
C ARG C 145 -5.56 -62.78 34.24
N VAL C 146 -5.62 -61.48 34.52
CA VAL C 146 -5.69 -60.99 35.88
C VAL C 146 -7.05 -60.34 36.15
N ASP C 147 -7.32 -60.06 37.43
CA ASP C 147 -8.59 -59.45 37.84
C ASP C 147 -8.64 -57.95 37.54
N PRO C 148 -9.46 -57.56 36.55
CA PRO C 148 -9.69 -56.19 36.07
C PRO C 148 -9.42 -55.03 36.99
N ASP C 149 -9.60 -55.21 38.29
CA ASP C 149 -9.35 -54.12 39.22
C ASP C 149 -8.38 -54.44 40.36
N ASP C 150 -7.71 -55.59 40.26
CA ASP C 150 -6.73 -56.02 41.25
C ASP C 150 -5.70 -54.91 41.57
N GLU C 151 -5.87 -54.27 42.72
CA GLU C 151 -4.96 -53.20 43.16
C GLU C 151 -3.53 -53.65 42.96
N GLU C 152 -3.27 -54.86 43.46
CA GLU C 152 -1.98 -55.52 43.39
C GLU C 152 -1.26 -55.34 42.05
N THR C 153 -1.69 -56.13 41.07
CA THR C 153 -1.12 -56.13 39.73
C THR C 153 -1.26 -54.80 38.98
N LEU C 154 -2.30 -54.04 39.31
CA LEU C 154 -2.52 -52.76 38.65
C LEU C 154 -1.40 -51.76 38.98
N LEU C 155 -0.84 -51.87 40.19
CA LEU C 155 0.26 -51.00 40.63
C LEU C 155 1.52 -51.35 39.88
N LYS C 156 1.73 -52.65 39.67
CA LYS C 156 2.91 -53.13 38.96
C LYS C 156 2.92 -52.62 37.53
N ILE C 157 1.84 -52.88 36.80
CA ILE C 157 1.73 -52.43 35.42
C ILE C 157 2.16 -50.97 35.26
N ALA C 158 1.67 -50.13 36.17
CA ALA C 158 1.96 -48.69 36.16
C ALA C 158 3.42 -48.36 36.42
N ALA C 159 4.01 -49.02 37.42
CA ALA C 159 5.41 -48.80 37.79
C ALA C 159 6.41 -49.26 36.72
N THR C 160 6.13 -50.40 36.10
CA THR C 160 6.98 -50.95 35.06
C THR C 160 7.01 -50.04 33.84
N SER C 161 5.95 -49.26 33.68
CA SER C 161 5.85 -48.33 32.56
C SER C 161 6.71 -47.09 32.84
N ILE C 162 6.67 -46.65 34.10
CA ILE C 162 7.43 -45.46 34.52
C ILE C 162 8.93 -45.78 34.56
N THR C 163 9.26 -47.05 34.78
CA THR C 163 10.65 -47.51 34.81
C THR C 163 10.96 -47.81 33.34
N GLY C 164 11.26 -46.77 32.58
CA GLY C 164 11.54 -46.91 31.17
C GLY C 164 11.93 -45.52 30.71
N LYS C 165 11.60 -44.56 31.56
CA LYS C 165 11.88 -43.16 31.32
C LYS C 165 12.71 -42.56 32.45
N ASN C 166 12.98 -41.26 32.28
CA ASN C 166 13.75 -40.43 33.20
C ASN C 166 13.33 -40.49 34.69
N ALA C 167 12.19 -39.87 35.00
CA ALA C 167 11.61 -39.77 36.35
C ALA C 167 11.34 -41.09 37.11
N GLU C 168 12.12 -42.12 36.82
CA GLU C 168 11.99 -43.43 37.47
C GLU C 168 12.45 -43.41 38.93
N SER C 169 12.88 -42.23 39.40
CA SER C 169 13.34 -42.05 40.79
C SER C 169 12.19 -42.12 41.83
N HIS C 170 10.97 -41.80 41.39
CA HIS C 170 9.80 -41.86 42.26
C HIS C 170 8.70 -42.61 41.53
N LYS C 171 9.01 -43.80 41.02
CA LYS C 171 8.02 -44.61 40.31
C LYS C 171 6.95 -44.97 41.34
N GLU C 172 7.39 -45.02 42.59
CA GLU C 172 6.53 -45.35 43.73
C GLU C 172 5.29 -44.46 43.78
N LEU C 173 5.53 -43.17 43.99
CA LEU C 173 4.49 -42.15 44.06
C LEU C 173 3.65 -42.06 42.80
N LEU C 174 4.31 -41.74 41.68
CA LEU C 174 3.66 -41.61 40.38
C LEU C 174 2.78 -42.80 39.98
N ALA C 175 3.18 -44.01 40.36
CA ALA C 175 2.39 -45.20 40.03
C ALA C 175 1.15 -45.18 40.89
N LYS C 176 1.33 -44.93 42.18
CA LYS C 176 0.20 -44.85 43.09
C LYS C 176 -0.84 -43.88 42.53
N LEU C 177 -0.42 -42.64 42.28
CA LEU C 177 -1.28 -41.60 41.74
C LEU C 177 -1.96 -41.98 40.43
N ALA C 178 -1.21 -42.64 39.54
CA ALA C 178 -1.76 -43.04 38.24
C ALA C 178 -2.83 -44.12 38.35
N VAL C 179 -2.65 -45.07 39.26
CA VAL C 179 -3.60 -46.16 39.45
C VAL C 179 -4.84 -45.58 40.14
N GLU C 180 -4.57 -44.77 41.14
CA GLU C 180 -5.59 -44.11 41.94
C GLU C 180 -6.51 -43.24 41.07
N ALA C 181 -5.91 -42.37 40.27
CA ALA C 181 -6.63 -41.47 39.38
C ALA C 181 -7.46 -42.15 38.30
N VAL C 182 -7.09 -43.37 37.92
CA VAL C 182 -7.86 -44.05 36.88
C VAL C 182 -8.99 -44.86 37.50
N LYS C 183 -8.80 -45.34 38.72
CA LYS C 183 -9.85 -46.09 39.40
C LYS C 183 -10.99 -45.13 39.72
N GLN C 184 -10.64 -43.89 40.03
CA GLN C 184 -11.63 -42.88 40.36
C GLN C 184 -12.51 -42.44 39.19
N VAL C 185 -11.91 -42.12 38.06
CA VAL C 185 -12.69 -41.67 36.91
C VAL C 185 -13.24 -42.84 36.09
N ALA C 186 -12.80 -44.06 36.42
CA ALA C 186 -13.22 -45.26 35.71
C ALA C 186 -14.74 -45.40 35.63
N GLU C 187 -15.20 -46.23 34.71
CA GLU C 187 -16.64 -46.45 34.55
C GLU C 187 -16.94 -47.91 34.18
N LYS C 188 -17.85 -48.54 34.93
CA LYS C 188 -18.22 -49.92 34.70
C LYS C 188 -19.68 -50.17 35.05
N LYS C 189 -20.58 -49.89 34.10
CA LYS C 189 -22.00 -50.10 34.33
C LYS C 189 -22.49 -51.30 33.50
N ASP C 190 -21.63 -51.77 32.61
CA ASP C 190 -21.94 -52.87 31.69
C ASP C 190 -21.13 -54.14 31.96
N GLY C 191 -20.58 -54.27 33.17
CA GLY C 191 -19.79 -55.43 33.50
C GLY C 191 -18.31 -55.14 33.47
N LYS C 192 -17.80 -54.70 32.32
CA LYS C 192 -16.38 -54.37 32.16
C LYS C 192 -16.18 -52.86 32.23
N TYR C 193 -14.97 -52.44 32.58
CA TYR C 193 -14.65 -51.03 32.68
C TYR C 193 -14.48 -50.35 31.34
N VAL C 194 -14.59 -49.04 31.36
CA VAL C 194 -14.43 -48.21 30.17
C VAL C 194 -13.80 -46.96 30.78
N VAL C 195 -12.66 -46.54 30.27
CA VAL C 195 -11.99 -45.39 30.83
C VAL C 195 -11.73 -44.26 29.83
N ASP C 196 -12.40 -43.13 30.02
CA ASP C 196 -12.21 -41.97 29.16
C ASP C 196 -11.12 -41.19 29.87
N LEU C 197 -9.89 -41.32 29.39
CA LEU C 197 -8.77 -40.67 30.02
C LEU C 197 -8.81 -39.14 30.04
N ASP C 198 -9.67 -38.55 29.21
CA ASP C 198 -9.81 -37.09 29.16
C ASP C 198 -10.32 -36.60 30.49
N ASN C 199 -10.88 -37.53 31.27
CA ASN C 199 -11.42 -37.20 32.58
C ASN C 199 -10.31 -37.15 33.63
N ILE C 200 -9.09 -36.94 33.17
CA ILE C 200 -7.92 -36.82 34.04
C ILE C 200 -7.05 -35.71 33.48
N LYS C 201 -7.03 -34.59 34.20
CA LYS C 201 -6.27 -33.43 33.79
C LYS C 201 -4.92 -33.40 34.52
N PHE C 202 -3.88 -32.99 33.81
CA PHE C 202 -2.55 -32.88 34.41
C PHE C 202 -2.20 -31.42 34.61
N GLU C 203 -1.81 -31.07 35.83
CA GLU C 203 -1.45 -29.70 36.13
C GLU C 203 0.04 -29.68 36.44
N LYS C 204 0.80 -28.90 35.69
CA LYS C 204 2.24 -28.80 35.89
C LYS C 204 2.61 -27.43 36.43
N LYS C 205 3.41 -27.43 37.47
CA LYS C 205 3.87 -26.19 38.09
C LYS C 205 5.29 -26.37 38.62
N ALA C 206 6.21 -25.58 38.07
CA ALA C 206 7.61 -25.64 38.47
C ALA C 206 7.80 -25.22 39.94
N GLY C 207 8.89 -25.79 40.49
CA GLY C 207 9.28 -25.50 41.87
C GLY C 207 8.81 -26.60 42.80
N GLU C 208 9.24 -26.57 44.10
CA GLU C 208 9.19 -27.87 44.88
C GLU C 208 10.02 -29.12 44.29
N GLY C 209 9.57 -30.37 44.60
CA GLY C 209 10.18 -31.62 44.10
C GLY C 209 9.10 -32.55 43.49
N VAL C 210 9.49 -33.57 42.74
CA VAL C 210 8.49 -34.46 42.17
C VAL C 210 7.78 -35.20 43.34
N GLU C 211 8.38 -35.04 44.51
CA GLU C 211 7.87 -35.63 45.73
C GLU C 211 6.55 -34.98 46.16
N GLU C 212 6.36 -33.73 45.75
CA GLU C 212 5.18 -32.97 46.12
C GLU C 212 4.03 -33.15 45.16
N SER C 213 4.23 -33.99 44.15
CA SER C 213 3.16 -34.23 43.20
C SER C 213 2.08 -35.03 43.92
N GLU C 214 0.82 -34.79 43.56
CA GLU C 214 -0.28 -35.47 44.20
C GLU C 214 -1.59 -35.46 43.41
N LEU C 215 -2.54 -36.24 43.89
CA LEU C 215 -3.85 -36.35 43.26
C LEU C 215 -4.89 -35.46 43.91
N VAL C 216 -5.44 -34.55 43.11
CA VAL C 216 -6.49 -33.65 43.57
C VAL C 216 -7.83 -34.26 43.17
N ARG C 217 -8.52 -34.87 44.14
CA ARG C 217 -9.82 -35.47 43.85
C ARG C 217 -10.81 -34.32 43.62
N GLY C 218 -10.63 -33.67 42.47
CA GLY C 218 -11.43 -32.53 42.07
C GLY C 218 -10.82 -31.92 40.82
N VAL C 219 -10.70 -30.60 40.77
CA VAL C 219 -10.13 -29.93 39.61
C VAL C 219 -9.30 -28.72 40.01
N VAL C 220 -8.28 -28.40 39.22
CA VAL C 220 -7.44 -27.22 39.49
C VAL C 220 -7.53 -26.35 38.25
N ILE C 221 -7.94 -25.10 38.44
CA ILE C 221 -8.10 -24.16 37.35
C ILE C 221 -7.13 -23.00 37.50
N ASP C 222 -6.52 -22.59 36.39
CA ASP C 222 -5.58 -21.49 36.43
C ASP C 222 -6.23 -20.15 36.16
N LYS C 223 -6.99 -19.69 37.14
CA LYS C 223 -7.67 -18.42 37.05
C LYS C 223 -7.68 -17.95 38.48
N GLU C 224 -8.22 -16.77 38.72
CA GLU C 224 -8.30 -16.25 40.07
C GLU C 224 -9.67 -15.64 40.35
N VAL C 225 -9.93 -15.29 41.60
CA VAL C 225 -11.20 -14.70 41.98
C VAL C 225 -11.31 -13.34 41.30
N VAL C 226 -12.36 -13.17 40.52
CA VAL C 226 -12.57 -11.95 39.73
C VAL C 226 -12.66 -10.62 40.47
N HIS C 227 -13.00 -10.65 41.77
CA HIS C 227 -13.15 -9.42 42.55
C HIS C 227 -12.48 -9.49 43.94
N PRO C 228 -11.76 -8.41 44.32
CA PRO C 228 -11.05 -8.28 45.60
C PRO C 228 -11.85 -8.66 46.83
N ARG C 229 -13.08 -8.20 46.88
CA ARG C 229 -13.96 -8.41 48.03
C ARG C 229 -14.59 -9.79 48.15
N MET C 230 -14.37 -10.66 47.17
CA MET C 230 -14.93 -11.99 47.23
C MET C 230 -14.08 -12.89 48.10
N PRO C 231 -14.68 -13.92 48.69
CA PRO C 231 -13.94 -14.85 49.54
C PRO C 231 -12.81 -15.53 48.76
N LYS C 232 -11.68 -15.78 49.39
CA LYS C 232 -10.60 -16.47 48.69
C LYS C 232 -10.65 -17.96 49.05
N ARG C 233 -11.60 -18.33 49.89
CA ARG C 233 -11.77 -19.71 50.35
C ARG C 233 -13.22 -19.95 50.77
N VAL C 234 -13.73 -21.14 50.50
CA VAL C 234 -15.09 -21.50 50.85
C VAL C 234 -15.06 -22.94 51.35
N GLU C 235 -15.70 -23.19 52.49
CA GLU C 235 -15.72 -24.52 53.09
C GLU C 235 -16.56 -25.50 52.28
N ASN C 236 -17.82 -25.64 52.64
CA ASN C 236 -18.66 -26.55 51.91
C ASN C 236 -19.35 -25.78 50.82
N ALA C 237 -18.61 -25.65 49.73
CA ALA C 237 -19.04 -24.92 48.57
C ALA C 237 -20.13 -25.59 47.76
N LYS C 238 -21.07 -24.77 47.33
CA LYS C 238 -22.18 -25.18 46.49
C LYS C 238 -21.82 -24.44 45.22
N ILE C 239 -21.16 -25.14 44.30
CA ILE C 239 -20.72 -24.51 43.06
C ILE C 239 -21.76 -24.40 41.96
N ALA C 240 -21.78 -23.23 41.32
CA ALA C 240 -22.70 -22.97 40.24
C ALA C 240 -21.91 -22.79 38.93
N LEU C 241 -22.24 -23.59 37.92
CA LEU C 241 -21.58 -23.52 36.62
C LEU C 241 -22.47 -22.78 35.63
N ILE C 242 -22.14 -21.52 35.42
CA ILE C 242 -22.92 -20.66 34.54
C ILE C 242 -22.22 -20.36 33.22
N ASN C 243 -22.77 -20.85 32.12
CA ASN C 243 -22.18 -20.58 30.81
C ASN C 243 -23.01 -19.50 30.17
N GLU C 244 -23.00 -18.33 30.78
CA GLU C 244 -23.74 -17.21 30.26
C GLU C 244 -23.03 -15.93 30.59
N ALA C 245 -23.11 -14.97 29.69
CA ALA C 245 -22.45 -13.71 29.90
C ALA C 245 -23.19 -12.87 30.94
N LEU C 246 -22.59 -12.77 32.13
CA LEU C 246 -23.15 -11.99 33.22
C LEU C 246 -22.96 -10.52 32.93
N GLU C 247 -23.54 -10.05 31.84
CA GLU C 247 -23.42 -8.65 31.47
C GLU C 247 -24.71 -8.15 30.80
N VAL C 248 -24.82 -6.84 30.68
CA VAL C 248 -25.99 -6.21 30.08
C VAL C 248 -26.40 -6.76 28.71
N LYS C 249 -27.42 -7.60 28.65
CA LYS C 249 -27.87 -8.16 27.39
C LYS C 249 -28.32 -7.11 26.39
N LYS C 250 -28.33 -7.46 25.11
CA LYS C 250 -28.73 -6.54 24.06
C LYS C 250 -29.61 -7.27 23.07
N THR C 251 -30.43 -6.53 22.34
CA THR C 251 -31.33 -7.16 21.38
C THR C 251 -30.58 -7.51 20.11
N GLU C 252 -31.01 -8.57 19.43
CA GLU C 252 -30.38 -8.97 18.19
C GLU C 252 -30.68 -7.88 17.17
N THR C 253 -31.90 -7.36 17.24
CA THR C 253 -32.33 -6.30 16.35
C THR C 253 -31.55 -5.07 16.74
N ASP C 254 -31.03 -4.35 15.75
CA ASP C 254 -30.24 -3.15 16.00
C ASP C 254 -30.98 -2.13 16.86
N ALA C 255 -30.39 -1.71 17.96
CA ALA C 255 -31.02 -0.75 18.86
C ALA C 255 -30.08 0.27 19.51
N LYS C 256 -30.56 1.50 19.66
CA LYS C 256 -29.80 2.59 20.28
C LYS C 256 -30.71 3.48 21.16
N ILE C 257 -30.20 3.86 22.33
CA ILE C 257 -30.92 4.70 23.28
C ILE C 257 -30.77 6.17 22.89
N ASN C 258 -31.85 6.92 23.00
CA ASN C 258 -31.82 8.35 22.65
C ASN C 258 -32.24 9.20 23.83
N ILE C 259 -31.26 9.61 24.63
CA ILE C 259 -31.52 10.46 25.79
C ILE C 259 -32.13 11.78 25.32
N THR C 260 -33.31 12.10 25.85
CA THR C 260 -34.01 13.32 25.49
C THR C 260 -34.09 14.32 26.65
N SER C 261 -33.88 13.87 27.87
CA SER C 261 -33.90 14.77 29.00
C SER C 261 -32.85 14.34 30.02
N PRO C 262 -32.26 15.31 30.75
CA PRO C 262 -31.22 15.13 31.77
C PRO C 262 -31.35 13.94 32.70
N ASP C 263 -32.54 13.73 33.25
CA ASP C 263 -32.77 12.64 34.18
C ASP C 263 -32.66 11.24 33.56
N GLN C 264 -32.62 11.17 32.23
CA GLN C 264 -32.52 9.87 31.56
C GLN C 264 -31.15 9.22 31.81
N LEU C 265 -30.09 10.04 31.78
CA LEU C 265 -28.75 9.54 32.00
C LEU C 265 -28.69 8.64 33.22
N MET C 266 -29.31 9.05 34.30
CA MET C 266 -29.28 8.25 35.52
C MET C 266 -30.20 7.04 35.50
N SER C 267 -31.40 7.21 34.94
CA SER C 267 -32.36 6.12 34.90
C SER C 267 -31.90 4.91 34.10
N PHE C 268 -31.32 5.16 32.93
CA PHE C 268 -30.83 4.07 32.10
C PHE C 268 -29.72 3.28 32.77
N LEU C 269 -28.81 3.98 33.43
CA LEU C 269 -27.72 3.28 34.09
C LEU C 269 -28.26 2.35 35.17
N GLU C 270 -29.23 2.82 35.92
CA GLU C 270 -29.79 2.00 36.99
C GLU C 270 -30.62 0.89 36.39
N GLN C 271 -31.17 1.13 35.22
CA GLN C 271 -31.97 0.11 34.57
C GLN C 271 -31.07 -1.09 34.33
N GLU C 272 -29.85 -0.82 33.88
CA GLU C 272 -28.88 -1.87 33.63
C GLU C 272 -28.37 -2.44 34.94
N GLU C 273 -28.07 -1.57 35.91
CA GLU C 273 -27.59 -2.08 37.20
C GLU C 273 -28.60 -3.12 37.61
N LYS C 274 -29.86 -2.76 37.48
CA LYS C 274 -30.94 -3.66 37.86
C LYS C 274 -30.76 -4.98 37.13
N MET C 275 -30.80 -4.92 35.79
CA MET C 275 -30.64 -6.12 34.98
C MET C 275 -29.51 -6.97 35.52
N LEU C 276 -28.35 -6.34 35.69
CA LEU C 276 -27.20 -7.03 36.23
C LEU C 276 -27.52 -7.62 37.61
N LYS C 277 -27.98 -6.78 38.53
CA LYS C 277 -28.31 -7.27 39.86
C LYS C 277 -29.35 -8.36 39.86
N ASP C 278 -30.20 -8.39 38.85
CA ASP C 278 -31.23 -9.40 38.79
C ASP C 278 -30.66 -10.77 38.47
N MET C 279 -29.71 -10.82 37.54
CA MET C 279 -29.11 -12.09 37.18
C MET C 279 -28.40 -12.64 38.40
N VAL C 280 -27.58 -11.81 39.03
CA VAL C 280 -26.85 -12.22 40.20
C VAL C 280 -27.77 -12.72 41.32
N ASP C 281 -28.98 -12.15 41.41
CA ASP C 281 -29.93 -12.56 42.42
C ASP C 281 -30.34 -14.01 42.16
N HIS C 282 -30.65 -14.31 40.89
CA HIS C 282 -31.03 -15.66 40.49
C HIS C 282 -29.98 -16.69 40.89
N ILE C 283 -28.73 -16.25 40.96
CA ILE C 283 -27.61 -17.13 41.32
C ILE C 283 -27.47 -17.25 42.84
N ALA C 284 -27.71 -16.14 43.55
CA ALA C 284 -27.60 -16.14 45.00
C ALA C 284 -28.73 -16.95 45.66
N GLN C 285 -29.92 -16.87 45.07
CA GLN C 285 -31.10 -17.55 45.57
C GLN C 285 -31.00 -19.05 45.62
N THR C 286 -30.20 -19.64 44.72
CA THR C 286 -30.05 -21.08 44.68
C THR C 286 -29.17 -21.53 45.85
N GLY C 287 -28.56 -20.56 46.53
CA GLY C 287 -27.73 -20.88 47.68
C GLY C 287 -26.29 -21.12 47.32
N ALA C 288 -25.90 -20.68 46.13
CA ALA C 288 -24.54 -20.86 45.64
C ALA C 288 -23.55 -19.85 46.23
N ASN C 289 -22.43 -20.37 46.76
CA ASN C 289 -21.39 -19.52 47.33
C ASN C 289 -20.10 -19.53 46.50
N VAL C 290 -20.16 -20.15 45.32
CA VAL C 290 -19.04 -20.26 44.37
C VAL C 290 -19.59 -20.35 42.95
N VAL C 291 -19.20 -19.43 42.08
CA VAL C 291 -19.70 -19.43 40.71
C VAL C 291 -18.62 -19.39 39.64
N PHE C 292 -18.66 -20.34 38.71
CA PHE C 292 -17.70 -20.38 37.61
C PHE C 292 -18.41 -19.98 36.34
N VAL C 293 -18.05 -18.81 35.81
CA VAL C 293 -18.68 -18.30 34.60
C VAL C 293 -17.78 -18.47 33.39
N GLN C 294 -18.34 -19.06 32.34
CA GLN C 294 -17.60 -19.29 31.12
C GLN C 294 -17.35 -18.02 30.34
N LYS C 295 -18.32 -17.11 30.33
CA LYS C 295 -18.15 -15.87 29.59
C LYS C 295 -17.68 -14.78 30.53
N GLY C 296 -17.92 -13.53 30.16
CA GLY C 296 -17.50 -12.40 30.98
C GLY C 296 -18.41 -12.10 32.15
N ILE C 297 -17.96 -11.15 32.99
CA ILE C 297 -18.72 -10.71 34.17
C ILE C 297 -18.54 -9.21 34.38
N ASP C 298 -19.60 -8.45 34.12
CA ASP C 298 -19.56 -6.99 34.29
C ASP C 298 -19.02 -6.63 35.67
N ASP C 299 -18.54 -5.40 35.82
CA ASP C 299 -18.00 -4.95 37.10
C ASP C 299 -19.05 -4.84 38.18
N LEU C 300 -20.24 -4.37 37.79
CA LEU C 300 -21.34 -4.22 38.74
C LEU C 300 -21.79 -5.59 39.19
N ALA C 301 -21.95 -6.50 38.25
CA ALA C 301 -22.35 -7.87 38.58
C ALA C 301 -21.35 -8.47 39.56
N GLN C 302 -20.08 -8.09 39.40
CA GLN C 302 -19.01 -8.56 40.29
C GLN C 302 -19.20 -7.98 41.68
N HIS C 303 -19.73 -6.76 41.72
CA HIS C 303 -19.97 -6.06 42.96
C HIS C 303 -21.05 -6.72 43.80
N TYR C 304 -22.22 -6.92 43.20
CA TYR C 304 -23.32 -7.57 43.92
C TYR C 304 -22.85 -8.96 44.31
N LEU C 305 -22.25 -9.68 43.38
CA LEU C 305 -21.75 -11.03 43.66
C LEU C 305 -20.85 -11.06 44.89
N ALA C 306 -20.06 -10.00 45.04
CA ALA C 306 -19.13 -9.85 46.16
C ALA C 306 -19.87 -9.58 47.47
N LYS C 307 -20.91 -8.74 47.43
CA LYS C 307 -21.69 -8.44 48.63
C LYS C 307 -22.29 -9.71 49.22
N TYR C 308 -22.83 -10.57 48.39
CA TYR C 308 -23.42 -11.81 48.88
C TYR C 308 -22.37 -12.81 49.35
N GLY C 309 -21.10 -12.41 49.38
CA GLY C 309 -20.06 -13.31 49.82
C GLY C 309 -19.89 -14.54 48.94
N ILE C 310 -20.20 -14.36 47.65
CA ILE C 310 -20.08 -15.42 46.65
C ILE C 310 -18.71 -15.27 45.98
N MET C 311 -18.05 -16.38 45.69
CA MET C 311 -16.75 -16.36 45.01
C MET C 311 -17.00 -16.66 43.55
N ALA C 312 -16.57 -15.75 42.68
CA ALA C 312 -16.78 -15.93 41.26
C ALA C 312 -15.50 -15.80 40.45
N VAL C 313 -15.46 -16.54 39.36
CA VAL C 313 -14.34 -16.53 38.46
C VAL C 313 -14.97 -16.43 37.10
N ARG C 314 -14.37 -15.62 36.23
CA ARG C 314 -14.91 -15.45 34.89
C ARG C 314 -13.99 -16.05 33.85
N ARG C 315 -14.45 -16.04 32.60
CA ARG C 315 -13.67 -16.58 31.50
C ARG C 315 -13.10 -17.95 31.81
N VAL C 316 -13.93 -18.89 32.22
CA VAL C 316 -13.41 -20.21 32.52
C VAL C 316 -13.41 -21.01 31.22
N LYS C 317 -12.31 -21.73 30.98
CA LYS C 317 -12.15 -22.53 29.77
C LYS C 317 -13.26 -23.56 29.63
N LYS C 318 -13.87 -23.64 28.45
CA LYS C 318 -14.94 -24.59 28.22
C LYS C 318 -14.59 -25.98 28.73
N SER C 319 -13.35 -26.40 28.46
CA SER C 319 -12.85 -27.70 28.88
C SER C 319 -12.76 -27.81 30.39
N ASP C 320 -12.62 -26.66 31.03
CA ASP C 320 -12.53 -26.58 32.49
C ASP C 320 -13.92 -26.70 33.04
N MET C 321 -14.88 -26.05 32.38
CA MET C 321 -16.26 -26.08 32.81
C MET C 321 -16.72 -27.51 32.95
N GLU C 322 -16.47 -28.30 31.91
CA GLU C 322 -16.86 -29.69 31.86
C GLU C 322 -16.22 -30.57 32.93
N LYS C 323 -14.96 -30.29 33.27
CA LYS C 323 -14.25 -31.07 34.29
C LYS C 323 -14.81 -30.75 35.67
N LEU C 324 -15.32 -29.52 35.82
CA LEU C 324 -15.93 -29.04 37.07
C LEU C 324 -17.29 -29.69 37.22
N ALA C 325 -18.00 -29.78 36.11
CA ALA C 325 -19.30 -30.41 36.10
C ALA C 325 -19.10 -31.86 36.55
N LYS C 326 -18.16 -32.56 35.91
CA LYS C 326 -17.89 -33.96 36.22
C LYS C 326 -17.25 -34.24 37.56
N ALA C 327 -16.54 -33.26 38.11
CA ALA C 327 -15.88 -33.46 39.38
C ALA C 327 -16.71 -33.04 40.58
N THR C 328 -17.59 -32.04 40.40
CA THR C 328 -18.42 -31.54 41.49
C THR C 328 -19.86 -32.06 41.46
N GLY C 329 -20.31 -32.57 40.32
CA GLY C 329 -21.67 -33.07 40.23
C GLY C 329 -22.62 -31.93 39.89
N ALA C 330 -22.04 -30.79 39.55
CA ALA C 330 -22.80 -29.59 39.19
C ALA C 330 -23.30 -29.65 37.75
N LYS C 331 -24.28 -28.82 37.43
CA LYS C 331 -24.82 -28.80 36.08
C LYS C 331 -24.63 -27.45 35.40
N ILE C 332 -24.09 -27.49 34.18
CA ILE C 332 -23.85 -26.27 33.43
C ILE C 332 -25.19 -25.73 32.97
N VAL C 333 -25.38 -24.42 33.12
CA VAL C 333 -26.63 -23.78 32.73
C VAL C 333 -26.38 -22.64 31.74
N THR C 334 -27.35 -22.40 30.87
CA THR C 334 -27.26 -21.35 29.87
C THR C 334 -28.06 -20.12 30.24
N ASN C 335 -29.03 -20.29 31.14
CA ASN C 335 -29.92 -19.20 31.59
C ASN C 335 -29.91 -19.15 33.11
N VAL C 336 -29.48 -18.03 33.69
CA VAL C 336 -29.45 -17.91 35.14
C VAL C 336 -30.86 -17.98 35.71
N LYS C 337 -31.84 -17.50 34.95
CA LYS C 337 -33.24 -17.50 35.36
C LYS C 337 -33.75 -18.87 35.76
N ASP C 338 -33.34 -19.91 35.03
CA ASP C 338 -33.79 -21.28 35.32
C ASP C 338 -32.85 -22.08 36.21
N LEU C 339 -31.92 -21.40 36.87
CA LEU C 339 -30.98 -22.08 37.74
C LEU C 339 -31.71 -22.52 39.01
N THR C 340 -31.47 -23.76 39.44
CA THR C 340 -32.11 -24.28 40.64
C THR C 340 -31.05 -24.90 41.55
N PRO C 341 -31.33 -25.04 42.85
CA PRO C 341 -30.34 -25.63 43.76
C PRO C 341 -29.82 -27.03 43.37
N GLU C 342 -30.54 -27.72 42.49
CA GLU C 342 -30.14 -29.06 42.06
C GLU C 342 -29.04 -28.99 41.03
N ASP C 343 -28.94 -27.84 40.38
CA ASP C 343 -27.93 -27.62 39.37
C ASP C 343 -26.59 -27.41 40.05
N LEU C 344 -26.64 -27.05 41.33
CA LEU C 344 -25.41 -26.81 42.08
C LEU C 344 -24.62 -28.09 42.35
N GLY C 345 -23.31 -27.92 42.51
CA GLY C 345 -22.44 -29.04 42.77
C GLY C 345 -21.70 -28.85 44.09
N TYR C 346 -21.02 -29.88 44.56
CA TYR C 346 -20.31 -29.81 45.82
C TYR C 346 -18.80 -30.04 45.78
N ALA C 347 -18.10 -29.33 46.67
CA ALA C 347 -16.66 -29.42 46.80
C ALA C 347 -16.29 -29.13 48.25
N GLU C 348 -15.74 -30.12 48.93
CA GLU C 348 -15.34 -29.99 50.32
C GLU C 348 -14.52 -28.73 50.63
N VAL C 349 -13.97 -28.11 49.60
CA VAL C 349 -13.17 -26.89 49.73
C VAL C 349 -12.82 -26.31 48.36
N VAL C 350 -12.98 -25.00 48.22
CA VAL C 350 -12.65 -24.30 46.97
C VAL C 350 -11.86 -23.07 47.39
N GLU C 351 -10.60 -23.00 46.99
CA GLU C 351 -9.74 -21.89 47.39
C GLU C 351 -8.67 -21.45 46.39
N GLU C 352 -8.37 -20.15 46.41
CA GLU C 352 -7.36 -19.56 45.56
C GLU C 352 -6.03 -19.65 46.28
N ARG C 353 -5.07 -20.35 45.67
CA ARG C 353 -3.74 -20.50 46.26
C ARG C 353 -2.69 -20.01 45.29
N LYS C 354 -1.73 -19.28 45.83
CA LYS C 354 -0.64 -18.74 45.02
C LYS C 354 0.47 -19.80 44.96
N LEU C 355 0.33 -20.71 44.01
CA LEU C 355 1.30 -21.78 43.84
C LEU C 355 2.39 -21.35 42.84
N ALA C 356 3.57 -21.01 43.35
CA ALA C 356 4.70 -20.57 42.53
C ALA C 356 4.43 -19.16 41.99
N GLY C 357 4.03 -18.27 42.91
CA GLY C 357 3.72 -16.89 42.54
C GLY C 357 2.52 -16.80 41.61
N GLU C 358 1.97 -17.97 41.27
CA GLU C 358 0.82 -18.09 40.38
C GLU C 358 -0.48 -18.30 41.13
N ASN C 359 -1.54 -17.68 40.65
CA ASN C 359 -2.83 -17.85 41.29
C ASN C 359 -3.66 -18.88 40.57
N MET C 360 -4.07 -19.89 41.32
CA MET C 360 -4.88 -20.97 40.79
C MET C 360 -5.99 -21.25 41.78
N ILE C 361 -7.06 -21.88 41.31
CA ILE C 361 -8.17 -22.21 42.17
C ILE C 361 -8.27 -23.71 42.27
N PHE C 362 -8.34 -24.21 43.50
CA PHE C 362 -8.43 -25.64 43.75
C PHE C 362 -9.83 -26.07 44.18
N VAL C 363 -10.51 -26.82 43.31
CA VAL C 363 -11.83 -27.32 43.66
C VAL C 363 -11.54 -28.74 44.13
N GLU C 364 -11.18 -28.89 45.39
CA GLU C 364 -10.83 -30.20 45.93
C GLU C 364 -11.79 -30.80 46.94
N GLY C 365 -11.62 -32.10 47.17
CA GLY C 365 -12.45 -32.82 48.13
C GLY C 365 -13.86 -33.08 47.65
N CYS C 366 -14.03 -33.31 46.35
CA CYS C 366 -15.36 -33.56 45.83
C CYS C 366 -15.93 -34.87 46.31
N LYS C 367 -17.23 -35.05 46.11
CA LYS C 367 -17.94 -36.25 46.52
C LYS C 367 -17.33 -37.45 45.80
N ASN C 368 -17.77 -37.69 44.57
CA ASN C 368 -17.24 -38.80 43.79
C ASN C 368 -16.95 -38.31 42.39
N PRO C 369 -15.89 -37.51 42.22
CA PRO C 369 -15.55 -36.96 40.91
C PRO C 369 -15.44 -37.98 39.76
N LYS C 370 -15.92 -37.57 38.59
CA LYS C 370 -15.88 -38.39 37.38
C LYS C 370 -14.73 -37.86 36.53
N ALA C 371 -14.11 -36.82 37.07
CA ALA C 371 -12.96 -36.13 36.49
C ALA C 371 -12.08 -35.80 37.69
N VAL C 372 -10.76 -35.95 37.54
CA VAL C 372 -9.84 -35.68 38.62
C VAL C 372 -8.54 -35.05 38.08
N THR C 373 -7.79 -34.36 38.93
CA THR C 373 -6.55 -33.71 38.48
C THR C 373 -5.28 -34.17 39.20
N ILE C 374 -4.17 -34.29 38.46
CA ILE C 374 -2.89 -34.67 39.06
C ILE C 374 -1.97 -33.46 39.00
N LEU C 375 -1.51 -33.02 40.16
CA LEU C 375 -0.64 -31.87 40.22
C LEU C 375 0.83 -32.30 40.22
N ILE C 376 1.52 -31.98 39.13
CA ILE C 376 2.93 -32.32 38.96
C ILE C 376 3.86 -31.17 39.39
N ARG C 377 4.77 -31.48 40.30
CA ARG C 377 5.73 -30.51 40.82
C ARG C 377 7.15 -30.95 40.43
N GLY C 378 7.98 -30.01 39.98
CA GLY C 378 9.34 -30.34 39.60
C GLY C 378 10.29 -29.16 39.54
N GLY C 379 11.56 -29.39 39.86
CA GLY C 379 12.55 -28.32 39.86
C GLY C 379 12.66 -27.48 38.59
N THR C 380 12.59 -28.14 37.44
CA THR C 380 12.66 -27.45 36.15
C THR C 380 11.48 -27.81 35.25
N GLU C 381 11.29 -27.02 34.20
CA GLU C 381 10.23 -27.25 33.21
C GLU C 381 10.43 -28.65 32.63
N HIS C 382 11.70 -28.97 32.41
CA HIS C 382 12.11 -30.24 31.85
C HIS C 382 11.73 -31.39 32.76
N VAL C 383 12.11 -31.31 34.03
CA VAL C 383 11.75 -32.36 34.98
C VAL C 383 10.25 -32.65 34.94
N ILE C 384 9.46 -31.57 34.91
CA ILE C 384 8.00 -31.65 34.88
C ILE C 384 7.45 -32.28 33.60
N ASP C 385 7.73 -31.66 32.46
CA ASP C 385 7.27 -32.16 31.17
C ASP C 385 7.53 -33.67 30.95
N GLU C 386 8.64 -34.16 31.48
CA GLU C 386 8.98 -35.58 31.33
C GLU C 386 8.21 -36.42 32.34
N VAL C 387 7.84 -35.84 33.48
CA VAL C 387 7.07 -36.58 34.48
C VAL C 387 5.64 -36.73 33.96
N GLU C 388 5.13 -35.69 33.32
CA GLU C 388 3.79 -35.76 32.76
C GLU C 388 3.75 -36.86 31.72
N ARG C 389 4.78 -36.91 30.88
CA ARG C 389 4.90 -37.91 29.82
C ARG C 389 4.95 -39.33 30.39
N ALA C 390 5.53 -39.46 31.58
CA ALA C 390 5.62 -40.75 32.24
C ALA C 390 4.23 -41.16 32.73
N LEU C 391 3.53 -40.21 33.35
CA LEU C 391 2.19 -40.44 33.89
C LEU C 391 1.16 -40.79 32.82
N GLU C 392 1.24 -40.13 31.67
CA GLU C 392 0.30 -40.38 30.57
C GLU C 392 0.42 -41.79 30.07
N ASP C 393 1.61 -42.36 30.19
CA ASP C 393 1.80 -43.73 29.78
C ASP C 393 1.39 -44.61 30.96
N ALA C 394 1.77 -44.19 32.17
CA ALA C 394 1.42 -44.92 33.39
C ALA C 394 -0.08 -45.07 33.50
N VAL C 395 -0.79 -44.04 33.06
CA VAL C 395 -2.25 -44.02 33.09
C VAL C 395 -2.87 -44.82 31.94
N LYS C 396 -2.38 -44.58 30.72
CA LYS C 396 -2.88 -45.29 29.54
C LYS C 396 -2.74 -46.82 29.66
N VAL C 397 -1.72 -47.29 30.36
CA VAL C 397 -1.51 -48.74 30.53
C VAL C 397 -2.48 -49.30 31.56
N VAL C 398 -2.63 -48.60 32.69
CA VAL C 398 -3.54 -49.03 33.75
C VAL C 398 -4.93 -49.15 33.12
N LYS C 399 -5.24 -48.20 32.23
CA LYS C 399 -6.50 -48.18 31.53
C LYS C 399 -6.65 -49.46 30.71
N ASP C 400 -5.54 -49.89 30.09
CA ASP C 400 -5.57 -51.09 29.26
C ASP C 400 -5.87 -52.34 30.07
N VAL C 401 -5.26 -52.46 31.26
CA VAL C 401 -5.48 -53.63 32.08
C VAL C 401 -6.89 -53.75 32.64
N MET C 402 -7.50 -52.62 33.02
CA MET C 402 -8.85 -52.65 33.56
C MET C 402 -9.88 -53.05 32.49
N GLU C 403 -9.68 -52.57 31.27
CA GLU C 403 -10.59 -52.89 30.18
C GLU C 403 -10.27 -54.26 29.58
N ASP C 404 -9.04 -54.73 29.77
CA ASP C 404 -8.57 -56.01 29.23
C ASP C 404 -8.48 -57.15 30.23
N GLY C 405 -7.98 -56.84 31.42
CA GLY C 405 -7.82 -57.87 32.43
C GLY C 405 -6.87 -58.96 31.99
N ALA C 406 -5.81 -58.55 31.30
CA ALA C 406 -4.78 -59.45 30.77
C ALA C 406 -3.39 -58.78 30.77
N VAL C 407 -2.41 -59.44 31.37
CA VAL C 407 -1.05 -58.90 31.41
C VAL C 407 -0.01 -59.93 30.92
N LEU C 408 1.20 -59.44 30.64
CA LEU C 408 2.32 -60.26 30.18
C LEU C 408 3.56 -59.85 30.94
N PRO C 409 4.61 -60.69 30.91
CA PRO C 409 5.86 -60.32 31.61
C PRO C 409 6.62 -59.32 30.73
N ALA C 410 7.61 -58.64 31.26
CA ALA C 410 8.37 -57.67 30.46
C ALA C 410 9.76 -58.19 30.06
N GLY C 411 10.67 -57.28 29.78
CA GLY C 411 12.03 -57.66 29.41
C GLY C 411 12.15 -58.54 28.18
N GLY C 412 11.32 -58.29 27.16
CA GLY C 412 11.40 -59.09 25.96
C GLY C 412 10.82 -60.49 26.10
N ALA C 413 10.46 -60.87 27.32
CA ALA C 413 9.89 -62.19 27.60
C ALA C 413 8.80 -62.62 26.61
N PRO C 414 7.87 -61.72 26.24
CA PRO C 414 6.81 -62.07 25.29
C PRO C 414 7.33 -62.26 23.87
N GLU C 415 8.32 -61.44 23.50
CA GLU C 415 8.90 -61.50 22.15
C GLU C 415 9.79 -62.74 22.02
N ILE C 416 10.45 -63.12 23.12
CA ILE C 416 11.28 -64.32 23.12
C ILE C 416 10.34 -65.49 22.87
N GLU C 417 9.26 -65.57 23.65
CA GLU C 417 8.27 -66.62 23.50
C GLU C 417 7.71 -66.63 22.08
N LEU C 418 7.38 -65.46 21.57
CA LEU C 418 6.85 -65.31 20.22
C LEU C 418 7.84 -65.79 19.16
N ALA C 419 9.13 -65.56 19.43
CA ALA C 419 10.17 -65.96 18.50
C ALA C 419 10.22 -67.49 18.46
N ILE C 420 10.53 -68.08 19.62
CA ILE C 420 10.62 -69.52 19.76
C ILE C 420 9.42 -70.20 19.09
N ARG C 421 8.25 -69.81 19.53
CA ARG C 421 7.00 -70.37 19.03
C ARG C 421 6.77 -70.14 17.53
N LEU C 422 6.83 -68.89 17.10
CA LEU C 422 6.60 -68.55 15.68
C LEU C 422 7.51 -69.30 14.73
N ASP C 423 8.58 -69.88 15.25
CA ASP C 423 9.50 -70.63 14.40
C ASP C 423 8.91 -72.01 14.09
N GLU C 424 8.26 -72.60 15.08
CA GLU C 424 7.63 -73.91 14.91
C GLU C 424 6.60 -73.70 13.83
N TYR C 425 5.77 -72.70 14.05
CA TYR C 425 4.73 -72.38 13.11
C TYR C 425 5.32 -72.23 11.72
N ALA C 426 6.54 -71.70 11.64
CA ALA C 426 7.22 -71.49 10.36
C ALA C 426 7.40 -72.82 9.65
N LYS C 427 7.85 -73.82 10.41
CA LYS C 427 8.05 -75.15 9.86
C LYS C 427 6.75 -75.64 9.24
N GLN C 428 5.75 -75.90 10.08
CA GLN C 428 4.47 -76.37 9.58
C GLN C 428 3.94 -75.60 8.37
N VAL C 429 4.26 -74.31 8.25
CA VAL C 429 3.80 -73.56 7.09
C VAL C 429 4.69 -73.95 5.92
N GLY C 430 6.00 -73.98 6.17
CA GLY C 430 6.97 -74.36 5.16
C GLY C 430 6.94 -73.66 3.81
N GLY C 431 8.01 -73.87 3.04
CA GLY C 431 8.10 -73.26 1.74
C GLY C 431 8.77 -71.91 1.85
N LYS C 432 8.61 -71.10 0.81
CA LYS C 432 9.20 -69.77 0.81
C LYS C 432 8.63 -69.06 2.03
N GLU C 433 7.31 -69.14 2.19
CA GLU C 433 6.60 -68.53 3.31
C GLU C 433 7.28 -68.77 4.67
N ALA C 434 7.76 -69.98 4.87
CA ALA C 434 8.42 -70.34 6.13
C ALA C 434 9.66 -69.50 6.38
N LEU C 435 10.29 -69.04 5.29
CA LEU C 435 11.48 -68.20 5.37
C LEU C 435 11.08 -66.85 5.94
N ALA C 436 9.98 -66.29 5.43
CA ALA C 436 9.47 -65.01 5.88
C ALA C 436 9.05 -65.15 7.33
N ILE C 437 8.35 -66.23 7.66
CA ILE C 437 7.87 -66.49 9.02
C ILE C 437 9.00 -66.72 10.00
N GLU C 438 10.13 -67.20 9.51
CA GLU C 438 11.30 -67.46 10.36
C GLU C 438 12.03 -66.16 10.61
N ASN C 439 12.10 -65.34 9.57
CA ASN C 439 12.74 -64.02 9.63
C ASN C 439 11.94 -63.10 10.56
N PHE C 440 10.62 -63.12 10.41
CA PHE C 440 9.71 -62.32 11.22
C PHE C 440 9.93 -62.66 12.69
N ALA C 441 9.99 -63.96 12.99
CA ALA C 441 10.17 -64.42 14.36
C ALA C 441 11.55 -64.05 14.92
N ASP C 442 12.53 -63.93 14.03
CA ASP C 442 13.88 -63.57 14.45
C ASP C 442 13.87 -62.10 14.80
N ALA C 443 13.26 -61.31 13.91
CA ALA C 443 13.13 -59.88 14.09
C ALA C 443 12.67 -59.51 15.51
N LEU C 444 11.66 -60.20 16.02
CA LEU C 444 11.12 -59.94 17.36
C LEU C 444 12.18 -59.92 18.46
N LYS C 445 13.39 -60.37 18.13
CA LYS C 445 14.44 -60.40 19.12
C LYS C 445 15.16 -59.08 19.39
N ILE C 446 14.94 -58.03 18.57
CA ILE C 446 15.63 -56.76 18.81
C ILE C 446 15.20 -56.17 20.13
N ILE C 447 14.06 -56.62 20.64
CA ILE C 447 13.60 -56.09 21.90
C ILE C 447 14.52 -56.62 22.99
N PRO C 448 14.61 -57.95 23.14
CA PRO C 448 15.51 -58.49 24.17
C PRO C 448 16.93 -58.01 23.87
N LYS C 449 17.23 -57.99 22.57
CA LYS C 449 18.53 -57.58 22.04
C LYS C 449 18.95 -56.17 22.44
N THR C 450 18.22 -55.16 21.96
CA THR C 450 18.57 -53.78 22.24
C THR C 450 18.26 -53.39 23.69
N LEU C 451 17.72 -54.34 24.45
CA LEU C 451 17.40 -54.10 25.85
C LEU C 451 18.65 -54.29 26.67
N ALA C 452 19.36 -55.38 26.40
CA ALA C 452 20.59 -55.67 27.12
C ALA C 452 21.69 -54.80 26.54
N GLU C 453 21.52 -54.40 25.29
CA GLU C 453 22.49 -53.56 24.60
C GLU C 453 22.55 -52.17 25.23
N ASN C 454 21.38 -51.53 25.40
CA ASN C 454 21.34 -50.21 26.02
C ASN C 454 21.86 -50.28 27.44
N ALA C 455 21.66 -51.43 28.07
CA ALA C 455 22.11 -51.68 29.45
C ALA C 455 23.61 -51.89 29.54
N GLY C 456 24.28 -51.98 28.39
CA GLY C 456 25.72 -52.18 28.36
C GLY C 456 26.14 -53.62 28.58
N LEU C 457 25.23 -54.57 28.39
CA LEU C 457 25.53 -55.97 28.57
C LEU C 457 26.05 -56.62 27.29
N ASP C 458 26.41 -57.90 27.38
CA ASP C 458 26.91 -58.63 26.22
C ASP C 458 25.79 -59.17 25.35
N THR C 459 25.32 -58.34 24.44
CA THR C 459 24.27 -58.72 23.52
C THR C 459 24.29 -60.19 23.15
N VAL C 460 25.25 -60.55 22.30
CA VAL C 460 25.41 -61.92 21.81
C VAL C 460 25.25 -63.00 22.86
N GLU C 461 26.08 -62.92 23.90
CA GLU C 461 26.05 -63.90 24.98
C GLU C 461 24.76 -63.88 25.77
N MET C 462 24.34 -62.68 26.15
CA MET C 462 23.13 -62.45 26.92
C MET C 462 21.88 -63.08 26.29
N LEU C 463 21.68 -62.82 25.00
CA LEU C 463 20.53 -63.33 24.27
C LEU C 463 20.50 -64.85 24.19
N VAL C 464 21.65 -65.48 24.43
CA VAL C 464 21.76 -66.93 24.38
C VAL C 464 21.31 -67.57 25.70
N LYS C 465 21.57 -66.89 26.80
CA LYS C 465 21.17 -67.39 28.11
C LYS C 465 19.68 -67.19 28.30
N VAL C 466 19.16 -66.12 27.71
CA VAL C 466 17.75 -65.81 27.84
C VAL C 466 16.87 -66.73 27.00
N ILE C 467 17.32 -67.12 25.81
CA ILE C 467 16.53 -68.03 24.99
C ILE C 467 16.63 -69.44 25.58
N SER C 468 17.63 -69.64 26.43
CA SER C 468 17.84 -70.93 27.09
C SER C 468 16.90 -71.03 28.29
N GLU C 469 17.08 -70.15 29.26
CA GLU C 469 16.24 -70.11 30.46
C GLU C 469 14.76 -70.17 30.11
N HIS C 470 14.37 -69.38 29.11
CA HIS C 470 12.99 -69.31 28.65
C HIS C 470 12.49 -70.66 28.15
N LYS C 471 13.34 -71.34 27.39
CA LYS C 471 12.99 -72.65 26.86
C LYS C 471 12.90 -73.64 28.00
N ASN C 472 13.64 -73.36 29.09
CA ASN C 472 13.62 -74.24 30.24
C ASN C 472 12.56 -73.85 31.25
N ARG C 473 12.84 -72.77 31.97
CA ARG C 473 11.96 -72.28 33.00
C ARG C 473 10.57 -71.81 32.56
N GLY C 474 10.44 -71.27 31.36
CA GLY C 474 9.10 -70.88 30.92
C GLY C 474 8.86 -69.47 30.45
N LEU C 475 7.62 -69.20 30.08
CA LEU C 475 7.18 -67.90 29.57
C LEU C 475 7.55 -66.63 30.39
N GLY C 476 7.68 -66.77 31.70
CA GLY C 476 7.99 -65.60 32.53
C GLY C 476 9.45 -65.17 32.54
N ILE C 477 10.28 -65.82 31.74
CA ILE C 477 11.70 -65.48 31.71
C ILE C 477 12.06 -64.43 30.66
N GLY C 478 12.71 -63.37 31.14
CA GLY C 478 13.14 -62.28 30.28
C GLY C 478 14.43 -61.67 30.80
N ILE C 479 14.87 -60.58 30.19
CA ILE C 479 16.09 -59.88 30.61
C ILE C 479 15.74 -58.83 31.64
N ASP C 480 16.61 -58.65 32.62
CA ASP C 480 16.38 -57.66 33.64
C ASP C 480 17.57 -56.73 33.64
N VAL C 481 17.47 -55.65 32.89
CA VAL C 481 18.57 -54.69 32.79
C VAL C 481 19.07 -54.22 34.14
N PHE C 482 18.30 -54.45 35.19
CA PHE C 482 18.68 -54.07 36.55
C PHE C 482 19.45 -55.22 37.19
N GLU C 483 19.26 -56.41 36.64
CA GLU C 483 19.90 -57.63 37.13
C GLU C 483 21.11 -58.01 36.27
N GLY C 484 21.07 -57.65 34.99
CA GLY C 484 22.15 -57.98 34.08
C GLY C 484 22.11 -59.44 33.66
N LYS C 485 21.10 -60.15 34.14
CA LYS C 485 20.92 -61.57 33.82
C LYS C 485 19.47 -61.86 33.54
N PRO C 486 19.17 -63.05 32.97
CA PRO C 486 17.77 -63.36 32.70
C PRO C 486 17.09 -63.53 34.06
N ALA C 487 15.76 -63.43 34.10
CA ALA C 487 15.01 -63.59 35.35
C ALA C 487 13.53 -63.90 35.09
N ASP C 488 12.80 -64.26 36.15
CA ASP C 488 11.37 -64.50 36.01
C ASP C 488 10.75 -63.13 36.22
N MET C 489 10.30 -62.53 35.14
CA MET C 489 9.70 -61.21 35.17
C MET C 489 8.41 -61.15 36.03
N LEU C 490 7.66 -62.26 36.06
CA LEU C 490 6.45 -62.31 36.87
C LEU C 490 6.82 -62.17 38.35
N GLU C 491 7.80 -62.95 38.80
CA GLU C 491 8.24 -62.88 40.19
C GLU C 491 8.70 -61.50 40.62
N LYS C 492 9.22 -60.74 39.65
CA LYS C 492 9.73 -59.42 39.92
C LYS C 492 8.65 -58.35 39.68
N GLY C 493 7.45 -58.80 39.32
CA GLY C 493 6.37 -57.87 39.05
C GLY C 493 6.63 -56.98 37.85
N ILE C 494 7.67 -57.29 37.08
CA ILE C 494 8.01 -56.52 35.88
C ILE C 494 7.14 -57.04 34.74
N ILE C 495 5.95 -56.45 34.62
CA ILE C 495 4.96 -56.83 33.62
C ILE C 495 4.43 -55.63 32.82
N GLU C 496 3.73 -55.94 31.73
CA GLU C 496 3.15 -54.93 30.86
C GLU C 496 1.81 -55.38 30.28
N PRO C 497 0.95 -54.42 29.87
CA PRO C 497 -0.36 -54.77 29.32
C PRO C 497 -0.32 -55.74 28.13
N LEU C 498 -1.22 -56.71 28.13
CA LEU C 498 -1.31 -57.67 27.04
C LEU C 498 -1.64 -56.90 25.76
N ARG C 499 -2.15 -55.68 25.91
CA ARG C 499 -2.51 -54.86 24.75
C ARG C 499 -1.28 -54.18 24.14
N VAL C 500 -0.33 -53.81 24.99
CA VAL C 500 0.89 -53.16 24.52
C VAL C 500 1.60 -54.04 23.47
N LYS C 501 1.75 -55.33 23.77
CA LYS C 501 2.40 -56.25 22.83
C LYS C 501 1.56 -56.48 21.59
N LYS C 502 0.27 -56.74 21.79
CA LYS C 502 -0.61 -56.99 20.68
C LYS C 502 -0.65 -55.82 19.71
N GLN C 503 -0.61 -54.59 20.22
CA GLN C 503 -0.65 -53.43 19.34
C GLN C 503 0.69 -53.14 18.65
N ALA C 504 1.77 -53.43 19.36
CA ALA C 504 3.11 -53.24 18.81
C ALA C 504 3.22 -54.16 17.59
N ILE C 505 2.89 -55.43 17.79
CA ILE C 505 2.95 -56.40 16.70
C ILE C 505 2.07 -55.96 15.53
N LYS C 506 0.86 -55.48 15.82
CA LYS C 506 -0.06 -55.03 14.77
C LYS C 506 0.50 -53.87 13.95
N SER C 507 0.87 -52.80 14.65
CA SER C 507 1.41 -51.61 14.00
C SER C 507 2.66 -51.88 13.19
N ALA C 508 3.61 -52.57 13.81
CA ALA C 508 4.88 -52.90 13.17
C ALA C 508 4.68 -53.67 11.86
N SER C 509 4.07 -54.84 11.94
CA SER C 509 3.84 -55.66 10.76
C SER C 509 3.01 -54.97 9.69
N GLU C 510 2.08 -54.13 10.09
CA GLU C 510 1.24 -53.42 9.12
C GLU C 510 2.12 -52.50 8.32
N ALA C 511 2.97 -51.75 9.03
CA ALA C 511 3.91 -50.80 8.45
C ALA C 511 4.89 -51.53 7.54
N ALA C 512 5.54 -52.53 8.12
CA ALA C 512 6.50 -53.37 7.42
C ALA C 512 5.89 -53.84 6.10
N ILE C 513 4.70 -54.42 6.19
CA ILE C 513 3.99 -54.92 5.02
C ILE C 513 3.58 -53.82 4.06
N MET C 514 3.24 -52.65 4.59
CA MET C 514 2.81 -51.53 3.76
C MET C 514 3.94 -51.08 2.86
N ILE C 515 5.14 -51.02 3.44
CA ILE C 515 6.33 -50.63 2.72
C ILE C 515 6.69 -51.73 1.71
N LEU C 516 6.73 -52.97 2.20
CA LEU C 516 7.03 -54.13 1.36
C LEU C 516 6.12 -54.20 0.14
N ARG C 517 5.05 -53.43 0.13
CA ARG C 517 4.11 -53.45 -0.97
C ARG C 517 4.31 -52.34 -1.98
N ILE C 518 5.07 -51.32 -1.60
CA ILE C 518 5.31 -50.16 -2.48
C ILE C 518 6.49 -50.46 -3.41
N ASP C 519 6.20 -50.53 -4.71
CA ASP C 519 7.19 -50.84 -5.73
C ASP C 519 7.51 -49.64 -6.59
N ASP C 520 7.16 -48.45 -6.11
CA ASP C 520 7.40 -47.24 -6.89
C ASP C 520 7.10 -46.00 -6.04
N VAL C 521 8.03 -45.04 -6.01
CA VAL C 521 7.83 -43.81 -5.25
C VAL C 521 7.93 -42.61 -6.17
N ILE C 522 6.92 -41.75 -6.17
CA ILE C 522 6.94 -40.57 -7.03
C ILE C 522 6.68 -39.31 -6.23
N ALA C 523 7.77 -38.61 -5.90
CA ALA C 523 7.75 -37.36 -5.12
C ALA C 523 8.19 -36.17 -5.97
N ALA C 524 7.72 -34.97 -5.58
CA ALA C 524 8.04 -33.72 -6.28
C ALA C 524 9.10 -32.80 -5.62
N LYS C 525 8.84 -32.33 -4.39
CA LYS C 525 9.76 -31.42 -3.64
C LYS C 525 10.05 -31.76 -2.13
N ALA C 526 11.08 -32.57 -1.84
CA ALA C 526 11.45 -32.95 -0.44
C ALA C 526 12.90 -33.46 -0.21
N VAL D 10 13.17 -34.09 0.96
CA VAL D 10 14.50 -34.64 1.34
C VAL D 10 14.42 -35.83 2.39
N ILE D 11 15.47 -36.06 3.21
CA ILE D 11 15.50 -37.15 4.25
C ILE D 11 15.49 -36.63 5.74
N LEU D 12 16.16 -35.50 5.95
CA LEU D 12 16.27 -34.82 7.25
C LEU D 12 16.86 -33.46 6.84
N PRO D 13 16.17 -32.35 7.16
CA PRO D 13 16.62 -31.00 6.81
C PRO D 13 18.14 -30.80 6.83
N GLU D 14 18.67 -30.28 5.72
CA GLU D 14 20.10 -30.00 5.66
C GLU D 14 20.28 -28.83 6.66
N GLY D 15 21.49 -28.66 7.19
CA GLY D 15 21.71 -27.60 8.16
C GLY D 15 21.19 -28.09 9.51
N THR D 16 21.09 -29.41 9.64
CA THR D 16 20.64 -30.06 10.87
C THR D 16 21.76 -30.96 11.40
N GLN D 17 22.59 -30.39 12.25
CA GLN D 17 23.72 -31.10 12.84
C GLN D 17 23.21 -32.14 13.83
N ARG D 18 23.97 -33.23 13.95
CA ARG D 18 23.63 -34.30 14.87
C ARG D 18 24.92 -34.91 15.44
N TYR D 19 24.90 -35.25 16.73
CA TYR D 19 26.06 -35.83 17.37
C TYR D 19 25.59 -37.02 18.16
N VAL D 20 26.45 -38.02 18.34
CA VAL D 20 26.06 -39.21 19.07
C VAL D 20 27.15 -39.65 20.05
N GLY D 21 26.75 -40.38 21.09
CA GLY D 21 27.66 -40.92 22.10
C GLY D 21 28.80 -40.03 22.56
N ARG D 22 30.02 -40.46 22.27
CA ARG D 22 31.21 -39.69 22.63
C ARG D 22 30.97 -38.23 22.27
N ASP D 23 30.85 -37.98 20.97
CA ASP D 23 30.60 -36.66 20.40
C ASP D 23 29.57 -35.84 21.15
N ALA D 24 28.33 -36.32 21.14
CA ALA D 24 27.24 -35.65 21.83
C ALA D 24 27.68 -35.26 23.24
N GLN D 25 27.91 -36.26 24.09
CA GLN D 25 28.34 -36.00 25.46
C GLN D 25 29.57 -35.12 25.59
N ARG D 26 30.55 -35.35 24.73
CA ARG D 26 31.78 -34.57 24.73
C ARG D 26 31.49 -33.08 24.55
N LEU D 27 30.72 -32.76 23.52
CA LEU D 27 30.36 -31.39 23.21
C LEU D 27 29.45 -30.78 24.27
N ASN D 28 28.43 -31.53 24.68
CA ASN D 28 27.53 -31.05 25.70
C ASN D 28 28.33 -30.70 26.95
N ILE D 29 29.18 -31.63 27.39
CA ILE D 29 30.00 -31.38 28.57
C ILE D 29 30.95 -30.20 28.38
N LEU D 30 31.38 -29.96 27.15
CA LEU D 30 32.29 -28.83 26.89
C LEU D 30 31.53 -27.53 27.03
N ALA D 31 30.43 -27.41 26.28
CA ALA D 31 29.60 -26.22 26.32
C ALA D 31 29.15 -25.96 27.75
N ALA D 32 28.82 -27.02 28.47
CA ALA D 32 28.40 -26.86 29.84
C ALA D 32 29.51 -26.24 30.68
N ARG D 33 30.70 -26.84 30.63
CA ARG D 33 31.88 -26.37 31.38
C ARG D 33 32.34 -24.96 31.00
N ILE D 34 32.27 -24.64 29.73
CA ILE D 34 32.66 -23.32 29.26
C ILE D 34 31.83 -22.27 29.98
N ILE D 35 30.51 -22.44 29.97
CA ILE D 35 29.60 -21.52 30.63
C ILE D 35 29.94 -21.41 32.10
N ALA D 36 30.16 -22.56 32.73
CA ALA D 36 30.48 -22.62 34.14
C ALA D 36 31.74 -21.83 34.48
N GLU D 37 32.80 -22.02 33.69
CA GLU D 37 34.07 -21.32 33.92
C GLU D 37 33.95 -19.81 33.72
N THR D 38 33.00 -19.39 32.88
CA THR D 38 32.78 -17.97 32.62
C THR D 38 32.33 -17.22 33.86
N VAL D 39 31.48 -17.85 34.66
CA VAL D 39 30.97 -17.21 35.85
C VAL D 39 31.74 -17.48 37.13
N ARG D 40 32.54 -18.55 37.16
CA ARG D 40 33.26 -18.89 38.38
C ARG D 40 34.23 -17.81 38.87
N THR D 41 34.54 -16.84 38.01
CA THR D 41 35.45 -15.76 38.38
C THR D 41 34.75 -14.72 39.24
N THR D 42 33.44 -14.90 39.42
CA THR D 42 32.61 -13.98 40.20
C THR D 42 32.22 -14.60 41.54
N LEU D 43 32.74 -15.80 41.79
CA LEU D 43 32.45 -16.52 43.03
C LEU D 43 33.11 -15.89 44.27
N GLY D 44 32.36 -15.85 45.36
CA GLY D 44 32.86 -15.28 46.62
C GLY D 44 32.89 -13.76 46.68
N PRO D 45 33.34 -13.21 47.83
CA PRO D 45 33.46 -11.78 48.12
C PRO D 45 34.52 -11.13 47.25
N LYS D 46 35.53 -11.90 46.90
CA LYS D 46 36.63 -11.40 46.09
C LYS D 46 36.40 -11.59 44.60
N GLY D 47 35.22 -12.10 44.22
CA GLY D 47 34.91 -12.30 42.83
C GLY D 47 34.85 -11.01 42.03
N MET D 48 35.01 -11.14 40.70
CA MET D 48 35.01 -9.99 39.80
C MET D 48 33.65 -9.78 39.14
N ASP D 49 33.51 -8.65 38.46
CA ASP D 49 32.26 -8.32 37.76
C ASP D 49 32.47 -8.44 36.25
N LYS D 50 31.37 -8.55 35.52
CA LYS D 50 31.45 -8.64 34.07
C LYS D 50 30.66 -7.49 33.46
N MET D 51 31.13 -6.99 32.32
CA MET D 51 30.43 -5.91 31.65
C MET D 51 29.73 -6.50 30.43
N LEU D 52 28.41 -6.38 30.41
CA LEU D 52 27.60 -6.92 29.34
C LEU D 52 27.03 -5.84 28.44
N VAL D 53 27.37 -5.89 27.16
CA VAL D 53 26.87 -4.92 26.19
C VAL D 53 25.95 -5.61 25.21
N ASP D 54 24.64 -5.35 25.33
CA ASP D 54 23.68 -5.96 24.40
C ASP D 54 23.81 -5.25 23.04
N SER D 55 23.31 -5.89 21.99
CA SER D 55 23.39 -5.32 20.63
C SER D 55 22.82 -3.90 20.50
N LEU D 56 21.93 -3.53 21.41
CA LEU D 56 21.32 -2.20 21.38
C LEU D 56 22.15 -1.12 22.11
N GLY D 57 23.31 -1.52 22.65
CA GLY D 57 24.18 -0.60 23.34
C GLY D 57 24.16 -0.79 24.87
N ASP D 58 22.98 -0.89 25.45
CA ASP D 58 22.73 -0.99 26.85
C ASP D 58 23.87 -1.64 27.59
N ILE D 59 24.28 -1.04 28.78
CA ILE D 59 25.36 -1.63 29.56
C ILE D 59 24.93 -2.14 30.93
N VAL D 60 25.34 -3.37 31.23
CA VAL D 60 25.03 -4.01 32.52
C VAL D 60 26.33 -4.50 33.14
N VAL D 61 26.65 -4.03 34.34
CA VAL D 61 27.85 -4.46 35.05
C VAL D 61 27.37 -5.21 36.29
N THR D 62 27.74 -6.48 36.45
CA THR D 62 27.27 -7.23 37.62
C THR D 62 28.21 -8.33 38.11
N ASN D 63 27.81 -9.00 39.19
CA ASN D 63 28.56 -10.10 39.80
C ASN D 63 27.57 -11.27 39.86
N ASP D 64 26.32 -10.95 39.55
CA ASP D 64 25.20 -11.90 39.59
C ASP D 64 25.17 -12.87 38.42
N CYS D 65 25.43 -14.13 38.75
CA CYS D 65 25.45 -15.22 37.78
C CYS D 65 24.16 -15.24 36.97
N ALA D 66 23.03 -15.21 37.70
CA ALA D 66 21.71 -15.22 37.10
C ALA D 66 21.53 -14.13 36.03
N THR D 67 21.97 -12.92 36.33
CA THR D 67 21.86 -11.81 35.40
C THR D 67 22.77 -12.02 34.19
N ILE D 68 23.99 -12.46 34.44
CA ILE D 68 24.97 -12.69 33.37
C ILE D 68 24.53 -13.79 32.40
N LEU D 69 24.17 -14.96 32.93
CA LEU D 69 23.72 -16.06 32.08
C LEU D 69 22.50 -15.64 31.28
N ASP D 70 21.66 -14.84 31.92
CA ASP D 70 20.46 -14.35 31.26
C ASP D 70 20.73 -13.26 30.21
N LYS D 71 21.62 -12.34 30.52
CA LYS D 71 21.95 -11.27 29.58
C LYS D 71 22.73 -11.80 28.38
N ILE D 72 23.75 -12.62 28.62
CA ILE D 72 24.52 -13.18 27.51
C ILE D 72 23.58 -13.93 26.61
N ASP D 73 23.93 -14.07 25.34
CA ASP D 73 23.07 -14.78 24.43
C ASP D 73 23.63 -16.18 24.13
N LEU D 74 23.55 -17.08 25.10
CA LEU D 74 24.04 -18.43 24.86
C LEU D 74 23.29 -18.99 23.65
N GLN D 75 24.00 -19.72 22.80
CA GLN D 75 23.38 -20.29 21.63
C GLN D 75 23.36 -21.82 21.73
N HIS D 76 24.39 -22.39 22.35
CA HIS D 76 24.47 -23.83 22.48
C HIS D 76 23.46 -24.36 23.48
N PRO D 77 22.75 -25.43 23.09
CA PRO D 77 21.73 -26.08 23.90
C PRO D 77 22.21 -26.44 25.31
N ALA D 78 23.34 -27.14 25.40
CA ALA D 78 23.88 -27.57 26.69
C ALA D 78 24.26 -26.36 27.58
N ALA D 79 24.48 -25.22 26.96
CA ALA D 79 24.84 -24.01 27.71
C ALA D 79 23.57 -23.38 28.27
N LYS D 80 22.53 -23.32 27.44
CA LYS D 80 21.26 -22.76 27.84
C LYS D 80 20.71 -23.51 29.03
N MET D 81 20.99 -24.81 29.10
CA MET D 81 20.53 -25.65 30.19
C MET D 81 21.19 -25.25 31.50
N MET D 82 22.32 -24.57 31.39
CA MET D 82 23.05 -24.12 32.56
C MET D 82 22.37 -22.90 33.14
N VAL D 83 21.56 -22.23 32.33
CA VAL D 83 20.84 -21.05 32.78
C VAL D 83 19.71 -21.52 33.67
N GLU D 84 19.13 -22.67 33.33
CA GLU D 84 18.04 -23.24 34.13
C GLU D 84 18.53 -23.53 35.53
N VAL D 85 19.81 -23.88 35.67
CA VAL D 85 20.35 -24.19 36.99
C VAL D 85 20.24 -22.95 37.86
N ALA D 86 20.79 -21.84 37.37
CA ALA D 86 20.78 -20.58 38.09
C ALA D 86 19.34 -20.11 38.40
N LYS D 87 18.44 -20.36 37.46
CA LYS D 87 17.03 -19.97 37.57
C LYS D 87 16.39 -20.66 38.78
N THR D 88 16.50 -21.99 38.82
CA THR D 88 15.94 -22.78 39.91
C THR D 88 16.58 -22.44 41.24
N GLN D 89 17.88 -22.20 41.23
CA GLN D 89 18.59 -21.86 42.44
C GLN D 89 18.02 -20.54 42.97
N ASP D 90 17.94 -19.55 42.09
CA ASP D 90 17.44 -18.22 42.44
C ASP D 90 15.98 -18.19 42.86
N LYS D 91 15.24 -19.23 42.48
CA LYS D 91 13.82 -19.30 42.83
C LYS D 91 13.52 -20.22 44.00
N GLU D 92 14.53 -20.90 44.54
CA GLU D 92 14.27 -21.79 45.66
C GLU D 92 15.06 -21.35 46.88
N ALA D 93 16.15 -20.62 46.64
CA ALA D 93 16.97 -20.15 47.74
C ALA D 93 17.46 -18.75 47.48
N GLY D 94 17.21 -18.22 46.29
CA GLY D 94 17.63 -16.87 45.98
C GLY D 94 19.13 -16.56 45.90
N ASP D 95 19.95 -17.35 46.57
CA ASP D 95 21.41 -17.16 46.55
C ASP D 95 22.14 -18.47 46.21
N GLY D 96 23.38 -18.34 45.76
CA GLY D 96 24.20 -19.48 45.40
C GLY D 96 24.04 -19.88 43.95
N THR D 97 23.60 -18.94 43.11
CA THR D 97 23.39 -19.21 41.69
C THR D 97 24.71 -19.57 41.01
N THR D 98 25.78 -18.86 41.38
CA THR D 98 27.09 -19.13 40.80
C THR D 98 27.54 -20.52 41.32
N THR D 99 27.46 -20.74 42.63
CA THR D 99 27.84 -22.01 43.24
C THR D 99 27.29 -23.26 42.52
N ALA D 100 26.00 -23.23 42.21
CA ALA D 100 25.36 -24.36 41.55
C ALA D 100 25.85 -24.57 40.11
N VAL D 101 25.99 -23.47 39.36
CA VAL D 101 26.47 -23.56 37.99
C VAL D 101 27.91 -24.06 37.96
N VAL D 102 28.73 -23.62 38.91
CA VAL D 102 30.11 -24.08 38.95
C VAL D 102 30.17 -25.59 39.29
N ILE D 103 29.56 -26.01 40.40
CA ILE D 103 29.57 -27.43 40.79
C ILE D 103 28.97 -28.32 39.70
N ALA D 104 28.16 -27.74 38.84
CA ALA D 104 27.53 -28.50 37.78
C ALA D 104 28.53 -28.79 36.67
N GLY D 105 29.17 -27.73 36.18
CA GLY D 105 30.16 -27.90 35.14
C GLY D 105 31.28 -28.79 35.64
N GLU D 106 31.63 -28.63 36.91
CA GLU D 106 32.70 -29.40 37.55
C GLU D 106 32.35 -30.87 37.59
N LEU D 107 31.10 -31.13 37.97
CA LEU D 107 30.59 -32.48 38.06
C LEU D 107 30.69 -33.11 36.68
N LEU D 108 30.38 -32.33 35.65
CA LEU D 108 30.45 -32.81 34.27
C LEU D 108 31.89 -33.09 33.82
N ARG D 109 32.85 -32.34 34.35
CA ARG D 109 34.25 -32.51 34.00
C ARG D 109 34.70 -33.86 34.55
N LYS D 110 34.57 -34.06 35.86
CA LYS D 110 34.97 -35.31 36.49
C LYS D 110 34.19 -36.49 35.90
N ALA D 111 32.96 -36.21 35.48
CA ALA D 111 32.10 -37.24 34.89
C ALA D 111 32.65 -37.74 33.56
N GLU D 112 33.27 -36.84 32.80
CA GLU D 112 33.84 -37.22 31.51
C GLU D 112 35.12 -38.00 31.75
N GLU D 113 35.84 -37.65 32.82
CA GLU D 113 37.05 -38.39 33.15
C GLU D 113 36.63 -39.85 33.26
N LEU D 114 35.50 -40.09 33.92
CA LEU D 114 34.98 -41.44 34.08
C LEU D 114 34.44 -42.03 32.78
N LEU D 115 34.08 -41.17 31.85
CA LEU D 115 33.57 -41.64 30.56
C LEU D 115 34.74 -42.14 29.71
N ASP D 116 35.85 -41.39 29.74
CA ASP D 116 37.06 -41.71 29.00
C ASP D 116 37.66 -43.01 29.52
N GLN D 117 37.42 -43.30 30.80
CA GLN D 117 37.91 -44.52 31.41
C GLN D 117 37.02 -45.68 30.93
N ASN D 118 36.09 -45.34 30.05
CA ASN D 118 35.14 -46.26 29.45
C ASN D 118 33.99 -46.74 30.33
N ILE D 119 33.81 -46.09 31.47
CA ILE D 119 32.72 -46.46 32.37
C ILE D 119 31.39 -46.06 31.74
N HIS D 120 30.45 -47.01 31.71
CA HIS D 120 29.13 -46.80 31.11
C HIS D 120 28.39 -45.62 31.70
N PRO D 121 27.83 -44.73 30.84
CA PRO D 121 27.09 -43.58 31.34
C PRO D 121 26.13 -43.97 32.46
N SER D 122 25.51 -45.13 32.31
CA SER D 122 24.59 -45.67 33.30
C SER D 122 25.18 -45.62 34.71
N ILE D 123 26.38 -46.21 34.85
CA ILE D 123 27.08 -46.27 36.13
C ILE D 123 27.37 -44.88 36.67
N ILE D 124 27.84 -43.99 35.81
CA ILE D 124 28.17 -42.64 36.26
C ILE D 124 26.92 -41.95 36.78
N ILE D 125 25.81 -42.13 36.07
CA ILE D 125 24.54 -41.51 36.44
C ILE D 125 24.07 -42.05 37.80
N LYS D 126 24.06 -43.37 37.96
CA LYS D 126 23.61 -43.99 39.20
C LYS D 126 24.52 -43.68 40.39
N GLY D 127 25.81 -43.47 40.12
CA GLY D 127 26.72 -43.16 41.20
C GLY D 127 26.56 -41.72 41.61
N TYR D 128 26.22 -40.88 40.65
CA TYR D 128 26.02 -39.47 40.91
C TYR D 128 24.72 -39.23 41.67
N ALA D 129 23.71 -40.06 41.40
CA ALA D 129 22.45 -39.93 42.10
C ALA D 129 22.64 -40.31 43.56
N LEU D 130 23.41 -41.37 43.79
CA LEU D 130 23.67 -41.82 45.15
C LEU D 130 24.47 -40.78 45.91
N ALA D 131 25.42 -40.15 45.25
CA ALA D 131 26.26 -39.12 45.86
C ALA D 131 25.39 -37.91 46.18
N ALA D 132 24.51 -37.59 45.24
CA ALA D 132 23.59 -36.46 45.35
C ALA D 132 22.62 -36.68 46.52
N GLU D 133 22.04 -37.86 46.57
CA GLU D 133 21.10 -38.23 47.61
C GLU D 133 21.75 -38.21 48.98
N LYS D 134 22.89 -38.89 49.09
CA LYS D 134 23.62 -38.95 50.35
C LYS D 134 24.01 -37.55 50.81
N ALA D 135 24.20 -36.66 49.84
CA ALA D 135 24.60 -35.28 50.12
C ALA D 135 23.57 -34.52 50.94
N GLN D 136 22.30 -34.56 50.52
CA GLN D 136 21.21 -33.87 51.22
C GLN D 136 21.22 -34.37 52.64
N GLU D 137 21.15 -35.68 52.78
CA GLU D 137 21.16 -36.35 54.06
C GLU D 137 22.27 -35.83 54.98
N ILE D 138 23.49 -35.79 54.46
CA ILE D 138 24.64 -35.33 55.22
C ILE D 138 24.54 -33.85 55.57
N LEU D 139 23.85 -33.10 54.71
CA LEU D 139 23.66 -31.66 54.92
C LEU D 139 22.60 -31.40 55.98
N ASP D 140 21.54 -32.20 55.98
CA ASP D 140 20.46 -32.04 56.97
C ASP D 140 21.00 -32.35 58.36
N GLU D 141 21.86 -33.36 58.44
CA GLU D 141 22.45 -33.77 59.71
C GLU D 141 23.39 -32.75 60.33
N ILE D 142 24.39 -32.32 59.57
CA ILE D 142 25.39 -31.35 60.06
C ILE D 142 24.85 -29.93 60.18
N ALA D 143 23.71 -29.67 59.53
CA ALA D 143 23.09 -28.35 59.54
C ALA D 143 22.87 -27.83 60.96
N ILE D 144 23.31 -26.60 61.21
CA ILE D 144 23.18 -25.96 62.51
C ILE D 144 21.80 -25.32 62.75
N ARG D 145 20.91 -26.09 63.39
CA ARG D 145 19.56 -25.63 63.69
C ARG D 145 19.52 -24.34 64.49
N VAL D 146 18.77 -23.36 63.99
CA VAL D 146 18.66 -22.05 64.64
C VAL D 146 17.20 -21.64 64.88
N ASP D 147 17.01 -20.59 65.70
CA ASP D 147 15.68 -20.08 66.03
C ASP D 147 15.09 -19.22 64.90
N PRO D 148 14.11 -19.76 64.17
CA PRO D 148 13.42 -19.14 63.04
C PRO D 148 13.38 -17.61 62.96
N ASP D 149 13.43 -16.94 64.10
CA ASP D 149 13.39 -15.48 64.09
C ASP D 149 14.53 -14.81 64.87
N ASP D 150 15.52 -15.61 65.26
CA ASP D 150 16.68 -15.14 65.99
C ASP D 150 17.32 -13.96 65.22
N GLU D 151 17.05 -12.75 65.68
CA GLU D 151 17.57 -11.51 65.06
C GLU D 151 19.07 -11.56 64.77
N GLU D 152 19.81 -12.26 65.62
CA GLU D 152 21.26 -12.40 65.48
C GLU D 152 21.68 -13.11 64.19
N THR D 153 21.54 -14.43 64.18
CA THR D 153 21.90 -15.24 63.03
C THR D 153 21.22 -14.74 61.76
N LEU D 154 20.09 -14.07 61.93
CA LEU D 154 19.39 -13.54 60.77
C LEU D 154 20.14 -12.35 60.18
N LEU D 155 20.77 -11.55 61.04
CA LEU D 155 21.53 -10.39 60.58
C LEU D 155 22.83 -10.79 59.91
N LYS D 156 23.37 -11.92 60.34
CA LYS D 156 24.60 -12.46 59.75
C LYS D 156 24.25 -12.91 58.34
N ILE D 157 23.46 -13.97 58.24
CA ILE D 157 23.03 -14.51 56.95
C ILE D 157 22.92 -13.43 55.87
N ALA D 158 22.23 -12.34 56.18
CA ALA D 158 22.06 -11.26 55.22
C ALA D 158 23.34 -10.53 54.82
N ALA D 159 24.24 -10.30 55.78
CA ALA D 159 25.49 -9.58 55.49
C ALA D 159 26.46 -10.50 54.76
N THR D 160 26.52 -11.76 55.20
CA THR D 160 27.38 -12.78 54.59
C THR D 160 27.04 -12.85 53.11
N SER D 161 25.75 -12.69 52.81
CA SER D 161 25.26 -12.74 51.44
C SER D 161 25.63 -11.47 50.66
N ILE D 162 25.41 -10.30 51.27
CA ILE D 162 25.73 -9.03 50.62
C ILE D 162 27.23 -8.93 50.35
N THR D 163 28.00 -9.66 51.16
CA THR D 163 29.45 -9.72 51.00
C THR D 163 29.69 -10.86 50.00
N GLY D 164 29.78 -10.48 48.73
CA GLY D 164 29.96 -11.47 47.70
C GLY D 164 29.57 -10.71 46.46
N LYS D 165 29.32 -9.42 46.69
CA LYS D 165 28.94 -8.49 45.63
C LYS D 165 29.59 -7.14 45.82
N ASN D 166 29.32 -6.26 44.86
CA ASN D 166 29.86 -4.90 44.81
C ASN D 166 29.63 -4.10 46.10
N ALA D 167 28.34 -3.82 46.38
CA ALA D 167 27.88 -3.05 47.54
C ALA D 167 28.16 -3.55 48.98
N GLU D 168 29.18 -4.40 49.15
CA GLU D 168 29.55 -4.91 50.49
C GLU D 168 30.14 -3.79 51.34
N SER D 169 30.34 -2.62 50.71
CA SER D 169 30.85 -1.44 51.40
C SER D 169 29.82 -1.00 52.47
N HIS D 170 28.58 -1.48 52.33
CA HIS D 170 27.51 -1.19 53.29
C HIS D 170 26.81 -2.48 53.65
N LYS D 171 27.57 -3.54 53.86
CA LYS D 171 26.96 -4.81 54.20
C LYS D 171 26.15 -4.55 55.45
N GLU D 172 26.62 -3.58 56.23
CA GLU D 172 25.97 -3.21 57.48
C GLU D 172 24.53 -2.73 57.33
N LEU D 173 24.38 -1.56 56.72
CA LEU D 173 23.08 -0.94 56.48
C LEU D 173 22.11 -1.90 55.81
N LEU D 174 22.43 -2.29 54.58
CA LEU D 174 21.60 -3.19 53.77
C LEU D 174 21.14 -4.47 54.47
N ALA D 175 22.01 -5.08 55.26
CA ALA D 175 21.63 -6.31 55.96
C ALA D 175 20.50 -6.03 56.94
N LYS D 176 20.59 -4.89 57.62
CA LYS D 176 19.58 -4.48 58.59
C LYS D 176 18.24 -4.28 57.88
N LEU D 177 18.25 -3.45 56.83
CA LEU D 177 17.05 -3.17 56.03
C LEU D 177 16.37 -4.45 55.56
N ALA D 178 17.16 -5.45 55.18
CA ALA D 178 16.61 -6.69 54.67
C ALA D 178 16.03 -7.61 55.75
N VAL D 179 16.68 -7.73 56.90
CA VAL D 179 16.17 -8.60 57.97
C VAL D 179 14.88 -7.98 58.49
N GLU D 180 14.92 -6.65 58.58
CA GLU D 180 13.80 -5.87 59.06
C GLU D 180 12.61 -6.05 58.12
N ALA D 181 12.79 -5.63 56.87
CA ALA D 181 11.75 -5.72 55.85
C ALA D 181 11.08 -7.10 55.76
N VAL D 182 11.84 -8.16 56.00
CA VAL D 182 11.27 -9.51 55.94
C VAL D 182 10.57 -9.90 57.25
N LYS D 183 11.04 -9.37 58.37
CA LYS D 183 10.39 -9.67 59.65
C LYS D 183 9.03 -9.01 59.65
N GLN D 184 8.95 -7.84 59.01
CA GLN D 184 7.69 -7.15 58.92
C GLN D 184 6.65 -7.93 58.11
N VAL D 185 6.76 -7.88 56.79
CA VAL D 185 5.84 -8.56 55.88
C VAL D 185 5.63 -10.05 56.16
N ALA D 186 6.59 -10.66 56.85
CA ALA D 186 6.51 -12.09 57.16
C ALA D 186 5.17 -12.47 57.76
N GLU D 187 4.74 -13.70 57.49
CA GLU D 187 3.47 -14.20 58.02
C GLU D 187 3.67 -15.61 58.57
N LYS D 188 2.99 -15.89 59.68
CA LYS D 188 3.09 -17.19 60.35
C LYS D 188 1.89 -17.39 61.27
N LYS D 189 0.98 -18.29 60.89
CA LYS D 189 -0.18 -18.55 61.74
C LYS D 189 -0.35 -20.07 61.95
N ASP D 190 0.38 -20.84 61.15
CA ASP D 190 0.35 -22.29 61.20
C ASP D 190 1.48 -22.82 62.07
N GLY D 191 2.11 -21.93 62.82
CA GLY D 191 3.22 -22.33 63.68
C GLY D 191 4.54 -21.82 63.14
N LYS D 192 4.90 -22.27 61.93
CA LYS D 192 6.14 -21.85 61.30
C LYS D 192 5.89 -20.70 60.33
N TYR D 193 6.96 -19.99 59.99
CA TYR D 193 6.90 -18.85 59.08
C TYR D 193 6.68 -19.17 57.61
N VAL D 194 6.22 -18.16 56.89
CA VAL D 194 5.97 -18.25 55.46
C VAL D 194 6.09 -16.85 54.90
N VAL D 195 7.15 -16.61 54.14
CA VAL D 195 7.36 -15.28 53.57
C VAL D 195 6.97 -15.20 52.10
N ASP D 196 6.36 -14.09 51.73
CA ASP D 196 5.97 -13.83 50.36
C ASP D 196 6.69 -12.55 49.99
N LEU D 197 7.89 -12.72 49.46
CA LEU D 197 8.72 -11.59 49.10
C LEU D 197 8.07 -10.61 48.13
N ASP D 198 6.92 -10.95 47.58
CA ASP D 198 6.26 -10.05 46.64
C ASP D 198 5.74 -8.83 47.37
N ASN D 199 5.70 -8.95 48.70
CA ASN D 199 5.22 -7.88 49.56
C ASN D 199 6.33 -6.90 49.91
N ILE D 200 7.46 -6.99 49.24
CA ILE D 200 8.59 -6.10 49.48
C ILE D 200 8.96 -5.45 48.17
N LYS D 201 8.49 -4.23 47.97
CA LYS D 201 8.76 -3.49 46.76
C LYS D 201 10.09 -2.77 46.91
N PHE D 202 10.82 -2.69 45.80
CA PHE D 202 12.10 -1.99 45.78
C PHE D 202 11.96 -0.73 44.96
N GLU D 203 12.40 0.38 45.54
CA GLU D 203 12.31 1.66 44.86
C GLU D 203 13.70 2.16 44.62
N LYS D 204 14.07 2.35 43.37
CA LYS D 204 15.40 2.83 43.06
C LYS D 204 15.35 4.23 42.48
N LYS D 205 16.19 5.10 43.03
CA LYS D 205 16.28 6.49 42.57
C LYS D 205 17.72 6.95 42.67
N ALA D 206 18.25 7.49 41.57
CA ALA D 206 19.63 7.97 41.53
C ALA D 206 19.81 9.26 42.36
N GLY D 207 21.03 9.48 42.83
CA GLY D 207 21.32 10.64 43.65
C GLY D 207 21.61 10.10 45.04
N GLU D 208 22.34 10.85 45.85
CA GLU D 208 22.68 10.42 47.21
C GLU D 208 23.65 9.25 47.25
N GLY D 209 23.80 8.66 48.41
CA GLY D 209 24.68 7.52 48.55
C GLY D 209 23.83 6.34 48.99
N VAL D 210 24.40 5.15 48.96
CA VAL D 210 23.69 3.95 49.38
C VAL D 210 23.42 4.08 50.88
N GLU D 211 23.82 5.21 51.44
CA GLU D 211 23.65 5.48 52.87
C GLU D 211 22.23 5.90 53.24
N GLU D 212 21.57 6.58 52.31
CA GLU D 212 20.21 7.07 52.51
C GLU D 212 19.18 5.98 52.20
N SER D 213 19.67 4.77 51.99
CA SER D 213 18.74 3.69 51.72
C SER D 213 17.98 3.45 53.02
N GLU D 214 16.66 3.48 52.92
CA GLU D 214 15.79 3.30 54.07
C GLU D 214 14.70 2.33 53.76
N LEU D 215 14.08 1.84 54.83
CA LEU D 215 12.98 0.89 54.73
C LEU D 215 11.67 1.60 55.04
N VAL D 216 10.99 2.08 54.00
CA VAL D 216 9.71 2.76 54.17
C VAL D 216 8.67 1.76 54.67
N ARG D 217 8.23 1.90 55.92
CA ARG D 217 7.23 0.98 56.45
C ARG D 217 5.89 1.47 55.92
N GLY D 218 5.77 1.32 54.61
CA GLY D 218 4.60 1.74 53.88
C GLY D 218 4.83 1.43 52.40
N VAL D 219 4.62 2.43 51.54
CA VAL D 219 4.77 2.24 50.10
C VAL D 219 5.15 3.54 49.42
N VAL D 220 6.03 3.49 48.43
CA VAL D 220 6.39 4.70 47.70
C VAL D 220 5.77 4.50 46.31
N ILE D 221 5.03 5.49 45.85
CA ILE D 221 4.37 5.40 44.56
C ILE D 221 4.83 6.49 43.60
N ASP D 222 5.12 6.10 42.36
CA ASP D 222 5.60 7.07 41.41
C ASP D 222 4.54 7.78 40.60
N LYS D 223 3.64 8.43 41.32
CA LYS D 223 2.57 9.20 40.70
C LYS D 223 2.62 10.50 41.49
N GLU D 224 1.76 11.45 41.17
CA GLU D 224 1.72 12.70 41.93
C GLU D 224 0.28 13.14 42.23
N VAL D 225 0.12 14.13 43.09
CA VAL D 225 -1.21 14.62 43.43
C VAL D 225 -1.81 15.18 42.16
N VAL D 226 -2.92 14.59 41.74
CA VAL D 226 -3.61 14.94 40.51
C VAL D 226 -4.01 16.39 40.26
N HIS D 227 -4.37 17.12 41.31
CA HIS D 227 -4.81 18.51 41.17
C HIS D 227 -3.96 19.48 42.02
N PRO D 228 -3.70 20.70 41.48
CA PRO D 228 -2.91 21.78 42.11
C PRO D 228 -3.35 22.17 43.52
N ARG D 229 -4.63 22.45 43.66
CA ARG D 229 -5.24 22.88 44.91
C ARG D 229 -5.41 21.81 45.98
N MET D 230 -4.97 20.60 45.73
CA MET D 230 -5.12 19.56 46.74
C MET D 230 -3.93 19.56 47.70
N PRO D 231 -4.11 18.98 48.89
CA PRO D 231 -3.05 18.92 49.89
C PRO D 231 -1.88 18.09 49.38
N LYS D 232 -0.66 18.58 49.54
CA LYS D 232 0.50 17.82 49.11
C LYS D 232 1.04 17.03 50.29
N ARG D 233 0.31 17.06 51.40
CA ARG D 233 0.70 16.34 52.60
C ARG D 233 -0.45 16.21 53.58
N VAL D 234 -0.64 15.00 54.08
CA VAL D 234 -1.72 14.74 55.02
C VAL D 234 -1.14 14.13 56.28
N GLU D 235 -1.51 14.70 57.43
CA GLU D 235 -1.01 14.20 58.70
C GLU D 235 -1.53 12.80 58.99
N ASN D 236 -2.76 12.67 59.49
CA ASN D 236 -3.28 11.34 59.78
C ASN D 236 -4.31 10.88 58.78
N ALA D 237 -3.78 10.33 57.70
CA ALA D 237 -4.57 9.86 56.58
C ALA D 237 -5.46 8.66 56.80
N LYS D 238 -6.65 8.80 56.25
CA LYS D 238 -7.69 7.78 56.21
C LYS D 238 -7.70 7.64 54.69
N ILE D 239 -7.14 6.53 54.23
CA ILE D 239 -6.98 6.28 52.81
C ILE D 239 -8.04 5.41 52.17
N ALA D 240 -8.45 5.82 50.97
CA ALA D 240 -9.45 5.10 50.20
C ALA D 240 -8.81 4.55 48.93
N LEU D 241 -8.99 3.26 48.70
CA LEU D 241 -8.47 2.58 47.52
C LEU D 241 -9.67 2.27 46.61
N ILE D 242 -9.86 3.13 45.61
CA ILE D 242 -10.99 3.00 44.71
C ILE D 242 -10.63 2.55 43.30
N ASN D 243 -11.06 1.34 42.93
CA ASN D 243 -10.79 0.83 41.59
C ASN D 243 -12.01 1.06 40.75
N GLU D 244 -12.28 2.32 40.45
CA GLU D 244 -13.42 2.68 39.64
C GLU D 244 -13.08 4.03 39.09
N ALA D 245 -13.53 4.30 37.88
CA ALA D 245 -13.23 5.56 37.25
C ALA D 245 -14.17 6.63 37.76
N LEU D 246 -13.58 7.69 38.30
CA LEU D 246 -14.35 8.81 38.81
C LEU D 246 -14.66 9.69 37.62
N GLU D 247 -15.50 9.18 36.73
CA GLU D 247 -15.91 9.93 35.55
C GLU D 247 -17.31 9.53 35.08
N VAL D 248 -17.92 10.38 34.26
CA VAL D 248 -19.26 10.19 33.73
C VAL D 248 -19.53 8.81 33.14
N LYS D 249 -20.16 7.93 33.92
CA LYS D 249 -20.47 6.59 33.44
C LYS D 249 -21.40 6.60 32.24
N LYS D 250 -21.29 5.57 31.40
CA LYS D 250 -22.12 5.45 30.21
C LYS D 250 -22.77 4.08 30.20
N THR D 251 -23.85 3.91 29.44
CA THR D 251 -24.54 2.62 29.38
C THR D 251 -23.91 1.64 28.42
N GLU D 252 -24.03 0.34 28.73
CA GLU D 252 -23.48 -0.66 27.85
C GLU D 252 -24.25 -0.52 26.55
N THR D 253 -25.54 -0.25 26.65
CA THR D 253 -26.39 -0.09 25.49
C THR D 253 -26.08 1.23 24.83
N ASP D 254 -25.70 1.20 23.56
CA ASP D 254 -25.36 2.43 22.86
C ASP D 254 -26.41 3.49 23.15
N ALA D 255 -25.97 4.72 23.35
CA ALA D 255 -26.87 5.82 23.65
C ALA D 255 -26.27 7.12 23.17
N LYS D 256 -27.11 8.12 22.94
CA LYS D 256 -26.66 9.44 22.49
C LYS D 256 -27.73 10.46 22.86
N ILE D 257 -27.31 11.65 23.24
CA ILE D 257 -28.23 12.72 23.63
C ILE D 257 -28.70 13.57 22.47
N ASN D 258 -30.01 13.78 22.37
CA ASN D 258 -30.59 14.57 21.28
C ASN D 258 -31.13 15.89 21.79
N ILE D 259 -30.33 16.95 21.70
CA ILE D 259 -30.73 18.28 22.15
C ILE D 259 -31.79 18.85 21.21
N THR D 260 -32.89 19.33 21.80
CA THR D 260 -33.99 19.88 21.01
C THR D 260 -34.26 21.36 21.29
N SER D 261 -33.86 21.83 22.48
CA SER D 261 -34.03 23.23 22.90
C SER D 261 -32.79 23.72 23.68
N PRO D 262 -32.42 25.01 23.49
CA PRO D 262 -31.27 25.67 24.12
C PRO D 262 -31.02 25.40 25.59
N ASP D 263 -32.08 25.30 26.37
CA ASP D 263 -31.93 25.06 27.81
C ASP D 263 -31.30 23.70 28.14
N GLN D 264 -31.20 22.85 27.14
CA GLN D 264 -30.64 21.51 27.32
C GLN D 264 -29.12 21.45 27.44
N LEU D 265 -28.44 22.33 26.71
CA LEU D 265 -26.98 22.34 26.76
C LEU D 265 -26.52 22.41 28.20
N MET D 266 -27.17 23.26 28.99
CA MET D 266 -26.79 23.41 30.38
C MET D 266 -27.32 22.33 31.33
N SER D 267 -28.62 22.02 31.23
CA SER D 267 -29.24 21.01 32.09
C SER D 267 -28.53 19.66 32.09
N PHE D 268 -27.96 19.29 30.95
CA PHE D 268 -27.24 18.04 30.80
C PHE D 268 -25.85 18.12 31.43
N LEU D 269 -25.09 19.17 31.11
CA LEU D 269 -23.78 19.33 31.70
C LEU D 269 -23.89 19.27 33.21
N GLU D 270 -24.91 19.93 33.76
CA GLU D 270 -25.10 19.96 35.20
C GLU D 270 -25.45 18.58 35.70
N GLN D 271 -26.27 17.87 34.94
CA GLN D 271 -26.66 16.52 35.35
C GLN D 271 -25.41 15.64 35.47
N GLU D 272 -24.41 15.87 34.62
CA GLU D 272 -23.18 15.09 34.69
C GLU D 272 -22.33 15.59 35.87
N GLU D 273 -22.26 16.91 36.05
CA GLU D 273 -21.48 17.45 37.16
C GLU D 273 -21.99 16.78 38.39
N LYS D 274 -23.30 16.71 38.48
CA LYS D 274 -23.97 16.12 39.62
C LYS D 274 -23.54 14.68 39.80
N MET D 275 -23.63 13.91 38.72
CA MET D 275 -23.24 12.49 38.78
C MET D 275 -21.85 12.40 39.35
N LEU D 276 -20.96 13.20 38.79
CA LEU D 276 -19.56 13.27 39.20
C LEU D 276 -19.47 13.62 40.68
N LYS D 277 -20.11 14.72 41.04
CA LYS D 277 -20.09 15.22 42.41
C LYS D 277 -20.60 14.24 43.45
N ASP D 278 -21.62 13.45 43.09
CA ASP D 278 -22.17 12.47 44.02
C ASP D 278 -21.23 11.32 44.29
N MET D 279 -20.34 11.06 43.33
CA MET D 279 -19.34 9.99 43.47
C MET D 279 -18.33 10.46 44.50
N VAL D 280 -17.88 11.70 44.33
CA VAL D 280 -16.91 12.33 45.22
C VAL D 280 -17.51 12.50 46.62
N ASP D 281 -18.81 12.78 46.69
CA ASP D 281 -19.50 12.96 47.97
C ASP D 281 -19.48 11.65 48.73
N HIS D 282 -19.70 10.56 48.00
CA HIS D 282 -19.71 9.23 48.58
C HIS D 282 -18.37 8.90 49.24
N ILE D 283 -17.29 9.43 48.66
CA ILE D 283 -15.93 9.21 49.17
C ILE D 283 -15.67 10.12 50.36
N ALA D 284 -16.07 11.38 50.22
CA ALA D 284 -15.90 12.35 51.29
C ALA D 284 -16.62 11.88 52.57
N GLN D 285 -17.88 11.47 52.43
CA GLN D 285 -18.69 11.00 53.56
C GLN D 285 -18.08 9.92 54.46
N THR D 286 -16.99 9.33 54.04
CA THR D 286 -16.37 8.29 54.86
C THR D 286 -15.30 8.88 55.77
N GLY D 287 -14.94 10.13 55.51
CA GLY D 287 -13.93 10.81 56.29
C GLY D 287 -12.54 10.61 55.70
N ALA D 288 -12.50 10.16 54.46
CA ALA D 288 -11.26 9.89 53.76
C ALA D 288 -10.62 11.15 53.20
N ASN D 289 -9.35 11.38 53.56
CA ASN D 289 -8.60 12.55 53.09
C ASN D 289 -7.60 12.23 51.98
N VAL D 290 -7.37 10.94 51.77
CA VAL D 290 -6.45 10.44 50.74
C VAL D 290 -7.14 9.38 49.89
N VAL D 291 -7.13 9.61 48.57
CA VAL D 291 -7.75 8.66 47.64
C VAL D 291 -6.81 8.22 46.52
N PHE D 292 -6.70 6.90 46.37
CA PHE D 292 -5.90 6.30 45.32
C PHE D 292 -6.88 5.64 44.36
N VAL D 293 -6.93 6.15 43.15
CA VAL D 293 -7.83 5.62 42.15
C VAL D 293 -7.09 4.89 41.03
N GLN D 294 -7.36 3.60 40.87
CA GLN D 294 -6.72 2.82 39.84
C GLN D 294 -7.00 3.33 38.43
N LYS D 295 -8.21 3.81 38.18
CA LYS D 295 -8.57 4.31 36.85
C LYS D 295 -8.47 5.82 36.78
N GLY D 296 -9.13 6.41 35.80
CA GLY D 296 -9.09 7.85 35.63
C GLY D 296 -9.88 8.66 36.66
N ILE D 297 -9.76 9.99 36.59
CA ILE D 297 -10.45 10.90 37.50
C ILE D 297 -10.80 12.18 36.76
N ASP D 298 -12.04 12.27 36.29
CA ASP D 298 -12.53 13.43 35.53
C ASP D 298 -12.07 14.76 36.13
N ASP D 299 -12.10 15.82 35.34
CA ASP D 299 -11.67 17.11 35.82
C ASP D 299 -12.49 17.67 36.96
N LEU D 300 -13.81 17.67 36.79
CA LEU D 300 -14.69 18.17 37.83
C LEU D 300 -14.47 17.35 39.07
N ALA D 301 -14.52 16.03 38.92
CA ALA D 301 -14.34 15.14 40.05
C ALA D 301 -13.09 15.53 40.83
N GLN D 302 -12.10 16.08 40.13
CA GLN D 302 -10.87 16.51 40.77
C GLN D 302 -11.14 17.77 41.58
N HIS D 303 -11.86 18.70 40.96
CA HIS D 303 -12.22 19.97 41.57
C HIS D 303 -13.00 19.79 42.88
N TYR D 304 -14.03 18.95 42.87
CA TYR D 304 -14.82 18.70 44.06
C TYR D 304 -13.95 18.06 45.12
N LEU D 305 -13.09 17.14 44.71
CA LEU D 305 -12.18 16.45 45.63
C LEU D 305 -11.21 17.44 46.28
N ALA D 306 -10.89 18.50 45.55
CA ALA D 306 -9.98 19.51 46.03
C ALA D 306 -10.67 20.34 47.12
N LYS D 307 -11.91 20.77 46.85
CA LYS D 307 -12.71 21.54 47.79
C LYS D 307 -12.82 20.86 49.13
N TYR D 308 -13.07 19.55 49.14
CA TYR D 308 -13.18 18.83 50.40
C TYR D 308 -11.81 18.65 51.04
N GLY D 309 -10.77 19.18 50.42
CA GLY D 309 -9.44 19.04 50.98
C GLY D 309 -8.96 17.60 51.02
N ILE D 310 -9.31 16.84 49.98
CA ILE D 310 -8.92 15.44 49.86
C ILE D 310 -7.78 15.29 48.85
N MET D 311 -6.78 14.49 49.18
CA MET D 311 -5.66 14.26 48.28
C MET D 311 -5.90 13.00 47.42
N ALA D 312 -5.95 13.21 46.10
CA ALA D 312 -6.20 12.12 45.17
C ALA D 312 -5.12 11.96 44.09
N VAL D 313 -4.88 10.68 43.77
CA VAL D 313 -3.92 10.28 42.76
C VAL D 313 -4.69 9.35 41.83
N ARG D 314 -4.52 9.53 40.54
CA ARG D 314 -5.21 8.68 39.57
C ARG D 314 -4.25 7.69 38.91
N ARG D 315 -4.79 6.83 38.06
CA ARG D 315 -4.01 5.84 37.33
C ARG D 315 -3.01 5.01 38.14
N VAL D 316 -3.32 4.69 39.39
CA VAL D 316 -2.40 3.90 40.18
C VAL D 316 -2.32 2.45 39.67
N LYS D 317 -1.10 1.92 39.60
CA LYS D 317 -0.88 0.55 39.12
C LYS D 317 -1.57 -0.49 39.97
N LYS D 318 -2.24 -1.44 39.32
CA LYS D 318 -2.94 -2.51 40.01
C LYS D 318 -2.02 -3.15 41.04
N SER D 319 -0.74 -3.22 40.69
CA SER D 319 0.28 -3.80 41.54
C SER D 319 0.53 -2.90 42.73
N ASP D 320 0.35 -1.59 42.52
CA ASP D 320 0.53 -0.60 43.57
C ASP D 320 -0.66 -0.60 44.51
N MET D 321 -1.87 -0.66 43.95
CA MET D 321 -3.08 -0.68 44.75
C MET D 321 -3.04 -1.78 45.78
N GLU D 322 -2.61 -2.97 45.39
CA GLU D 322 -2.55 -4.10 46.31
C GLU D 322 -1.50 -3.92 47.40
N LYS D 323 -0.46 -3.16 47.09
CA LYS D 323 0.59 -2.89 48.06
C LYS D 323 0.04 -1.92 49.07
N LEU D 324 -0.72 -0.94 48.58
CA LEU D 324 -1.34 0.05 49.44
C LEU D 324 -2.36 -0.63 50.37
N ALA D 325 -3.11 -1.59 49.83
CA ALA D 325 -4.09 -2.30 50.63
C ALA D 325 -3.43 -3.11 51.74
N LYS D 326 -2.26 -3.68 51.46
CA LYS D 326 -1.57 -4.48 52.45
C LYS D 326 -0.79 -3.68 53.47
N ALA D 327 -0.36 -2.49 53.07
CA ALA D 327 0.42 -1.64 53.96
C ALA D 327 -0.43 -0.75 54.87
N THR D 328 -1.49 -0.17 54.31
CA THR D 328 -2.39 0.73 55.05
C THR D 328 -3.57 0.03 55.73
N GLY D 329 -3.93 -1.15 55.26
CA GLY D 329 -5.05 -1.87 55.85
C GLY D 329 -6.36 -1.53 55.18
N ALA D 330 -6.30 -0.64 54.19
CA ALA D 330 -7.49 -0.24 53.45
C ALA D 330 -7.98 -1.41 52.60
N LYS D 331 -9.20 -1.32 52.10
CA LYS D 331 -9.78 -2.36 51.26
C LYS D 331 -10.14 -1.79 49.90
N ILE D 332 -9.69 -2.45 48.83
CA ILE D 332 -10.00 -1.94 47.50
C ILE D 332 -11.50 -2.03 47.27
N VAL D 333 -12.05 -1.03 46.60
CA VAL D 333 -13.47 -0.99 46.34
C VAL D 333 -13.77 -0.74 44.86
N THR D 334 -14.75 -1.48 44.33
CA THR D 334 -15.16 -1.37 42.93
C THR D 334 -16.23 -0.32 42.74
N ASN D 335 -17.08 -0.17 43.76
CA ASN D 335 -18.21 0.77 43.75
C ASN D 335 -18.15 1.80 44.88
N VAL D 336 -18.04 3.09 44.52
CA VAL D 336 -17.99 4.15 45.52
C VAL D 336 -19.23 4.14 46.40
N LYS D 337 -20.37 3.81 45.81
CA LYS D 337 -21.64 3.76 46.52
C LYS D 337 -21.59 2.91 47.79
N ASP D 338 -20.76 1.89 47.81
CA ASP D 338 -20.66 1.02 48.99
C ASP D 338 -19.43 1.28 49.84
N LEU D 339 -18.77 2.41 49.61
CA LEU D 339 -17.59 2.74 50.38
C LEU D 339 -18.01 3.14 51.79
N THR D 340 -17.54 2.38 52.78
CA THR D 340 -17.85 2.66 54.18
C THR D 340 -16.52 3.02 54.86
N PRO D 341 -16.57 3.64 56.05
CA PRO D 341 -15.31 4.00 56.73
C PRO D 341 -14.41 2.82 57.15
N GLU D 342 -14.97 1.61 57.19
CA GLU D 342 -14.18 0.44 57.57
C GLU D 342 -13.37 -0.04 56.39
N ASP D 343 -13.59 0.59 55.23
CA ASP D 343 -12.86 0.24 54.03
C ASP D 343 -11.59 1.08 53.93
N LEU D 344 -11.57 2.22 54.61
CA LEU D 344 -10.41 3.11 54.60
C LEU D 344 -9.25 2.50 55.40
N GLY D 345 -8.04 2.98 55.14
CA GLY D 345 -6.87 2.48 55.84
C GLY D 345 -6.09 3.61 56.46
N TYR D 346 -5.18 3.29 57.39
CA TYR D 346 -4.40 4.34 58.04
C TYR D 346 -2.93 4.45 57.65
N ALA D 347 -2.47 5.70 57.56
CA ALA D 347 -1.10 6.04 57.23
C ALA D 347 -0.73 7.28 58.05
N GLU D 348 0.32 7.18 58.85
CA GLU D 348 0.75 8.29 59.69
C GLU D 348 1.11 9.57 58.93
N VAL D 349 1.48 9.43 57.67
CA VAL D 349 1.83 10.56 56.82
C VAL D 349 1.84 10.11 55.37
N VAL D 350 1.17 10.88 54.52
CA VAL D 350 1.11 10.59 53.09
C VAL D 350 1.45 11.91 52.40
N GLU D 351 2.67 12.02 51.88
CA GLU D 351 3.09 13.27 51.25
C GLU D 351 3.80 13.14 49.90
N GLU D 352 3.64 14.17 49.07
CA GLU D 352 4.27 14.21 47.75
C GLU D 352 5.64 14.86 47.86
N ARG D 353 6.67 14.02 47.92
CA ARG D 353 8.06 14.48 48.01
C ARG D 353 8.71 14.41 46.63
N LYS D 354 9.50 15.43 46.32
CA LYS D 354 10.19 15.48 45.04
C LYS D 354 11.59 14.88 45.19
N LEU D 355 11.67 13.55 45.16
CA LEU D 355 12.93 12.83 45.31
C LEU D 355 13.64 12.67 43.96
N ALA D 356 14.88 13.15 43.91
CA ALA D 356 15.69 13.09 42.68
C ALA D 356 14.99 13.79 41.52
N GLY D 357 14.55 15.03 41.76
CA GLY D 357 13.87 15.82 40.74
C GLY D 357 12.52 15.29 40.30
N GLU D 358 12.22 14.05 40.68
CA GLU D 358 10.96 13.37 40.33
C GLU D 358 9.93 13.38 41.46
N ASN D 359 8.68 13.65 41.11
CA ASN D 359 7.65 13.66 42.12
C ASN D 359 7.19 12.27 42.46
N MET D 360 7.04 12.03 43.76
CA MET D 360 6.62 10.74 44.25
C MET D 360 5.72 10.92 45.45
N ILE D 361 5.00 9.86 45.81
CA ILE D 361 4.11 9.91 46.94
C ILE D 361 4.53 8.87 47.95
N PHE D 362 4.83 9.33 49.16
CA PHE D 362 5.25 8.43 50.23
C PHE D 362 4.10 8.17 51.19
N VAL D 363 3.85 6.90 51.45
CA VAL D 363 2.82 6.50 52.38
C VAL D 363 3.53 5.73 53.48
N GLU D 364 4.05 6.46 54.47
CA GLU D 364 4.77 5.83 55.58
C GLU D 364 4.02 5.93 56.90
N GLY D 365 4.59 5.33 57.94
CA GLY D 365 3.97 5.36 59.24
C GLY D 365 2.75 4.48 59.34
N CYS D 366 2.67 3.49 58.46
CA CYS D 366 1.52 2.60 58.47
C CYS D 366 1.51 1.78 59.73
N LYS D 367 0.33 1.31 60.11
CA LYS D 367 0.14 0.51 61.30
C LYS D 367 1.09 -0.68 61.38
N ASN D 368 0.62 -1.83 60.92
CA ASN D 368 1.40 -3.07 60.93
C ASN D 368 1.43 -3.57 59.49
N PRO D 369 2.06 -2.80 58.58
CA PRO D 369 2.17 -3.10 57.15
C PRO D 369 2.48 -4.54 56.75
N LYS D 370 1.64 -5.10 55.87
CA LYS D 370 1.84 -6.46 55.40
C LYS D 370 2.61 -6.40 54.08
N ALA D 371 2.94 -5.17 53.69
CA ALA D 371 3.71 -4.89 52.49
C ALA D 371 4.55 -3.66 52.84
N VAL D 372 5.84 -3.72 52.53
CA VAL D 372 6.75 -2.61 52.83
C VAL D 372 7.70 -2.30 51.66
N THR D 373 8.13 -1.05 51.55
CA THR D 373 9.01 -0.62 50.46
C THR D 373 10.45 -0.32 50.91
N ILE D 374 11.44 -0.72 50.12
CA ILE D 374 12.84 -0.41 50.44
C ILE D 374 13.31 0.60 49.39
N LEU D 375 13.60 1.81 49.84
CA LEU D 375 14.07 2.87 48.96
C LEU D 375 15.58 2.77 48.84
N ILE D 376 16.06 2.71 47.60
CA ILE D 376 17.48 2.59 47.31
C ILE D 376 18.01 3.91 46.71
N ARG D 377 19.08 4.40 47.31
CA ARG D 377 19.73 5.63 46.86
C ARG D 377 21.16 5.27 46.42
N GLY D 378 21.74 6.09 45.54
CA GLY D 378 23.09 5.84 45.07
C GLY D 378 23.49 6.80 43.97
N GLY D 379 24.80 6.94 43.78
CA GLY D 379 25.33 7.85 42.77
C GLY D 379 24.93 7.57 41.32
N THR D 380 25.15 6.35 40.85
CA THR D 380 24.80 6.01 39.47
C THR D 380 23.73 4.93 39.36
N GLU D 381 23.15 4.82 38.17
CA GLU D 381 22.13 3.83 37.89
C GLU D 381 22.67 2.46 38.28
N HIS D 382 23.92 2.22 37.91
CA HIS D 382 24.58 0.95 38.18
C HIS D 382 24.75 0.63 39.65
N VAL D 383 25.13 1.60 40.47
CA VAL D 383 25.28 1.34 41.90
C VAL D 383 23.93 0.86 42.44
N ILE D 384 22.87 1.48 41.93
CA ILE D 384 21.49 1.21 42.30
C ILE D 384 21.04 -0.21 41.95
N ASP D 385 21.06 -0.52 40.66
CA ASP D 385 20.65 -1.83 40.19
C ASP D 385 21.37 -2.97 40.92
N GLU D 386 22.67 -2.79 41.17
CA GLU D 386 23.48 -3.80 41.85
C GLU D 386 23.13 -3.92 43.33
N VAL D 387 22.78 -2.79 43.94
CA VAL D 387 22.40 -2.79 45.35
C VAL D 387 21.10 -3.57 45.46
N GLU D 388 20.19 -3.30 44.53
CA GLU D 388 18.92 -4.00 44.52
C GLU D 388 19.15 -5.50 44.42
N ARG D 389 20.05 -5.92 43.52
CA ARG D 389 20.37 -7.33 43.34
C ARG D 389 20.92 -7.90 44.63
N ALA D 390 21.74 -7.12 45.30
CA ALA D 390 22.32 -7.55 46.57
C ALA D 390 21.21 -7.80 47.57
N LEU D 391 20.30 -6.82 47.65
CA LEU D 391 19.16 -6.88 48.55
C LEU D 391 18.21 -8.04 48.29
N GLU D 392 17.92 -8.32 47.03
CA GLU D 392 17.01 -9.41 46.65
C GLU D 392 17.56 -10.75 47.10
N ASP D 393 18.87 -10.88 47.17
CA ASP D 393 19.49 -12.11 47.63
C ASP D 393 19.44 -12.13 49.15
N ALA D 394 19.66 -10.96 49.74
CA ALA D 394 19.66 -10.76 51.19
C ALA D 394 18.28 -11.06 51.75
N VAL D 395 17.27 -10.53 51.09
CA VAL D 395 15.89 -10.75 51.49
C VAL D 395 15.58 -12.25 51.38
N LYS D 396 15.91 -12.81 50.23
CA LYS D 396 15.68 -14.23 49.94
C LYS D 396 16.36 -15.25 50.87
N VAL D 397 17.51 -14.89 51.42
CA VAL D 397 18.23 -15.79 52.34
C VAL D 397 17.62 -15.69 53.73
N VAL D 398 17.24 -14.48 54.13
CA VAL D 398 16.60 -14.27 55.42
C VAL D 398 15.33 -15.12 55.39
N LYS D 399 14.65 -15.09 54.26
CA LYS D 399 13.42 -15.85 54.05
C LYS D 399 13.60 -17.35 54.23
N ASP D 400 14.73 -17.86 53.78
CA ASP D 400 15.00 -19.29 53.88
C ASP D 400 15.20 -19.72 55.32
N VAL D 401 15.96 -18.91 56.05
CA VAL D 401 16.25 -19.22 57.45
C VAL D 401 15.03 -19.16 58.34
N MET D 402 14.14 -18.20 58.08
CA MET D 402 12.93 -18.07 58.87
C MET D 402 12.00 -19.26 58.62
N GLU D 403 11.97 -19.75 57.38
CA GLU D 403 11.13 -20.87 57.04
C GLU D 403 11.77 -22.21 57.41
N ASP D 404 13.09 -22.28 57.23
CA ASP D 404 13.86 -23.51 57.51
C ASP D 404 14.35 -23.58 58.95
N GLY D 405 14.88 -22.47 59.44
CA GLY D 405 15.41 -22.44 60.79
C GLY D 405 16.64 -23.30 60.94
N ALA D 406 17.46 -23.31 59.89
CA ALA D 406 18.71 -24.09 59.86
C ALA D 406 19.73 -23.40 58.94
N VAL D 407 20.97 -23.25 59.43
CA VAL D 407 22.06 -22.62 58.67
C VAL D 407 23.34 -23.48 58.56
N LEU D 408 24.35 -22.92 57.89
CA LEU D 408 25.64 -23.58 57.69
C LEU D 408 26.76 -22.58 57.58
N PRO D 409 28.01 -23.02 57.84
CA PRO D 409 29.18 -22.13 57.75
C PRO D 409 29.46 -21.88 56.26
N ALA D 410 30.13 -20.77 55.92
CA ALA D 410 30.42 -20.49 54.51
C ALA D 410 31.84 -20.86 54.05
N GLY D 411 32.38 -20.05 53.14
CA GLY D 411 33.72 -20.28 52.61
C GLY D 411 34.04 -21.74 52.28
N GLY D 412 33.11 -22.45 51.64
CA GLY D 412 33.36 -23.83 51.27
C GLY D 412 33.30 -24.87 52.38
N ALA D 413 33.10 -24.42 53.62
CA ALA D 413 33.03 -25.32 54.76
C ALA D 413 32.10 -26.53 54.51
N PRO D 414 30.88 -26.28 53.99
CA PRO D 414 29.95 -27.39 53.72
C PRO D 414 30.50 -28.38 52.70
N GLU D 415 30.94 -27.86 51.56
CA GLU D 415 31.47 -28.69 50.48
C GLU D 415 32.69 -29.50 50.90
N ILE D 416 33.54 -28.91 51.74
CA ILE D 416 34.72 -29.62 52.22
C ILE D 416 34.23 -30.83 53.01
N GLU D 417 33.28 -30.57 53.88
CA GLU D 417 32.68 -31.59 54.72
C GLU D 417 32.03 -32.67 53.85
N LEU D 418 31.39 -32.26 52.77
CA LEU D 418 30.72 -33.20 51.87
C LEU D 418 31.75 -34.01 51.10
N ALA D 419 32.85 -33.36 50.71
CA ALA D 419 33.89 -34.05 49.98
C ALA D 419 34.40 -35.16 50.91
N ILE D 420 35.00 -34.75 52.03
CA ILE D 420 35.56 -35.67 53.02
C ILE D 420 34.64 -36.84 53.33
N ARG D 421 33.41 -36.52 53.70
CA ARG D 421 32.42 -37.53 54.05
C ARG D 421 32.00 -38.41 52.87
N LEU D 422 31.49 -37.78 51.81
CA LEU D 422 31.01 -38.50 50.61
C LEU D 422 32.02 -39.49 50.03
N ASP D 423 33.28 -39.37 50.45
CA ASP D 423 34.33 -40.27 49.98
C ASP D 423 34.18 -41.60 50.72
N GLU D 424 34.06 -41.54 52.04
CA GLU D 424 33.87 -42.75 52.86
C GLU D 424 32.66 -43.50 52.36
N TYR D 425 31.64 -42.75 51.99
CA TYR D 425 30.41 -43.33 51.47
C TYR D 425 30.71 -44.08 50.18
N ALA D 426 31.60 -43.51 49.37
CA ALA D 426 32.00 -44.12 48.12
C ALA D 426 32.66 -45.47 48.40
N LYS D 427 33.43 -45.54 49.49
CA LYS D 427 34.12 -46.76 49.89
C LYS D 427 33.09 -47.85 50.16
N GLN D 428 32.15 -47.55 51.06
CA GLN D 428 31.14 -48.53 51.39
C GLN D 428 30.30 -48.96 50.20
N VAL D 429 30.17 -48.09 49.20
CA VAL D 429 29.39 -48.46 48.02
C VAL D 429 30.24 -49.33 47.11
N GLY D 430 31.49 -48.91 46.87
CA GLY D 430 32.39 -49.68 46.03
C GLY D 430 31.95 -49.86 44.59
N GLY D 431 32.78 -50.55 43.80
CA GLY D 431 32.46 -50.79 42.40
C GLY D 431 32.70 -49.57 41.55
N LYS D 432 32.17 -49.58 40.34
CA LYS D 432 32.34 -48.44 39.45
C LYS D 432 31.69 -47.25 40.15
N GLU D 433 30.53 -47.51 40.75
CA GLU D 433 29.78 -46.48 41.47
C GLU D 433 30.73 -45.66 42.33
N ALA D 434 31.52 -46.35 43.14
CA ALA D 434 32.47 -45.71 44.03
C ALA D 434 33.33 -44.66 43.31
N LEU D 435 33.63 -44.93 42.04
CA LEU D 435 34.43 -44.03 41.22
C LEU D 435 33.64 -42.76 40.89
N ALA D 436 32.35 -42.94 40.61
CA ALA D 436 31.46 -41.83 40.29
C ALA D 436 31.26 -41.02 41.56
N ILE D 437 31.03 -41.70 42.67
CA ILE D 437 30.81 -41.06 43.97
C ILE D 437 32.06 -40.30 44.42
N GLU D 438 33.22 -40.89 44.19
CA GLU D 438 34.46 -40.25 44.57
C GLU D 438 34.68 -38.97 43.76
N ASN D 439 34.42 -39.05 42.46
CA ASN D 439 34.59 -37.90 41.56
C ASN D 439 33.62 -36.77 41.87
N PHE D 440 32.43 -37.15 42.32
CA PHE D 440 31.38 -36.21 42.69
C PHE D 440 31.88 -35.45 43.91
N ALA D 441 32.33 -36.21 44.90
CA ALA D 441 32.85 -35.68 46.16
C ALA D 441 33.99 -34.70 45.90
N ASP D 442 34.77 -35.00 44.86
CA ASP D 442 35.91 -34.19 44.48
C ASP D 442 35.48 -32.90 43.83
N ALA D 443 34.54 -33.01 42.88
CA ALA D 443 34.03 -31.86 42.15
C ALA D 443 33.65 -30.75 43.10
N LEU D 444 33.02 -31.12 44.22
CA LEU D 444 32.58 -30.17 45.22
C LEU D 444 33.68 -29.23 45.73
N LYS D 445 34.93 -29.54 45.39
CA LYS D 445 36.03 -28.71 45.86
C LYS D 445 36.26 -27.44 45.06
N ILE D 446 35.64 -27.29 43.88
CA ILE D 446 35.85 -26.07 43.08
C ILE D 446 35.41 -24.86 43.87
N ILE D 447 34.54 -25.08 44.85
CA ILE D 447 34.05 -23.98 45.66
C ILE D 447 35.19 -23.46 46.54
N PRO D 448 35.70 -24.28 47.48
CA PRO D 448 36.80 -23.77 48.31
C PRO D 448 37.87 -23.28 47.35
N LYS D 449 38.06 -24.09 46.31
CA LYS D 449 39.02 -23.86 45.24
C LYS D 449 38.90 -22.50 44.53
N THR D 450 37.81 -22.29 43.81
CA THR D 450 37.64 -21.01 43.09
C THR D 450 37.41 -19.85 44.05
N LEU D 451 37.21 -20.16 45.34
CA LEU D 451 37.01 -19.11 46.34
C LEU D 451 38.35 -18.49 46.65
N ALA D 452 39.33 -19.34 46.93
CA ALA D 452 40.68 -18.89 47.24
C ALA D 452 41.35 -18.36 45.97
N GLU D 453 41.00 -18.95 44.83
CA GLU D 453 41.54 -18.57 43.54
C GLU D 453 41.16 -17.14 43.15
N ASN D 454 39.88 -16.80 43.28
CA ASN D 454 39.43 -15.44 42.95
C ASN D 454 40.06 -14.44 43.91
N ALA D 455 40.38 -14.91 45.11
CA ALA D 455 40.99 -14.06 46.12
C ALA D 455 42.46 -13.79 45.78
N GLY D 456 43.09 -14.75 45.12
CA GLY D 456 44.47 -14.60 44.73
C GLY D 456 45.39 -15.44 45.60
N LEU D 457 44.82 -16.36 46.36
CA LEU D 457 45.61 -17.21 47.23
C LEU D 457 46.18 -18.42 46.48
N ASP D 458 47.04 -19.16 47.17
CA ASP D 458 47.64 -20.35 46.60
C ASP D 458 46.62 -21.48 46.65
N THR D 459 45.90 -21.65 45.54
CA THR D 459 44.88 -22.70 45.41
C THR D 459 45.27 -24.06 45.99
N VAL D 460 46.29 -24.66 45.40
CA VAL D 460 46.78 -25.98 45.79
C VAL D 460 47.08 -26.19 47.27
N GLU D 461 47.95 -25.33 47.80
CA GLU D 461 48.39 -25.37 49.19
C GLU D 461 47.26 -25.03 50.16
N MET D 462 46.49 -24.01 49.78
CA MET D 462 45.35 -23.54 50.56
C MET D 462 44.31 -24.65 50.74
N LEU D 463 43.99 -25.33 49.65
CA LEU D 463 43.00 -26.41 49.69
C LEU D 463 43.47 -27.60 50.55
N VAL D 464 44.73 -27.59 50.97
CA VAL D 464 45.27 -28.67 51.78
C VAL D 464 45.26 -28.30 53.25
N LYS D 465 45.47 -27.01 53.53
CA LYS D 465 45.44 -26.51 54.90
C LYS D 465 44.01 -26.59 55.41
N VAL D 466 43.08 -26.21 54.54
CA VAL D 466 41.65 -26.20 54.87
C VAL D 466 41.06 -27.58 55.08
N ILE D 467 41.49 -28.58 54.30
CA ILE D 467 40.97 -29.93 54.49
C ILE D 467 41.59 -30.52 55.76
N SER D 468 42.78 -30.05 56.10
CA SER D 468 43.48 -30.50 57.30
C SER D 468 42.72 -29.99 58.52
N GLU D 469 42.63 -28.66 58.64
CA GLU D 469 41.93 -28.01 59.73
C GLU D 469 40.57 -28.65 59.95
N HIS D 470 39.81 -28.72 58.88
CA HIS D 470 38.47 -29.30 58.89
C HIS D 470 38.51 -30.72 59.48
N LYS D 471 39.50 -31.50 59.07
CA LYS D 471 39.65 -32.86 59.57
C LYS D 471 39.94 -32.81 61.06
N ASN D 472 40.50 -31.69 61.50
CA ASN D 472 40.84 -31.52 62.92
C ASN D 472 39.80 -30.77 63.74
N ARG D 473 39.78 -29.44 63.60
CA ARG D 473 38.85 -28.58 64.33
C ARG D 473 37.35 -28.91 64.10
N GLY D 474 36.96 -29.24 62.87
CA GLY D 474 35.57 -29.58 62.62
C GLY D 474 34.84 -28.89 61.48
N LEU D 475 33.54 -29.20 61.40
CA LEU D 475 32.62 -28.70 60.39
C LEU D 475 32.65 -27.19 60.12
N GLY D 476 32.97 -26.39 61.13
CA GLY D 476 32.98 -24.94 60.94
C GLY D 476 34.17 -24.41 60.16
N ILE D 477 35.17 -25.27 59.92
CA ILE D 477 36.37 -24.87 59.20
C ILE D 477 36.20 -24.69 57.69
N GLY D 478 36.46 -23.48 57.24
CA GLY D 478 36.35 -23.14 55.83
C GLY D 478 37.36 -22.07 55.48
N ILE D 479 37.27 -21.53 54.27
CA ILE D 479 38.19 -20.49 53.80
C ILE D 479 37.57 -19.12 54.04
N ASP D 480 38.40 -18.16 54.41
CA ASP D 480 37.92 -16.82 54.62
C ASP D 480 38.75 -15.95 53.68
N VAL D 481 38.20 -15.62 52.53
CA VAL D 481 38.91 -14.81 51.54
C VAL D 481 39.45 -13.49 52.07
N PHE D 482 38.98 -13.09 53.23
CA PHE D 482 39.42 -11.86 53.85
C PHE D 482 40.61 -12.16 54.76
N GLU D 483 40.66 -13.40 55.24
CA GLU D 483 41.73 -13.85 56.13
C GLU D 483 42.87 -14.50 55.36
N GLY D 484 42.60 -14.89 54.12
CA GLY D 484 43.61 -15.54 53.32
C GLY D 484 44.04 -16.88 53.94
N LYS D 485 43.32 -17.33 54.96
CA LYS D 485 43.66 -18.57 55.61
C LYS D 485 42.43 -19.31 56.11
N PRO D 486 42.58 -20.58 56.50
CA PRO D 486 41.42 -21.31 56.98
C PRO D 486 40.93 -20.64 58.26
N ALA D 487 39.67 -20.83 58.59
CA ALA D 487 39.10 -20.24 59.81
C ALA D 487 37.86 -21.00 60.24
N ASP D 488 37.42 -20.78 61.49
CA ASP D 488 36.20 -21.40 61.96
C ASP D 488 35.11 -20.38 61.61
N MET D 489 34.40 -20.66 60.50
CA MET D 489 33.35 -19.79 59.99
C MET D 489 32.25 -19.46 60.98
N LEU D 490 32.02 -20.36 61.94
CA LEU D 490 31.00 -20.11 62.95
C LEU D 490 31.48 -19.03 63.91
N GLU D 491 32.69 -19.16 64.42
CA GLU D 491 33.22 -18.14 65.33
C GLU D 491 33.30 -16.80 64.59
N LYS D 492 33.22 -16.86 63.26
CA LYS D 492 33.33 -15.65 62.44
C LYS D 492 32.02 -15.04 61.98
N GLY D 493 30.94 -15.78 62.16
CA GLY D 493 29.64 -15.27 61.76
C GLY D 493 29.35 -15.35 60.26
N ILE D 494 30.30 -15.88 59.50
CA ILE D 494 30.15 -16.03 58.05
C ILE D 494 29.39 -17.32 57.75
N ILE D 495 28.06 -17.21 57.60
CA ILE D 495 27.21 -18.36 57.33
C ILE D 495 26.19 -18.14 56.22
N GLU D 496 25.60 -19.24 55.76
CA GLU D 496 24.62 -19.22 54.69
C GLU D 496 23.47 -20.19 54.99
N PRO D 497 22.32 -20.01 54.32
CA PRO D 497 21.13 -20.85 54.48
C PRO D 497 21.34 -22.34 54.18
N LEU D 498 20.95 -23.21 55.10
CA LEU D 498 21.08 -24.65 54.88
C LEU D 498 20.36 -24.99 53.57
N ARG D 499 19.39 -24.16 53.20
CA ARG D 499 18.65 -24.39 51.97
C ARG D 499 19.52 -24.13 50.73
N VAL D 500 20.28 -23.04 50.74
CA VAL D 500 21.14 -22.71 49.60
C VAL D 500 22.03 -23.90 49.18
N LYS D 501 22.72 -24.53 50.13
CA LYS D 501 23.59 -25.66 49.81
C LYS D 501 22.77 -26.83 49.29
N LYS D 502 21.73 -27.20 50.03
CA LYS D 502 20.86 -28.30 49.63
C LYS D 502 20.37 -28.12 48.21
N GLN D 503 19.98 -26.90 47.87
CA GLN D 503 19.46 -26.58 46.53
C GLN D 503 20.54 -26.58 45.45
N ALA D 504 21.77 -26.22 45.83
CA ALA D 504 22.88 -26.22 44.89
C ALA D 504 23.10 -27.67 44.43
N ILE D 505 23.35 -28.56 45.37
CA ILE D 505 23.57 -29.96 45.03
C ILE D 505 22.39 -30.43 44.20
N LYS D 506 21.19 -30.31 44.75
CA LYS D 506 19.98 -30.72 44.03
C LYS D 506 20.06 -30.26 42.56
N SER D 507 20.15 -28.94 42.36
CA SER D 507 20.22 -28.33 41.03
C SER D 507 21.32 -28.84 40.12
N ALA D 508 22.57 -28.70 40.57
CA ALA D 508 23.75 -29.12 39.81
C ALA D 508 23.74 -30.58 39.42
N SER D 509 23.59 -31.46 40.40
CA SER D 509 23.57 -32.90 40.15
C SER D 509 22.50 -33.32 39.14
N GLU D 510 21.33 -32.68 39.19
CA GLU D 510 20.26 -33.01 38.26
C GLU D 510 20.65 -32.54 36.88
N ALA D 511 21.19 -31.33 36.80
CA ALA D 511 21.59 -30.78 35.53
C ALA D 511 22.64 -31.72 34.92
N ALA D 512 23.61 -32.11 35.74
CA ALA D 512 24.68 -33.00 35.33
C ALA D 512 24.12 -34.32 34.82
N ILE D 513 23.38 -35.02 35.69
CA ILE D 513 22.79 -36.29 35.32
C ILE D 513 21.98 -36.17 34.04
N MET D 514 21.30 -35.04 33.89
CA MET D 514 20.47 -34.80 32.70
C MET D 514 21.28 -34.85 31.41
N ILE D 515 22.44 -34.19 31.42
CA ILE D 515 23.32 -34.14 30.27
C ILE D 515 23.99 -35.51 30.08
N LEU D 516 24.47 -36.10 31.18
CA LEU D 516 25.10 -37.42 31.14
C LEU D 516 24.18 -38.44 30.51
N ARG D 517 22.90 -38.10 30.42
CA ARG D 517 21.90 -38.99 29.84
C ARG D 517 21.61 -38.75 28.37
N ILE D 518 22.02 -37.61 27.82
CA ILE D 518 21.75 -37.32 26.42
C ILE D 518 22.83 -37.93 25.55
N ASP D 519 22.44 -38.91 24.74
CA ASP D 519 23.39 -39.61 23.87
C ASP D 519 23.20 -39.26 22.39
N ASP D 520 22.37 -38.25 22.12
CA ASP D 520 22.13 -37.84 20.75
C ASP D 520 21.54 -36.43 20.77
N VAL D 521 22.05 -35.56 19.92
CA VAL D 521 21.55 -34.19 19.85
C VAL D 521 21.19 -33.85 18.43
N ILE D 522 19.97 -33.37 18.20
CA ILE D 522 19.53 -33.04 16.85
C ILE D 522 19.00 -31.61 16.78
N ALA D 523 19.74 -30.73 16.09
CA ALA D 523 19.41 -29.31 15.96
C ALA D 523 19.29 -28.78 14.50
N ALA D 524 18.43 -27.78 14.28
CA ALA D 524 18.19 -27.20 12.95
C ALA D 524 18.81 -25.83 12.55
N LYS D 525 19.01 -24.91 13.52
CA LYS D 525 19.59 -23.55 13.26
C LYS D 525 20.13 -22.72 14.49
N ALA D 526 21.41 -22.91 14.90
CA ALA D 526 22.04 -22.18 16.05
C ALA D 526 23.57 -22.45 16.30
N VAL E 10 24.18 -21.76 17.28
CA VAL E 10 25.64 -21.91 17.61
C VAL E 10 25.98 -22.03 19.16
N ILE E 11 27.16 -21.54 19.60
CA ILE E 11 27.56 -21.59 21.04
C ILE E 11 27.41 -20.21 21.77
N LEU E 12 28.08 -19.18 21.23
CA LEU E 12 27.96 -17.80 21.72
C LEU E 12 27.78 -17.06 20.39
N PRO E 13 26.80 -16.13 20.30
CA PRO E 13 26.56 -15.39 19.05
C PRO E 13 27.83 -14.88 18.39
N GLU E 14 27.90 -15.05 17.06
CA GLU E 14 29.04 -14.55 16.31
C GLU E 14 28.82 -13.02 16.27
N GLY E 15 29.87 -12.26 15.95
CA GLY E 15 29.73 -10.82 15.93
C GLY E 15 29.81 -10.31 17.37
N THR E 16 30.01 -11.24 18.30
CA THR E 16 30.14 -10.95 19.73
C THR E 16 31.61 -11.06 20.18
N GLN E 17 32.22 -9.95 20.57
CA GLN E 17 33.61 -9.95 21.04
C GLN E 17 33.66 -10.11 22.55
N ARG E 18 34.81 -10.53 23.05
CA ARG E 18 34.99 -10.72 24.48
C ARG E 18 36.45 -10.52 24.86
N TYR E 19 36.67 -10.03 26.07
CA TYR E 19 38.02 -9.81 26.56
C TYR E 19 38.07 -10.26 28.00
N VAL E 20 39.25 -10.66 28.47
CA VAL E 20 39.39 -11.12 29.83
C VAL E 20 40.70 -10.62 30.45
N GLY E 21 40.75 -10.55 31.79
CA GLY E 21 41.94 -10.11 32.49
C GLY E 21 42.64 -8.87 31.94
N ARG E 22 43.95 -8.96 31.80
CA ARG E 22 44.76 -7.85 31.30
C ARG E 22 44.01 -7.21 30.15
N ASP E 23 43.62 -8.03 29.19
CA ASP E 23 42.90 -7.59 28.00
C ASP E 23 41.74 -6.64 28.25
N ALA E 24 40.80 -7.06 29.10
CA ALA E 24 39.63 -6.25 29.44
C ALA E 24 40.05 -4.94 30.08
N GLN E 25 40.67 -5.03 31.26
CA GLN E 25 41.14 -3.87 31.99
C GLN E 25 41.93 -2.92 31.10
N ARG E 26 42.93 -3.47 30.42
CA ARG E 26 43.78 -2.72 29.50
C ARG E 26 42.92 -1.86 28.58
N LEU E 27 42.01 -2.50 27.85
CA LEU E 27 41.15 -1.80 26.90
C LEU E 27 40.16 -0.83 27.54
N ASN E 28 39.62 -1.20 28.70
CA ASN E 28 38.68 -0.32 29.41
C ASN E 28 39.41 0.93 29.90
N ILE E 29 40.52 0.73 30.60
CA ILE E 29 41.31 1.84 31.11
C ILE E 29 41.74 2.77 29.98
N LEU E 30 42.20 2.17 28.89
CA LEU E 30 42.63 2.95 27.75
C LEU E 30 41.47 3.79 27.22
N ALA E 31 40.29 3.17 27.09
CA ALA E 31 39.10 3.87 26.58
C ALA E 31 38.70 5.04 27.47
N ALA E 32 38.77 4.83 28.78
CA ALA E 32 38.42 5.87 29.74
C ALA E 32 39.42 7.03 29.62
N ARG E 33 40.70 6.68 29.62
CA ARG E 33 41.77 7.65 29.53
C ARG E 33 41.62 8.57 28.33
N ILE E 34 41.31 7.97 27.17
CA ILE E 34 41.14 8.72 25.93
C ILE E 34 40.09 9.80 26.12
N ILE E 35 38.96 9.41 26.68
CA ILE E 35 37.85 10.30 26.93
C ILE E 35 38.28 11.42 27.88
N ALA E 36 38.94 11.04 28.96
CA ALA E 36 39.41 11.99 29.96
C ALA E 36 40.31 13.05 29.33
N GLU E 37 41.29 12.62 28.56
CA GLU E 37 42.23 13.53 27.91
C GLU E 37 41.59 14.38 26.82
N THR E 38 40.35 14.08 26.46
CA THR E 38 39.67 14.84 25.42
C THR E 38 39.14 16.15 26.03
N VAL E 39 38.62 16.02 27.25
CA VAL E 39 38.06 17.17 27.95
C VAL E 39 39.09 17.99 28.75
N ARG E 40 40.20 17.36 29.14
CA ARG E 40 41.22 18.04 29.93
C ARG E 40 41.80 19.32 29.33
N THR E 41 41.63 19.52 28.03
CA THR E 41 42.17 20.72 27.42
C THR E 41 41.24 21.93 27.65
N THR E 42 40.21 21.73 28.46
CA THR E 42 39.22 22.77 28.76
C THR E 42 39.21 23.11 30.26
N LEU E 43 40.06 22.43 31.02
CA LEU E 43 40.15 22.64 32.46
C LEU E 43 40.73 24.02 32.81
N GLY E 44 40.10 24.68 33.80
CA GLY E 44 40.56 25.98 34.23
C GLY E 44 40.07 27.10 33.34
N PRO E 45 40.41 28.35 33.69
CA PRO E 45 40.07 29.58 32.99
C PRO E 45 40.73 29.75 31.62
N LYS E 46 41.85 29.06 31.42
CA LYS E 46 42.56 29.15 30.16
C LYS E 46 42.14 28.04 29.22
N GLY E 47 41.52 27.00 29.78
CA GLY E 47 41.04 25.88 28.99
C GLY E 47 40.50 26.29 27.62
N MET E 48 40.42 25.32 26.72
CA MET E 48 39.96 25.60 25.37
C MET E 48 38.58 25.03 25.07
N ASP E 49 37.91 25.63 24.09
CA ASP E 49 36.58 25.21 23.67
C ASP E 49 36.68 24.20 22.54
N LYS E 50 35.65 23.36 22.38
CA LYS E 50 35.61 22.37 21.32
C LYS E 50 34.44 22.65 20.39
N MET E 51 34.58 22.31 19.12
CA MET E 51 33.51 22.48 18.15
C MET E 51 32.95 21.09 17.85
N LEU E 52 31.64 20.93 18.06
CA LEU E 52 30.98 19.65 17.82
C LEU E 52 29.93 19.75 16.72
N VAL E 53 30.12 18.98 15.65
CA VAL E 53 29.17 18.97 14.53
C VAL E 53 28.43 17.63 14.51
N ASP E 54 27.14 17.66 14.83
CA ASP E 54 26.33 16.44 14.85
C ASP E 54 25.94 16.00 13.43
N SER E 55 25.44 14.75 13.32
CA SER E 55 25.03 14.16 12.05
C SER E 55 24.08 15.04 11.21
N LEU E 56 23.31 15.89 11.88
CA LEU E 56 22.35 16.78 11.22
C LEU E 56 22.89 18.21 10.95
N GLY E 57 24.21 18.33 10.82
CA GLY E 57 24.84 19.61 10.54
C GLY E 57 24.86 20.63 11.67
N ASP E 58 24.12 20.35 12.77
CA ASP E 58 24.01 21.18 13.93
C ASP E 58 25.36 21.46 14.56
N ILE E 59 25.62 22.74 14.95
CA ILE E 59 26.91 23.13 15.54
C ILE E 59 26.82 23.59 16.99
N VAL E 60 27.72 23.06 17.81
CA VAL E 60 27.78 23.37 19.23
C VAL E 60 29.22 23.66 19.68
N VAL E 61 29.50 24.90 20.08
CA VAL E 61 30.84 25.26 20.56
C VAL E 61 30.73 25.51 22.07
N THR E 62 31.41 24.71 22.87
CA THR E 62 31.32 24.87 24.32
C THR E 62 32.60 24.47 25.09
N ASN E 63 32.65 24.82 26.37
CA ASN E 63 33.76 24.49 27.25
C ASN E 63 33.30 23.47 28.27
N ASP E 64 31.98 23.23 28.29
CA ASP E 64 31.35 22.33 29.26
C ASP E 64 31.55 20.86 28.98
N CYS E 65 32.12 20.18 29.97
CA CYS E 65 32.43 18.77 29.87
C CYS E 65 31.16 17.97 29.66
N ALA E 66 30.17 18.22 30.51
CA ALA E 66 28.90 17.53 30.42
C ALA E 66 28.29 17.64 29.01
N THR E 67 28.33 18.84 28.43
CA THR E 67 27.77 19.02 27.09
C THR E 67 28.59 18.24 26.07
N ILE E 68 29.91 18.34 26.15
CA ILE E 68 30.81 17.63 25.24
C ILE E 68 30.65 16.12 25.32
N LEU E 69 30.85 15.55 26.51
CA LEU E 69 30.72 14.11 26.69
C LEU E 69 29.39 13.61 26.16
N ASP E 70 28.40 14.48 26.22
CA ASP E 70 27.06 14.12 25.78
C ASP E 70 26.83 14.24 24.26
N LYS E 71 27.19 15.38 23.68
CA LYS E 71 27.04 15.60 22.25
C LYS E 71 27.95 14.65 21.44
N ILE E 72 29.15 14.40 21.95
CA ILE E 72 30.05 13.48 21.26
C ILE E 72 29.46 12.09 21.37
N ASP E 73 29.49 11.36 20.27
CA ASP E 73 28.95 10.01 20.26
C ASP E 73 29.97 8.99 20.73
N LEU E 74 30.00 8.73 22.03
CA LEU E 74 30.92 7.75 22.53
C LEU E 74 30.42 6.38 22.12
N GLN E 75 31.34 5.48 21.80
CA GLN E 75 30.97 4.14 21.37
C GLN E 75 31.44 3.06 22.34
N HIS E 76 32.68 3.16 22.79
CA HIS E 76 33.22 2.17 23.71
C HIS E 76 32.48 2.22 25.05
N PRO E 77 32.16 1.05 25.63
CA PRO E 77 31.45 0.97 26.91
C PRO E 77 32.10 1.79 28.02
N ALA E 78 33.35 1.46 28.33
CA ALA E 78 34.09 2.15 29.39
C ALA E 78 34.15 3.67 29.20
N ALA E 79 33.97 4.12 27.96
CA ALA E 79 34.00 5.55 27.66
C ALA E 79 32.65 6.20 27.98
N LYS E 80 31.57 5.44 27.88
CA LYS E 80 30.26 5.98 28.19
C LYS E 80 30.13 6.07 29.71
N MET E 81 30.80 5.18 30.42
CA MET E 81 30.75 5.21 31.87
C MET E 81 31.39 6.50 32.37
N MET E 82 32.21 7.10 31.52
CA MET E 82 32.88 8.35 31.87
C MET E 82 31.92 9.51 31.73
N VAL E 83 30.85 9.30 30.97
CA VAL E 83 29.86 10.35 30.79
C VAL E 83 28.99 10.35 32.04
N GLU E 84 28.87 9.19 32.68
CA GLU E 84 28.07 9.07 33.90
C GLU E 84 28.72 9.87 35.01
N VAL E 85 30.04 9.97 34.98
CA VAL E 85 30.76 10.71 36.00
C VAL E 85 30.42 12.20 35.92
N ALA E 86 30.43 12.77 34.72
CA ALA E 86 30.10 14.19 34.57
C ALA E 86 28.63 14.43 34.91
N LYS E 87 27.79 13.44 34.61
CA LYS E 87 26.35 13.49 34.85
C LYS E 87 26.09 13.54 36.35
N THR E 88 26.71 12.63 37.11
CA THR E 88 26.53 12.59 38.56
C THR E 88 26.97 13.91 39.17
N GLN E 89 28.16 14.35 38.78
CA GLN E 89 28.75 15.60 39.25
C GLN E 89 27.83 16.82 39.04
N ASP E 90 27.31 16.95 37.82
CA ASP E 90 26.45 18.08 37.44
C ASP E 90 25.10 18.11 38.14
N LYS E 91 24.70 16.97 38.69
CA LYS E 91 23.42 16.86 39.38
C LYS E 91 23.64 16.76 40.89
N GLU E 92 24.85 17.09 41.34
CA GLU E 92 25.13 17.02 42.77
C GLU E 92 25.84 18.26 43.27
N ALA E 93 26.77 18.77 42.48
CA ALA E 93 27.51 19.97 42.84
C ALA E 93 27.40 20.97 41.71
N GLY E 94 26.87 20.53 40.57
CA GLY E 94 26.69 21.41 39.44
C GLY E 94 27.93 21.95 38.77
N ASP E 95 29.10 21.77 39.39
CA ASP E 95 30.36 22.24 38.81
C ASP E 95 31.47 21.21 38.98
N GLY E 96 32.57 21.43 38.27
CA GLY E 96 33.70 20.53 38.33
C GLY E 96 33.45 19.21 37.63
N THR E 97 32.72 19.27 36.50
CA THR E 97 32.42 18.07 35.72
C THR E 97 33.73 17.60 35.09
N THR E 98 34.49 18.53 34.49
CA THR E 98 35.76 18.22 33.87
C THR E 98 36.69 17.63 34.92
N THR E 99 36.80 18.31 36.04
CA THR E 99 37.65 17.85 37.13
C THR E 99 37.42 16.39 37.53
N ALA E 100 36.15 15.99 37.68
CA ALA E 100 35.80 14.63 38.10
C ALA E 100 36.25 13.58 37.10
N VAL E 101 36.07 13.89 35.81
CA VAL E 101 36.44 13.01 34.70
C VAL E 101 37.96 12.84 34.61
N VAL E 102 38.68 13.96 34.53
CA VAL E 102 40.13 13.94 34.47
C VAL E 102 40.71 13.12 35.63
N ILE E 103 40.30 13.42 36.85
CA ILE E 103 40.80 12.70 38.02
C ILE E 103 40.45 11.23 37.99
N ALA E 104 39.46 10.89 37.17
CA ALA E 104 39.02 9.51 37.05
C ALA E 104 39.93 8.79 36.08
N GLY E 105 40.16 9.39 34.92
CA GLY E 105 41.04 8.79 33.93
C GLY E 105 42.43 8.60 34.54
N GLU E 106 42.93 9.67 35.13
CA GLU E 106 44.25 9.67 35.75
C GLU E 106 44.34 8.64 36.86
N LEU E 107 43.25 8.52 37.60
CA LEU E 107 43.19 7.59 38.71
C LEU E 107 43.32 6.18 38.15
N LEU E 108 42.84 5.99 36.93
CA LEU E 108 42.91 4.70 36.25
C LEU E 108 44.31 4.42 35.69
N ARG E 109 44.92 5.45 35.11
CA ARG E 109 46.27 5.35 34.56
C ARG E 109 47.22 4.89 35.68
N LYS E 110 47.24 5.63 36.79
CA LYS E 110 48.11 5.27 37.91
C LYS E 110 47.76 3.89 38.45
N ALA E 111 46.56 3.42 38.11
CA ALA E 111 46.08 2.11 38.56
C ALA E 111 46.60 0.97 37.71
N GLU E 112 46.78 1.24 36.42
CA GLU E 112 47.28 0.24 35.47
C GLU E 112 48.74 -0.02 35.80
N GLU E 113 49.45 1.03 36.21
CA GLU E 113 50.85 0.90 36.58
C GLU E 113 50.97 -0.17 37.66
N LEU E 114 50.01 -0.18 38.59
CA LEU E 114 50.00 -1.13 39.69
C LEU E 114 49.61 -2.54 39.28
N LEU E 115 48.84 -2.63 38.22
CA LEU E 115 48.40 -3.91 37.69
C LEU E 115 49.62 -4.54 37.03
N ASP E 116 50.31 -3.75 36.21
CA ASP E 116 51.50 -4.20 35.51
C ASP E 116 52.51 -4.76 36.50
N GLN E 117 52.59 -4.11 37.66
CA GLN E 117 53.50 -4.53 38.72
C GLN E 117 53.04 -5.87 39.32
N ASN E 118 51.97 -6.41 38.74
CA ASN E 118 51.37 -7.68 39.13
C ASN E 118 50.57 -7.67 40.41
N ILE E 119 50.22 -6.48 40.87
CA ILE E 119 49.42 -6.35 42.09
C ILE E 119 47.99 -6.74 41.76
N HIS E 120 47.42 -7.65 42.57
CA HIS E 120 46.06 -8.13 42.36
C HIS E 120 45.09 -6.96 42.30
N PRO E 121 44.11 -7.03 41.38
CA PRO E 121 43.16 -5.92 41.29
C PRO E 121 42.50 -5.70 42.65
N SER E 122 42.35 -6.78 43.42
CA SER E 122 41.76 -6.73 44.75
C SER E 122 42.43 -5.66 45.62
N ILE E 123 43.77 -5.76 45.71
CA ILE E 123 44.59 -4.84 46.48
C ILE E 123 44.45 -3.38 46.05
N ILE E 124 44.42 -3.15 44.74
CA ILE E 124 44.31 -1.79 44.22
C ILE E 124 42.98 -1.15 44.60
N ILE E 125 41.87 -1.90 44.41
CA ILE E 125 40.54 -1.42 44.74
C ILE E 125 40.46 -1.05 46.23
N LYS E 126 40.91 -1.95 47.11
CA LYS E 126 40.93 -1.73 48.55
C LYS E 126 41.70 -0.46 48.91
N GLY E 127 42.87 -0.30 48.30
CA GLY E 127 43.70 0.86 48.54
C GLY E 127 43.06 2.14 48.07
N TYR E 128 42.49 2.11 46.87
CA TYR E 128 41.82 3.29 46.31
C TYR E 128 40.60 3.66 47.15
N ALA E 129 40.00 2.65 47.78
CA ALA E 129 38.83 2.86 48.63
C ALA E 129 39.26 3.62 49.88
N LEU E 130 40.34 3.19 50.51
CA LEU E 130 40.84 3.85 51.71
C LEU E 130 41.19 5.29 51.39
N ALA E 131 41.90 5.50 50.28
CA ALA E 131 42.32 6.83 49.87
C ALA E 131 41.12 7.73 49.62
N ALA E 132 40.11 7.18 48.97
CA ALA E 132 38.90 7.92 48.64
C ALA E 132 38.09 8.26 49.89
N GLU E 133 38.04 7.31 50.82
CA GLU E 133 37.32 7.49 52.08
C GLU E 133 38.01 8.51 52.96
N LYS E 134 39.32 8.35 53.08
CA LYS E 134 40.16 9.23 53.89
C LYS E 134 40.20 10.64 53.32
N ALA E 135 39.93 10.77 52.02
CA ALA E 135 39.94 12.06 51.35
C ALA E 135 38.70 12.91 51.62
N GLN E 136 37.55 12.25 51.78
CA GLN E 136 36.31 12.98 52.08
C GLN E 136 36.56 13.60 53.44
N GLU E 137 37.03 12.74 54.34
CA GLU E 137 37.37 13.10 55.70
C GLU E 137 38.28 14.34 55.75
N ILE E 138 39.37 14.31 54.99
CA ILE E 138 40.32 15.43 54.95
C ILE E 138 39.70 16.70 54.38
N LEU E 139 38.86 16.55 53.36
CA LEU E 139 38.21 17.70 52.75
C LEU E 139 37.26 18.35 53.76
N ASP E 140 36.51 17.51 54.46
CA ASP E 140 35.56 17.95 55.48
C ASP E 140 36.31 18.81 56.48
N GLU E 141 37.47 18.31 56.90
CA GLU E 141 38.30 18.99 57.87
C GLU E 141 38.84 20.35 57.42
N ILE E 142 39.69 20.35 56.39
CA ILE E 142 40.29 21.58 55.89
C ILE E 142 39.29 22.61 55.32
N ALA E 143 38.05 22.18 55.14
CA ALA E 143 37.03 23.07 54.58
C ALA E 143 36.81 24.33 55.41
N ILE E 144 36.85 25.47 54.72
CA ILE E 144 36.67 26.78 55.34
C ILE E 144 35.19 27.12 55.55
N ARG E 145 34.65 26.72 56.70
CA ARG E 145 33.25 26.98 57.03
C ARG E 145 32.87 28.45 56.92
N VAL E 146 31.81 28.74 56.18
CA VAL E 146 31.40 30.12 56.00
C VAL E 146 29.92 30.32 56.37
N ASP E 147 29.46 31.56 56.27
CA ASP E 147 28.09 31.89 56.61
C ASP E 147 27.11 31.66 55.49
N PRO E 148 26.22 30.67 55.64
CA PRO E 148 25.22 30.29 54.65
C PRO E 148 24.70 31.38 53.71
N ASP E 149 24.74 32.65 54.11
CA ASP E 149 24.26 33.71 53.22
C ASP E 149 25.20 34.90 53.14
N ASP E 150 26.45 34.67 53.55
CA ASP E 150 27.50 35.68 53.52
C ASP E 150 27.64 36.24 52.10
N GLU E 151 26.79 37.19 51.76
CA GLU E 151 26.79 37.84 50.45
C GLU E 151 28.16 37.90 49.77
N GLU E 152 29.18 38.15 50.57
CA GLU E 152 30.56 38.25 50.08
C GLU E 152 31.09 37.00 49.39
N THR E 153 31.37 35.96 50.19
CA THR E 153 31.90 34.71 49.67
C THR E 153 30.98 34.08 48.63
N LEU E 154 29.71 34.45 48.66
CA LEU E 154 28.76 33.91 47.69
C LEU E 154 28.98 34.54 46.31
N LEU E 155 29.44 35.79 46.29
CA LEU E 155 29.70 36.50 45.04
C LEU E 155 30.98 35.99 44.40
N LYS E 156 31.92 35.57 45.25
CA LYS E 156 33.19 35.02 44.78
C LYS E 156 32.89 33.67 44.15
N ILE E 157 32.43 32.72 44.96
CA ILE E 157 32.08 31.37 44.50
C ILE E 157 31.38 31.43 43.13
N ALA E 158 30.52 32.41 42.95
CA ALA E 158 29.78 32.56 41.70
C ALA E 158 30.66 33.01 40.54
N ALA E 159 31.60 33.91 40.83
CA ALA E 159 32.50 34.45 39.80
C ALA E 159 33.69 33.53 39.51
N THR E 160 34.17 32.82 40.53
CA THR E 160 35.29 31.89 40.37
C THR E 160 34.83 30.79 39.41
N SER E 161 33.53 30.53 39.41
CA SER E 161 32.93 29.52 38.57
C SER E 161 32.77 30.03 37.13
N ILE E 162 32.15 31.19 36.98
CA ILE E 162 31.95 31.76 35.65
C ILE E 162 33.29 31.93 34.94
N THR E 163 34.33 32.12 35.75
CA THR E 163 35.70 32.26 35.29
C THR E 163 36.23 30.83 35.18
N GLY E 164 36.33 30.34 33.95
CA GLY E 164 36.78 28.98 33.73
C GLY E 164 36.04 28.63 32.46
N LYS E 165 35.32 29.64 31.97
CA LYS E 165 34.53 29.54 30.76
C LYS E 165 34.68 30.75 29.87
N ASN E 166 33.95 30.70 28.76
CA ASN E 166 33.94 31.75 27.74
C ASN E 166 33.55 33.11 28.36
N ALA E 167 32.34 33.13 28.93
CA ALA E 167 31.68 34.27 29.57
C ALA E 167 32.44 35.09 30.65
N GLU E 168 33.59 34.59 31.10
CA GLU E 168 34.40 35.28 32.12
C GLU E 168 34.66 36.75 31.78
N SER E 169 34.14 37.20 30.64
CA SER E 169 34.28 38.58 30.19
C SER E 169 33.35 39.55 30.96
N HIS E 170 32.33 39.00 31.62
CA HIS E 170 31.39 39.78 32.41
C HIS E 170 31.08 38.98 33.65
N LYS E 171 32.07 38.29 34.20
CA LYS E 171 31.83 37.48 35.39
C LYS E 171 31.22 38.34 36.49
N GLU E 172 31.39 39.65 36.33
CA GLU E 172 30.87 40.63 37.27
C GLU E 172 29.34 40.62 37.36
N LEU E 173 28.70 41.06 36.28
CA LEU E 173 27.25 41.10 36.13
C LEU E 173 26.59 39.75 36.43
N LEU E 174 27.03 38.73 35.69
CA LEU E 174 26.52 37.38 35.79
C LEU E 174 26.63 36.75 37.18
N ALA E 175 27.71 37.00 37.90
CA ALA E 175 27.85 36.41 39.23
C ALA E 175 26.91 37.12 40.20
N LYS E 176 26.57 38.36 39.86
CA LYS E 176 25.65 39.14 40.68
C LYS E 176 24.24 38.60 40.44
N LEU E 177 23.83 38.58 39.17
CA LEU E 177 22.51 38.05 38.78
C LEU E 177 22.29 36.66 39.39
N ALA E 178 23.35 35.88 39.48
CA ALA E 178 23.29 34.51 40.02
C ALA E 178 23.12 34.41 41.53
N VAL E 179 23.84 35.24 42.29
CA VAL E 179 23.72 35.19 43.76
C VAL E 179 22.41 35.83 44.17
N GLU E 180 22.03 36.86 43.43
CA GLU E 180 20.79 37.57 43.69
C GLU E 180 19.60 36.63 43.48
N ALA E 181 19.56 35.99 42.31
CA ALA E 181 18.50 35.06 41.93
C ALA E 181 18.32 33.82 42.83
N VAL E 182 19.38 33.35 43.47
CA VAL E 182 19.23 32.18 44.34
C VAL E 182 18.78 32.60 45.72
N LYS E 183 19.14 33.81 46.14
CA LYS E 183 18.72 34.29 47.45
C LYS E 183 17.21 34.49 47.42
N GLN E 184 16.74 35.06 46.32
CA GLN E 184 15.32 35.32 46.13
C GLN E 184 14.42 34.10 46.21
N VAL E 185 14.77 33.04 45.51
CA VAL E 185 13.94 31.84 45.50
C VAL E 185 14.30 30.83 46.57
N ALA E 186 15.40 31.06 47.27
CA ALA E 186 15.85 30.13 48.31
C ALA E 186 14.79 29.94 49.39
N GLU E 187 14.87 28.83 50.13
CA GLU E 187 13.92 28.55 51.21
C GLU E 187 14.64 28.05 52.45
N LYS E 188 14.06 28.32 53.62
CA LYS E 188 14.64 27.92 54.90
C LYS E 188 13.64 28.07 56.04
N LYS E 189 13.03 26.96 56.47
CA LYS E 189 12.06 27.01 57.57
C LYS E 189 12.42 26.00 58.65
N ASP E 190 13.48 25.22 58.41
CA ASP E 190 13.95 24.17 59.30
C ASP E 190 15.30 24.52 59.94
N GLY E 191 15.78 25.74 59.68
CA GLY E 191 17.05 26.16 60.22
C GLY E 191 18.04 26.37 59.11
N LYS E 192 18.09 25.41 58.19
CA LYS E 192 19.02 25.48 57.05
C LYS E 192 18.29 25.75 55.73
N TYR E 193 19.04 26.25 54.74
CA TYR E 193 18.48 26.56 53.43
C TYR E 193 18.29 25.31 52.58
N VAL E 194 17.49 25.46 51.54
CA VAL E 194 17.21 24.40 50.59
C VAL E 194 16.77 25.09 49.32
N VAL E 195 17.56 24.92 48.27
CA VAL E 195 17.26 25.57 47.00
C VAL E 195 16.79 24.59 45.92
N ASP E 196 15.66 24.92 45.30
CA ASP E 196 15.10 24.13 44.23
C ASP E 196 15.38 24.95 42.98
N LEU E 197 16.52 24.70 42.37
CA LEU E 197 16.93 25.44 41.19
C LEU E 197 15.89 25.55 40.08
N ASP E 198 14.87 24.69 40.12
CA ASP E 198 13.81 24.69 39.11
C ASP E 198 13.06 26.01 39.14
N ASN E 199 13.11 26.68 40.30
CA ASN E 199 12.43 27.95 40.49
C ASN E 199 13.14 29.11 39.80
N ILE E 200 14.24 28.81 39.11
CA ILE E 200 14.97 29.86 38.41
C ILE E 200 14.97 29.55 36.92
N LYS E 201 14.14 30.25 36.17
CA LYS E 201 14.02 30.05 34.73
C LYS E 201 15.01 30.93 33.95
N PHE E 202 15.51 30.40 32.82
CA PHE E 202 16.46 31.13 31.98
C PHE E 202 15.84 31.52 30.65
N GLU E 203 15.87 32.80 30.33
CA GLU E 203 15.28 33.27 29.08
C GLU E 203 16.36 33.77 28.14
N LYS E 204 16.60 33.02 27.07
CA LYS E 204 17.62 33.38 26.11
C LYS E 204 17.08 34.14 24.91
N LYS E 205 17.64 35.31 24.66
CA LYS E 205 17.23 36.12 23.52
C LYS E 205 18.40 36.85 22.87
N ALA E 206 18.54 36.61 21.57
CA ALA E 206 19.60 37.19 20.76
C ALA E 206 19.49 38.71 20.60
N GLY E 207 20.62 39.34 20.28
CA GLY E 207 20.71 40.77 20.11
C GLY E 207 21.21 41.30 21.40
N GLU E 208 21.40 42.63 21.44
CA GLU E 208 22.12 43.31 22.53
C GLU E 208 23.55 42.75 22.83
N GLY E 209 24.02 42.93 24.08
CA GLY E 209 25.29 42.44 24.55
C GLY E 209 24.97 41.67 25.85
N VAL E 210 25.87 40.83 26.30
CA VAL E 210 25.65 40.10 27.56
C VAL E 210 25.47 41.09 28.70
N GLU E 211 25.70 42.35 28.35
CA GLU E 211 25.61 43.47 29.27
C GLU E 211 24.18 43.74 29.75
N GLU E 212 23.23 43.53 28.84
CA GLU E 212 21.81 43.77 29.11
C GLU E 212 21.17 42.64 29.87
N SER E 213 21.92 41.59 30.12
CA SER E 213 21.37 40.47 30.88
C SER E 213 20.95 41.02 32.24
N GLU E 214 19.73 40.70 32.63
CA GLU E 214 19.19 41.18 33.89
C GLU E 214 18.33 40.17 34.59
N LEU E 215 18.08 40.44 35.86
CA LEU E 215 17.24 39.60 36.69
C LEU E 215 15.84 40.21 36.63
N VAL E 216 14.84 39.37 36.44
CA VAL E 216 13.45 39.84 36.39
C VAL E 216 12.78 39.24 37.62
N ARG E 217 12.48 40.05 38.61
CA ARG E 217 11.86 39.55 39.83
C ARG E 217 10.41 39.19 39.56
N GLY E 218 10.24 38.29 38.60
CA GLY E 218 8.95 37.81 38.18
C GLY E 218 9.15 36.65 37.21
N VAL E 219 8.59 36.77 36.01
CA VAL E 219 8.68 35.70 35.01
C VAL E 219 8.48 36.24 33.61
N VAL E 220 9.26 35.76 32.66
CA VAL E 220 9.11 36.17 31.27
C VAL E 220 8.49 34.97 30.55
N ILE E 221 7.43 35.23 29.80
CA ILE E 221 6.71 34.19 29.08
C ILE E 221 6.71 34.49 27.60
N ASP E 222 6.92 33.47 26.78
CA ASP E 222 6.92 33.68 25.34
C ASP E 222 5.58 33.45 24.68
N LYS E 223 4.65 34.37 24.95
CA LYS E 223 3.31 34.31 24.39
C LYS E 223 2.90 35.75 24.06
N GLU E 224 1.67 35.93 23.61
CA GLU E 224 1.17 37.27 23.28
C GLU E 224 -0.16 37.55 23.95
N VAL E 225 -0.64 38.78 23.79
CA VAL E 225 -1.94 39.14 24.34
C VAL E 225 -2.87 38.56 23.30
N VAL E 226 -3.70 37.61 23.73
CA VAL E 226 -4.62 36.92 22.84
C VAL E 226 -5.57 37.73 21.94
N HIS E 227 -5.87 38.98 22.31
CA HIS E 227 -6.79 39.83 21.53
C HIS E 227 -6.19 41.20 21.20
N PRO E 228 -6.49 41.74 20.00
CA PRO E 228 -6.00 43.05 19.53
C PRO E 228 -6.41 44.23 20.41
N ARG E 229 -7.59 44.16 20.98
CA ARG E 229 -8.10 45.25 21.80
C ARG E 229 -7.91 45.07 23.30
N MET E 230 -7.08 44.11 23.70
CA MET E 230 -6.83 43.94 25.11
C MET E 230 -5.65 44.85 25.45
N PRO E 231 -5.46 45.16 26.73
CA PRO E 231 -4.38 46.02 27.20
C PRO E 231 -3.00 45.39 26.97
N LYS E 232 -2.07 46.17 26.42
CA LYS E 232 -0.71 45.67 26.19
C LYS E 232 0.14 45.92 27.43
N ARG E 233 -0.47 46.58 28.42
CA ARG E 233 0.21 46.90 29.66
C ARG E 233 -0.80 47.05 30.79
N VAL E 234 -0.42 46.60 31.97
CA VAL E 234 -1.27 46.67 33.15
C VAL E 234 -0.38 47.11 34.29
N GLU E 235 -0.77 48.19 34.97
CA GLU E 235 0.03 48.69 36.08
C GLU E 235 0.05 47.75 37.26
N ASN E 236 -0.83 47.95 38.23
CA ASN E 236 -0.81 47.05 39.36
C ASN E 236 -1.74 45.90 39.09
N ALA E 237 -1.19 44.94 38.37
CA ALA E 237 -1.89 43.75 37.94
C ALA E 237 -2.36 42.78 39.02
N LYS E 238 -3.61 42.37 38.88
CA LYS E 238 -4.26 41.39 39.73
C LYS E 238 -4.34 40.24 38.74
N ILE E 239 -3.50 39.22 38.96
CA ILE E 239 -3.39 38.09 38.05
C ILE E 239 -4.17 36.81 38.36
N ALA E 240 -4.87 36.32 37.35
CA ALA E 240 -5.64 35.10 37.48
C ALA E 240 -5.00 33.93 36.71
N LEU E 241 -4.75 32.84 37.42
CA LEU E 241 -4.15 31.63 36.85
C LEU E 241 -5.22 30.54 36.62
N ILE E 242 -5.77 30.51 35.42
CA ILE E 242 -6.84 29.58 35.06
C ILE E 242 -6.45 28.38 34.19
N ASN E 243 -6.62 27.17 34.72
CA ASN E 243 -6.32 25.95 33.95
C ASN E 243 -7.64 25.27 33.62
N GLU E 244 -8.36 25.91 32.71
CA GLU E 244 -9.65 25.45 32.24
C GLU E 244 -9.84 26.13 30.91
N ALA E 245 -10.54 25.48 30.01
CA ALA E 245 -10.74 26.09 28.72
C ALA E 245 -11.91 27.05 28.73
N LEU E 246 -11.66 28.24 28.20
CA LEU E 246 -12.68 29.26 28.10
C LEU E 246 -13.38 29.03 26.78
N GLU E 247 -14.14 27.94 26.72
CA GLU E 247 -14.90 27.59 25.53
C GLU E 247 -16.13 26.74 25.87
N VAL E 248 -17.09 26.72 24.95
CA VAL E 248 -18.35 25.98 25.12
C VAL E 248 -18.21 24.53 25.58
N LYS E 249 -18.22 24.28 26.89
CA LYS E 249 -18.09 22.92 27.40
C LYS E 249 -19.06 21.96 26.72
N LYS E 250 -18.73 20.68 26.72
CA LYS E 250 -19.59 19.67 26.11
C LYS E 250 -19.75 18.49 27.05
N THR E 251 -20.83 17.73 26.90
CA THR E 251 -21.06 16.58 27.76
C THR E 251 -20.22 15.38 27.39
N GLU E 252 -19.83 14.62 28.41
CA GLU E 252 -19.04 13.41 28.20
C GLU E 252 -19.88 12.42 27.42
N THR E 253 -21.19 12.46 27.64
CA THR E 253 -22.12 11.59 26.97
C THR E 253 -22.36 12.16 25.60
N ASP E 254 -22.16 11.34 24.58
CA ASP E 254 -22.32 11.79 23.19
C ASP E 254 -23.61 12.59 23.10
N ALA E 255 -23.57 13.76 22.47
CA ALA E 255 -24.75 14.58 22.34
C ALA E 255 -24.75 15.41 21.07
N LYS E 256 -25.91 15.64 20.49
CA LYS E 256 -26.00 16.44 19.28
C LYS E 256 -27.33 17.18 19.22
N ILE E 257 -27.29 18.41 18.71
CA ILE E 257 -28.48 19.25 18.62
C ILE E 257 -29.32 19.00 17.37
N ASN E 258 -30.64 18.91 17.56
CA ASN E 258 -31.57 18.67 16.46
C ASN E 258 -32.40 19.93 16.19
N ILE E 259 -31.88 20.81 15.35
CA ILE E 259 -32.59 22.04 15.03
C ILE E 259 -33.82 21.66 14.23
N THR E 260 -34.98 22.05 14.73
CA THR E 260 -36.24 21.74 14.07
C THR E 260 -37.02 22.96 13.54
N SER E 261 -36.63 24.15 13.96
CA SER E 261 -37.28 25.38 13.49
C SER E 261 -36.24 26.50 13.42
N PRO E 262 -36.35 27.39 12.43
CA PRO E 262 -35.44 28.52 12.22
C PRO E 262 -34.99 29.31 13.46
N ASP E 263 -35.93 29.72 14.30
CA ASP E 263 -35.58 30.49 15.47
C ASP E 263 -34.54 29.78 16.32
N GLN E 264 -34.37 28.49 16.12
CA GLN E 264 -33.41 27.73 16.90
C GLN E 264 -31.96 28.01 16.53
N LEU E 265 -31.72 28.39 15.29
CA LEU E 265 -30.35 28.69 14.87
C LEU E 265 -29.84 29.79 15.76
N MET E 266 -30.63 30.84 15.92
CA MET E 266 -30.26 31.97 16.75
C MET E 266 -30.24 31.66 18.25
N SER E 267 -31.33 31.12 18.75
CA SER E 267 -31.45 30.77 20.16
C SER E 267 -30.32 29.93 20.71
N PHE E 268 -29.81 29.01 19.91
CA PHE E 268 -28.71 28.15 20.37
C PHE E 268 -27.36 28.87 20.40
N LEU E 269 -27.07 29.65 19.37
CA LEU E 269 -25.83 30.40 19.35
C LEU E 269 -25.78 31.27 20.59
N GLU E 270 -26.90 31.91 20.91
CA GLU E 270 -26.96 32.78 22.09
C GLU E 270 -26.74 32.01 23.39
N GLN E 271 -27.28 30.81 23.48
CA GLN E 271 -27.13 30.03 24.70
C GLN E 271 -25.67 29.72 24.95
N GLU E 272 -24.88 29.65 23.87
CA GLU E 272 -23.46 29.38 24.02
C GLU E 272 -22.74 30.67 24.39
N GLU E 273 -23.09 31.77 23.74
CA GLU E 273 -22.47 33.06 24.05
C GLU E 273 -22.59 33.29 25.53
N LYS E 274 -23.79 33.06 26.05
CA LYS E 274 -24.07 33.24 27.46
C LYS E 274 -23.17 32.37 28.32
N MET E 275 -23.07 31.10 27.95
CA MET E 275 -22.23 30.18 28.71
C MET E 275 -20.81 30.71 28.74
N LEU E 276 -20.37 31.16 27.58
CA LEU E 276 -19.03 31.71 27.39
C LEU E 276 -18.88 32.96 28.26
N LYS E 277 -19.82 33.88 28.12
CA LYS E 277 -19.79 35.12 28.90
C LYS E 277 -19.92 34.88 30.39
N ASP E 278 -20.71 33.89 30.79
CA ASP E 278 -20.86 33.59 32.21
C ASP E 278 -19.52 33.27 32.87
N MET E 279 -18.60 32.71 32.07
CA MET E 279 -17.28 32.37 32.58
C MET E 279 -16.42 33.63 32.66
N VAL E 280 -16.41 34.42 31.60
CA VAL E 280 -15.66 35.66 31.58
C VAL E 280 -16.11 36.53 32.73
N ASP E 281 -17.39 36.44 33.09
CA ASP E 281 -17.95 37.21 34.21
C ASP E 281 -17.33 36.71 35.51
N HIS E 282 -17.36 35.40 35.74
CA HIS E 282 -16.79 34.83 36.95
C HIS E 282 -15.36 35.26 37.19
N ILE E 283 -14.69 35.73 36.15
CA ILE E 283 -13.31 36.18 36.23
C ILE E 283 -13.23 37.68 36.51
N ALA E 284 -14.01 38.46 35.76
CA ALA E 284 -14.05 39.91 35.93
C ALA E 284 -14.46 40.31 37.36
N GLN E 285 -15.37 39.53 37.95
CA GLN E 285 -15.87 39.78 39.30
C GLN E 285 -14.90 39.62 40.44
N THR E 286 -13.72 39.08 40.19
CA THR E 286 -12.72 38.92 41.26
C THR E 286 -11.78 40.11 41.22
N GLY E 287 -11.95 40.93 40.18
CA GLY E 287 -11.12 42.10 40.03
C GLY E 287 -9.89 41.85 39.19
N ALA E 288 -9.76 40.63 38.67
CA ALA E 288 -8.62 40.28 37.86
C ALA E 288 -8.57 41.09 36.57
N ASN E 289 -7.43 41.74 36.31
CA ASN E 289 -7.24 42.54 35.09
C ASN E 289 -6.23 41.89 34.15
N VAL E 290 -5.68 40.76 34.59
CA VAL E 290 -4.68 39.97 33.86
C VAL E 290 -4.98 38.48 34.03
N VAL E 291 -5.26 37.79 32.91
CA VAL E 291 -5.56 36.36 32.95
C VAL E 291 -4.64 35.46 32.13
N PHE E 292 -4.12 34.44 32.80
CA PHE E 292 -3.25 33.44 32.18
C PHE E 292 -4.01 32.11 32.14
N VAL E 293 -4.39 31.68 30.93
CA VAL E 293 -5.14 30.44 30.74
C VAL E 293 -4.29 29.30 30.15
N GLN E 294 -4.21 28.17 30.85
CA GLN E 294 -3.42 27.04 30.39
C GLN E 294 -3.94 26.42 29.10
N LYS E 295 -5.26 26.30 29.00
CA LYS E 295 -5.91 25.72 27.83
C LYS E 295 -6.27 26.82 26.85
N GLY E 296 -7.24 26.58 25.99
CA GLY E 296 -7.61 27.57 24.99
C GLY E 296 -8.65 28.61 25.37
N ILE E 297 -8.90 29.56 24.47
CA ILE E 297 -9.89 30.60 24.73
C ILE E 297 -10.72 30.91 23.49
N ASP E 298 -12.02 30.67 23.57
CA ASP E 298 -12.95 30.91 22.47
C ASP E 298 -12.84 32.36 21.99
N ASP E 299 -13.26 32.63 20.76
CA ASP E 299 -13.19 33.99 20.23
C ASP E 299 -14.10 34.94 20.96
N LEU E 300 -15.28 34.45 21.37
CA LEU E 300 -16.18 35.30 22.11
C LEU E 300 -15.61 35.53 23.48
N ALA E 301 -15.24 34.46 24.18
CA ALA E 301 -14.67 34.60 25.51
C ALA E 301 -13.59 35.68 25.46
N GLN E 302 -12.93 35.79 24.30
CA GLN E 302 -11.88 36.78 24.10
C GLN E 302 -12.44 38.19 23.99
N HIS E 303 -13.51 38.35 23.22
CA HIS E 303 -14.15 39.65 23.03
C HIS E 303 -14.70 40.20 24.34
N TYR E 304 -15.14 39.32 25.23
CA TYR E 304 -15.65 39.76 26.52
C TYR E 304 -14.47 40.19 27.39
N LEU E 305 -13.49 39.32 27.55
CA LEU E 305 -12.31 39.66 28.35
C LEU E 305 -11.75 41.00 27.89
N ALA E 306 -11.82 41.25 26.59
CA ALA E 306 -11.33 42.49 26.01
C ALA E 306 -12.18 43.66 26.48
N LYS E 307 -13.50 43.53 26.35
CA LYS E 307 -14.41 44.59 26.77
C LYS E 307 -14.33 44.93 28.24
N TYR E 308 -13.96 43.96 29.09
CA TYR E 308 -13.83 44.24 30.51
C TYR E 308 -12.44 44.79 30.79
N GLY E 309 -11.72 45.14 29.74
CA GLY E 309 -10.38 45.68 29.89
C GLY E 309 -9.36 44.72 30.49
N ILE E 310 -9.64 43.42 30.42
CA ILE E 310 -8.73 42.42 30.95
C ILE E 310 -7.71 41.96 29.90
N MET E 311 -6.51 41.59 30.35
CA MET E 311 -5.46 41.12 29.46
C MET E 311 -5.35 39.61 29.63
N ALA E 312 -5.58 38.87 28.54
CA ALA E 312 -5.52 37.42 28.59
C ALA E 312 -4.51 36.79 27.62
N VAL E 313 -4.01 35.63 28.04
CA VAL E 313 -3.06 34.87 27.27
C VAL E 313 -3.52 33.42 27.35
N ARG E 314 -3.49 32.72 26.22
CA ARG E 314 -3.91 31.33 26.18
C ARG E 314 -2.77 30.35 25.96
N ARG E 315 -3.11 29.06 26.01
CA ARG E 315 -2.13 27.99 25.84
C ARG E 315 -0.83 28.29 26.58
N VAL E 316 -0.92 28.47 27.89
CA VAL E 316 0.28 28.76 28.65
C VAL E 316 0.85 27.45 29.19
N LYS E 317 2.13 27.21 28.96
CA LYS E 317 2.79 25.99 29.41
C LYS E 317 2.59 25.71 30.88
N LYS E 318 2.13 24.51 31.19
CA LYS E 318 1.89 24.10 32.57
C LYS E 318 3.06 24.49 33.44
N SER E 319 4.26 24.40 32.89
CA SER E 319 5.47 24.74 33.64
C SER E 319 5.52 26.24 33.83
N ASP E 320 4.98 27.00 32.87
CA ASP E 320 4.95 28.46 32.96
C ASP E 320 3.87 28.89 33.96
N MET E 321 2.78 28.13 33.99
CA MET E 321 1.69 28.40 34.92
C MET E 321 2.20 28.25 36.33
N GLU E 322 2.97 27.20 36.57
CA GLU E 322 3.49 26.96 37.89
C GLU E 322 4.49 28.02 38.34
N LYS E 323 5.23 28.58 37.39
CA LYS E 323 6.22 29.61 37.71
C LYS E 323 5.52 30.93 38.07
N LEU E 324 4.40 31.20 37.39
CA LEU E 324 3.61 32.40 37.63
C LEU E 324 2.93 32.24 38.99
N ALA E 325 2.70 30.99 39.39
CA ALA E 325 2.07 30.73 40.67
C ALA E 325 3.01 31.06 41.82
N LYS E 326 4.30 30.81 41.63
CA LYS E 326 5.27 31.10 42.67
C LYS E 326 5.77 32.55 42.64
N ALA E 327 5.78 33.14 41.45
CA ALA E 327 6.25 34.50 41.28
C ALA E 327 5.26 35.60 41.66
N THR E 328 3.97 35.41 41.39
CA THR E 328 2.97 36.45 41.72
C THR E 328 2.13 36.10 42.94
N GLY E 329 2.31 34.90 43.46
CA GLY E 329 1.58 34.47 44.63
C GLY E 329 0.14 34.14 44.33
N ALA E 330 -0.18 34.00 43.04
CA ALA E 330 -1.53 33.65 42.62
C ALA E 330 -1.74 32.14 42.74
N LYS E 331 -3.00 31.70 42.72
CA LYS E 331 -3.30 30.28 42.80
C LYS E 331 -3.90 29.81 41.49
N ILE E 332 -3.57 28.59 41.11
CA ILE E 332 -4.08 28.01 39.88
C ILE E 332 -5.44 27.42 40.20
N VAL E 333 -6.39 27.66 39.30
CA VAL E 333 -7.74 27.18 39.51
C VAL E 333 -8.22 26.38 38.31
N THR E 334 -8.94 25.30 38.59
CA THR E 334 -9.48 24.39 37.56
C THR E 334 -10.89 24.77 37.10
N ASN E 335 -11.64 25.44 37.96
CA ASN E 335 -13.01 25.89 37.66
C ASN E 335 -13.22 27.39 37.94
N VAL E 336 -13.50 28.17 36.88
CA VAL E 336 -13.68 29.62 37.03
C VAL E 336 -14.78 30.01 38.01
N LYS E 337 -15.78 29.15 38.18
CA LYS E 337 -16.89 29.39 39.09
C LYS E 337 -16.42 29.58 40.53
N ASP E 338 -15.36 28.89 40.92
CA ASP E 338 -14.84 28.99 42.27
C ASP E 338 -13.65 29.92 42.39
N LEU E 339 -13.55 30.88 41.48
CA LEU E 339 -12.45 31.82 41.50
C LEU E 339 -12.76 32.96 42.47
N THR E 340 -12.04 32.99 43.59
CA THR E 340 -12.21 34.04 44.60
C THR E 340 -11.06 35.02 44.38
N PRO E 341 -11.16 36.26 44.91
CA PRO E 341 -10.03 37.17 44.69
C PRO E 341 -8.82 36.81 45.56
N GLU E 342 -8.97 35.83 46.44
CA GLU E 342 -7.90 35.35 47.32
C GLU E 342 -6.98 34.50 46.49
N ASP E 343 -7.39 34.25 45.25
CA ASP E 343 -6.65 33.43 44.33
C ASP E 343 -5.84 34.28 43.33
N LEU E 344 -6.14 35.57 43.25
CA LEU E 344 -5.40 36.44 42.33
C LEU E 344 -3.99 36.64 42.87
N GLY E 345 -3.10 37.12 42.01
CA GLY E 345 -1.73 37.33 42.41
C GLY E 345 -1.33 38.74 42.04
N TYR E 346 -0.20 39.20 42.58
CA TYR E 346 0.23 40.55 42.28
C TYR E 346 1.57 40.67 41.59
N ALA E 347 1.57 41.47 40.54
CA ALA E 347 2.75 41.77 39.75
C ALA E 347 2.70 43.29 39.58
N GLU E 348 3.80 43.94 39.94
CA GLU E 348 3.90 45.40 39.84
C GLU E 348 3.64 45.92 38.44
N VAL E 349 3.98 45.13 37.43
CA VAL E 349 3.76 45.49 36.04
C VAL E 349 3.72 44.23 35.19
N VAL E 350 2.80 44.19 34.24
CA VAL E 350 2.66 43.06 33.33
C VAL E 350 2.51 43.65 31.95
N GLU E 351 3.50 43.43 31.10
CA GLU E 351 3.48 44.02 29.77
C GLU E 351 4.04 43.17 28.64
N GLU E 352 3.49 43.38 27.45
CA GLU E 352 3.90 42.70 26.24
C GLU E 352 4.92 43.55 25.51
N ARG E 353 6.16 43.07 25.45
CA ARG E 353 7.24 43.78 24.78
C ARG E 353 7.74 43.01 23.56
N LYS E 354 8.06 43.74 22.51
CA LYS E 354 8.56 43.13 21.28
C LYS E 354 10.08 43.09 21.41
N LEU E 355 10.56 42.10 22.17
CA LEU E 355 11.99 41.91 22.42
C LEU E 355 12.70 41.20 21.25
N ALA E 356 13.25 42.00 20.31
CA ALA E 356 13.95 41.45 19.13
C ALA E 356 12.93 40.97 18.07
N GLY E 357 11.91 41.80 17.80
CA GLY E 357 10.90 41.45 16.82
C GLY E 357 10.07 40.28 17.32
N GLU E 358 10.39 39.82 18.52
CA GLU E 358 9.75 38.68 19.18
C GLU E 358 8.86 39.09 20.36
N ASN E 359 7.55 39.12 20.16
CA ASN E 359 6.67 39.49 21.25
C ASN E 359 6.76 38.56 22.45
N MET E 360 6.74 39.14 23.64
CA MET E 360 6.83 38.39 24.89
C MET E 360 6.08 39.14 25.99
N ILE E 361 5.79 38.44 27.08
CA ILE E 361 5.08 39.05 28.20
C ILE E 361 5.94 39.02 29.45
N PHE E 362 6.28 40.20 29.96
CA PHE E 362 7.07 40.29 31.16
C PHE E 362 6.16 40.50 32.36
N VAL E 363 6.33 39.65 33.36
CA VAL E 363 5.57 39.75 34.59
C VAL E 363 6.59 40.08 35.66
N GLU E 364 6.89 41.38 35.81
CA GLU E 364 7.89 41.84 36.78
C GLU E 364 7.34 42.66 37.93
N GLY E 365 8.20 42.91 38.92
CA GLY E 365 7.81 43.69 40.07
C GLY E 365 6.97 42.89 41.03
N CYS E 366 7.07 41.58 40.95
CA CYS E 366 6.30 40.73 41.85
C CYS E 366 6.75 40.94 43.28
N LYS E 367 5.81 40.76 44.24
CA LYS E 367 6.09 40.95 45.67
C LYS E 367 7.32 40.24 46.20
N ASN E 368 7.15 39.02 46.65
CA ASN E 368 8.23 38.17 47.10
C ASN E 368 8.01 36.94 46.26
N PRO E 369 8.54 36.99 45.02
CA PRO E 369 8.48 35.77 44.21
C PRO E 369 9.31 34.61 44.74
N LYS E 370 8.77 33.40 44.66
CA LYS E 370 9.46 32.20 45.11
C LYS E 370 10.02 31.47 43.88
N ALA E 371 9.93 32.16 42.76
CA ALA E 371 10.41 31.72 41.46
C ALA E 371 10.74 33.01 40.69
N VAL E 372 11.87 33.02 40.00
CA VAL E 372 12.27 34.22 39.26
C VAL E 372 12.84 33.88 37.86
N THR E 373 13.15 34.90 37.07
CA THR E 373 13.65 34.68 35.71
C THR E 373 14.87 35.54 35.36
N ILE E 374 15.88 34.94 34.73
CA ILE E 374 17.07 35.69 34.32
C ILE E 374 17.10 35.81 32.81
N LEU E 375 16.88 37.03 32.30
CA LEU E 375 16.90 37.26 30.87
C LEU E 375 18.34 37.43 30.37
N ILE E 376 18.72 36.68 29.34
CA ILE E 376 20.07 36.70 28.77
C ILE E 376 20.10 37.32 27.36
N ARG E 377 21.06 38.21 27.12
CA ARG E 377 21.20 38.85 25.81
C ARG E 377 22.62 38.61 25.25
N GLY E 378 22.74 38.48 23.94
CA GLY E 378 24.05 38.24 23.34
C GLY E 378 24.00 38.40 21.85
N GLY E 379 25.15 38.59 21.21
CA GLY E 379 25.18 38.77 19.77
C GLY E 379 24.77 37.54 18.95
N THR E 380 25.37 36.40 19.25
CA THR E 380 25.06 35.16 18.55
C THR E 380 24.37 34.15 19.46
N GLU E 381 23.73 33.18 18.82
CA GLU E 381 23.04 32.11 19.53
C GLU E 381 24.02 31.41 20.45
N HIS E 382 25.25 31.26 19.95
CA HIS E 382 26.31 30.59 20.69
C HIS E 382 26.70 31.35 21.94
N VAL E 383 26.71 32.68 21.84
CA VAL E 383 27.05 33.53 22.98
C VAL E 383 26.09 33.26 24.12
N ILE E 384 24.80 33.33 23.81
CA ILE E 384 23.73 33.10 24.76
C ILE E 384 23.79 31.71 25.41
N ASP E 385 23.71 30.66 24.59
CA ASP E 385 23.77 29.28 25.08
C ASP E 385 24.91 29.05 26.07
N GLU E 386 26.07 29.62 25.76
CA GLU E 386 27.26 29.46 26.61
C GLU E 386 27.15 30.29 27.90
N VAL E 387 26.50 31.46 27.78
CA VAL E 387 26.28 32.33 28.94
C VAL E 387 25.31 31.61 29.88
N GLU E 388 24.28 31.00 29.30
CA GLU E 388 23.31 30.25 30.07
C GLU E 388 23.97 29.10 30.81
N ARG E 389 24.88 28.41 30.13
CA ARG E 389 25.59 27.30 30.71
C ARG E 389 26.44 27.77 31.89
N ALA E 390 27.03 28.96 31.71
CA ALA E 390 27.86 29.56 32.74
C ALA E 390 27.03 29.84 34.00
N LEU E 391 25.88 30.47 33.78
CA LEU E 391 24.96 30.83 34.85
C LEU E 391 24.40 29.63 35.60
N GLU E 392 24.25 28.51 34.90
CA GLU E 392 23.71 27.32 35.55
C GLU E 392 24.68 26.74 36.56
N ASP E 393 25.97 26.84 36.27
CA ASP E 393 26.97 26.32 37.19
C ASP E 393 27.13 27.33 38.30
N ALA E 394 26.96 28.61 37.94
CA ALA E 394 27.08 29.72 38.88
C ALA E 394 26.00 29.59 39.94
N VAL E 395 24.78 29.37 39.48
CA VAL E 395 23.63 29.21 40.38
C VAL E 395 23.78 27.93 41.20
N LYS E 396 24.15 26.84 40.53
CA LYS E 396 24.33 25.55 41.18
C LYS E 396 25.38 25.57 42.30
N VAL E 397 26.39 26.43 42.17
CA VAL E 397 27.44 26.53 43.19
C VAL E 397 26.97 27.38 44.36
N VAL E 398 26.33 28.51 44.04
CA VAL E 398 25.78 29.40 45.05
C VAL E 398 24.84 28.58 45.91
N LYS E 399 24.23 27.57 45.30
CA LYS E 399 23.32 26.66 46.00
C LYS E 399 24.03 25.73 46.97
N ASP E 400 25.20 25.24 46.59
CA ASP E 400 25.95 24.31 47.43
C ASP E 400 26.41 25.00 48.70
N VAL E 401 26.82 26.26 48.57
CA VAL E 401 27.31 27.02 49.70
C VAL E 401 26.22 27.39 50.69
N MET E 402 25.07 27.86 50.19
CA MET E 402 23.94 28.21 51.05
C MET E 402 23.45 26.99 51.82
N GLU E 403 23.43 25.84 51.15
CA GLU E 403 23.00 24.59 51.78
C GLU E 403 24.10 23.98 52.64
N ASP E 404 25.34 24.03 52.13
CA ASP E 404 26.48 23.45 52.82
C ASP E 404 27.19 24.36 53.80
N GLY E 405 27.39 25.61 53.41
CA GLY E 405 28.08 26.54 54.30
C GLY E 405 29.49 26.08 54.56
N ALA E 406 30.24 25.90 53.46
CA ALA E 406 31.64 25.47 53.49
C ALA E 406 32.25 25.69 52.11
N VAL E 407 33.48 26.22 52.07
CA VAL E 407 34.18 26.45 50.80
C VAL E 407 35.64 26.00 50.88
N LEU E 408 36.29 26.02 49.72
CA LEU E 408 37.68 25.63 49.57
C LEU E 408 38.35 26.53 48.54
N PRO E 409 39.68 26.65 48.60
CA PRO E 409 40.43 27.48 47.65
C PRO E 409 40.46 26.80 46.27
N ALA E 410 40.57 27.59 45.20
CA ALA E 410 40.61 27.02 43.86
C ALA E 410 42.02 26.58 43.37
N GLY E 411 42.24 26.72 42.05
CA GLY E 411 43.53 26.37 41.45
C GLY E 411 44.17 25.07 41.87
N GLY E 412 43.39 24.05 42.19
CA GLY E 412 43.98 22.78 42.58
C GLY E 412 44.60 22.74 43.96
N ALA E 413 44.32 23.76 44.76
CA ALA E 413 44.86 23.83 46.11
C ALA E 413 44.40 22.67 46.99
N PRO E 414 43.12 22.27 46.90
CA PRO E 414 42.56 21.17 47.71
C PRO E 414 43.16 19.81 47.36
N GLU E 415 43.37 19.60 46.05
CA GLU E 415 43.95 18.36 45.57
C GLU E 415 45.41 18.31 45.99
N ILE E 416 46.07 19.46 45.98
CA ILE E 416 47.47 19.53 46.38
C ILE E 416 47.57 19.20 47.86
N GLU E 417 46.63 19.71 48.64
CA GLU E 417 46.63 19.44 50.07
C GLU E 417 46.31 17.97 50.29
N LEU E 418 45.40 17.46 49.46
CA LEU E 418 44.98 16.07 49.52
C LEU E 418 46.10 15.14 49.13
N ALA E 419 46.79 15.52 48.07
CA ALA E 419 47.90 14.74 47.58
C ALA E 419 48.88 14.55 48.72
N ILE E 420 49.39 15.68 49.21
CA ILE E 420 50.37 15.69 50.30
C ILE E 420 49.98 14.84 51.49
N ARG E 421 48.82 15.15 52.07
CA ARG E 421 48.32 14.43 53.25
C ARG E 421 48.04 12.94 53.01
N LEU E 422 47.40 12.62 51.90
CA LEU E 422 47.05 11.24 51.57
C LEU E 422 48.27 10.33 51.46
N ASP E 423 49.40 10.90 51.06
CA ASP E 423 50.62 10.12 50.92
C ASP E 423 51.08 9.64 52.29
N GLU E 424 50.99 10.52 53.29
CA GLU E 424 51.37 10.22 54.67
C GLU E 424 50.48 9.10 55.15
N TYR E 425 49.20 9.23 54.82
CA TYR E 425 48.23 8.23 55.21
C TYR E 425 48.67 6.89 54.64
N ALA E 426 49.19 6.92 53.42
CA ALA E 426 49.67 5.73 52.75
C ALA E 426 50.77 5.11 53.61
N LYS E 427 51.70 5.95 54.04
CA LYS E 427 52.82 5.52 54.87
C LYS E 427 52.30 4.73 56.06
N GLN E 428 51.41 5.35 56.82
CA GLN E 428 50.87 4.69 57.99
C GLN E 428 50.00 3.46 57.69
N VAL E 429 49.43 3.39 56.49
CA VAL E 429 48.60 2.24 56.12
C VAL E 429 49.54 1.09 55.69
N GLY E 430 50.59 1.47 54.96
CA GLY E 430 51.58 0.50 54.51
C GLY E 430 51.06 -0.70 53.74
N GLY E 431 52.01 -1.49 53.25
CA GLY E 431 51.71 -2.69 52.50
C GLY E 431 51.54 -2.39 51.02
N LYS E 432 50.89 -3.30 50.32
CA LYS E 432 50.63 -3.13 48.90
C LYS E 432 49.65 -1.96 48.73
N GLU E 433 48.65 -1.87 49.60
CA GLU E 433 47.66 -0.80 49.52
C GLU E 433 48.33 0.57 49.51
N ALA E 434 49.36 0.71 50.33
CA ALA E 434 50.09 1.97 50.42
C ALA E 434 50.47 2.44 49.02
N LEU E 435 50.72 1.49 48.12
CA LEU E 435 51.09 1.76 46.73
C LEU E 435 49.88 2.29 45.97
N ALA E 436 48.72 1.71 46.24
CA ALA E 436 47.49 2.15 45.61
C ALA E 436 47.21 3.57 46.13
N ILE E 437 47.22 3.70 47.46
CA ILE E 437 46.97 4.98 48.12
C ILE E 437 47.92 6.07 47.60
N GLU E 438 49.22 5.75 47.55
CA GLU E 438 50.23 6.69 47.08
C GLU E 438 49.96 7.12 45.66
N ASN E 439 49.49 6.19 44.84
CA ASN E 439 49.19 6.45 43.44
C ASN E 439 47.97 7.35 43.31
N PHE E 440 46.97 7.05 44.12
CA PHE E 440 45.72 7.79 44.15
C PHE E 440 46.06 9.25 44.45
N ALA E 441 46.90 9.41 45.46
CA ALA E 441 47.37 10.73 45.90
C ALA E 441 48.03 11.49 44.77
N ASP E 442 48.90 10.79 44.05
CA ASP E 442 49.64 11.37 42.94
C ASP E 442 48.68 11.70 41.80
N ALA E 443 47.64 10.88 41.66
CA ALA E 443 46.66 11.09 40.60
C ALA E 443 46.04 12.48 40.70
N LEU E 444 45.61 12.83 41.91
CA LEU E 444 44.98 14.11 42.20
C LEU E 444 45.75 15.32 41.67
N LYS E 445 47.03 15.13 41.33
CA LYS E 445 47.84 16.24 40.84
C LYS E 445 47.58 16.72 39.42
N ILE E 446 46.71 16.04 38.68
CA ILE E 446 46.44 16.45 37.29
C ILE E 446 45.71 17.79 37.20
N ILE E 447 45.00 18.16 38.27
CA ILE E 447 44.26 19.41 38.25
C ILE E 447 45.28 20.56 38.21
N PRO E 448 46.22 20.58 39.16
CA PRO E 448 47.21 21.66 39.13
C PRO E 448 47.99 21.52 37.83
N LYS E 449 48.45 20.30 37.60
CA LYS E 449 49.21 19.91 36.43
C LYS E 449 48.56 20.40 35.15
N THR E 450 47.36 19.93 34.84
CA THR E 450 46.68 20.33 33.61
C THR E 450 46.20 21.77 33.65
N LEU E 451 46.06 22.34 34.85
CA LEU E 451 45.62 23.73 34.97
C LEU E 451 46.72 24.61 34.41
N ALA E 452 47.94 24.36 34.86
CA ALA E 452 49.09 25.13 34.42
C ALA E 452 49.39 24.85 32.95
N GLU E 453 49.24 23.60 32.56
CA GLU E 453 49.49 23.15 31.19
C GLU E 453 48.62 23.89 30.18
N ASN E 454 47.34 24.02 30.49
CA ASN E 454 46.39 24.71 29.61
C ASN E 454 46.68 26.19 29.58
N ALA E 455 47.41 26.65 30.58
CA ALA E 455 47.78 28.06 30.70
C ALA E 455 49.00 28.37 29.84
N GLY E 456 49.86 27.38 29.66
CA GLY E 456 51.05 27.56 28.86
C GLY E 456 52.29 27.60 29.73
N LEU E 457 52.13 27.25 30.99
CA LEU E 457 53.23 27.26 31.94
C LEU E 457 54.06 25.98 31.92
N ASP E 458 55.24 26.05 32.51
CA ASP E 458 56.09 24.88 32.58
C ASP E 458 55.52 23.95 33.64
N THR E 459 54.85 22.91 33.19
CA THR E 459 54.23 21.92 34.07
C THR E 459 55.14 21.38 35.18
N VAL E 460 56.19 20.68 34.78
CA VAL E 460 57.11 20.06 35.72
C VAL E 460 57.62 20.98 36.81
N GLU E 461 58.04 22.16 36.40
CA GLU E 461 58.61 23.18 37.28
C GLU E 461 57.57 23.87 38.16
N MET E 462 56.52 24.39 37.53
CA MET E 462 55.43 25.08 38.22
C MET E 462 54.79 24.22 39.30
N LEU E 463 54.81 22.91 39.10
CA LEU E 463 54.21 21.99 40.05
C LEU E 463 55.09 21.76 41.25
N VAL E 464 56.38 22.09 41.12
CA VAL E 464 57.31 21.90 42.23
C VAL E 464 57.19 23.11 43.13
N LYS E 465 56.94 24.27 42.50
CA LYS E 465 56.78 25.55 43.20
C LYS E 465 55.55 25.51 44.09
N VAL E 466 54.43 25.09 43.51
CA VAL E 466 53.17 25.02 44.23
C VAL E 466 53.20 24.01 45.36
N ILE E 467 53.73 22.81 45.12
CA ILE E 467 53.77 21.82 46.17
C ILE E 467 54.65 22.32 47.32
N SER E 468 55.54 23.25 47.00
CA SER E 468 56.46 23.84 47.97
C SER E 468 55.73 24.90 48.79
N GLU E 469 55.33 25.98 48.13
CA GLU E 469 54.58 27.05 48.79
C GLU E 469 53.59 26.41 49.72
N HIS E 470 52.67 25.67 49.12
CA HIS E 470 51.63 24.95 49.85
C HIS E 470 52.21 24.18 51.06
N LYS E 471 53.34 23.50 50.85
CA LYS E 471 53.97 22.74 51.92
C LYS E 471 54.43 23.66 53.05
N ASN E 472 54.74 24.91 52.70
CA ASN E 472 55.21 25.89 53.68
C ASN E 472 54.12 26.87 54.10
N ARG E 473 53.65 27.67 53.15
CA ARG E 473 52.61 28.67 53.37
C ARG E 473 51.19 28.13 53.64
N GLY E 474 51.03 26.82 53.80
CA GLY E 474 49.73 26.24 54.09
C GLY E 474 48.67 26.02 52.99
N LEU E 475 47.57 25.38 53.40
CA LEU E 475 46.43 25.03 52.55
C LEU E 475 45.88 26.00 51.48
N GLY E 476 45.95 27.30 51.69
CA GLY E 476 45.40 28.21 50.70
C GLY E 476 46.18 28.38 49.42
N ILE E 477 47.36 27.76 49.34
CA ILE E 477 48.19 27.90 48.16
C ILE E 477 47.86 26.96 47.01
N GLY E 478 47.54 27.57 45.87
CA GLY E 478 47.21 26.83 44.66
C GLY E 478 47.87 27.55 43.50
N ILE E 479 47.52 27.18 42.27
CA ILE E 479 48.07 27.83 41.09
C ILE E 479 47.08 28.83 40.56
N ASP E 480 47.57 29.95 40.06
CA ASP E 480 46.69 30.94 39.50
C ASP E 480 47.10 31.14 38.06
N VAL E 481 46.29 30.62 37.14
CA VAL E 481 46.57 30.73 35.72
C VAL E 481 46.75 32.15 35.17
N PHE E 482 46.19 33.13 35.87
CA PHE E 482 46.29 34.53 35.44
C PHE E 482 47.60 35.13 35.93
N GLU E 483 48.06 34.63 37.07
CA GLU E 483 49.29 35.09 37.69
C GLU E 483 50.48 34.31 37.12
N GLY E 484 50.21 33.09 36.65
CA GLY E 484 51.26 32.26 36.10
C GLY E 484 52.23 31.86 37.19
N LYS E 485 51.75 31.66 38.40
CA LYS E 485 52.59 31.27 39.51
C LYS E 485 51.74 30.95 40.71
N PRO E 486 52.31 30.34 41.76
CA PRO E 486 51.50 30.02 42.94
C PRO E 486 51.06 31.27 43.70
N ALA E 487 49.91 31.19 44.37
CA ALA E 487 49.37 32.30 45.15
C ALA E 487 48.48 31.75 46.26
N ASP E 488 48.06 32.62 47.17
CA ASP E 488 47.15 32.20 48.23
C ASP E 488 45.80 32.48 47.59
N MET E 489 45.10 31.39 47.27
CA MET E 489 43.79 31.48 46.62
C MET E 489 42.77 32.21 47.48
N LEU E 490 42.86 32.04 48.80
CA LEU E 490 41.95 32.73 49.69
C LEU E 490 42.10 34.23 49.50
N GLU E 491 43.32 34.74 49.63
CA GLU E 491 43.57 36.16 49.46
C GLU E 491 43.08 36.69 48.10
N LYS E 492 43.15 35.85 47.09
CA LYS E 492 42.73 36.27 45.75
C LYS E 492 41.21 36.15 45.62
N GLY E 493 40.59 35.53 46.62
CA GLY E 493 39.15 35.35 46.61
C GLY E 493 38.68 34.23 45.70
N ILE E 494 39.63 33.59 45.00
CA ILE E 494 39.35 32.48 44.07
C ILE E 494 39.05 31.17 44.82
N ILE E 495 37.76 30.82 44.90
CA ILE E 495 37.32 29.60 45.58
C ILE E 495 36.14 28.84 44.95
N GLU E 496 35.91 27.65 45.48
CA GLU E 496 34.84 26.76 45.01
C GLU E 496 34.15 26.07 46.19
N PRO E 497 32.95 25.53 45.96
CA PRO E 497 32.21 24.85 47.03
C PRO E 497 32.92 23.60 47.55
N LEU E 498 32.78 23.33 48.85
CA LEU E 498 33.38 22.15 49.46
C LEU E 498 32.68 20.91 48.91
N ARG E 499 31.55 21.14 48.26
CA ARG E 499 30.77 20.04 47.67
C ARG E 499 31.39 19.66 46.31
N VAL E 500 31.76 20.66 45.52
CA VAL E 500 32.37 20.37 44.23
C VAL E 500 33.53 19.38 44.39
N LYS E 501 34.47 19.65 45.29
CA LYS E 501 35.60 18.74 45.48
C LYS E 501 35.24 17.40 46.12
N LYS E 502 34.28 17.41 47.05
CA LYS E 502 33.88 16.16 47.71
C LYS E 502 33.21 15.21 46.75
N GLN E 503 32.48 15.78 45.78
CA GLN E 503 31.76 14.97 44.78
C GLN E 503 32.71 14.49 43.70
N ALA E 504 33.57 15.38 43.20
CA ALA E 504 34.54 15.03 42.19
C ALA E 504 35.26 13.75 42.65
N ILE E 505 35.63 13.70 43.92
CA ILE E 505 36.30 12.53 44.47
C ILE E 505 35.39 11.31 44.48
N LYS E 506 34.19 11.43 45.05
CA LYS E 506 33.29 10.27 45.06
C LYS E 506 33.13 9.79 43.62
N SER E 507 32.59 10.67 42.78
CA SER E 507 32.36 10.36 41.38
C SER E 507 33.52 9.60 40.73
N ALA E 508 34.67 10.26 40.65
CA ALA E 508 35.85 9.67 40.03
C ALA E 508 36.32 8.35 40.68
N SER E 509 36.50 8.33 42.00
CA SER E 509 36.96 7.11 42.65
C SER E 509 36.00 5.93 42.47
N GLU E 510 34.69 6.20 42.41
CA GLU E 510 33.72 5.13 42.22
C GLU E 510 33.89 4.58 40.83
N ALA E 511 33.91 5.48 39.86
CA ALA E 511 34.05 5.12 38.46
C ALA E 511 35.31 4.27 38.27
N ALA E 512 36.42 4.75 38.83
CA ALA E 512 37.69 4.06 38.75
C ALA E 512 37.58 2.65 39.32
N ILE E 513 37.07 2.52 40.54
CA ILE E 513 36.92 1.21 41.17
C ILE E 513 35.95 0.30 40.40
N MET E 514 34.94 0.87 39.76
CA MET E 514 33.98 0.07 39.01
C MET E 514 34.68 -0.60 37.84
N ILE E 515 35.52 0.16 37.15
CA ILE E 515 36.27 -0.34 36.00
C ILE E 515 37.30 -1.36 36.46
N LEU E 516 38.06 -1.02 37.50
CA LEU E 516 39.07 -1.93 38.06
C LEU E 516 38.48 -3.28 38.46
N ARG E 517 37.16 -3.33 38.66
CA ARG E 517 36.49 -4.57 39.06
C ARG E 517 36.04 -5.47 37.91
N ILE E 518 35.89 -4.92 36.71
CA ILE E 518 35.45 -5.70 35.56
C ILE E 518 36.59 -6.49 34.92
N ASP E 519 36.50 -7.83 35.04
CA ASP E 519 37.52 -8.76 34.51
C ASP E 519 37.08 -9.50 33.24
N ASP E 520 35.98 -9.05 32.65
CA ASP E 520 35.45 -9.68 31.45
C ASP E 520 34.38 -8.83 30.76
N VAL E 521 34.61 -8.51 29.49
CA VAL E 521 33.66 -7.72 28.72
C VAL E 521 33.09 -8.59 27.61
N ILE E 522 31.77 -8.55 27.42
CA ILE E 522 31.13 -9.34 26.37
C ILE E 522 30.10 -8.49 25.61
N ALA E 523 30.48 -8.03 24.41
CA ALA E 523 29.62 -7.18 23.59
C ALA E 523 29.16 -7.82 22.26
N ALA E 524 27.98 -7.42 21.79
CA ALA E 524 27.43 -7.96 20.54
C ALA E 524 27.57 -7.06 19.28
N LYS E 525 27.42 -5.73 19.43
CA LYS E 525 27.50 -4.79 18.28
C LYS E 525 27.92 -3.30 18.59
N ALA E 526 29.22 -3.00 18.78
CA ALA E 526 29.71 -1.62 19.07
C ALA E 526 31.17 -1.26 18.64
N VAL F 10 31.62 -0.02 18.93
CA VAL F 10 32.99 0.47 18.61
C VAL F 10 33.56 1.48 19.68
N ILE F 11 34.64 2.22 19.37
CA ILE F 11 35.24 3.21 20.32
C ILE F 11 34.79 4.68 20.07
N LEU F 12 34.57 5.04 18.81
CA LEU F 12 34.10 6.36 18.39
C LEU F 12 33.46 6.10 17.00
N PRO F 13 32.35 6.79 16.67
CA PRO F 13 31.72 6.54 15.37
C PRO F 13 32.75 6.60 14.23
N GLU F 14 32.71 5.60 13.35
CA GLU F 14 33.64 5.60 12.22
C GLU F 14 33.19 6.76 11.30
N GLY F 15 34.05 7.17 10.37
CA GLY F 15 33.70 8.26 9.47
C GLY F 15 33.65 9.60 10.21
N THR F 16 33.85 9.54 11.52
CA THR F 16 33.87 10.71 12.40
C THR F 16 35.32 11.20 12.51
N GLN F 17 35.66 12.20 11.71
CA GLN F 17 37.01 12.78 11.70
C GLN F 17 37.15 13.72 12.91
N ARG F 18 38.39 14.12 13.16
CA ARG F 18 38.67 14.98 14.29
C ARG F 18 40.02 15.65 14.07
N TYR F 19 40.21 16.84 14.64
CA TYR F 19 41.47 17.56 14.52
C TYR F 19 41.78 18.21 15.85
N VAL F 20 43.05 18.51 16.07
CA VAL F 20 43.48 19.14 17.32
C VAL F 20 44.57 20.21 17.06
N GLY F 21 44.73 21.12 18.03
CA GLY F 21 45.73 22.17 17.96
C GLY F 21 45.84 22.89 16.63
N ARG F 22 47.06 22.92 16.07
CA ARG F 22 47.32 23.59 14.79
C ARG F 22 46.33 23.11 13.73
N ASP F 23 46.16 21.79 13.64
CA ASP F 23 45.25 21.19 12.67
C ASP F 23 43.89 21.81 12.73
N ALA F 24 43.27 21.71 13.90
CA ALA F 24 41.95 22.29 14.13
C ALA F 24 42.00 23.74 13.68
N GLN F 25 42.76 24.55 14.41
CA GLN F 25 42.88 25.97 14.12
C GLN F 25 43.18 26.33 12.67
N ARG F 26 44.22 25.74 12.09
CA ARG F 26 44.62 26.03 10.72
C ARG F 26 43.51 25.77 9.70
N LEU F 27 42.76 24.70 9.90
CA LEU F 27 41.66 24.36 9.00
C LEU F 27 40.53 25.36 9.19
N ASN F 28 40.12 25.54 10.44
CA ASN F 28 39.06 26.49 10.79
C ASN F 28 39.37 27.86 10.19
N ILE F 29 40.58 28.35 10.44
CA ILE F 29 40.97 29.65 9.91
C ILE F 29 40.96 29.66 8.39
N LEU F 30 41.43 28.60 7.76
CA LEU F 30 41.44 28.55 6.30
C LEU F 30 40.02 28.55 5.78
N ALA F 31 39.15 27.88 6.52
CA ALA F 31 37.74 27.79 6.17
C ALA F 31 37.19 29.19 6.14
N ALA F 32 37.32 29.86 7.27
CA ALA F 32 36.85 31.21 7.44
C ALA F 32 37.36 32.15 6.36
N ARG F 33 38.68 32.23 6.24
CA ARG F 33 39.34 33.09 5.27
C ARG F 33 38.80 32.92 3.86
N ILE F 34 38.64 31.66 3.45
CA ILE F 34 38.13 31.31 2.12
C ILE F 34 36.79 31.99 1.90
N ILE F 35 35.91 31.76 2.86
CA ILE F 35 34.58 32.31 2.83
C ILE F 35 34.64 33.84 2.72
N ALA F 36 35.54 34.44 3.50
CA ALA F 36 35.70 35.88 3.49
C ALA F 36 36.14 36.42 2.13
N GLU F 37 37.15 35.80 1.54
CA GLU F 37 37.66 36.26 0.25
C GLU F 37 36.61 36.10 -0.85
N THR F 38 35.64 35.23 -0.59
CA THR F 38 34.58 35.01 -1.55
C THR F 38 33.74 36.27 -1.68
N VAL F 39 33.44 36.90 -0.55
CA VAL F 39 32.63 38.11 -0.50
C VAL F 39 33.39 39.44 -0.65
N ARG F 40 34.69 39.45 -0.35
CA ARG F 40 35.49 40.68 -0.43
C ARG F 40 35.54 41.33 -1.79
N THR F 41 35.12 40.60 -2.81
CA THR F 41 35.14 41.13 -4.16
C THR F 41 33.93 42.03 -4.45
N THR F 42 33.04 42.11 -3.47
CA THR F 42 31.79 42.89 -3.58
C THR F 42 31.81 44.17 -2.74
N LEU F 43 32.91 44.37 -2.00
CA LEU F 43 33.06 45.52 -1.12
C LEU F 43 33.14 46.87 -1.81
N GLY F 44 32.32 47.79 -1.32
CA GLY F 44 32.31 49.14 -1.86
C GLY F 44 31.47 49.32 -3.10
N PRO F 45 31.42 50.57 -3.58
CA PRO F 45 30.69 51.03 -4.77
C PRO F 45 31.22 50.44 -6.05
N LYS F 46 32.35 49.75 -5.97
CA LYS F 46 32.96 49.16 -7.15
C LYS F 46 32.99 47.66 -7.08
N GLY F 47 32.46 47.12 -5.98
CA GLY F 47 32.42 45.68 -5.80
C GLY F 47 31.74 45.00 -6.98
N MET F 48 31.93 43.69 -7.07
CA MET F 48 31.34 42.90 -8.15
C MET F 48 30.17 42.06 -7.61
N ASP F 49 29.36 41.54 -8.53
CA ASP F 49 28.22 40.72 -8.16
C ASP F 49 28.49 39.25 -8.37
N LYS F 50 27.75 38.43 -7.64
CA LYS F 50 27.87 36.99 -7.76
C LYS F 50 26.57 36.46 -8.30
N MET F 51 26.66 35.35 -9.05
CA MET F 51 25.47 34.70 -9.60
C MET F 51 25.35 33.38 -8.88
N LEU F 52 24.26 33.24 -8.14
CA LEU F 52 24.01 32.03 -7.39
C LEU F 52 22.88 31.21 -8.04
N VAL F 53 23.20 29.96 -8.40
CA VAL F 53 22.24 29.04 -9.03
C VAL F 53 22.04 27.85 -8.11
N ASP F 54 20.88 27.76 -7.47
CA ASP F 54 20.63 26.64 -6.55
C ASP F 54 20.22 25.35 -7.28
N SER F 55 20.18 24.25 -6.52
CA SER F 55 19.82 22.93 -7.04
C SER F 55 18.52 22.92 -7.86
N LEU F 56 17.52 23.69 -7.41
CA LEU F 56 16.23 23.78 -8.11
C LEU F 56 16.28 24.61 -9.41
N GLY F 57 17.42 25.27 -9.66
CA GLY F 57 17.57 26.08 -10.87
C GLY F 57 17.34 27.58 -10.71
N ASP F 58 16.95 27.99 -9.49
CA ASP F 58 16.71 29.35 -9.14
C ASP F 58 17.96 30.19 -9.25
N ILE F 59 17.90 31.34 -9.95
CA ILE F 59 19.07 32.23 -10.14
C ILE F 59 18.98 33.54 -9.35
N VAL F 60 19.91 33.73 -8.42
CA VAL F 60 19.96 34.93 -7.61
C VAL F 60 21.22 35.73 -7.94
N VAL F 61 21.05 36.95 -8.45
CA VAL F 61 22.19 37.81 -8.76
C VAL F 61 22.22 38.96 -7.74
N THR F 62 23.23 39.00 -6.86
CA THR F 62 23.29 40.06 -5.84
C THR F 62 24.70 40.56 -5.49
N ASN F 63 24.76 41.62 -4.66
CA ASN F 63 26.02 42.21 -4.18
C ASN F 63 25.98 42.06 -2.67
N ASP F 64 24.80 41.73 -2.15
CA ASP F 64 24.61 41.60 -0.70
C ASP F 64 25.29 40.38 -0.12
N CYS F 65 26.12 40.62 0.90
CA CYS F 65 26.85 39.56 1.57
C CYS F 65 25.93 38.60 2.30
N ALA F 66 25.02 39.15 3.09
CA ALA F 66 24.08 38.35 3.85
C ALA F 66 23.38 37.32 2.94
N THR F 67 22.84 37.78 1.81
CA THR F 67 22.16 36.90 0.85
C THR F 67 23.11 35.79 0.38
N ILE F 68 24.25 36.19 -0.17
CA ILE F 68 25.26 35.26 -0.67
C ILE F 68 25.66 34.18 0.32
N LEU F 69 26.09 34.56 1.52
CA LEU F 69 26.48 33.56 2.54
C LEU F 69 25.31 32.65 2.89
N ASP F 70 24.11 33.19 2.76
CA ASP F 70 22.89 32.47 3.08
C ASP F 70 22.48 31.49 1.97
N LYS F 71 22.36 32.01 0.75
CA LYS F 71 22.00 31.19 -0.41
C LYS F 71 23.05 30.10 -0.70
N ILE F 72 24.32 30.42 -0.46
CA ILE F 72 25.40 29.46 -0.69
C ILE F 72 25.40 28.34 0.36
N ASP F 73 25.50 27.10 -0.09
CA ASP F 73 25.51 25.97 0.83
C ASP F 73 26.93 25.69 1.37
N LEU F 74 27.22 26.15 2.58
CA LEU F 74 28.52 25.92 3.18
C LEU F 74 28.55 24.62 3.95
N GLN F 75 29.66 23.90 3.84
CA GLN F 75 29.79 22.62 4.53
C GLN F 75 30.70 22.71 5.74
N HIS F 76 31.84 23.39 5.61
CA HIS F 76 32.74 23.48 6.75
C HIS F 76 32.11 24.32 7.86
N PRO F 77 32.18 23.84 9.11
CA PRO F 77 31.62 24.53 10.29
C PRO F 77 32.11 25.97 10.45
N ALA F 78 33.42 26.13 10.54
CA ALA F 78 34.01 27.45 10.70
C ALA F 78 33.46 28.45 9.67
N ALA F 79 33.24 28.00 8.43
CA ALA F 79 32.71 28.89 7.39
C ALA F 79 31.24 29.25 7.65
N LYS F 80 30.53 28.38 8.35
CA LYS F 80 29.13 28.66 8.63
C LYS F 80 29.04 29.73 9.70
N MET F 81 30.02 29.75 10.60
CA MET F 81 30.05 30.73 11.67
C MET F 81 30.26 32.14 11.13
N MET F 82 30.70 32.21 9.88
CA MET F 82 30.91 33.49 9.24
C MET F 82 29.59 33.98 8.64
N VAL F 83 28.60 33.09 8.59
CA VAL F 83 27.30 33.48 8.07
C VAL F 83 26.67 34.21 9.23
N GLU F 84 26.90 33.68 10.44
CA GLU F 84 26.37 34.30 11.65
C GLU F 84 26.86 35.74 11.77
N VAL F 85 28.13 35.96 11.42
CA VAL F 85 28.67 37.30 11.49
C VAL F 85 27.81 38.25 10.66
N ALA F 86 27.63 37.96 9.38
CA ALA F 86 26.82 38.80 8.49
C ALA F 86 25.37 38.92 8.97
N LYS F 87 24.97 37.96 9.79
CA LYS F 87 23.64 37.87 10.35
C LYS F 87 23.48 38.88 11.50
N THR F 88 24.35 38.82 12.50
CA THR F 88 24.28 39.76 13.62
C THR F 88 24.45 41.19 13.09
N GLN F 89 25.30 41.35 12.10
CA GLN F 89 25.55 42.66 11.51
C GLN F 89 24.27 43.20 10.85
N ASP F 90 23.57 42.37 10.09
CA ASP F 90 22.35 42.80 9.38
C ASP F 90 21.17 42.99 10.32
N LYS F 91 21.21 42.28 11.44
CA LYS F 91 20.14 42.37 12.41
C LYS F 91 20.38 43.46 13.46
N GLU F 92 21.57 44.07 13.45
CA GLU F 92 21.87 45.08 14.45
C GLU F 92 22.17 46.46 13.91
N ALA F 93 22.86 46.53 12.78
CA ALA F 93 23.19 47.82 12.21
C ALA F 93 22.65 47.89 10.80
N GLY F 94 22.18 46.77 10.29
CA GLY F 94 21.62 46.75 8.95
C GLY F 94 22.59 46.75 7.77
N ASP F 95 23.59 47.63 7.79
CA ASP F 95 24.58 47.70 6.71
C ASP F 95 25.96 47.23 7.16
N GLY F 96 26.87 47.09 6.19
CA GLY F 96 28.22 46.66 6.47
C GLY F 96 28.38 45.19 6.80
N THR F 97 27.61 44.31 6.17
CA THR F 97 27.73 42.87 6.44
C THR F 97 28.99 42.33 5.73
N THR F 98 29.25 42.84 4.52
CA THR F 98 30.44 42.42 3.78
C THR F 98 31.66 42.79 4.66
N THR F 99 31.69 44.04 5.09
CA THR F 99 32.75 44.58 5.94
C THR F 99 33.06 43.76 7.20
N ALA F 100 32.02 43.39 7.97
CA ALA F 100 32.23 42.62 9.19
C ALA F 100 32.93 41.29 8.94
N VAL F 101 32.52 40.61 7.86
CA VAL F 101 33.07 39.31 7.45
C VAL F 101 34.53 39.43 7.00
N VAL F 102 34.79 40.34 6.07
CA VAL F 102 36.14 40.58 5.59
C VAL F 102 37.13 40.80 6.74
N ILE F 103 36.76 41.64 7.71
CA ILE F 103 37.63 41.91 8.87
C ILE F 103 37.77 40.70 9.79
N ALA F 104 36.77 39.83 9.79
CA ALA F 104 36.79 38.65 10.65
C ALA F 104 37.77 37.63 10.09
N GLY F 105 37.82 37.56 8.76
CA GLY F 105 38.72 36.64 8.10
C GLY F 105 40.13 37.17 8.23
N GLU F 106 40.29 38.44 7.87
CA GLU F 106 41.57 39.14 7.93
C GLU F 106 42.15 39.10 9.33
N LEU F 107 41.27 39.17 10.31
CA LEU F 107 41.64 39.13 11.70
C LEU F 107 42.22 37.77 12.01
N LEU F 108 41.61 36.74 11.43
CA LEU F 108 42.04 35.35 11.63
C LEU F 108 43.34 35.04 10.89
N ARG F 109 43.53 35.65 9.72
CA ARG F 109 44.75 35.43 8.95
C ARG F 109 45.92 35.92 9.79
N LYS F 110 45.87 37.20 10.17
CA LYS F 110 46.93 37.80 10.96
C LYS F 110 47.10 37.04 12.27
N ALA F 111 46.00 36.49 12.80
CA ALA F 111 46.07 35.75 14.06
C ALA F 111 46.82 34.42 13.94
N GLU F 112 46.82 33.84 12.75
CA GLU F 112 47.53 32.58 12.54
C GLU F 112 49.02 32.87 12.51
N GLU F 113 49.38 34.01 11.90
CA GLU F 113 50.76 34.44 11.82
C GLU F 113 51.37 34.41 13.21
N LEU F 114 50.61 34.83 14.22
CA LEU F 114 51.11 34.85 15.58
C LEU F 114 51.12 33.45 16.17
N LEU F 115 50.32 32.58 15.58
CA LEU F 115 50.22 31.22 16.05
C LEU F 115 51.47 30.48 15.63
N ASP F 116 51.85 30.67 14.37
CA ASP F 116 53.04 30.06 13.80
C ASP F 116 54.22 30.47 14.66
N GLN F 117 54.28 31.76 14.97
CA GLN F 117 55.35 32.28 15.80
C GLN F 117 55.40 31.63 17.17
N ASN F 118 54.49 30.69 17.40
CA ASN F 118 54.43 29.95 18.66
C ASN F 118 53.86 30.68 19.86
N ILE F 119 53.16 31.78 19.61
CA ILE F 119 52.54 32.54 20.68
C ILE F 119 51.28 31.79 21.11
N HIS F 120 51.18 31.45 22.41
CA HIS F 120 50.03 30.72 22.94
C HIS F 120 48.71 31.31 22.45
N PRO F 121 47.74 30.46 22.08
CA PRO F 121 46.48 31.07 21.62
C PRO F 121 45.88 31.99 22.69
N SER F 122 46.19 31.70 23.95
CA SER F 122 45.73 32.46 25.10
C SER F 122 46.07 33.94 24.97
N ILE F 123 47.33 34.18 24.64
CA ILE F 123 47.87 35.53 24.45
C ILE F 123 47.20 36.23 23.26
N ILE F 124 46.98 35.52 22.16
CA ILE F 124 46.37 36.15 20.98
C ILE F 124 44.94 36.61 21.23
N ILE F 125 44.18 35.81 21.98
CA ILE F 125 42.79 36.10 22.31
C ILE F 125 42.72 37.34 23.22
N LYS F 126 43.46 37.31 24.32
CA LYS F 126 43.50 38.42 25.27
C LYS F 126 43.82 39.78 24.67
N GLY F 127 44.81 39.83 23.79
CA GLY F 127 45.18 41.08 23.18
C GLY F 127 44.20 41.49 22.11
N TYR F 128 43.42 40.54 21.64
CA TYR F 128 42.44 40.82 20.61
C TYR F 128 41.23 41.46 21.25
N ALA F 129 40.97 41.07 22.50
CA ALA F 129 39.87 41.59 23.30
C ALA F 129 40.18 43.03 23.70
N LEU F 130 41.40 43.27 24.17
CA LEU F 130 41.82 44.60 24.57
C LEU F 130 41.76 45.53 23.37
N ALA F 131 42.16 45.00 22.22
CA ALA F 131 42.17 45.76 20.98
C ALA F 131 40.76 46.08 20.48
N ALA F 132 39.84 45.14 20.68
CA ALA F 132 38.45 45.32 20.27
C ALA F 132 37.77 46.30 21.23
N GLU F 133 37.93 46.05 22.53
CA GLU F 133 37.37 46.90 23.56
C GLU F 133 37.73 48.36 23.32
N LYS F 134 39.02 48.58 23.11
CA LYS F 134 39.60 49.89 22.87
C LYS F 134 39.13 50.51 21.56
N ALA F 135 38.80 49.65 20.60
CA ALA F 135 38.35 50.13 19.31
C ALA F 135 36.96 50.75 19.39
N GLN F 136 36.12 50.24 20.30
CA GLN F 136 34.77 50.77 20.50
C GLN F 136 34.96 52.18 21.03
N GLU F 137 35.73 52.23 22.12
CA GLU F 137 36.08 53.44 22.81
C GLU F 137 36.53 54.55 21.84
N ILE F 138 37.49 54.24 20.99
CA ILE F 138 38.01 55.18 20.00
C ILE F 138 36.93 55.63 19.04
N LEU F 139 36.04 54.71 18.69
CA LEU F 139 34.95 54.97 17.76
C LEU F 139 33.93 55.95 18.34
N ASP F 140 33.46 55.69 19.57
CA ASP F 140 32.50 56.55 20.23
C ASP F 140 33.07 57.96 20.28
N GLU F 141 34.38 58.02 20.53
CA GLU F 141 35.09 59.28 20.60
C GLU F 141 35.10 60.02 19.26
N ILE F 142 35.86 59.52 18.30
CA ILE F 142 35.95 60.16 16.98
C ILE F 142 34.62 60.33 16.26
N ALA F 143 33.55 59.78 16.83
CA ALA F 143 32.22 59.83 16.24
C ALA F 143 31.62 61.22 16.13
N ILE F 144 31.39 61.65 14.90
CA ILE F 144 30.82 62.96 14.60
C ILE F 144 29.35 63.04 15.01
N ARG F 145 29.05 63.46 16.24
CA ARG F 145 27.66 63.56 16.71
C ARG F 145 26.81 64.51 15.87
N VAL F 146 25.63 64.04 15.48
CA VAL F 146 24.73 64.84 14.65
C VAL F 146 23.30 64.91 15.18
N ASP F 147 22.51 65.79 14.59
CA ASP F 147 21.12 66.02 14.98
C ASP F 147 20.18 64.89 14.56
N PRO F 148 19.82 64.01 15.51
CA PRO F 148 18.93 62.87 15.30
C PRO F 148 17.89 62.92 14.19
N ASP F 149 17.48 64.12 13.77
CA ASP F 149 16.49 64.24 12.70
C ASP F 149 16.94 65.20 11.61
N ASP F 150 18.24 65.44 11.56
CA ASP F 150 18.84 66.31 10.57
C ASP F 150 18.59 65.76 9.16
N GLU F 151 17.65 66.38 8.44
CA GLU F 151 17.31 65.96 7.08
C GLU F 151 18.55 65.73 6.21
N GLU F 152 19.43 66.71 6.24
CA GLU F 152 20.69 66.69 5.49
C GLU F 152 21.51 65.41 5.64
N THR F 153 22.06 65.19 6.84
CA THR F 153 22.88 64.03 7.08
C THR F 153 22.15 62.70 6.92
N LEU F 154 20.82 62.73 6.99
CA LEU F 154 20.03 61.51 6.83
C LEU F 154 19.92 61.15 5.35
N LEU F 155 19.89 62.15 4.48
CA LEU F 155 19.82 61.92 3.04
C LEU F 155 21.16 61.40 2.56
N LYS F 156 22.22 61.78 3.26
CA LYS F 156 23.57 61.34 2.93
C LYS F 156 23.73 59.89 3.38
N ILE F 157 23.71 59.65 4.70
CA ILE F 157 23.84 58.29 5.24
C ILE F 157 23.16 57.27 4.31
N ALA F 158 21.89 57.50 4.02
CA ALA F 158 21.10 56.61 3.15
C ALA F 158 21.68 56.48 1.74
N ALA F 159 21.95 57.61 1.08
CA ALA F 159 22.50 57.58 -0.28
C ALA F 159 23.88 56.93 -0.36
N THR F 160 24.67 57.05 0.70
CA THR F 160 25.99 56.46 0.74
C THR F 160 25.86 54.95 0.74
N SER F 161 24.83 54.46 1.40
CA SER F 161 24.58 53.03 1.49
C SER F 161 24.11 52.45 0.16
N ILE F 162 23.20 53.16 -0.48
CA ILE F 162 22.66 52.77 -1.78
C ILE F 162 23.78 52.66 -2.82
N THR F 163 24.81 53.48 -2.64
CA THR F 163 25.98 53.45 -3.53
C THR F 163 26.92 52.47 -2.84
N GLY F 164 26.91 51.24 -3.32
CA GLY F 164 27.73 50.18 -2.74
C GLY F 164 27.08 48.94 -3.30
N LYS F 165 26.08 49.22 -4.13
CA LYS F 165 25.28 48.22 -4.79
C LYS F 165 24.95 48.60 -6.22
N ASN F 166 24.14 47.76 -6.86
CA ASN F 166 23.70 47.90 -8.25
C ASN F 166 22.77 49.11 -8.45
N ALA F 167 21.71 49.18 -7.63
CA ALA F 167 20.69 50.23 -7.67
C ALA F 167 21.18 51.70 -7.65
N GLU F 168 22.44 51.91 -7.29
CA GLU F 168 23.06 53.25 -7.22
C GLU F 168 22.80 54.17 -8.44
N SER F 169 22.14 53.63 -9.46
CA SER F 169 21.80 54.40 -10.66
C SER F 169 20.79 55.52 -10.32
N HIS F 170 20.07 55.33 -9.21
CA HIS F 170 19.09 56.29 -8.73
C HIS F 170 19.23 56.42 -7.22
N LYS F 171 20.47 56.54 -6.75
CA LYS F 171 20.72 56.67 -5.31
C LYS F 171 19.90 57.85 -4.81
N GLU F 172 19.63 58.76 -5.75
CA GLU F 172 18.86 59.97 -5.49
C GLU F 172 17.49 59.67 -4.90
N LEU F 173 16.58 59.26 -5.79
CA LEU F 173 15.20 58.91 -5.46
C LEU F 173 15.08 58.00 -4.24
N LEU F 174 15.81 56.90 -4.27
CA LEU F 174 15.79 55.90 -3.20
C LEU F 174 16.22 56.43 -1.83
N ALA F 175 17.19 57.34 -1.82
CA ALA F 175 17.68 57.92 -0.55
C ALA F 175 16.55 58.76 0.00
N LYS F 176 15.84 59.44 -0.89
CA LYS F 176 14.71 60.29 -0.53
C LYS F 176 13.61 59.46 0.14
N LEU F 177 13.11 58.45 -0.60
CA LEU F 177 12.05 57.57 -0.11
C LEU F 177 12.41 56.87 1.21
N ALA F 178 13.64 56.38 1.31
CA ALA F 178 14.06 55.68 2.49
C ALA F 178 14.06 56.56 3.72
N VAL F 179 14.41 57.83 3.55
CA VAL F 179 14.46 58.77 4.68
C VAL F 179 13.06 59.23 5.04
N GLU F 180 12.30 59.61 4.02
CA GLU F 180 10.94 60.06 4.21
C GLU F 180 10.13 58.96 4.90
N ALA F 181 10.32 57.73 4.43
CA ALA F 181 9.65 56.55 4.96
C ALA F 181 9.95 56.22 6.42
N VAL F 182 11.17 56.47 6.86
CA VAL F 182 11.53 56.17 8.25
C VAL F 182 11.10 57.28 9.20
N LYS F 183 11.05 58.50 8.70
CA LYS F 183 10.64 59.64 9.53
C LYS F 183 9.17 59.43 9.88
N GLN F 184 8.37 59.19 8.85
CA GLN F 184 6.95 58.98 9.03
C GLN F 184 6.59 57.95 10.10
N VAL F 185 7.23 56.78 10.05
CA VAL F 185 6.92 55.73 11.01
C VAL F 185 7.71 55.80 12.30
N ALA F 186 8.75 56.60 12.33
CA ALA F 186 9.57 56.73 13.53
C ALA F 186 8.70 57.10 14.73
N GLU F 187 9.22 56.91 15.94
CA GLU F 187 8.46 57.24 17.14
C GLU F 187 9.38 57.80 18.24
N LYS F 188 9.18 59.08 18.57
CA LYS F 188 9.97 59.75 19.60
C LYS F 188 9.08 60.40 20.66
N LYS F 189 8.97 59.77 21.83
CA LYS F 189 8.16 60.31 22.93
C LYS F 189 8.97 60.25 24.21
N ASP F 190 9.87 59.27 24.26
CA ASP F 190 10.74 58.98 25.38
C ASP F 190 11.96 59.91 25.44
N GLY F 191 12.08 60.76 24.42
CA GLY F 191 13.20 61.68 24.34
C GLY F 191 13.91 61.45 23.03
N LYS F 192 14.39 60.22 22.82
CA LYS F 192 15.08 59.84 21.59
C LYS F 192 14.20 58.93 20.73
N TYR F 193 14.43 58.94 19.42
CA TYR F 193 13.66 58.14 18.48
C TYR F 193 13.83 56.64 18.67
N VAL F 194 12.80 55.90 18.23
CA VAL F 194 12.82 54.44 18.28
C VAL F 194 12.08 54.03 17.03
N VAL F 195 12.78 53.39 16.11
CA VAL F 195 12.17 52.96 14.85
C VAL F 195 11.96 51.46 14.78
N ASP F 196 10.72 51.06 14.49
CA ASP F 196 10.35 49.66 14.35
C ASP F 196 10.18 49.51 12.85
N LEU F 197 11.24 49.05 12.19
CA LEU F 197 11.21 48.94 10.75
C LEU F 197 10.09 48.06 10.18
N ASP F 198 9.44 47.28 11.03
CA ASP F 198 8.34 46.43 10.57
C ASP F 198 7.18 47.26 10.08
N ASN F 199 7.19 48.54 10.43
CA ASN F 199 6.11 49.42 10.01
C ASN F 199 6.34 49.96 8.61
N ILE F 200 7.33 49.40 7.91
CA ILE F 200 7.62 49.79 6.53
C ILE F 200 7.55 48.53 5.68
N LYS F 201 6.57 48.47 4.80
CA LYS F 201 6.38 47.33 3.92
C LYS F 201 6.89 47.69 2.52
N PHE F 202 7.53 46.72 1.87
CA PHE F 202 8.05 46.92 0.52
C PHE F 202 7.16 46.20 -0.46
N GLU F 203 6.85 46.87 -1.56
CA GLU F 203 5.97 46.29 -2.56
C GLU F 203 6.69 46.27 -3.91
N LYS F 204 7.05 45.06 -4.35
CA LYS F 204 7.74 44.88 -5.62
C LYS F 204 6.80 44.49 -6.76
N LYS F 205 6.85 45.25 -7.83
CA LYS F 205 6.02 44.95 -9.00
C LYS F 205 6.77 45.31 -10.26
N ALA F 206 7.12 44.27 -11.02
CA ALA F 206 7.86 44.42 -12.25
C ALA F 206 7.17 45.34 -13.25
N GLY F 207 7.92 45.83 -14.23
CA GLY F 207 7.39 46.74 -15.24
C GLY F 207 7.81 48.14 -14.83
N GLU F 208 7.80 49.08 -15.75
CA GLU F 208 8.30 50.43 -15.49
C GLU F 208 9.85 50.55 -15.26
N GLY F 209 10.32 51.66 -14.73
CA GLY F 209 11.71 51.83 -14.41
C GLY F 209 11.74 51.95 -12.91
N VAL F 210 12.93 51.95 -12.31
CA VAL F 210 13.02 52.12 -10.87
C VAL F 210 12.66 53.57 -10.59
N GLU F 211 12.56 54.34 -11.67
CA GLU F 211 12.20 55.74 -11.59
C GLU F 211 10.80 55.94 -11.05
N GLU F 212 9.92 54.98 -11.33
CA GLU F 212 8.53 55.06 -10.91
C GLU F 212 8.33 54.62 -9.48
N SER F 213 9.40 54.21 -8.82
CA SER F 213 9.28 53.77 -7.44
C SER F 213 8.78 54.95 -6.63
N GLU F 214 8.02 54.64 -5.58
CA GLU F 214 7.41 55.68 -4.74
C GLU F 214 7.04 55.27 -3.33
N LEU F 215 6.78 56.30 -2.53
CA LEU F 215 6.36 56.13 -1.15
C LEU F 215 4.85 56.31 -1.16
N VAL F 216 4.16 55.42 -0.47
CA VAL F 216 2.71 55.48 -0.37
C VAL F 216 2.39 55.59 1.10
N ARG F 217 2.18 56.81 1.58
CA ARG F 217 1.85 57.07 2.98
C ARG F 217 0.52 56.38 3.31
N GLY F 218 0.62 55.06 3.45
CA GLY F 218 -0.52 54.21 3.73
C GLY F 218 -0.14 52.75 3.50
N VAL F 219 -0.90 52.02 2.69
CA VAL F 219 -0.60 50.62 2.44
C VAL F 219 -1.03 50.18 1.06
N VAL F 220 -0.30 49.24 0.46
CA VAL F 220 -0.67 48.70 -0.84
C VAL F 220 -0.90 47.22 -0.58
N ILE F 221 -2.07 46.73 -0.96
CA ILE F 221 -2.43 45.34 -0.75
C ILE F 221 -2.68 44.59 -2.04
N ASP F 222 -2.24 43.35 -2.04
CA ASP F 222 -2.41 42.49 -3.19
C ASP F 222 -3.68 41.68 -3.04
N LYS F 223 -4.81 42.35 -3.24
CA LYS F 223 -6.11 41.71 -3.15
C LYS F 223 -7.01 42.47 -4.10
N GLU F 224 -8.27 42.05 -4.19
CA GLU F 224 -9.23 42.73 -5.07
C GLU F 224 -10.52 43.08 -4.35
N VAL F 225 -11.38 43.80 -5.06
CA VAL F 225 -12.69 44.17 -4.54
C VAL F 225 -13.45 42.85 -4.71
N VAL F 226 -13.82 42.24 -3.59
CA VAL F 226 -14.49 40.94 -3.58
C VAL F 226 -15.81 40.79 -4.37
N HIS F 227 -16.33 41.86 -4.96
CA HIS F 227 -17.60 41.78 -5.70
C HIS F 227 -17.66 42.75 -6.88
N PRO F 228 -18.14 42.28 -8.04
CA PRO F 228 -18.27 43.08 -9.26
C PRO F 228 -18.99 44.40 -9.10
N ARG F 229 -20.02 44.40 -8.26
CA ARG F 229 -20.84 45.57 -8.04
C ARG F 229 -20.42 46.52 -6.93
N MET F 230 -19.26 46.29 -6.33
CA MET F 230 -18.81 47.18 -5.27
C MET F 230 -18.03 48.33 -5.88
N PRO F 231 -17.86 49.42 -5.12
CA PRO F 231 -17.14 50.61 -5.57
C PRO F 231 -15.67 50.26 -5.78
N LYS F 232 -15.09 50.71 -6.88
CA LYS F 232 -13.68 50.41 -7.14
C LYS F 232 -12.78 51.52 -6.59
N ARG F 233 -13.38 52.68 -6.32
CA ARG F 233 -12.67 53.83 -5.78
C ARG F 233 -13.56 54.50 -4.74
N VAL F 234 -12.95 54.94 -3.64
CA VAL F 234 -13.66 55.60 -2.58
C VAL F 234 -12.93 56.86 -2.19
N GLU F 235 -13.63 57.98 -2.12
CA GLU F 235 -13.01 59.22 -1.68
C GLU F 235 -12.76 59.11 -0.20
N ASN F 236 -12.71 60.26 0.48
CA ASN F 236 -12.54 60.25 1.93
C ASN F 236 -13.23 59.05 2.53
N ALA F 237 -12.47 57.95 2.68
CA ALA F 237 -12.97 56.69 3.19
C ALA F 237 -12.93 56.51 4.69
N LYS F 238 -14.00 55.93 5.20
CA LYS F 238 -14.13 55.53 6.60
C LYS F 238 -13.91 54.03 6.53
N ILE F 239 -12.74 53.61 6.99
CA ILE F 239 -12.32 52.23 6.90
C ILE F 239 -12.55 51.37 8.12
N ALA F 240 -13.13 50.19 7.89
CA ALA F 240 -13.42 49.24 8.95
C ALA F 240 -12.58 47.98 8.77
N LEU F 241 -11.90 47.58 9.84
CA LEU F 241 -11.06 46.39 9.83
C LEU F 241 -11.70 45.33 10.70
N ILE F 242 -12.32 44.35 10.06
CA ILE F 242 -13.00 43.27 10.77
C ILE F 242 -12.27 41.94 10.70
N ASN F 243 -11.97 41.37 11.85
CA ASN F 243 -11.30 40.08 11.89
C ASN F 243 -12.31 39.09 12.43
N GLU F 244 -13.30 38.82 11.60
CA GLU F 244 -14.38 37.90 11.91
C GLU F 244 -14.93 37.52 10.56
N ALA F 245 -15.40 36.29 10.43
CA ALA F 245 -15.91 35.86 9.15
C ALA F 245 -17.35 36.31 8.93
N LEU F 246 -17.57 36.90 7.77
CA LEU F 246 -18.88 37.36 7.39
C LEU F 246 -19.62 36.18 6.77
N GLU F 247 -19.89 35.18 7.60
CA GLU F 247 -20.58 33.99 7.15
C GLU F 247 -21.38 33.34 8.26
N VAL F 248 -22.41 32.60 7.88
CA VAL F 248 -23.30 31.92 8.81
C VAL F 248 -22.61 31.22 9.97
N LYS F 249 -22.69 31.77 11.17
CA LYS F 249 -22.04 31.14 12.31
C LYS F 249 -22.67 29.81 12.64
N LYS F 250 -21.96 28.96 13.38
CA LYS F 250 -22.45 27.65 13.77
C LYS F 250 -22.11 27.40 15.22
N THR F 251 -22.93 26.62 15.91
CA THR F 251 -22.67 26.35 17.31
C THR F 251 -21.44 25.50 17.49
N GLU F 252 -20.82 25.57 18.67
CA GLU F 252 -19.65 24.77 18.94
C GLU F 252 -20.14 23.37 19.17
N THR F 253 -21.38 23.25 19.63
CA THR F 253 -21.98 21.96 19.89
C THR F 253 -22.49 21.39 18.57
N ASP F 254 -22.10 20.16 18.26
CA ASP F 254 -22.53 19.52 17.02
C ASP F 254 -24.01 19.78 16.81
N ALA F 255 -24.39 20.22 15.62
CA ALA F 255 -25.79 20.50 15.37
C ALA F 255 -26.18 20.27 13.92
N LYS F 256 -27.40 19.80 13.70
CA LYS F 256 -27.89 19.57 12.34
C LYS F 256 -29.37 19.87 12.27
N ILE F 257 -29.80 20.34 11.10
CA ILE F 257 -31.19 20.68 10.88
C ILE F 257 -32.01 19.51 10.35
N ASN F 258 -33.26 19.42 10.81
CA ASN F 258 -34.20 18.37 10.43
C ASN F 258 -35.45 18.97 9.79
N ILE F 259 -35.44 19.14 8.48
CA ILE F 259 -36.60 19.69 7.80
C ILE F 259 -37.76 18.71 7.96
N THR F 260 -38.93 19.22 8.34
CA THR F 260 -40.10 18.39 8.56
C THR F 260 -41.22 18.68 7.58
N SER F 261 -41.25 19.89 7.02
CA SER F 261 -42.28 20.27 6.05
C SER F 261 -41.71 21.18 4.97
N PRO F 262 -42.28 21.13 3.75
CA PRO F 262 -41.87 21.92 2.59
C PRO F 262 -41.61 23.40 2.80
N ASP F 263 -42.43 24.03 3.63
CA ASP F 263 -42.28 25.45 3.92
C ASP F 263 -40.93 25.81 4.56
N GLN F 264 -40.33 24.88 5.30
CA GLN F 264 -39.06 25.10 5.98
C GLN F 264 -37.84 25.24 5.11
N LEU F 265 -37.86 24.69 3.90
CA LEU F 265 -36.70 24.81 3.04
C LEU F 265 -36.40 26.30 2.88
N MET F 266 -37.46 27.10 2.81
CA MET F 266 -37.36 28.53 2.64
C MET F 266 -37.08 29.31 3.91
N SER F 267 -37.89 29.08 4.94
CA SER F 267 -37.72 29.78 6.20
C SER F 267 -36.33 29.65 6.80
N PHE F 268 -35.66 28.53 6.53
CA PHE F 268 -34.30 28.30 7.04
C PHE F 268 -33.27 29.03 6.21
N LEU F 269 -33.45 29.05 4.89
CA LEU F 269 -32.52 29.75 4.03
C LEU F 269 -32.57 31.24 4.35
N GLU F 270 -33.74 31.70 4.77
CA GLU F 270 -33.93 33.10 5.10
C GLU F 270 -33.42 33.41 6.48
N GLN F 271 -33.54 32.47 7.39
CA GLN F 271 -33.05 32.70 8.73
C GLN F 271 -31.56 33.02 8.64
N GLU F 272 -30.90 32.44 7.63
CA GLU F 272 -29.47 32.67 7.44
C GLU F 272 -29.17 33.97 6.74
N GLU F 273 -29.93 34.32 5.70
CA GLU F 273 -29.67 35.58 5.01
C GLU F 273 -29.83 36.69 6.02
N LYS F 274 -30.72 36.47 6.98
CA LYS F 274 -30.98 37.47 8.01
C LYS F 274 -29.80 37.58 8.94
N MET F 275 -29.22 36.45 9.31
CA MET F 275 -28.06 36.49 10.19
C MET F 275 -26.93 37.19 9.47
N LEU F 276 -26.90 37.00 8.15
CA LEU F 276 -25.90 37.60 7.29
C LEU F 276 -26.14 39.10 7.12
N LYS F 277 -27.32 39.45 6.63
CA LYS F 277 -27.68 40.85 6.44
C LYS F 277 -27.55 41.66 7.72
N ASP F 278 -27.67 41.01 8.86
CA ASP F 278 -27.55 41.69 10.15
C ASP F 278 -26.11 42.05 10.48
N MET F 279 -25.18 41.23 10.04
CA MET F 279 -23.77 41.50 10.27
C MET F 279 -23.39 42.69 9.40
N VAL F 280 -23.74 42.62 8.12
CA VAL F 280 -23.45 43.71 7.19
C VAL F 280 -24.11 44.99 7.68
N ASP F 281 -25.26 44.84 8.33
CA ASP F 281 -26.00 45.98 8.86
C ASP F 281 -25.20 46.66 9.95
N HIS F 282 -24.69 45.89 10.90
CA HIS F 282 -23.89 46.45 11.98
C HIS F 282 -22.72 47.25 11.44
N ILE F 283 -22.33 46.95 10.20
CA ILE F 283 -21.21 47.63 9.56
C ILE F 283 -21.62 48.95 8.86
N ALA F 284 -22.63 48.89 7.99
CA ALA F 284 -23.07 50.10 7.28
C ALA F 284 -23.52 51.16 8.29
N GLN F 285 -23.99 50.72 9.46
CA GLN F 285 -24.45 51.63 10.50
C GLN F 285 -23.37 52.57 11.01
N THR F 286 -22.13 52.09 11.10
CA THR F 286 -21.03 52.92 11.58
C THR F 286 -20.63 53.94 10.51
N GLY F 287 -21.18 53.78 9.32
CA GLY F 287 -20.88 54.70 8.24
C GLY F 287 -19.69 54.33 7.38
N ALA F 288 -19.09 53.18 7.67
CA ALA F 288 -17.92 52.69 6.94
C ALA F 288 -18.23 52.36 5.48
N ASN F 289 -17.43 52.90 4.55
CA ASN F 289 -17.65 52.65 3.13
C ASN F 289 -16.58 51.73 2.53
N VAL F 290 -15.69 51.25 3.40
CA VAL F 290 -14.61 50.35 3.01
C VAL F 290 -14.33 49.40 4.17
N VAL F 291 -14.47 48.10 3.91
CA VAL F 291 -14.24 47.08 4.94
C VAL F 291 -13.16 46.11 4.50
N PHE F 292 -12.24 45.81 5.43
CA PHE F 292 -11.19 44.85 5.17
C PHE F 292 -11.44 43.71 6.13
N VAL F 293 -11.77 42.54 5.58
CA VAL F 293 -12.06 41.37 6.40
C VAL F 293 -10.91 40.38 6.32
N GLN F 294 -10.48 39.91 7.48
CA GLN F 294 -9.39 38.96 7.55
C GLN F 294 -9.85 37.57 7.15
N LYS F 295 -11.03 37.16 7.63
CA LYS F 295 -11.58 35.85 7.28
C LYS F 295 -12.38 35.95 5.98
N GLY F 296 -13.27 34.98 5.74
CA GLY F 296 -14.04 34.99 4.52
C GLY F 296 -15.31 35.81 4.48
N ILE F 297 -15.95 35.88 3.32
CA ILE F 297 -17.19 36.65 3.15
C ILE F 297 -18.20 35.91 2.29
N ASP F 298 -19.32 35.48 2.89
CA ASP F 298 -20.38 34.76 2.17
C ASP F 298 -20.80 35.54 0.94
N ASP F 299 -21.45 34.89 -0.01
CA ASP F 299 -21.87 35.59 -1.22
C ASP F 299 -23.03 36.54 -0.97
N LEU F 300 -23.84 36.24 0.04
CA LEU F 300 -24.95 37.12 0.37
C LEU F 300 -24.36 38.32 1.08
N ALA F 301 -23.56 38.05 2.11
CA ALA F 301 -22.93 39.13 2.85
C ALA F 301 -22.31 40.09 1.83
N GLN F 302 -21.77 39.53 0.75
CA GLN F 302 -21.16 40.31 -0.33
C GLN F 302 -22.18 41.12 -1.11
N HIS F 303 -23.37 40.56 -1.25
CA HIS F 303 -24.45 41.23 -1.98
C HIS F 303 -25.00 42.44 -1.22
N TYR F 304 -25.21 42.28 0.09
CA TYR F 304 -25.72 43.38 0.91
C TYR F 304 -24.67 44.49 1.01
N LEU F 305 -23.41 44.12 1.12
CA LEU F 305 -22.33 45.10 1.18
C LEU F 305 -22.33 45.86 -0.12
N ALA F 306 -22.48 45.14 -1.22
CA ALA F 306 -22.49 45.76 -2.54
C ALA F 306 -23.63 46.77 -2.62
N LYS F 307 -24.80 46.40 -2.09
CA LYS F 307 -25.97 47.29 -2.09
C LYS F 307 -25.75 48.57 -1.31
N TYR F 308 -25.18 48.46 -0.12
CA TYR F 308 -24.91 49.64 0.70
C TYR F 308 -23.80 50.49 0.10
N GLY F 309 -23.33 50.11 -1.08
CA GLY F 309 -22.25 50.86 -1.72
C GLY F 309 -20.92 50.77 -0.99
N ILE F 310 -20.72 49.71 -0.22
CA ILE F 310 -19.49 49.46 0.53
C ILE F 310 -18.49 48.66 -0.32
N MET F 311 -17.20 48.98 -0.19
CA MET F 311 -16.15 48.28 -0.91
C MET F 311 -15.50 47.34 0.08
N ALA F 312 -15.57 46.04 -0.22
CA ALA F 312 -15.00 45.04 0.67
C ALA F 312 -13.97 44.15 0.02
N VAL F 313 -13.10 43.59 0.86
CA VAL F 313 -12.04 42.70 0.43
C VAL F 313 -11.94 41.68 1.53
N ARG F 314 -11.83 40.41 1.15
CA ARG F 314 -11.74 39.34 2.13
C ARG F 314 -10.36 38.69 2.20
N ARG F 315 -10.20 37.75 3.13
CA ARG F 315 -8.94 37.03 3.32
C ARG F 315 -7.74 37.99 3.27
N VAL F 316 -7.75 38.98 4.14
CA VAL F 316 -6.65 39.94 4.19
C VAL F 316 -5.64 39.45 5.22
N LYS F 317 -4.39 39.34 4.79
CA LYS F 317 -3.30 38.85 5.63
C LYS F 317 -3.16 39.55 6.98
N LYS F 318 -3.16 38.77 8.06
CA LYS F 318 -3.03 39.31 9.41
C LYS F 318 -2.02 40.44 9.49
N SER F 319 -0.89 40.27 8.81
CA SER F 319 0.15 41.28 8.79
C SER F 319 -0.36 42.52 8.08
N ASP F 320 -1.18 42.31 7.04
CA ASP F 320 -1.75 43.44 6.29
C ASP F 320 -2.77 44.20 7.13
N MET F 321 -3.56 43.47 7.89
CA MET F 321 -4.56 44.09 8.74
C MET F 321 -3.88 45.08 9.65
N GLU F 322 -2.84 44.61 10.33
CA GLU F 322 -2.08 45.45 11.26
C GLU F 322 -1.46 46.69 10.65
N LYS F 323 -0.99 46.59 9.41
CA LYS F 323 -0.41 47.74 8.73
C LYS F 323 -1.50 48.76 8.47
N LEU F 324 -2.70 48.27 8.17
CA LEU F 324 -3.85 49.13 7.92
C LEU F 324 -4.31 49.79 9.23
N ALA F 325 -4.18 49.07 10.33
CA ALA F 325 -4.56 49.60 11.63
C ALA F 325 -3.72 50.85 11.82
N LYS F 326 -2.40 50.67 11.70
CA LYS F 326 -1.44 51.75 11.86
C LYS F 326 -1.48 52.80 10.77
N ALA F 327 -1.70 52.39 9.53
CA ALA F 327 -1.74 53.34 8.44
C ALA F 327 -2.95 54.28 8.43
N THR F 328 -4.12 53.75 8.81
CA THR F 328 -5.37 54.53 8.79
C THR F 328 -5.94 54.89 10.15
N GLY F 329 -5.33 54.41 11.22
CA GLY F 329 -5.83 54.73 12.54
C GLY F 329 -7.04 53.91 12.94
N ALA F 330 -7.53 53.08 12.02
CA ALA F 330 -8.69 52.24 12.29
C ALA F 330 -8.34 51.22 13.37
N LYS F 331 -9.35 50.55 13.93
CA LYS F 331 -9.09 49.54 14.95
C LYS F 331 -9.64 48.19 14.51
N ILE F 332 -8.86 47.14 14.77
CA ILE F 332 -9.26 45.80 14.40
C ILE F 332 -10.31 45.33 15.40
N VAL F 333 -11.45 44.90 14.86
CA VAL F 333 -12.55 44.42 15.67
C VAL F 333 -12.79 42.93 15.46
N THR F 334 -13.08 42.24 16.55
CA THR F 334 -13.35 40.80 16.53
C THR F 334 -14.84 40.46 16.51
N ASN F 335 -15.70 41.46 16.70
CA ASN F 335 -17.15 41.28 16.72
C ASN F 335 -17.84 42.48 16.04
N VAL F 336 -18.47 42.27 14.89
CA VAL F 336 -19.14 43.37 14.20
C VAL F 336 -20.21 44.03 15.06
N LYS F 337 -20.79 43.28 15.99
CA LYS F 337 -21.82 43.78 16.88
C LYS F 337 -21.36 44.97 17.70
N ASP F 338 -20.08 44.96 18.05
CA ASP F 338 -19.48 46.03 18.86
C ASP F 338 -18.64 47.01 18.06
N LEU F 339 -18.98 47.19 16.78
CA LEU F 339 -18.24 48.12 15.95
C LEU F 339 -18.86 49.49 16.04
N THR F 340 -18.12 50.45 16.60
CA THR F 340 -18.59 51.83 16.73
C THR F 340 -17.89 52.62 15.62
N PRO F 341 -18.34 53.86 15.34
CA PRO F 341 -17.66 54.61 14.27
C PRO F 341 -16.26 55.10 14.69
N GLU F 342 -15.96 54.92 15.98
CA GLU F 342 -14.67 55.31 16.56
C GLU F 342 -13.62 54.27 16.21
N ASP F 343 -14.09 53.14 15.67
CA ASP F 343 -13.24 52.04 15.26
C ASP F 343 -12.82 52.18 13.82
N LEU F 344 -13.49 53.05 13.09
CA LEU F 344 -13.16 53.28 11.69
C LEU F 344 -11.88 54.12 11.57
N GLY F 345 -11.23 54.03 10.41
CA GLY F 345 -10.01 54.78 10.17
C GLY F 345 -10.19 55.62 8.93
N TYR F 346 -9.23 56.50 8.64
CA TYR F 346 -9.36 57.37 7.48
C TYR F 346 -8.28 57.19 6.43
N ALA F 347 -8.67 57.37 5.18
CA ALA F 347 -7.78 57.28 4.04
C ALA F 347 -8.33 58.21 2.99
N GLU F 348 -7.48 59.11 2.51
CA GLU F 348 -7.89 60.08 1.51
C GLU F 348 -8.44 59.44 0.24
N VAL F 349 -7.90 58.26 -0.10
CA VAL F 349 -8.33 57.52 -1.28
C VAL F 349 -7.99 56.05 -1.11
N VAL F 350 -8.95 55.17 -1.42
CA VAL F 350 -8.75 53.72 -1.34
C VAL F 350 -9.24 53.23 -2.69
N GLU F 351 -8.32 52.74 -3.53
CA GLU F 351 -8.68 52.31 -4.87
C GLU F 351 -8.02 51.03 -5.37
N GLU F 352 -8.70 50.36 -6.30
CA GLU F 352 -8.21 49.12 -6.91
C GLU F 352 -7.63 49.44 -8.27
N ARG F 353 -6.32 49.41 -8.35
CA ARG F 353 -5.62 49.69 -9.59
C ARG F 353 -5.02 48.38 -10.12
N LYS F 354 -5.09 48.19 -11.42
CA LYS F 354 -4.56 46.99 -12.06
C LYS F 354 -3.12 47.31 -12.44
N LEU F 355 -2.22 47.14 -11.48
CA LEU F 355 -0.80 47.43 -11.67
C LEU F 355 -0.03 46.21 -12.19
N ALA F 356 0.39 46.28 -13.45
CA ALA F 356 1.16 45.21 -14.07
C ALA F 356 0.41 43.88 -14.12
N GLY F 357 -0.74 43.87 -14.79
CA GLY F 357 -1.53 42.65 -14.90
C GLY F 357 -2.33 42.30 -13.67
N GLU F 358 -1.75 42.56 -12.49
CA GLU F 358 -2.40 42.27 -11.20
C GLU F 358 -3.28 43.40 -10.71
N ASN F 359 -4.23 43.04 -9.85
CA ASN F 359 -5.10 44.03 -9.26
C ASN F 359 -4.61 44.18 -7.85
N MET F 360 -4.46 45.42 -7.41
CA MET F 360 -4.00 45.70 -6.06
C MET F 360 -4.85 46.83 -5.53
N ILE F 361 -4.91 46.94 -4.22
CA ILE F 361 -5.70 47.98 -3.60
C ILE F 361 -4.79 48.97 -2.89
N PHE F 362 -4.87 50.23 -3.32
CA PHE F 362 -4.06 51.28 -2.73
C PHE F 362 -4.81 52.08 -1.65
N VAL F 363 -4.33 52.00 -0.42
CA VAL F 363 -4.89 52.73 0.69
C VAL F 363 -3.92 53.87 0.94
N GLU F 364 -4.05 54.97 0.18
CA GLU F 364 -3.15 56.10 0.29
C GLU F 364 -3.76 57.34 0.93
N GLY F 365 -2.98 58.42 0.99
CA GLY F 365 -3.45 59.66 1.57
C GLY F 365 -3.84 59.59 3.03
N CYS F 366 -3.40 58.56 3.73
CA CYS F 366 -3.73 58.46 5.15
C CYS F 366 -3.37 59.71 5.90
N LYS F 367 -3.97 59.88 7.08
CA LYS F 367 -3.73 61.03 7.93
C LYS F 367 -2.26 61.09 8.30
N ASN F 368 -1.90 60.55 9.46
CA ASN F 368 -0.51 60.53 9.86
C ASN F 368 -0.12 59.07 10.07
N PRO F 369 0.10 58.32 8.97
CA PRO F 369 0.47 56.91 9.08
C PRO F 369 1.56 56.57 10.07
N LYS F 370 1.37 55.45 10.76
CA LYS F 370 2.34 54.96 11.74
C LYS F 370 3.00 53.74 11.10
N ALA F 371 2.68 53.57 9.82
CA ALA F 371 3.19 52.49 8.98
C ALA F 371 2.96 52.97 7.55
N VAL F 372 3.92 52.70 6.66
CA VAL F 372 3.84 53.13 5.29
C VAL F 372 4.42 52.08 4.34
N THR F 373 4.09 52.18 3.05
CA THR F 373 4.53 51.24 2.03
C THR F 373 5.37 51.86 0.91
N ILE F 374 6.48 51.22 0.56
CA ILE F 374 7.31 51.72 -0.54
C ILE F 374 7.11 50.78 -1.71
N LEU F 375 6.57 51.33 -2.79
CA LEU F 375 6.32 50.56 -3.99
C LEU F 375 7.56 50.63 -4.88
N ILE F 376 8.14 49.46 -5.18
CA ILE F 376 9.33 49.40 -6.04
C ILE F 376 8.94 48.97 -7.46
N ARG F 377 9.50 49.68 -8.44
CA ARG F 377 9.21 49.40 -9.84
C ARG F 377 10.54 49.13 -10.54
N GLY F 378 10.52 48.30 -11.59
CA GLY F 378 11.74 47.99 -12.31
C GLY F 378 11.49 47.01 -13.44
N GLY F 379 12.34 47.06 -14.47
CA GLY F 379 12.18 46.19 -15.63
C GLY F 379 12.18 44.68 -15.41
N THR F 380 13.05 44.21 -14.53
CA THR F 380 13.12 42.78 -14.27
C THR F 380 12.90 42.42 -12.82
N GLU F 381 12.86 41.12 -12.56
CA GLU F 381 12.66 40.58 -11.22
C GLU F 381 13.92 40.81 -10.39
N HIS F 382 15.06 40.88 -11.08
CA HIS F 382 16.33 41.08 -10.41
C HIS F 382 16.55 42.55 -10.03
N VAL F 383 16.26 43.46 -10.96
CA VAL F 383 16.40 44.89 -10.67
C VAL F 383 15.62 45.20 -9.41
N ILE F 384 14.41 44.66 -9.37
CA ILE F 384 13.51 44.83 -8.26
C ILE F 384 14.03 44.25 -6.94
N ASP F 385 14.33 42.97 -6.90
CA ASP F 385 14.82 42.35 -5.66
C ASP F 385 16.05 43.03 -5.11
N GLU F 386 16.92 43.52 -5.99
CA GLU F 386 18.16 44.19 -5.58
C GLU F 386 17.83 45.58 -5.04
N VAL F 387 16.96 46.31 -5.74
CA VAL F 387 16.56 47.64 -5.31
C VAL F 387 15.91 47.57 -3.94
N GLU F 388 15.18 46.49 -3.66
CA GLU F 388 14.55 46.34 -2.36
C GLU F 388 15.62 46.07 -1.31
N ARG F 389 16.65 45.33 -1.72
CA ARG F 389 17.76 45.01 -0.83
C ARG F 389 18.53 46.29 -0.52
N ALA F 390 18.58 47.21 -1.48
CA ALA F 390 19.26 48.48 -1.29
C ALA F 390 18.50 49.30 -0.24
N LEU F 391 17.20 49.44 -0.47
CA LEU F 391 16.32 50.18 0.42
C LEU F 391 16.29 49.63 1.83
N GLU F 392 16.45 48.31 1.97
CA GLU F 392 16.40 47.71 3.29
C GLU F 392 17.56 48.14 4.15
N ASP F 393 18.69 48.37 3.49
CA ASP F 393 19.89 48.83 4.19
C ASP F 393 19.73 50.34 4.38
N ALA F 394 19.34 51.03 3.31
CA ALA F 394 19.15 52.46 3.35
C ALA F 394 18.19 52.84 4.48
N VAL F 395 17.26 51.95 4.80
CA VAL F 395 16.30 52.20 5.85
C VAL F 395 16.85 51.86 7.23
N LYS F 396 17.61 50.78 7.30
CA LYS F 396 18.20 50.36 8.57
C LYS F 396 19.27 51.31 9.06
N VAL F 397 19.89 52.07 8.15
CA VAL F 397 20.93 53.03 8.52
C VAL F 397 20.29 54.34 8.94
N VAL F 398 19.33 54.81 8.16
CA VAL F 398 18.61 56.05 8.46
C VAL F 398 18.02 55.86 9.85
N LYS F 399 17.83 54.60 10.23
CA LYS F 399 17.30 54.25 11.54
C LYS F 399 18.39 54.33 12.61
N ASP F 400 19.59 53.87 12.26
CA ASP F 400 20.73 53.87 13.18
C ASP F 400 21.04 55.28 13.63
N VAL F 401 21.05 56.21 12.68
CA VAL F 401 21.35 57.59 12.98
C VAL F 401 20.29 58.21 13.86
N MET F 402 19.02 58.12 13.45
CA MET F 402 17.92 58.68 14.23
C MET F 402 17.89 58.20 15.68
N GLU F 403 18.36 56.98 15.91
CA GLU F 403 18.36 56.44 17.26
C GLU F 403 19.65 56.78 18.02
N ASP F 404 20.76 56.84 17.29
CA ASP F 404 22.08 57.12 17.86
C ASP F 404 22.52 58.58 17.82
N GLY F 405 22.26 59.23 16.70
CA GLY F 405 22.63 60.62 16.53
C GLY F 405 24.14 60.77 16.43
N ALA F 406 24.78 59.84 15.73
CA ALA F 406 26.23 59.83 15.53
C ALA F 406 26.61 59.23 14.17
N VAL F 407 27.45 59.92 13.41
CA VAL F 407 27.91 59.39 12.13
C VAL F 407 29.45 59.26 12.09
N LEU F 408 29.96 58.74 10.98
CA LEU F 408 31.39 58.55 10.73
C LEU F 408 31.64 58.68 9.24
N PRO F 409 32.87 59.00 8.85
CA PRO F 409 33.16 59.12 7.42
C PRO F 409 33.29 57.71 6.82
N ALA F 410 33.14 57.59 5.50
CA ALA F 410 33.27 56.29 4.84
C ALA F 410 34.67 56.08 4.24
N GLY F 411 34.76 55.24 3.21
CA GLY F 411 36.03 54.97 2.54
C GLY F 411 37.15 54.42 3.40
N GLY F 412 36.80 53.60 4.39
CA GLY F 412 37.81 53.01 5.26
C GLY F 412 38.45 53.98 6.23
N ALA F 413 38.05 55.24 6.13
CA ALA F 413 38.58 56.28 7.00
C ALA F 413 38.52 55.89 8.47
N PRO F 414 37.40 55.31 8.92
CA PRO F 414 37.30 54.91 10.33
C PRO F 414 38.25 53.79 10.71
N GLU F 415 38.43 52.85 9.79
CA GLU F 415 39.31 51.72 10.04
C GLU F 415 40.75 52.19 10.03
N ILE F 416 41.06 53.15 9.16
CA ILE F 416 42.39 53.74 9.05
C ILE F 416 42.77 54.37 10.37
N GLU F 417 41.85 55.16 10.91
CA GLU F 417 42.03 55.82 12.18
C GLU F 417 42.21 54.80 13.29
N LEU F 418 41.37 53.78 13.29
CA LEU F 418 41.45 52.73 14.30
C LEU F 418 42.78 51.99 14.18
N ALA F 419 43.27 51.87 12.95
CA ALA F 419 44.53 51.19 12.68
C ALA F 419 45.64 51.95 13.36
N ILE F 420 45.80 53.21 12.94
CA ILE F 420 46.81 54.10 13.47
C ILE F 420 46.75 54.20 14.99
N ARG F 421 45.60 54.58 15.51
CA ARG F 421 45.40 54.73 16.93
C ARG F 421 45.57 53.44 17.73
N LEU F 422 45.09 52.33 17.19
CA LEU F 422 45.19 51.06 17.91
C LEU F 422 46.63 50.61 18.05
N ASP F 423 47.46 51.08 17.12
CA ASP F 423 48.87 50.75 17.12
C ASP F 423 49.54 51.38 18.33
N GLU F 424 49.21 52.64 18.56
CA GLU F 424 49.73 53.40 19.69
C GLU F 424 49.36 52.62 20.95
N TYR F 425 48.09 52.25 21.03
CA TYR F 425 47.58 51.51 22.15
C TYR F 425 48.38 50.23 22.39
N ALA F 426 48.98 49.70 21.34
CA ALA F 426 49.77 48.47 21.46
C ALA F 426 50.98 48.70 22.36
N LYS F 427 51.69 49.79 22.09
CA LYS F 427 52.88 50.13 22.85
C LYS F 427 52.52 50.37 24.31
N GLN F 428 51.41 51.05 24.55
CA GLN F 428 50.97 51.31 25.91
C GLN F 428 50.78 50.01 26.68
N VAL F 429 50.40 48.96 25.96
CA VAL F 429 50.17 47.66 26.58
C VAL F 429 51.45 46.86 26.66
N GLY F 430 52.11 46.68 25.52
CA GLY F 430 53.36 45.94 25.47
C GLY F 430 53.32 44.44 25.67
N GLY F 431 54.47 43.80 25.46
CA GLY F 431 54.56 42.37 25.63
C GLY F 431 54.02 41.58 24.45
N LYS F 432 53.72 40.31 24.69
CA LYS F 432 53.19 39.47 23.63
C LYS F 432 51.87 40.08 23.13
N GLU F 433 51.02 40.46 24.08
CA GLU F 433 49.71 41.06 23.79
C GLU F 433 49.82 42.15 22.74
N ALA F 434 50.90 42.92 22.81
CA ALA F 434 51.13 44.01 21.89
C ALA F 434 51.22 43.55 20.44
N LEU F 435 51.81 42.38 20.22
CA LEU F 435 51.93 41.80 18.89
C LEU F 435 50.53 41.60 18.31
N ALA F 436 49.62 41.09 19.13
CA ALA F 436 48.24 40.86 18.74
C ALA F 436 47.49 42.16 18.46
N ILE F 437 47.59 43.12 19.38
CA ILE F 437 46.91 44.41 19.20
C ILE F 437 47.39 45.09 17.91
N GLU F 438 48.66 44.87 17.58
CA GLU F 438 49.25 45.45 16.39
C GLU F 438 48.72 44.76 15.16
N ASN F 439 48.59 43.45 15.24
CA ASN F 439 48.08 42.65 14.14
C ASN F 439 46.62 42.97 13.91
N PHE F 440 45.89 43.17 15.01
CA PHE F 440 44.47 43.50 14.99
C PHE F 440 44.32 44.82 14.26
N ALA F 441 45.16 45.77 14.63
CA ALA F 441 45.15 47.09 14.02
C ALA F 441 45.47 47.02 12.52
N ASP F 442 46.40 46.15 12.15
CA ASP F 442 46.79 45.99 10.75
C ASP F 442 45.64 45.37 9.98
N ALA F 443 45.03 44.36 10.59
CA ALA F 443 43.92 43.63 10.00
C ALA F 443 42.87 44.59 9.48
N LEU F 444 42.50 45.56 10.30
CA LEU F 444 41.48 46.55 9.94
C LEU F 444 41.75 47.30 8.65
N LYS F 445 42.85 47.01 7.98
CA LYS F 445 43.14 47.72 6.74
C LYS F 445 42.65 47.04 5.47
N ILE F 446 42.04 45.86 5.57
CA ILE F 446 41.56 45.21 4.36
C ILE F 446 40.45 46.03 3.75
N ILE F 447 39.81 46.87 4.56
CA ILE F 447 38.73 47.68 4.05
C ILE F 447 39.23 48.72 3.07
N PRO F 448 40.18 49.57 3.49
CA PRO F 448 40.71 50.57 2.55
C PRO F 448 41.41 49.78 1.45
N LYS F 449 42.09 48.73 1.88
CA LYS F 449 42.85 47.83 1.03
C LYS F 449 41.98 47.25 -0.08
N THR F 450 41.00 46.42 0.30
CA THR F 450 40.13 45.78 -0.69
C THR F 450 39.17 46.76 -1.38
N LEU F 451 38.96 47.92 -0.81
CA LEU F 451 38.09 48.94 -1.42
C LEU F 451 38.77 49.46 -2.68
N ALA F 452 40.06 49.77 -2.55
CA ALA F 452 40.85 50.28 -3.65
C ALA F 452 41.07 49.19 -4.69
N GLU F 453 41.23 47.96 -4.21
CA GLU F 453 41.45 46.82 -5.08
C GLU F 453 40.25 46.60 -6.00
N ASN F 454 39.08 46.41 -5.42
CA ASN F 454 37.87 46.20 -6.21
C ASN F 454 37.67 47.33 -7.19
N ALA F 455 38.22 48.50 -6.85
CA ALA F 455 38.10 49.66 -7.70
C ALA F 455 39.10 49.59 -8.86
N GLY F 456 40.11 48.74 -8.69
CA GLY F 456 41.14 48.57 -9.70
C GLY F 456 42.33 49.49 -9.50
N LEU F 457 42.55 49.90 -8.27
CA LEU F 457 43.64 50.81 -7.95
C LEU F 457 44.89 50.07 -7.49
N ASP F 458 45.99 50.80 -7.39
CA ASP F 458 47.25 50.21 -6.97
C ASP F 458 47.25 50.02 -5.47
N THR F 459 46.47 49.07 -5.00
CA THR F 459 46.40 48.77 -3.57
C THR F 459 47.61 49.30 -2.77
N VAL F 460 48.75 48.63 -2.88
CA VAL F 460 49.96 49.00 -2.16
C VAL F 460 50.25 50.49 -2.05
N GLU F 461 50.31 51.15 -3.19
CA GLU F 461 50.59 52.57 -3.28
C GLU F 461 49.48 53.46 -2.71
N MET F 462 48.24 53.14 -3.03
CA MET F 462 47.09 53.90 -2.56
C MET F 462 46.95 53.80 -1.03
N LEU F 463 47.18 52.62 -0.50
CA LEU F 463 47.08 52.43 0.94
C LEU F 463 48.13 53.26 1.66
N VAL F 464 49.09 53.78 0.92
CA VAL F 464 50.15 54.61 1.51
C VAL F 464 49.79 56.08 1.43
N LYS F 465 49.18 56.52 0.33
CA LYS F 465 48.78 57.92 0.19
C LYS F 465 47.70 58.22 1.22
N VAL F 466 46.83 57.23 1.43
CA VAL F 466 45.71 57.36 2.36
C VAL F 466 46.15 57.39 3.82
N ILE F 467 47.02 56.48 4.24
CA ILE F 467 47.46 56.50 5.62
C ILE F 467 48.25 57.77 5.89
N SER F 468 48.72 58.40 4.81
CA SER F 468 49.48 59.64 4.87
C SER F 468 48.53 60.78 5.14
N GLU F 469 47.75 61.14 4.12
CA GLU F 469 46.77 62.20 4.20
C GLU F 469 46.06 62.20 5.55
N HIS F 470 45.61 61.02 5.95
CA HIS F 470 44.89 60.84 7.20
C HIS F 470 45.71 61.32 8.41
N LYS F 471 46.98 60.98 8.44
CA LYS F 471 47.83 61.38 9.55
C LYS F 471 48.06 62.89 9.51
N ASN F 472 47.77 63.52 8.38
CA ASN F 472 47.97 64.96 8.26
C ASN F 472 46.67 65.72 8.35
N ARG F 473 45.81 65.49 7.37
CA ARG F 473 44.52 66.15 7.28
C ARG F 473 43.49 65.73 8.34
N GLY F 474 43.53 64.47 8.79
CA GLY F 474 42.59 64.04 9.83
C GLY F 474 41.57 62.93 9.62
N LEU F 475 40.85 62.61 10.70
CA LEU F 475 39.81 61.58 10.73
C LEU F 475 38.91 61.41 9.50
N GLY F 476 38.66 62.48 8.75
CA GLY F 476 37.78 62.35 7.61
C GLY F 476 38.43 61.94 6.30
N ILE F 477 39.66 61.43 6.36
CA ILE F 477 40.36 61.02 5.14
C ILE F 477 40.26 59.52 4.89
N GLY F 478 39.77 59.20 3.70
CA GLY F 478 39.63 57.81 3.30
C GLY F 478 39.79 57.73 1.79
N ILE F 479 39.42 56.59 1.23
CA ILE F 479 39.52 56.37 -0.19
C ILE F 479 38.18 56.65 -0.85
N ASP F 480 38.20 57.27 -2.02
CA ASP F 480 36.98 57.53 -2.75
C ASP F 480 37.11 56.78 -4.06
N VAL F 481 36.66 55.54 -4.08
CA VAL F 481 36.75 54.71 -5.29
C VAL F 481 36.28 55.39 -6.56
N PHE F 482 35.50 56.46 -6.42
CA PHE F 482 35.01 57.19 -7.58
C PHE F 482 36.03 58.21 -8.04
N GLU F 483 36.89 58.60 -7.10
CA GLU F 483 37.94 59.58 -7.34
C GLU F 483 39.28 58.92 -7.66
N GLY F 484 39.43 57.68 -7.21
CA GLY F 484 40.67 56.97 -7.45
C GLY F 484 41.80 57.55 -6.63
N LYS F 485 41.47 58.32 -5.61
CA LYS F 485 42.47 58.93 -4.75
C LYS F 485 41.92 59.19 -3.37
N PRO F 486 42.78 59.53 -2.39
CA PRO F 486 42.25 59.79 -1.05
C PRO F 486 41.50 61.12 -1.06
N ALA F 487 40.53 61.26 -0.17
CA ALA F 487 39.74 62.48 -0.10
C ALA F 487 39.16 62.64 1.30
N ASP F 488 38.62 63.82 1.58
CA ASP F 488 37.99 64.06 2.87
C ASP F 488 36.55 63.61 2.69
N MET F 489 36.24 62.49 3.33
CA MET F 489 34.91 61.89 3.25
C MET F 489 33.81 62.81 3.74
N LEU F 490 34.03 63.50 4.84
CA LEU F 490 33.03 64.43 5.36
C LEU F 490 32.74 65.50 4.30
N GLU F 491 33.78 66.14 3.79
CA GLU F 491 33.62 67.17 2.77
C GLU F 491 32.87 66.68 1.55
N LYS F 492 32.75 65.36 1.40
CA LYS F 492 32.08 64.79 0.24
C LYS F 492 30.69 64.27 0.55
N GLY F 493 30.35 64.19 1.82
CA GLY F 493 29.04 63.70 2.20
C GLY F 493 29.00 62.20 2.36
N ILE F 494 30.11 61.56 1.99
CA ILE F 494 30.22 60.12 2.08
C ILE F 494 30.41 59.67 3.53
N ILE F 495 29.29 59.34 4.16
CA ILE F 495 29.30 58.90 5.55
C ILE F 495 28.48 57.64 5.81
N GLU F 496 28.66 57.10 7.01
CA GLU F 496 27.96 55.90 7.43
C GLU F 496 27.72 55.94 8.93
N PRO F 497 26.73 55.17 9.41
CA PRO F 497 26.42 55.13 10.84
C PRO F 497 27.62 54.83 11.72
N LEU F 498 27.55 55.26 12.97
CA LEU F 498 28.60 54.99 13.93
C LEU F 498 28.35 53.57 14.45
N ARG F 499 27.12 53.09 14.23
CA ARG F 499 26.73 51.76 14.68
C ARG F 499 27.27 50.70 13.72
N VAL F 500 27.23 50.99 12.42
CA VAL F 500 27.75 50.06 11.43
C VAL F 500 29.18 49.62 11.83
N LYS F 501 30.06 50.59 12.08
CA LYS F 501 31.44 50.30 12.46
C LYS F 501 31.59 49.67 13.84
N LYS F 502 30.86 50.18 14.82
CA LYS F 502 30.95 49.62 16.18
C LYS F 502 30.55 48.15 16.18
N GLN F 503 29.53 47.81 15.41
CA GLN F 503 29.03 46.44 15.31
C GLN F 503 29.93 45.56 14.44
N ALA F 504 30.55 46.15 13.43
CA ALA F 504 31.45 45.40 12.56
C ALA F 504 32.58 44.87 13.42
N ILE F 505 33.19 45.73 14.21
CA ILE F 505 34.28 45.32 15.07
C ILE F 505 33.77 44.27 16.08
N LYS F 506 32.60 44.52 16.67
CA LYS F 506 32.03 43.59 17.65
C LYS F 506 31.92 42.20 17.07
N SER F 507 31.21 42.12 15.95
CA SER F 507 30.99 40.87 15.23
C SER F 507 32.31 40.18 14.83
N ALA F 508 33.09 40.85 14.00
CA ALA F 508 34.37 40.32 13.54
C ALA F 508 35.24 39.81 14.68
N SER F 509 35.51 40.66 15.65
CA SER F 509 36.35 40.29 16.77
C SER F 509 35.81 39.13 17.60
N GLU F 510 34.49 39.08 17.78
CA GLU F 510 33.89 38.01 18.56
C GLU F 510 34.05 36.70 17.82
N ALA F 511 33.75 36.74 16.52
CA ALA F 511 33.85 35.58 15.66
C ALA F 511 35.26 35.04 15.73
N ALA F 512 36.21 35.92 15.38
CA ALA F 512 37.64 35.63 15.36
C ALA F 512 38.12 34.95 16.64
N ILE F 513 37.74 35.50 17.78
CA ILE F 513 38.12 34.94 19.06
C ILE F 513 37.47 33.59 19.31
N MET F 514 36.26 33.41 18.81
CA MET F 514 35.55 32.15 19.00
C MET F 514 36.34 31.04 18.35
N ILE F 515 36.72 31.28 17.10
CA ILE F 515 37.51 30.33 16.34
C ILE F 515 38.85 30.10 17.06
N LEU F 516 39.55 31.19 17.38
CA LEU F 516 40.83 31.10 18.07
C LEU F 516 40.77 30.37 19.40
N ARG F 517 39.58 30.17 19.93
CA ARG F 517 39.42 29.46 21.20
C ARG F 517 39.23 27.95 21.01
N ILE F 518 38.82 27.56 19.81
CA ILE F 518 38.58 26.15 19.49
C ILE F 518 39.85 25.37 19.13
N ASP F 519 40.19 24.43 20.00
CA ASP F 519 41.37 23.60 19.83
C ASP F 519 41.04 22.15 19.51
N ASP F 520 39.78 21.88 19.17
CA ASP F 520 39.35 20.51 18.89
C ASP F 520 38.02 20.53 18.15
N VAL F 521 37.97 19.91 16.98
CA VAL F 521 36.73 19.84 16.21
C VAL F 521 36.38 18.36 16.03
N ILE F 522 35.18 17.97 16.40
CA ILE F 522 34.76 16.57 16.28
C ILE F 522 33.44 16.46 15.52
N ALA F 523 33.53 16.24 14.21
CA ALA F 523 32.36 16.11 13.35
C ALA F 523 32.19 14.68 12.80
N ALA F 524 30.93 14.31 12.57
CA ALA F 524 30.60 12.98 12.03
C ALA F 524 30.63 13.00 10.48
N LYS F 525 30.81 14.20 9.89
CA LYS F 525 30.90 14.46 8.43
C LYS F 525 31.30 15.96 8.11
N ALA F 526 31.97 16.23 6.96
CA ALA F 526 32.39 17.62 6.55
C ALA F 526 33.25 17.76 5.24
N VAL G 10 33.34 19.29 4.58
CA VAL G 10 34.29 19.36 3.49
C VAL G 10 34.64 20.84 3.23
N ILE G 11 33.77 21.47 2.48
CA ILE G 11 33.71 22.93 2.51
C ILE G 11 32.45 23.36 1.80
N LEU G 12 32.34 22.92 0.53
CA LEU G 12 31.24 23.19 -0.41
C LEU G 12 30.64 21.87 -0.81
N PRO G 13 29.41 21.84 -1.30
CA PRO G 13 28.80 20.54 -1.61
C PRO G 13 29.52 19.95 -2.83
N GLU G 14 29.58 18.62 -2.90
CA GLU G 14 30.23 17.96 -4.05
C GLU G 14 29.36 18.21 -5.31
N GLY G 15 29.94 18.00 -6.50
CA GLY G 15 29.22 18.20 -7.74
C GLY G 15 28.65 19.62 -7.82
N THR G 16 29.39 20.58 -7.26
CA THR G 16 29.02 21.99 -7.25
C THR G 16 30.18 22.73 -7.95
N GLN G 17 29.90 23.33 -9.11
CA GLN G 17 30.93 24.05 -9.87
C GLN G 17 31.02 25.53 -9.50
N ARG G 18 32.16 26.13 -9.83
CA ARG G 18 32.40 27.54 -9.55
C ARG G 18 33.43 28.13 -10.53
N TYR G 19 33.23 29.38 -10.92
CA TYR G 19 34.15 30.06 -11.83
C TYR G 19 34.45 31.43 -11.27
N VAL G 20 35.58 32.02 -11.67
CA VAL G 20 35.92 33.34 -11.18
C VAL G 20 36.62 34.17 -12.26
N GLY G 21 36.58 35.49 -12.07
CA GLY G 21 37.21 36.42 -12.99
C GLY G 21 37.05 36.07 -14.45
N ARG G 22 38.16 35.75 -15.09
CA ARG G 22 38.20 35.39 -16.49
C ARG G 22 37.13 34.36 -16.80
N ASP G 23 37.30 33.18 -16.22
CA ASP G 23 36.37 32.08 -16.43
C ASP G 23 34.96 32.55 -16.40
N ALA G 24 34.49 32.88 -15.19
CA ALA G 24 33.13 33.35 -14.97
C ALA G 24 32.65 34.27 -16.10
N GLN G 25 33.29 35.42 -16.25
CA GLN G 25 32.90 36.36 -17.28
C GLN G 25 32.94 35.82 -18.72
N ARG G 26 34.01 35.12 -19.05
CA ARG G 26 34.18 34.53 -20.40
C ARG G 26 33.09 33.52 -20.77
N LEU G 27 32.71 32.68 -19.82
CA LEU G 27 31.68 31.68 -20.04
C LEU G 27 30.32 32.36 -20.19
N ASN G 28 29.97 33.19 -19.21
CA ASN G 28 28.70 33.91 -19.25
C ASN G 28 28.54 34.65 -20.56
N ILE G 29 29.58 35.35 -21.00
CA ILE G 29 29.48 36.07 -22.26
C ILE G 29 29.33 35.10 -23.44
N LEU G 30 29.91 33.91 -23.33
CA LEU G 30 29.79 32.94 -24.42
C LEU G 30 28.37 32.43 -24.47
N ALA G 31 27.87 31.97 -23.33
CA ALA G 31 26.51 31.45 -23.23
C ALA G 31 25.52 32.47 -23.78
N ALA G 32 25.67 33.70 -23.32
CA ALA G 32 24.82 34.79 -23.74
C ALA G 32 24.88 34.98 -25.25
N ARG G 33 26.10 35.03 -25.80
CA ARG G 33 26.28 35.20 -27.22
C ARG G 33 25.69 34.05 -28.04
N ILE G 34 25.81 32.84 -27.52
CA ILE G 34 25.29 31.66 -28.20
C ILE G 34 23.79 31.80 -28.47
N ILE G 35 23.02 31.99 -27.40
CA ILE G 35 21.57 32.19 -27.51
C ILE G 35 21.22 33.31 -28.49
N ALA G 36 21.99 34.40 -28.42
CA ALA G 36 21.77 35.53 -29.29
C ALA G 36 21.96 35.12 -30.75
N GLU G 37 23.05 34.41 -31.06
CA GLU G 37 23.32 33.98 -32.45
C GLU G 37 22.30 32.96 -32.93
N THR G 38 21.62 32.34 -31.96
CA THR G 38 20.60 31.35 -32.26
C THR G 38 19.36 32.05 -32.86
N VAL G 39 18.89 33.09 -32.19
CA VAL G 39 17.71 33.84 -32.62
C VAL G 39 17.93 34.83 -33.77
N ARG G 40 19.14 35.34 -33.93
CA ARG G 40 19.42 36.33 -34.96
C ARG G 40 19.11 35.91 -36.39
N THR G 41 18.97 34.62 -36.62
CA THR G 41 18.68 34.12 -37.96
C THR G 41 17.22 34.36 -38.32
N THR G 42 16.44 34.83 -37.36
CA THR G 42 15.00 35.08 -37.54
C THR G 42 14.63 36.56 -37.64
N LEU G 43 15.64 37.42 -37.51
CA LEU G 43 15.42 38.87 -37.53
C LEU G 43 15.04 39.49 -38.87
N GLY G 44 13.93 40.24 -38.83
CA GLY G 44 13.43 40.93 -40.00
C GLY G 44 12.51 40.13 -40.88
N PRO G 45 12.04 40.74 -41.97
CA PRO G 45 11.14 40.12 -42.94
C PRO G 45 11.68 38.83 -43.55
N LYS G 46 12.99 38.78 -43.78
CA LYS G 46 13.62 37.61 -44.37
C LYS G 46 14.13 36.58 -43.37
N GLY G 47 13.98 36.88 -42.07
CA GLY G 47 14.42 35.95 -41.06
C GLY G 47 13.79 34.59 -41.26
N MET G 48 14.49 33.54 -40.85
CA MET G 48 14.02 32.17 -41.00
C MET G 48 13.27 31.72 -39.75
N ASP G 49 12.62 30.55 -39.84
CA ASP G 49 11.88 29.99 -38.72
C ASP G 49 12.66 28.83 -38.10
N LYS G 50 12.20 28.39 -36.93
CA LYS G 50 12.82 27.29 -36.23
C LYS G 50 11.80 26.21 -35.92
N MET G 51 12.22 24.96 -35.85
CA MET G 51 11.32 23.86 -35.51
C MET G 51 11.73 23.34 -34.14
N LEU G 52 10.82 23.47 -33.19
CA LEU G 52 11.07 23.05 -31.81
C LEU G 52 10.25 21.82 -31.41
N VAL G 53 10.94 20.71 -31.16
CA VAL G 53 10.29 19.47 -30.75
C VAL G 53 10.52 19.24 -29.27
N ASP G 54 9.49 19.43 -28.46
CA ASP G 54 9.64 19.21 -27.02
C ASP G 54 9.62 17.72 -26.69
N SER G 55 10.10 17.38 -25.50
CA SER G 55 10.20 16.00 -24.98
C SER G 55 8.99 15.06 -25.22
N LEU G 56 7.81 15.65 -25.36
CA LEU G 56 6.57 14.88 -25.58
C LEU G 56 6.19 14.88 -27.07
N GLY G 57 7.18 15.08 -27.93
CA GLY G 57 6.94 15.08 -29.37
C GLY G 57 6.26 16.32 -29.94
N ASP G 58 5.55 17.09 -29.11
CA ASP G 58 4.88 18.27 -29.52
C ASP G 58 5.77 19.16 -30.36
N ILE G 59 5.26 19.61 -31.53
CA ILE G 59 6.02 20.44 -32.47
C ILE G 59 5.56 21.91 -32.55
N VAL G 60 6.49 22.84 -32.35
CA VAL G 60 6.21 24.27 -32.43
C VAL G 60 7.08 24.90 -33.53
N VAL G 61 6.48 25.33 -34.63
CA VAL G 61 7.25 25.95 -35.71
C VAL G 61 6.99 27.45 -35.65
N THR G 62 8.01 28.25 -35.29
CA THR G 62 7.81 29.70 -35.16
C THR G 62 8.98 30.62 -35.51
N ASN G 63 8.69 31.91 -35.60
CA ASN G 63 9.67 32.94 -35.89
C ASN G 63 9.87 33.80 -34.65
N ASP G 64 8.88 33.77 -33.75
CA ASP G 64 8.92 34.56 -32.53
C ASP G 64 10.04 34.19 -31.57
N CYS G 65 10.79 35.20 -31.15
CA CYS G 65 11.92 35.06 -30.25
C CYS G 65 11.46 34.63 -28.86
N ALA G 66 10.44 35.31 -28.37
CA ALA G 66 9.89 35.02 -27.06
C ALA G 66 9.55 33.53 -26.92
N THR G 67 8.89 32.97 -27.93
CA THR G 67 8.49 31.56 -27.95
C THR G 67 9.69 30.62 -27.98
N ILE G 68 10.66 30.92 -28.85
CA ILE G 68 11.84 30.10 -29.00
C ILE G 68 12.68 30.03 -27.74
N LEU G 69 12.93 31.18 -27.12
CA LEU G 69 13.73 31.18 -25.88
C LEU G 69 12.98 30.49 -24.76
N ASP G 70 11.66 30.59 -24.81
CA ASP G 70 10.81 30.00 -23.80
C ASP G 70 10.60 28.47 -23.96
N LYS G 71 10.48 28.01 -25.22
CA LYS G 71 10.29 26.59 -25.51
C LYS G 71 11.60 25.82 -25.33
N ILE G 72 12.70 26.40 -25.79
CA ILE G 72 13.99 25.75 -25.65
C ILE G 72 14.34 25.67 -24.17
N ASP G 73 14.87 24.51 -23.78
CA ASP G 73 15.26 24.29 -22.40
C ASP G 73 16.70 24.75 -22.22
N LEU G 74 16.88 26.00 -21.82
CA LEU G 74 18.23 26.49 -21.63
C LEU G 74 18.73 26.02 -20.27
N GLN G 75 19.99 25.61 -20.21
CA GLN G 75 20.54 25.12 -18.95
C GLN G 75 21.49 26.13 -18.29
N HIS G 76 22.33 26.77 -19.10
CA HIS G 76 23.28 27.74 -18.58
C HIS G 76 22.60 28.98 -18.06
N PRO G 77 22.93 29.36 -16.81
CA PRO G 77 22.38 30.54 -16.12
C PRO G 77 22.38 31.81 -16.97
N ALA G 78 23.55 32.17 -17.49
CA ALA G 78 23.67 33.38 -18.29
C ALA G 78 22.77 33.39 -19.53
N ALA G 79 22.46 32.22 -20.08
CA ALA G 79 21.60 32.16 -21.26
C ALA G 79 20.15 32.32 -20.84
N LYS G 80 19.83 31.86 -19.63
CA LYS G 80 18.48 31.98 -19.09
C LYS G 80 18.14 33.45 -18.89
N MET G 81 19.16 34.27 -18.62
CA MET G 81 18.94 35.70 -18.41
C MET G 81 18.63 36.40 -19.72
N MET G 82 19.00 35.79 -20.83
CA MET G 82 18.73 36.37 -22.14
C MET G 82 17.26 36.20 -22.46
N VAL G 83 16.61 35.33 -21.69
CA VAL G 83 15.18 35.05 -21.82
C VAL G 83 14.45 36.23 -21.19
N GLU G 84 14.88 36.64 -20.00
CA GLU G 84 14.29 37.78 -19.31
C GLU G 84 14.29 39.02 -20.21
N VAL G 85 15.30 39.13 -21.06
CA VAL G 85 15.39 40.26 -21.98
C VAL G 85 14.20 40.31 -22.93
N ALA G 86 13.94 39.22 -23.64
CA ALA G 86 12.82 39.21 -24.56
C ALA G 86 11.52 39.29 -23.76
N LYS G 87 11.55 38.76 -22.55
CA LYS G 87 10.40 38.74 -21.62
C LYS G 87 10.01 40.17 -21.28
N THR G 88 11.01 40.95 -20.86
CA THR G 88 10.79 42.34 -20.50
C THR G 88 10.40 43.15 -21.74
N GLN G 89 11.11 42.93 -22.84
CA GLN G 89 10.85 43.63 -24.08
C GLN G 89 9.43 43.39 -24.60
N ASP G 90 8.98 42.13 -24.54
CA ASP G 90 7.65 41.73 -25.02
C ASP G 90 6.57 42.33 -24.14
N LYS G 91 6.89 42.48 -22.86
CA LYS G 91 5.94 43.02 -21.91
C LYS G 91 5.83 44.55 -21.93
N GLU G 92 6.85 45.24 -22.44
CA GLU G 92 6.83 46.71 -22.44
C GLU G 92 6.58 47.37 -23.81
N ALA G 93 7.07 46.76 -24.88
CA ALA G 93 6.89 47.31 -26.21
C ALA G 93 6.22 46.28 -27.10
N GLY G 94 6.18 45.04 -26.60
CA GLY G 94 5.55 43.95 -27.32
C GLY G 94 6.21 43.48 -28.60
N ASP G 95 7.13 44.28 -29.14
CA ASP G 95 7.83 43.91 -30.37
C ASP G 95 9.32 44.12 -30.20
N GLY G 96 10.08 43.65 -31.20
CA GLY G 96 11.53 43.74 -31.20
C GLY G 96 12.17 42.86 -30.13
N THR G 97 11.58 41.69 -29.85
CA THR G 97 12.16 40.81 -28.84
C THR G 97 13.50 40.27 -29.34
N THR G 98 13.57 40.01 -30.65
CA THR G 98 14.80 39.51 -31.26
C THR G 98 15.84 40.62 -31.20
N THR G 99 15.46 41.79 -31.71
CA THR G 99 16.30 42.98 -31.71
C THR G 99 17.01 43.21 -30.38
N ALA G 100 16.27 43.05 -29.29
CA ALA G 100 16.82 43.26 -27.95
C ALA G 100 17.82 42.20 -27.53
N VAL G 101 17.54 40.94 -27.85
CA VAL G 101 18.45 39.87 -27.49
C VAL G 101 19.71 39.92 -28.35
N VAL G 102 19.54 40.10 -29.66
CA VAL G 102 20.69 40.21 -30.56
C VAL G 102 21.66 41.32 -30.08
N ILE G 103 21.15 42.53 -29.88
CA ILE G 103 21.95 43.66 -29.43
C ILE G 103 22.61 43.46 -28.07
N ALA G 104 21.99 42.62 -27.24
CA ALA G 104 22.51 42.37 -25.89
C ALA G 104 23.71 41.41 -25.92
N GLY G 105 23.74 40.53 -26.91
CA GLY G 105 24.83 39.59 -27.03
C GLY G 105 25.99 40.30 -27.70
N GLU G 106 25.66 41.08 -28.72
CA GLU G 106 26.66 41.83 -29.47
C GLU G 106 27.34 42.81 -28.52
N LEU G 107 26.55 43.32 -27.58
CA LEU G 107 27.03 44.24 -26.59
C LEU G 107 28.01 43.50 -25.72
N LEU G 108 27.68 42.28 -25.34
CA LEU G 108 28.56 41.47 -24.51
C LEU G 108 29.81 41.00 -25.25
N ARG G 109 29.75 40.97 -26.58
CA ARG G 109 30.90 40.55 -27.36
C ARG G 109 31.93 41.68 -27.38
N LYS G 110 31.55 42.80 -27.98
CA LYS G 110 32.43 43.96 -28.07
C LYS G 110 32.93 44.33 -26.67
N ALA G 111 32.19 43.92 -25.65
CA ALA G 111 32.54 44.20 -24.26
C ALA G 111 33.67 43.29 -23.76
N GLU G 112 33.75 42.08 -24.30
CA GLU G 112 34.80 41.16 -23.89
C GLU G 112 36.11 41.63 -24.54
N GLU G 113 36.00 42.18 -25.74
CA GLU G 113 37.17 42.68 -26.44
C GLU G 113 37.90 43.66 -25.52
N LEU G 114 37.13 44.56 -24.92
CA LEU G 114 37.68 45.55 -24.01
C LEU G 114 38.22 44.89 -22.76
N LEU G 115 37.64 43.76 -22.37
CA LEU G 115 38.10 43.04 -21.20
C LEU G 115 39.45 42.39 -21.49
N ASP G 116 39.59 41.83 -22.69
CA ASP G 116 40.82 41.17 -23.11
C ASP G 116 41.93 42.20 -23.12
N GLN G 117 41.56 43.41 -23.55
CA GLN G 117 42.47 44.54 -23.63
C GLN G 117 42.92 45.03 -22.26
N ASN G 118 42.46 44.31 -21.23
CA ASN G 118 42.80 44.59 -19.84
C ASN G 118 42.10 45.76 -19.19
N ILE G 119 41.05 46.27 -19.84
CA ILE G 119 40.28 47.37 -19.28
C ILE G 119 39.42 46.82 -18.15
N HIS G 120 39.55 47.42 -16.96
CA HIS G 120 38.80 46.98 -15.78
C HIS G 120 37.30 46.95 -16.07
N PRO G 121 36.62 45.87 -15.64
CA PRO G 121 35.17 45.76 -15.88
C PRO G 121 34.43 47.06 -15.52
N SER G 122 34.86 47.71 -14.45
CA SER G 122 34.29 48.97 -13.97
C SER G 122 34.18 50.01 -15.08
N ILE G 123 35.26 50.18 -15.84
CA ILE G 123 35.31 51.14 -16.94
C ILE G 123 34.29 50.83 -18.04
N ILE G 124 34.10 49.54 -18.32
CA ILE G 124 33.17 49.12 -19.38
C ILE G 124 31.72 49.34 -18.93
N ILE G 125 31.43 48.91 -17.71
CA ILE G 125 30.10 49.10 -17.14
C ILE G 125 29.70 50.58 -17.21
N LYS G 126 30.56 51.42 -16.65
CA LYS G 126 30.34 52.87 -16.66
C LYS G 126 30.18 53.50 -18.05
N GLY G 127 31.07 53.19 -18.97
CA GLY G 127 30.98 53.75 -20.30
C GLY G 127 29.76 53.23 -21.02
N TYR G 128 29.30 52.04 -20.63
CA TYR G 128 28.12 51.42 -21.24
C TYR G 128 26.85 52.07 -20.73
N ALA G 129 26.85 52.37 -19.43
CA ALA G 129 25.72 53.02 -18.79
C ALA G 129 25.52 54.41 -19.41
N LEU G 130 26.63 55.07 -19.74
CA LEU G 130 26.61 56.39 -20.35
C LEU G 130 26.14 56.30 -21.78
N ALA G 131 26.62 55.29 -22.48
CA ALA G 131 26.26 55.07 -23.87
C ALA G 131 24.76 54.74 -23.96
N ALA G 132 24.23 54.11 -22.90
CA ALA G 132 22.83 53.73 -22.81
C ALA G 132 21.98 54.95 -22.47
N GLU G 133 22.38 55.70 -21.45
CA GLU G 133 21.67 56.90 -21.05
C GLU G 133 21.58 57.87 -22.22
N LYS G 134 22.71 58.05 -22.89
CA LYS G 134 22.80 58.95 -24.03
C LYS G 134 22.00 58.40 -25.21
N ALA G 135 21.85 57.09 -25.26
CA ALA G 135 21.14 56.43 -26.34
C ALA G 135 19.65 56.77 -26.35
N GLN G 136 19.05 56.76 -25.16
CA GLN G 136 17.62 57.10 -24.98
C GLN G 136 17.42 58.50 -25.48
N GLU G 137 18.26 59.37 -24.96
CA GLU G 137 18.31 60.78 -25.26
C GLU G 137 18.26 61.03 -26.77
N ILE G 138 19.13 60.37 -27.52
CA ILE G 138 19.18 60.52 -28.96
C ILE G 138 17.88 60.06 -29.62
N LEU G 139 17.26 59.03 -29.04
CA LEU G 139 16.01 58.45 -29.53
C LEU G 139 14.79 59.36 -29.31
N ASP G 140 14.60 59.76 -28.05
CA ASP G 140 13.51 60.65 -27.67
C ASP G 140 13.56 61.85 -28.60
N GLU G 141 14.79 62.28 -28.88
CA GLU G 141 15.02 63.42 -29.75
C GLU G 141 14.68 63.13 -31.22
N ILE G 142 15.46 62.28 -31.86
CA ILE G 142 15.25 61.94 -33.27
C ILE G 142 13.84 61.39 -33.58
N ALA G 143 13.16 60.92 -32.53
CA ALA G 143 11.83 60.35 -32.64
C ALA G 143 10.84 61.20 -33.45
N ILE G 144 10.25 60.60 -34.47
CA ILE G 144 9.27 61.28 -35.32
C ILE G 144 7.89 61.36 -34.67
N ARG G 145 7.63 62.42 -33.90
CA ARG G 145 6.34 62.63 -33.22
C ARG G 145 5.14 62.62 -34.17
N VAL G 146 4.21 61.69 -33.92
CA VAL G 146 3.02 61.54 -34.75
C VAL G 146 1.74 61.79 -33.93
N ASP G 147 0.59 61.88 -34.61
CA ASP G 147 -0.68 62.12 -33.94
C ASP G 147 -1.22 60.86 -33.29
N PRO G 148 -1.26 60.84 -31.94
CA PRO G 148 -1.73 59.73 -31.10
C PRO G 148 -2.74 58.77 -31.71
N ASP G 149 -3.50 59.21 -32.70
CA ASP G 149 -4.49 58.35 -33.32
C ASP G 149 -4.49 58.45 -34.83
N ASP G 150 -3.41 58.96 -35.40
CA ASP G 150 -3.31 59.07 -36.83
C ASP G 150 -3.58 57.69 -37.46
N GLU G 151 -4.70 57.57 -38.16
CA GLU G 151 -5.11 56.32 -38.80
C GLU G 151 -4.05 55.78 -39.76
N GLU G 152 -3.48 56.70 -40.52
CA GLU G 152 -2.45 56.41 -41.49
C GLU G 152 -1.30 55.61 -40.88
N THR G 153 -0.50 56.30 -40.09
CA THR G 153 0.66 55.71 -39.43
C THR G 153 0.33 54.48 -38.59
N LEU G 154 -0.83 54.45 -37.94
CA LEU G 154 -1.19 53.31 -37.12
C LEU G 154 -1.34 52.04 -37.95
N LEU G 155 -1.71 52.20 -39.22
CA LEU G 155 -1.85 51.07 -40.14
C LEU G 155 -0.46 50.63 -40.59
N LYS G 156 0.44 51.59 -40.73
CA LYS G 156 1.82 51.32 -41.13
C LYS G 156 2.52 50.54 -40.02
N ILE G 157 2.60 51.13 -38.83
CA ILE G 157 3.23 50.50 -37.67
C ILE G 157 2.85 49.02 -37.54
N ALA G 158 1.57 48.73 -37.80
CA ALA G 158 1.06 47.37 -37.71
C ALA G 158 1.49 46.47 -38.87
N ALA G 159 1.36 46.96 -40.09
CA ALA G 159 1.75 46.18 -41.27
C ALA G 159 3.25 45.89 -41.26
N THR G 160 4.01 46.87 -40.78
CA THR G 160 5.47 46.75 -40.68
C THR G 160 5.84 45.67 -39.67
N SER G 161 5.10 45.57 -38.58
CA SER G 161 5.35 44.57 -37.55
C SER G 161 5.10 43.14 -38.04
N ILE G 162 3.98 42.96 -38.74
CA ILE G 162 3.59 41.65 -39.28
C ILE G 162 4.58 41.19 -40.33
N THR G 163 5.20 42.15 -41.00
CA THR G 163 6.22 41.82 -41.99
C THR G 163 7.47 41.63 -41.11
N GLY G 164 7.90 40.38 -41.00
CA GLY G 164 9.05 40.06 -40.19
C GLY G 164 8.74 38.66 -39.72
N LYS G 165 7.52 38.24 -40.05
CA LYS G 165 7.01 36.92 -39.68
C LYS G 165 6.46 36.12 -40.87
N ASN G 166 5.78 35.05 -40.51
CA ASN G 166 5.18 34.11 -41.45
C ASN G 166 4.00 34.72 -42.27
N ALA G 167 2.90 34.97 -41.56
CA ALA G 167 1.64 35.50 -42.13
C ALA G 167 1.67 36.87 -42.85
N GLU G 168 2.87 37.38 -43.15
CA GLU G 168 3.02 38.65 -43.86
C GLU G 168 2.39 38.54 -45.26
N SER G 169 1.89 37.34 -45.58
CA SER G 169 1.22 37.05 -46.87
C SER G 169 -0.19 37.69 -46.90
N HIS G 170 -0.60 38.23 -45.75
CA HIS G 170 -1.89 38.90 -45.57
C HIS G 170 -1.64 40.06 -44.64
N LYS G 171 -0.45 40.66 -44.70
CA LYS G 171 -0.13 41.78 -43.82
C LYS G 171 -1.23 42.85 -43.97
N GLU G 172 -1.85 42.85 -45.13
CA GLU G 172 -2.92 43.77 -45.46
C GLU G 172 -4.08 43.74 -44.44
N LEU G 173 -4.80 42.62 -44.46
CA LEU G 173 -5.94 42.38 -43.58
C LEU G 173 -5.58 42.51 -42.10
N LEU G 174 -4.69 41.64 -41.63
CA LEU G 174 -4.24 41.62 -40.24
C LEU G 174 -3.91 43.01 -39.70
N ALA G 175 -3.33 43.85 -40.55
CA ALA G 175 -2.98 45.21 -40.17
C ALA G 175 -4.26 45.95 -39.78
N LYS G 176 -5.25 45.89 -40.67
CA LYS G 176 -6.56 46.52 -40.47
C LYS G 176 -7.23 46.07 -39.16
N LEU G 177 -7.43 44.76 -39.04
CA LEU G 177 -8.05 44.19 -37.84
C LEU G 177 -7.31 44.65 -36.58
N ALA G 178 -6.00 44.69 -36.64
CA ALA G 178 -5.18 45.09 -35.50
C ALA G 178 -5.39 46.53 -35.06
N VAL G 179 -5.57 47.44 -36.02
CA VAL G 179 -5.79 48.85 -35.69
C VAL G 179 -7.20 49.04 -35.11
N GLU G 180 -8.19 48.54 -35.84
CA GLU G 180 -9.57 48.62 -35.39
C GLU G 180 -9.69 48.10 -33.96
N ALA G 181 -9.23 46.87 -33.75
CA ALA G 181 -9.29 46.22 -32.45
C ALA G 181 -8.78 47.08 -31.31
N VAL G 182 -7.68 47.78 -31.50
CA VAL G 182 -7.13 48.61 -30.42
C VAL G 182 -7.86 49.95 -30.28
N LYS G 183 -8.29 50.52 -31.40
CA LYS G 183 -9.02 51.79 -31.36
C LYS G 183 -10.30 51.60 -30.54
N GLN G 184 -11.02 50.51 -30.82
CA GLN G 184 -12.26 50.22 -30.13
C GLN G 184 -12.08 50.11 -28.61
N VAL G 185 -11.31 49.12 -28.17
CA VAL G 185 -11.08 48.92 -26.73
C VAL G 185 -10.32 50.07 -26.07
N ALA G 186 -9.76 50.95 -26.89
CA ALA G 186 -8.98 52.08 -26.42
C ALA G 186 -9.71 52.97 -25.43
N GLU G 187 -8.98 53.43 -24.42
CA GLU G 187 -9.54 54.30 -23.39
C GLU G 187 -8.68 55.56 -23.28
N LYS G 188 -9.30 56.73 -23.44
CA LYS G 188 -8.59 58.02 -23.36
C LYS G 188 -9.46 59.16 -22.86
N LYS G 189 -9.46 59.41 -21.56
CA LYS G 189 -10.27 60.49 -20.99
C LYS G 189 -9.40 61.57 -20.33
N ASP G 190 -8.19 61.17 -19.95
CA ASP G 190 -7.20 62.04 -19.29
C ASP G 190 -6.31 62.79 -20.27
N GLY G 191 -6.73 62.84 -21.53
CA GLY G 191 -5.95 63.52 -22.53
C GLY G 191 -5.41 62.53 -23.54
N LYS G 192 -4.47 61.71 -23.11
CA LYS G 192 -3.87 60.70 -23.98
C LYS G 192 -4.50 59.33 -23.74
N TYR G 193 -4.21 58.38 -24.63
CA TYR G 193 -4.77 57.03 -24.52
C TYR G 193 -4.09 56.13 -23.51
N VAL G 194 -4.75 55.01 -23.24
CA VAL G 194 -4.30 53.99 -22.31
C VAL G 194 -4.99 52.72 -22.77
N VAL G 195 -4.25 51.78 -23.33
CA VAL G 195 -4.84 50.54 -23.83
C VAL G 195 -4.56 49.31 -22.96
N ASP G 196 -5.62 48.67 -22.53
CA ASP G 196 -5.52 47.45 -21.72
C ASP G 196 -5.77 46.35 -22.75
N LEU G 197 -4.69 45.75 -23.25
CA LEU G 197 -4.84 44.71 -24.26
C LEU G 197 -5.60 43.46 -23.81
N ASP G 198 -5.94 43.36 -22.53
CA ASP G 198 -6.71 42.20 -22.04
C ASP G 198 -8.12 42.27 -22.59
N ASN G 199 -8.49 43.43 -23.10
CA ASN G 199 -9.82 43.62 -23.65
C ASN G 199 -9.91 43.18 -25.10
N ILE G 200 -8.84 42.58 -25.62
CA ILE G 200 -8.86 42.07 -26.99
C ILE G 200 -8.62 40.56 -26.89
N LYS G 201 -9.64 39.78 -27.24
CA LYS G 201 -9.54 38.34 -27.17
C LYS G 201 -9.34 37.76 -28.56
N PHE G 202 -8.46 36.77 -28.66
CA PHE G 202 -8.18 36.11 -29.93
C PHE G 202 -8.88 34.76 -29.93
N GLU G 203 -9.44 34.38 -31.08
CA GLU G 203 -10.13 33.11 -31.20
C GLU G 203 -9.60 32.38 -32.42
N LYS G 204 -9.01 31.21 -32.18
CA LYS G 204 -8.44 30.45 -33.26
C LYS G 204 -9.25 29.22 -33.62
N LYS G 205 -9.60 29.12 -34.89
CA LYS G 205 -10.34 27.97 -35.37
C LYS G 205 -9.81 27.54 -36.73
N ALA G 206 -9.26 26.33 -36.75
CA ALA G 206 -8.68 25.75 -37.96
C ALA G 206 -9.71 25.58 -39.07
N GLY G 207 -9.27 25.71 -40.31
CA GLY G 207 -10.17 25.60 -41.46
C GLY G 207 -10.21 26.97 -42.15
N GLU G 208 -10.69 27.01 -43.39
CA GLU G 208 -10.79 28.25 -44.17
C GLU G 208 -9.39 28.79 -44.55
N GLY G 209 -9.31 30.01 -45.01
CA GLY G 209 -8.02 30.63 -45.29
C GLY G 209 -7.77 31.65 -44.17
N VAL G 210 -6.66 32.36 -44.22
CA VAL G 210 -6.40 33.38 -43.24
C VAL G 210 -7.18 34.59 -43.67
N GLU G 211 -7.72 34.46 -44.89
CA GLU G 211 -8.54 35.50 -45.51
C GLU G 211 -9.83 35.77 -44.74
N GLU G 212 -10.38 34.69 -44.18
CA GLU G 212 -11.62 34.74 -43.42
C GLU G 212 -11.45 35.26 -42.02
N SER G 213 -10.23 35.61 -41.64
CA SER G 213 -10.07 36.13 -40.30
C SER G 213 -10.86 37.43 -40.23
N GLU G 214 -11.37 37.74 -39.05
CA GLU G 214 -12.20 38.93 -38.88
C GLU G 214 -12.28 39.49 -37.48
N LEU G 215 -12.82 40.70 -37.38
CA LEU G 215 -13.01 41.38 -36.11
C LEU G 215 -14.48 41.22 -35.68
N VAL G 216 -14.70 40.81 -34.45
CA VAL G 216 -16.06 40.65 -33.94
C VAL G 216 -16.32 41.67 -32.85
N ARG G 217 -16.99 42.77 -33.21
CA ARG G 217 -17.31 43.81 -32.26
C ARG G 217 -18.28 43.22 -31.24
N GLY G 218 -17.73 42.40 -30.36
CA GLY G 218 -18.49 41.72 -29.33
C GLY G 218 -17.59 40.65 -28.73
N VAL G 219 -18.10 39.44 -28.58
CA VAL G 219 -17.30 38.36 -28.01
C VAL G 219 -17.66 37.02 -28.66
N VAL G 220 -16.77 36.05 -28.57
CA VAL G 220 -17.03 34.73 -29.12
C VAL G 220 -16.72 33.74 -28.02
N ILE G 221 -17.73 32.96 -27.65
CA ILE G 221 -17.60 31.99 -26.58
C ILE G 221 -17.71 30.55 -27.06
N ASP G 222 -16.85 29.69 -26.52
CA ASP G 222 -16.86 28.27 -26.87
C ASP G 222 -17.72 27.45 -25.93
N LYS G 223 -19.01 27.69 -26.03
CA LYS G 223 -20.02 27.00 -25.24
C LYS G 223 -21.15 26.93 -26.23
N GLU G 224 -22.20 26.20 -25.89
CA GLU G 224 -23.39 26.10 -26.74
C GLU G 224 -24.62 26.40 -25.90
N VAL G 225 -25.79 26.47 -26.53
CA VAL G 225 -27.01 26.76 -25.80
C VAL G 225 -27.32 25.52 -24.93
N VAL G 226 -27.51 25.74 -23.64
CA VAL G 226 -27.75 24.65 -22.67
C VAL G 226 -28.91 23.70 -22.87
N HIS G 227 -30.00 24.14 -23.49
CA HIS G 227 -31.19 23.31 -23.70
C HIS G 227 -31.56 23.23 -25.19
N PRO G 228 -32.05 22.05 -25.65
CA PRO G 228 -32.45 21.81 -27.03
C PRO G 228 -33.57 22.69 -27.53
N ARG G 229 -34.46 23.06 -26.61
CA ARG G 229 -35.62 23.86 -26.94
C ARG G 229 -35.42 25.37 -26.92
N MET G 230 -34.22 25.84 -26.60
CA MET G 230 -33.94 27.28 -26.55
C MET G 230 -33.57 27.82 -27.91
N PRO G 231 -33.79 29.12 -28.14
CA PRO G 231 -33.49 29.77 -29.42
C PRO G 231 -32.00 29.66 -29.73
N LYS G 232 -31.67 29.38 -30.98
CA LYS G 232 -30.26 29.27 -31.35
C LYS G 232 -29.83 30.61 -31.95
N ARG G 233 -30.70 31.61 -31.82
CA ARG G 233 -30.41 32.93 -32.37
C ARG G 233 -31.41 33.97 -31.86
N VAL G 234 -30.87 35.08 -31.34
CA VAL G 234 -31.70 36.17 -30.85
C VAL G 234 -31.36 37.39 -31.69
N GLU G 235 -32.36 38.17 -32.07
CA GLU G 235 -32.12 39.35 -32.88
C GLU G 235 -31.58 40.51 -32.07
N ASN G 236 -32.40 41.09 -31.22
CA ASN G 236 -31.91 42.20 -30.44
C ASN G 236 -31.83 41.84 -29.00
N ALA G 237 -30.90 40.94 -28.72
CA ALA G 237 -30.65 40.43 -27.40
C ALA G 237 -30.54 41.48 -26.31
N LYS G 238 -31.06 41.12 -25.16
CA LYS G 238 -31.02 41.94 -23.96
C LYS G 238 -30.33 40.95 -23.05
N ILE G 239 -28.99 40.95 -23.09
CA ILE G 239 -28.19 40.02 -22.32
C ILE G 239 -28.10 40.24 -20.82
N ALA G 240 -28.20 39.15 -20.09
CA ALA G 240 -28.10 39.18 -18.64
C ALA G 240 -26.90 38.34 -18.21
N LEU G 241 -26.06 38.90 -17.34
CA LEU G 241 -24.89 38.20 -16.84
C LEU G 241 -25.07 37.80 -15.38
N ILE G 242 -25.33 36.51 -15.16
CA ILE G 242 -25.57 36.01 -13.82
C ILE G 242 -24.45 35.14 -13.27
N ASN G 243 -23.83 35.58 -12.19
CA ASN G 243 -22.79 34.78 -11.57
C ASN G 243 -23.37 34.22 -10.29
N GLU G 244 -24.39 33.40 -10.48
CA GLU G 244 -25.07 32.73 -9.38
C GLU G 244 -25.50 31.41 -9.96
N ALA G 245 -25.50 30.37 -9.13
CA ALA G 245 -25.89 29.07 -9.60
C ALA G 245 -27.41 28.97 -9.62
N LEU G 246 -27.94 28.77 -10.83
CA LEU G 246 -29.37 28.63 -11.03
C LEU G 246 -29.76 27.22 -10.62
N GLU G 247 -29.67 26.94 -9.33
CA GLU G 247 -30.03 25.63 -8.82
C GLU G 247 -30.44 25.70 -7.36
N VAL G 248 -31.14 24.66 -6.91
CA VAL G 248 -31.65 24.56 -5.54
C VAL G 248 -30.64 24.91 -4.46
N LYS G 249 -30.78 26.07 -3.83
CA LYS G 249 -29.87 26.48 -2.78
C LYS G 249 -29.97 25.61 -1.55
N LYS G 250 -28.97 25.72 -0.67
CA LYS G 250 -28.94 24.92 0.55
C LYS G 250 -28.42 25.75 1.68
N THR G 251 -28.82 25.42 2.90
CA THR G 251 -28.38 26.16 4.05
C THR G 251 -26.94 25.84 4.41
N GLU G 252 -26.22 26.81 4.94
CA GLU G 252 -24.83 26.60 5.31
C GLU G 252 -24.78 25.63 6.46
N THR G 253 -25.80 25.69 7.31
CA THR G 253 -25.88 24.82 8.45
C THR G 253 -26.36 23.48 7.92
N ASP G 254 -25.74 22.39 8.38
CA ASP G 254 -26.11 21.05 7.92
C ASP G 254 -27.62 20.80 8.01
N ALA G 255 -28.21 20.23 6.97
CA ALA G 255 -29.64 19.97 6.94
C ALA G 255 -30.02 18.75 6.11
N LYS G 256 -31.10 18.08 6.50
CA LYS G 256 -31.62 16.92 5.79
C LYS G 256 -33.13 16.73 5.99
N ILE G 257 -33.86 16.57 4.89
CA ILE G 257 -35.30 16.38 4.92
C ILE G 257 -35.66 15.01 5.47
N ASN G 258 -36.72 14.94 6.28
CA ASN G 258 -37.15 13.66 6.84
C ASN G 258 -38.57 13.42 6.38
N ILE G 259 -38.75 12.55 5.41
CA ILE G 259 -40.06 12.24 4.90
C ILE G 259 -40.80 11.38 5.92
N THR G 260 -42.03 11.76 6.22
CA THR G 260 -42.83 11.02 7.20
C THR G 260 -44.21 10.62 6.72
N SER G 261 -44.49 10.86 5.45
CA SER G 261 -45.77 10.48 4.85
C SER G 261 -45.67 10.71 3.34
N PRO G 262 -46.21 9.78 2.55
CA PRO G 262 -46.22 9.79 1.09
C PRO G 262 -46.41 11.11 0.36
N ASP G 263 -47.41 11.88 0.73
CA ASP G 263 -47.64 13.15 0.06
C ASP G 263 -46.39 14.01 0.05
N GLN G 264 -45.51 13.80 1.03
CA GLN G 264 -44.29 14.58 1.15
C GLN G 264 -43.34 14.43 -0.03
N LEU G 265 -43.23 13.23 -0.58
CA LEU G 265 -42.34 13.01 -1.70
C LEU G 265 -42.67 13.95 -2.85
N MET G 266 -43.94 14.31 -2.98
CA MET G 266 -44.33 15.21 -4.06
C MET G 266 -44.29 16.68 -3.68
N SER G 267 -44.71 16.99 -2.47
CA SER G 267 -44.71 18.37 -2.02
C SER G 267 -43.30 18.96 -1.97
N PHE G 268 -42.32 18.15 -1.57
CA PHE G 268 -40.94 18.63 -1.49
C PHE G 268 -40.33 18.87 -2.86
N LEU G 269 -40.62 18.01 -3.83
CA LEU G 269 -40.07 18.21 -5.15
C LEU G 269 -40.69 19.45 -5.78
N GLU G 270 -41.96 19.67 -5.46
CA GLU G 270 -42.68 20.84 -5.98
C GLU G 270 -42.15 22.09 -5.34
N GLN G 271 -41.72 21.99 -4.08
CA GLN G 271 -41.18 23.13 -3.39
C GLN G 271 -39.93 23.60 -4.12
N GLU G 272 -39.06 22.65 -4.47
CA GLU G 272 -37.83 22.98 -5.17
C GLU G 272 -38.10 23.47 -6.59
N GLU G 273 -39.12 22.92 -7.23
CA GLU G 273 -39.45 23.36 -8.57
C GLU G 273 -39.72 24.85 -8.53
N LYS G 274 -40.52 25.25 -7.55
CA LYS G 274 -40.90 26.64 -7.38
C LYS G 274 -39.66 27.49 -7.20
N MET G 275 -38.82 27.12 -6.24
CA MET G 275 -37.61 27.86 -6.00
C MET G 275 -36.91 28.10 -7.33
N LEU G 276 -36.68 27.03 -8.07
CA LEU G 276 -36.03 27.10 -9.36
C LEU G 276 -36.80 28.01 -10.32
N LYS G 277 -38.12 27.82 -10.37
CA LYS G 277 -38.94 28.63 -11.27
C LYS G 277 -38.94 30.09 -10.88
N ASP G 278 -38.76 30.37 -9.60
CA ASP G 278 -38.74 31.74 -9.14
C ASP G 278 -37.51 32.49 -9.58
N MET G 279 -36.37 31.81 -9.62
CA MET G 279 -35.14 32.45 -10.05
C MET G 279 -35.26 32.82 -11.51
N VAL G 280 -35.76 31.88 -12.30
CA VAL G 280 -35.95 32.09 -13.73
C VAL G 280 -36.97 33.20 -13.96
N ASP G 281 -37.94 33.33 -13.04
CA ASP G 281 -38.97 34.37 -13.16
C ASP G 281 -38.30 35.73 -12.99
N HIS G 282 -37.39 35.84 -12.02
CA HIS G 282 -36.67 37.08 -11.79
C HIS G 282 -35.87 37.48 -13.01
N ILE G 283 -35.32 36.49 -13.70
CA ILE G 283 -34.52 36.72 -14.90
C ILE G 283 -35.40 37.10 -16.09
N ALA G 284 -36.61 36.55 -16.15
CA ALA G 284 -37.50 36.86 -17.25
C ALA G 284 -38.20 38.20 -17.08
N GLN G 285 -38.56 38.54 -15.85
CA GLN G 285 -39.23 39.81 -15.52
C GLN G 285 -38.43 41.05 -15.85
N THR G 286 -37.23 40.88 -16.39
CA THR G 286 -36.38 42.01 -16.73
C THR G 286 -36.43 42.21 -18.23
N GLY G 287 -36.93 41.19 -18.94
CA GLY G 287 -37.04 41.25 -20.38
C GLY G 287 -35.83 40.65 -21.06
N ALA G 288 -34.99 39.99 -20.27
CA ALA G 288 -33.79 39.36 -20.80
C ALA G 288 -34.11 38.14 -21.66
N ASN G 289 -33.68 38.16 -22.93
CA ASN G 289 -33.92 37.03 -23.83
C ASN G 289 -32.66 36.19 -24.02
N VAL G 290 -31.59 36.56 -23.32
CA VAL G 290 -30.30 35.86 -23.39
C VAL G 290 -29.60 35.94 -22.03
N VAL G 291 -29.26 34.79 -21.47
CA VAL G 291 -28.59 34.74 -20.18
C VAL G 291 -27.30 33.93 -20.20
N PHE G 292 -26.24 34.51 -19.64
CA PHE G 292 -24.96 33.81 -19.54
C PHE G 292 -24.77 33.56 -18.06
N VAL G 293 -24.65 32.30 -17.67
CA VAL G 293 -24.47 31.95 -16.27
C VAL G 293 -23.11 31.35 -15.97
N GLN G 294 -22.38 31.97 -15.05
CA GLN G 294 -21.05 31.52 -14.68
C GLN G 294 -21.05 30.15 -14.03
N LYS G 295 -22.02 29.90 -13.16
CA LYS G 295 -22.11 28.59 -12.50
C LYS G 295 -23.03 27.67 -13.29
N GLY G 296 -23.59 26.67 -12.63
CA GLY G 296 -24.45 25.74 -13.35
C GLY G 296 -25.91 26.14 -13.39
N ILE G 297 -26.70 25.37 -14.15
CA ILE G 297 -28.14 25.62 -14.27
C ILE G 297 -28.83 24.28 -14.11
N ASP G 298 -29.66 24.17 -13.08
CA ASP G 298 -30.41 22.95 -12.80
C ASP G 298 -31.21 22.56 -14.04
N ASP G 299 -31.69 21.32 -14.08
CA ASP G 299 -32.46 20.86 -15.23
C ASP G 299 -33.80 21.53 -15.40
N LEU G 300 -34.49 21.78 -14.30
CA LEU G 300 -35.78 22.43 -14.38
C LEU G 300 -35.62 23.89 -14.75
N ALA G 301 -34.68 24.57 -14.08
CA ALA G 301 -34.44 25.98 -14.37
C ALA G 301 -34.25 26.16 -15.88
N GLN G 302 -33.63 25.17 -16.51
CA GLN G 302 -33.39 25.18 -17.97
C GLN G 302 -34.70 25.07 -18.73
N HIS G 303 -35.61 24.24 -18.23
CA HIS G 303 -36.92 24.03 -18.85
C HIS G 303 -37.77 25.32 -18.80
N TYR G 304 -37.85 25.96 -17.64
CA TYR G 304 -38.62 27.19 -17.54
C TYR G 304 -37.99 28.18 -18.50
N LEU G 305 -36.69 28.40 -18.37
CA LEU G 305 -35.96 29.31 -19.24
C LEU G 305 -36.26 29.07 -20.72
N ALA G 306 -36.43 27.81 -21.08
CA ALA G 306 -36.71 27.42 -22.46
C ALA G 306 -38.12 27.84 -22.86
N LYS G 307 -39.08 27.61 -21.97
CA LYS G 307 -40.47 27.97 -22.23
C LYS G 307 -40.59 29.46 -22.46
N TYR G 308 -39.95 30.27 -21.63
CA TYR G 308 -40.02 31.72 -21.79
C TYR G 308 -39.36 32.19 -23.08
N GLY G 309 -38.72 31.28 -23.81
CA GLY G 309 -38.07 31.64 -25.05
C GLY G 309 -36.71 32.29 -24.85
N ILE G 310 -36.13 32.10 -23.68
CA ILE G 310 -34.83 32.68 -23.35
C ILE G 310 -33.69 31.73 -23.74
N MET G 311 -32.60 32.29 -24.29
CA MET G 311 -31.42 31.50 -24.68
C MET G 311 -30.39 31.55 -23.54
N ALA G 312 -30.15 30.42 -22.90
CA ALA G 312 -29.21 30.34 -21.79
C ALA G 312 -28.01 29.44 -22.03
N VAL G 313 -26.88 29.84 -21.44
CA VAL G 313 -25.62 29.12 -21.55
C VAL G 313 -25.12 29.01 -20.12
N ARG G 314 -24.53 27.87 -19.78
CA ARG G 314 -24.04 27.69 -18.43
C ARG G 314 -22.55 27.50 -18.31
N ARG G 315 -22.05 27.48 -17.07
CA ARG G 315 -20.63 27.31 -16.83
C ARG G 315 -19.80 28.20 -17.74
N VAL G 316 -20.02 29.52 -17.70
CA VAL G 316 -19.26 30.42 -18.55
C VAL G 316 -18.02 30.91 -17.80
N LYS G 317 -16.88 30.93 -18.47
CA LYS G 317 -15.62 31.35 -17.88
C LYS G 317 -15.61 32.76 -17.32
N LYS G 318 -15.14 32.91 -16.09
CA LYS G 318 -15.08 34.21 -15.45
C LYS G 318 -14.46 35.25 -16.37
N SER G 319 -13.45 34.85 -17.11
CA SER G 319 -12.77 35.74 -18.05
C SER G 319 -13.71 36.14 -19.18
N ASP G 320 -14.61 35.23 -19.52
CA ASP G 320 -15.58 35.45 -20.60
C ASP G 320 -16.70 36.35 -20.13
N MET G 321 -17.15 36.13 -18.90
CA MET G 321 -18.22 36.92 -18.31
C MET G 321 -17.87 38.39 -18.41
N GLU G 322 -16.67 38.72 -17.95
CA GLU G 322 -16.17 40.09 -17.96
C GLU G 322 -16.02 40.69 -19.35
N LYS G 323 -15.68 39.87 -20.34
CA LYS G 323 -15.53 40.35 -21.71
C LYS G 323 -16.92 40.67 -22.28
N LEU G 324 -17.93 39.95 -21.78
CA LEU G 324 -19.32 40.14 -22.20
C LEU G 324 -19.86 41.40 -21.55
N ALA G 325 -19.49 41.57 -20.29
CA ALA G 325 -19.90 42.75 -19.54
C ALA G 325 -19.42 43.97 -20.29
N LYS G 326 -18.15 43.95 -20.71
CA LYS G 326 -17.56 45.06 -21.44
C LYS G 326 -18.00 45.17 -22.89
N ALA G 327 -18.37 44.06 -23.50
CA ALA G 327 -18.80 44.08 -24.90
C ALA G 327 -20.24 44.54 -25.06
N THR G 328 -21.10 44.13 -24.13
CA THR G 328 -22.53 44.45 -24.19
C THR G 328 -23.00 45.60 -23.29
N GLY G 329 -22.32 45.81 -22.18
CA GLY G 329 -22.71 46.89 -21.28
C GLY G 329 -23.52 46.33 -20.14
N ALA G 330 -23.64 45.02 -20.11
CA ALA G 330 -24.40 44.36 -19.08
C ALA G 330 -23.61 44.42 -17.78
N LYS G 331 -24.28 44.22 -16.67
CA LYS G 331 -23.62 44.23 -15.37
C LYS G 331 -23.72 42.84 -14.76
N ILE G 332 -22.61 42.28 -14.33
CA ILE G 332 -22.62 40.96 -13.72
C ILE G 332 -23.43 41.06 -12.43
N VAL G 333 -24.20 40.02 -12.12
CA VAL G 333 -25.01 40.02 -10.90
C VAL G 333 -24.80 38.75 -10.08
N THR G 334 -24.82 38.88 -8.77
CA THR G 334 -24.63 37.74 -7.86
C THR G 334 -25.94 37.17 -7.35
N ASN G 335 -26.97 38.01 -7.30
CA ASN G 335 -28.29 37.61 -6.79
C ASN G 335 -29.35 37.92 -7.84
N VAL G 336 -30.02 36.89 -8.36
CA VAL G 336 -31.04 37.13 -9.37
C VAL G 336 -32.16 38.02 -8.84
N LYS G 337 -32.45 37.90 -7.55
CA LYS G 337 -33.51 38.69 -6.92
C LYS G 337 -33.38 40.20 -7.11
N ASP G 338 -32.16 40.69 -7.37
CA ASP G 338 -31.93 42.12 -7.57
C ASP G 338 -31.63 42.49 -9.02
N LEU G 339 -31.78 41.53 -9.92
CA LEU G 339 -31.52 41.80 -11.33
C LEU G 339 -32.60 42.75 -11.83
N THR G 340 -32.20 43.76 -12.58
CA THR G 340 -33.15 44.73 -13.11
C THR G 340 -32.85 44.87 -14.59
N PRO G 341 -33.72 45.58 -15.33
CA PRO G 341 -33.49 45.76 -16.77
C PRO G 341 -32.26 46.61 -17.07
N GLU G 342 -31.77 47.31 -16.04
CA GLU G 342 -30.60 48.19 -16.17
C GLU G 342 -29.31 47.41 -16.14
N ASP G 343 -29.39 46.16 -15.69
CA ASP G 343 -28.23 45.30 -15.61
C ASP G 343 -28.03 44.54 -16.91
N LEU G 344 -28.96 44.71 -17.85
CA LEU G 344 -28.89 44.01 -19.13
C LEU G 344 -28.04 44.77 -20.13
N GLY G 345 -27.50 44.03 -21.10
CA GLY G 345 -26.68 44.61 -22.14
C GLY G 345 -27.29 44.35 -23.48
N TYR G 346 -26.76 44.99 -24.52
CA TYR G 346 -27.31 44.81 -25.86
C TYR G 346 -26.34 44.16 -26.84
N ALA G 347 -26.90 43.37 -27.75
CA ALA G 347 -26.13 42.70 -28.77
C ALA G 347 -27.03 42.62 -29.98
N GLU G 348 -26.58 43.20 -31.07
CA GLU G 348 -27.35 43.24 -32.31
C GLU G 348 -27.75 41.86 -32.82
N VAL G 349 -27.09 40.81 -32.33
CA VAL G 349 -27.35 39.43 -32.70
C VAL G 349 -26.51 38.50 -31.83
N VAL G 350 -27.14 37.51 -31.20
CA VAL G 350 -26.41 36.54 -30.39
C VAL G 350 -26.85 35.20 -30.95
N GLU G 351 -25.97 34.53 -31.68
CA GLU G 351 -26.30 33.26 -32.31
C GLU G 351 -25.30 32.13 -32.09
N GLU G 352 -25.80 30.90 -32.08
CA GLU G 352 -24.96 29.72 -31.91
C GLU G 352 -24.58 29.20 -33.29
N ARG G 353 -23.29 29.28 -33.62
CA ARG G 353 -22.81 28.81 -34.91
C ARG G 353 -21.86 27.65 -34.74
N LYS G 354 -21.81 26.81 -35.76
CA LYS G 354 -20.94 25.64 -35.77
C LYS G 354 -19.75 25.99 -36.65
N LEU G 355 -18.60 26.21 -36.02
CA LEU G 355 -17.40 26.58 -36.75
C LEU G 355 -16.39 25.45 -36.57
N ALA G 356 -16.19 24.67 -37.62
CA ALA G 356 -15.24 23.54 -37.59
C ALA G 356 -15.83 22.41 -36.73
N GLY G 357 -17.11 22.10 -37.00
CA GLY G 357 -17.81 21.06 -36.26
C GLY G 357 -17.95 21.43 -34.80
N GLU G 358 -17.50 22.65 -34.48
CA GLU G 358 -17.53 23.18 -33.12
C GLU G 358 -18.70 24.13 -32.91
N ASN G 359 -19.30 24.06 -31.74
CA ASN G 359 -20.40 24.95 -31.42
C ASN G 359 -19.90 26.13 -30.63
N MET G 360 -20.22 27.31 -31.12
CA MET G 360 -19.80 28.54 -30.47
C MET G 360 -20.91 29.55 -30.50
N ILE G 361 -20.87 30.49 -29.57
CA ILE G 361 -21.87 31.52 -29.47
C ILE G 361 -21.21 32.83 -29.83
N PHE G 362 -21.81 33.55 -30.78
CA PHE G 362 -21.28 34.82 -31.24
C PHE G 362 -22.10 35.98 -30.70
N VAL G 363 -21.56 36.72 -29.75
CA VAL G 363 -22.26 37.89 -29.24
C VAL G 363 -21.68 39.04 -30.05
N GLU G 364 -22.19 39.23 -31.26
CA GLU G 364 -21.69 40.29 -32.13
C GLU G 364 -22.67 41.43 -32.37
N GLY G 365 -22.20 42.48 -33.04
CA GLY G 365 -23.04 43.63 -33.32
C GLY G 365 -23.24 44.56 -32.14
N CYS G 366 -22.47 44.36 -31.07
CA CYS G 366 -22.58 45.19 -29.89
C CYS G 366 -22.58 46.68 -30.15
N LYS G 367 -23.01 47.43 -29.14
CA LYS G 367 -23.10 48.88 -29.19
C LYS G 367 -21.71 49.52 -29.27
N ASN G 368 -21.18 49.88 -28.11
CA ASN G 368 -19.84 50.48 -28.04
C ASN G 368 -18.99 49.56 -27.18
N PRO G 369 -18.65 48.37 -27.71
CA PRO G 369 -17.84 47.38 -27.00
C PRO G 369 -16.54 47.87 -26.42
N LYS G 370 -16.35 47.62 -25.13
CA LYS G 370 -15.13 48.01 -24.45
C LYS G 370 -14.17 46.81 -24.47
N ALA G 371 -14.64 45.75 -25.13
CA ALA G 371 -13.90 44.50 -25.31
C ALA G 371 -14.30 44.02 -26.70
N VAL G 372 -13.37 43.40 -27.41
CA VAL G 372 -13.67 42.92 -28.77
C VAL G 372 -12.91 41.62 -29.08
N THR G 373 -13.39 40.86 -30.05
CA THR G 373 -12.74 39.59 -30.39
C THR G 373 -12.28 39.46 -31.83
N ILE G 374 -11.07 38.92 -32.03
CA ILE G 374 -10.56 38.72 -33.37
C ILE G 374 -10.57 37.22 -33.63
N LEU G 375 -11.31 36.82 -34.67
CA LEU G 375 -11.43 35.42 -35.03
C LEU G 375 -10.36 35.08 -36.05
N ILE G 376 -9.48 34.16 -35.68
CA ILE G 376 -8.40 33.76 -36.57
C ILE G 376 -8.71 32.45 -37.28
N ARG G 377 -8.63 32.51 -38.61
CA ARG G 377 -8.90 31.36 -39.47
C ARG G 377 -7.64 30.93 -40.27
N GLY G 378 -7.43 29.63 -40.43
CA GLY G 378 -6.25 29.19 -41.17
C GLY G 378 -6.23 27.71 -41.48
N GLY G 379 -5.44 27.34 -42.48
CA GLY G 379 -5.34 25.94 -42.91
C GLY G 379 -4.94 24.96 -41.82
N THR G 380 -3.74 25.12 -41.27
CA THR G 380 -3.29 24.22 -40.21
C THR G 380 -3.32 24.86 -38.84
N GLU G 381 -3.07 24.05 -37.83
CA GLU G 381 -3.03 24.51 -36.45
C GLU G 381 -1.93 25.57 -36.33
N HIS G 382 -0.81 25.28 -37.00
CA HIS G 382 0.40 26.12 -37.04
C HIS G 382 0.12 27.46 -37.70
N VAL G 383 -0.46 27.44 -38.90
CA VAL G 383 -0.79 28.68 -39.61
C VAL G 383 -1.50 29.67 -38.67
N ILE G 384 -2.43 29.13 -37.88
CA ILE G 384 -3.20 29.91 -36.93
C ILE G 384 -2.37 30.44 -35.75
N ASP G 385 -1.71 29.54 -35.02
CA ASP G 385 -0.89 29.95 -33.88
C ASP G 385 0.09 31.07 -34.24
N GLU G 386 0.65 31.01 -35.45
CA GLU G 386 1.61 32.00 -35.93
C GLU G 386 0.92 33.29 -36.35
N VAL G 387 -0.31 33.19 -36.85
CA VAL G 387 -1.03 34.41 -37.21
C VAL G 387 -1.42 35.13 -35.93
N GLU G 388 -1.80 34.36 -34.91
CA GLU G 388 -2.16 34.97 -33.65
C GLU G 388 -0.96 35.72 -33.10
N ARG G 389 0.21 35.08 -33.15
CA ARG G 389 1.46 35.69 -32.66
C ARG G 389 1.73 36.99 -33.37
N ALA G 390 1.58 36.96 -34.70
CA ALA G 390 1.77 38.16 -35.49
C ALA G 390 0.84 39.28 -35.02
N LEU G 391 -0.42 38.94 -34.79
CA LEU G 391 -1.41 39.92 -34.35
C LEU G 391 -1.12 40.49 -32.96
N GLU G 392 -0.63 39.66 -32.06
CA GLU G 392 -0.31 40.09 -30.70
C GLU G 392 0.79 41.14 -30.70
N ASP G 393 1.62 41.10 -31.73
CA ASP G 393 2.69 42.07 -31.86
C ASP G 393 2.15 43.31 -32.56
N ALA G 394 1.33 43.09 -33.59
CA ALA G 394 0.73 44.18 -34.35
C ALA G 394 -0.15 45.02 -33.44
N VAL G 395 -0.82 44.33 -32.52
CA VAL G 395 -1.70 45.00 -31.58
C VAL G 395 -0.89 45.66 -30.45
N LYS G 396 0.19 45.02 -30.03
CA LYS G 396 1.01 45.57 -28.96
C LYS G 396 1.79 46.81 -29.41
N VAL G 397 2.09 46.91 -30.70
CA VAL G 397 2.82 48.07 -31.25
C VAL G 397 1.87 49.23 -31.49
N VAL G 398 0.68 48.92 -32.01
CA VAL G 398 -0.32 49.94 -32.26
C VAL G 398 -0.71 50.52 -30.90
N LYS G 399 -0.49 49.75 -29.84
CA LYS G 399 -0.78 50.19 -28.48
C LYS G 399 0.22 51.25 -28.06
N ASP G 400 1.49 50.99 -28.37
CA ASP G 400 2.60 51.89 -28.02
C ASP G 400 2.40 53.26 -28.66
N VAL G 401 2.18 53.27 -29.97
CA VAL G 401 2.01 54.52 -30.72
C VAL G 401 0.88 55.38 -30.16
N MET G 402 -0.27 54.79 -29.86
CA MET G 402 -1.39 55.56 -29.32
C MET G 402 -1.09 56.13 -27.93
N GLU G 403 -0.32 55.40 -27.12
CA GLU G 403 0.01 55.88 -25.78
C GLU G 403 1.20 56.82 -25.80
N ASP G 404 2.08 56.60 -26.78
CA ASP G 404 3.29 57.40 -26.92
C ASP G 404 3.20 58.47 -27.98
N GLY G 405 2.67 58.10 -29.14
CA GLY G 405 2.52 59.05 -30.23
C GLY G 405 3.85 59.50 -30.81
N ALA G 406 4.78 58.56 -30.89
CA ALA G 406 6.12 58.80 -31.43
C ALA G 406 6.58 57.55 -32.18
N VAL G 407 6.84 57.67 -33.48
CA VAL G 407 7.33 56.53 -34.26
C VAL G 407 8.80 56.73 -34.65
N LEU G 408 9.34 55.76 -35.41
CA LEU G 408 10.75 55.78 -35.88
C LEU G 408 10.82 55.03 -37.21
N PRO G 409 11.89 55.23 -37.99
CA PRO G 409 11.99 54.49 -39.25
C PRO G 409 12.52 53.10 -38.91
N ALA G 410 12.29 52.11 -39.76
CA ALA G 410 12.76 50.76 -39.47
C ALA G 410 14.06 50.43 -40.24
N GLY G 411 14.32 49.14 -40.44
CA GLY G 411 15.51 48.72 -41.17
C GLY G 411 16.84 49.12 -40.56
N GLY G 412 16.92 49.12 -39.23
CA GLY G 412 18.15 49.48 -38.56
C GLY G 412 18.50 50.96 -38.62
N ALA G 413 17.65 51.74 -39.27
CA ALA G 413 17.85 53.18 -39.41
C ALA G 413 18.14 53.83 -38.05
N PRO G 414 17.35 53.51 -37.01
CA PRO G 414 17.57 54.08 -35.67
C PRO G 414 18.89 53.69 -35.03
N GLU G 415 19.32 52.46 -35.27
CA GLU G 415 20.56 51.98 -34.70
C GLU G 415 21.77 52.61 -35.41
N ILE G 416 21.66 52.77 -36.73
CA ILE G 416 22.71 53.38 -37.54
C ILE G 416 22.91 54.81 -37.05
N GLU G 417 21.80 55.46 -36.73
CA GLU G 417 21.81 56.82 -36.22
C GLU G 417 22.42 56.86 -34.84
N LEU G 418 22.10 55.86 -34.03
CA LEU G 418 22.64 55.80 -32.68
C LEU G 418 24.11 55.45 -32.71
N ALA G 419 24.51 54.73 -33.76
CA ALA G 419 25.90 54.33 -33.90
C ALA G 419 26.74 55.56 -34.23
N ILE G 420 26.48 56.17 -35.38
CA ILE G 420 27.19 57.35 -35.83
C ILE G 420 27.27 58.36 -34.69
N ARG G 421 26.10 58.74 -34.19
CA ARG G 421 26.00 59.71 -33.11
C ARG G 421 26.74 59.32 -31.83
N LEU G 422 26.38 58.17 -31.26
CA LEU G 422 26.99 57.71 -30.00
C LEU G 422 28.52 57.66 -30.07
N ASP G 423 29.07 57.71 -31.28
CA ASP G 423 30.51 57.70 -31.42
C ASP G 423 31.07 59.08 -31.09
N GLU G 424 30.29 60.12 -31.40
CA GLU G 424 30.69 61.48 -31.10
C GLU G 424 30.78 61.56 -29.61
N TYR G 425 29.71 61.09 -28.97
CA TYR G 425 29.64 61.09 -27.54
C TYR G 425 30.90 60.42 -27.01
N ALA G 426 31.33 59.37 -27.70
CA ALA G 426 32.53 58.63 -27.32
C ALA G 426 33.70 59.60 -27.22
N LYS G 427 33.87 60.40 -28.26
CA LYS G 427 34.95 61.38 -28.30
C LYS G 427 34.91 62.23 -27.05
N GLN G 428 33.96 63.15 -27.00
CA GLN G 428 33.80 64.06 -25.86
C GLN G 428 33.94 63.42 -24.48
N VAL G 429 33.54 62.16 -24.31
CA VAL G 429 33.71 61.56 -22.99
C VAL G 429 35.16 61.14 -22.87
N GLY G 430 35.71 60.64 -23.99
CA GLY G 430 37.09 60.21 -24.04
C GLY G 430 37.64 59.33 -22.92
N GLY G 431 38.90 58.94 -23.09
CA GLY G 431 39.56 58.11 -22.10
C GLY G 431 39.21 56.65 -22.32
N LYS G 432 39.21 55.89 -21.24
CA LYS G 432 38.89 54.48 -21.31
C LYS G 432 37.41 54.31 -21.66
N GLU G 433 36.55 55.11 -21.01
CA GLU G 433 35.11 55.06 -21.25
C GLU G 433 34.79 55.25 -22.72
N ALA G 434 35.61 56.04 -23.41
CA ALA G 434 35.40 56.31 -24.83
C ALA G 434 35.43 55.03 -25.64
N LEU G 435 36.29 54.11 -25.23
CA LEU G 435 36.45 52.82 -25.86
C LEU G 435 35.18 51.97 -25.65
N ALA G 436 34.61 52.06 -24.45
CA ALA G 436 33.38 51.34 -24.11
C ALA G 436 32.19 51.94 -24.87
N ILE G 437 32.12 53.27 -24.91
CA ILE G 437 31.05 53.97 -25.62
C ILE G 437 31.18 53.79 -27.12
N GLU G 438 32.41 53.57 -27.59
CA GLU G 438 32.67 53.36 -29.01
C GLU G 438 32.22 51.97 -29.42
N ASN G 439 32.59 50.99 -28.60
CA ASN G 439 32.26 49.59 -28.85
C ASN G 439 30.75 49.34 -28.75
N PHE G 440 30.10 50.06 -27.84
CA PHE G 440 28.67 49.98 -27.61
C PHE G 440 27.94 50.48 -28.85
N ALA G 441 28.44 51.54 -29.45
CA ALA G 441 27.83 52.10 -30.65
C ALA G 441 28.06 51.22 -31.88
N ASP G 442 29.09 50.40 -31.83
CA ASP G 442 29.39 49.52 -32.95
C ASP G 442 28.44 48.36 -32.82
N ALA G 443 28.28 47.88 -31.60
CA ALA G 443 27.41 46.76 -31.33
C ALA G 443 26.03 46.96 -31.98
N LEU G 444 25.46 48.16 -31.81
CA LEU G 444 24.15 48.47 -32.38
C LEU G 444 24.04 48.25 -33.88
N LYS G 445 25.12 47.80 -34.52
CA LYS G 445 25.09 47.58 -35.96
C LYS G 445 24.68 46.17 -36.38
N ILE G 446 24.56 45.23 -35.44
CA ILE G 446 24.17 43.86 -35.80
C ILE G 446 22.77 43.87 -36.38
N ILE G 447 21.97 44.88 -36.00
CA ILE G 447 20.62 44.99 -36.51
C ILE G 447 20.65 45.23 -38.02
N PRO G 448 21.29 46.30 -38.48
CA PRO G 448 21.30 46.51 -39.94
C PRO G 448 22.10 45.38 -40.59
N LYS G 449 23.08 44.89 -39.85
CA LYS G 449 23.95 43.83 -40.31
C LYS G 449 23.18 42.52 -40.55
N THR G 450 22.68 41.93 -39.47
CA THR G 450 21.94 40.68 -39.54
C THR G 450 20.61 40.78 -40.25
N LEU G 451 20.25 41.96 -40.73
CA LEU G 451 19.01 42.14 -41.48
C LEU G 451 19.39 41.91 -42.93
N ALA G 452 20.52 42.48 -43.31
CA ALA G 452 21.03 42.34 -44.66
C ALA G 452 21.51 40.92 -44.90
N GLU G 453 22.00 40.29 -43.84
CA GLU G 453 22.53 38.93 -43.89
C GLU G 453 21.41 37.90 -44.10
N ASN G 454 20.39 37.95 -43.25
CA ASN G 454 19.28 37.02 -43.37
C ASN G 454 18.67 37.15 -44.75
N ALA G 455 18.68 38.37 -45.26
CA ALA G 455 18.14 38.66 -46.58
C ALA G 455 19.00 37.98 -47.65
N GLY G 456 20.26 37.73 -47.32
CA GLY G 456 21.17 37.10 -48.26
C GLY G 456 22.03 38.10 -49.01
N LEU G 457 22.18 39.28 -48.43
CA LEU G 457 22.96 40.33 -49.06
C LEU G 457 24.42 40.27 -48.67
N ASP G 458 25.19 41.20 -49.23
CA ASP G 458 26.61 41.31 -48.94
C ASP G 458 26.74 42.19 -47.71
N THR G 459 26.76 41.58 -46.55
CA THR G 459 26.90 42.29 -45.29
C THR G 459 27.86 43.47 -45.40
N VAL G 460 29.15 43.18 -45.38
CA VAL G 460 30.18 44.20 -45.45
C VAL G 460 29.84 45.37 -46.37
N GLU G 461 29.62 45.07 -47.64
CA GLU G 461 29.30 46.07 -48.66
C GLU G 461 28.04 46.86 -48.41
N MET G 462 26.97 46.15 -48.06
CA MET G 462 25.68 46.76 -47.76
C MET G 462 25.81 47.72 -46.59
N LEU G 463 26.31 47.21 -45.48
CA LEU G 463 26.49 47.97 -44.25
C LEU G 463 27.29 49.25 -44.48
N VAL G 464 27.91 49.36 -45.64
CA VAL G 464 28.70 50.56 -45.94
C VAL G 464 27.86 51.57 -46.74
N LYS G 465 27.08 51.07 -47.69
CA LYS G 465 26.22 51.92 -48.52
C LYS G 465 25.21 52.60 -47.61
N VAL G 466 24.87 51.91 -46.53
CA VAL G 466 23.89 52.41 -45.58
C VAL G 466 24.48 53.41 -44.60
N ILE G 467 25.60 53.07 -43.96
CA ILE G 467 26.19 54.01 -43.02
C ILE G 467 26.48 55.29 -43.79
N SER G 468 26.65 55.13 -45.10
CA SER G 468 26.92 56.23 -46.01
C SER G 468 25.66 57.06 -46.20
N GLU G 469 24.71 56.50 -46.96
CA GLU G 469 23.44 57.13 -47.26
C GLU G 469 22.84 57.80 -46.05
N HIS G 470 22.94 57.14 -44.90
CA HIS G 470 22.41 57.67 -43.66
C HIS G 470 23.12 58.97 -43.27
N LYS G 471 24.44 58.97 -43.43
CA LYS G 471 25.29 60.12 -43.13
C LYS G 471 24.94 61.32 -44.01
N ASN G 472 24.60 61.03 -45.26
CA ASN G 472 24.27 62.08 -46.23
C ASN G 472 22.80 62.43 -46.29
N ARG G 473 21.93 61.42 -46.26
CA ARG G 473 20.51 61.66 -46.33
C ARG G 473 19.85 61.93 -44.99
N GLY G 474 20.15 61.13 -43.98
CA GLY G 474 19.54 61.41 -42.68
C GLY G 474 18.90 60.27 -41.91
N LEU G 475 18.44 60.58 -40.70
CA LEU G 475 17.80 59.64 -39.79
C LEU G 475 16.91 58.56 -40.43
N GLY G 476 16.20 58.92 -41.49
CA GLY G 476 15.30 57.97 -42.12
C GLY G 476 15.91 56.95 -43.07
N ILE G 477 17.23 56.93 -43.16
CA ILE G 477 17.89 55.97 -44.05
C ILE G 477 18.24 54.67 -43.34
N GLY G 478 17.74 53.57 -43.90
CA GLY G 478 18.01 52.25 -43.34
C GLY G 478 18.03 51.23 -44.46
N ILE G 479 18.10 49.95 -44.11
CA ILE G 479 18.14 48.89 -45.12
C ILE G 479 16.73 48.36 -45.38
N ASP G 480 16.42 48.12 -46.65
CA ASP G 480 15.12 47.58 -47.02
C ASP G 480 15.36 46.20 -47.61
N VAL G 481 15.15 45.16 -46.80
CA VAL G 481 15.37 43.79 -47.22
C VAL G 481 14.66 43.38 -48.51
N PHE G 482 13.55 44.04 -48.82
CA PHE G 482 12.82 43.71 -50.04
C PHE G 482 13.48 44.46 -51.19
N GLU G 483 14.14 45.56 -50.85
CA GLU G 483 14.82 46.40 -51.82
C GLU G 483 16.28 45.96 -52.03
N GLY G 484 16.80 45.24 -51.05
CA GLY G 484 18.17 44.77 -51.15
C GLY G 484 19.17 45.92 -51.17
N LYS G 485 18.72 47.12 -50.82
CA LYS G 485 19.59 48.28 -50.79
C LYS G 485 19.10 49.29 -49.75
N PRO G 486 19.87 50.36 -49.51
CA PRO G 486 19.43 51.34 -48.52
C PRO G 486 18.21 52.07 -49.07
N ALA G 487 17.47 52.75 -48.19
CA ALA G 487 16.29 53.50 -48.60
C ALA G 487 15.81 54.41 -47.49
N ASP G 488 14.88 55.31 -47.83
CA ASP G 488 14.29 56.22 -46.86
C ASP G 488 13.14 55.41 -46.29
N MET G 489 13.27 54.96 -45.05
CA MET G 489 12.24 54.15 -44.41
C MET G 489 10.95 54.93 -44.19
N LEU G 490 11.04 56.24 -44.17
CA LEU G 490 9.88 57.09 -43.99
C LEU G 490 9.06 57.15 -45.29
N GLU G 491 9.71 57.25 -46.44
CA GLU G 491 8.99 57.30 -47.71
C GLU G 491 8.33 55.96 -48.00
N LYS G 492 8.87 54.90 -47.40
CA LYS G 492 8.36 53.55 -47.62
C LYS G 492 7.33 53.15 -46.58
N GLY G 493 7.13 53.99 -45.58
CA GLY G 493 6.17 53.68 -44.53
C GLY G 493 6.63 52.64 -43.55
N ILE G 494 7.79 52.04 -43.82
CA ILE G 494 8.38 51.01 -42.97
C ILE G 494 8.88 51.63 -41.66
N ILE G 495 8.03 51.61 -40.64
CA ILE G 495 8.41 52.21 -39.36
C ILE G 495 8.03 51.37 -38.16
N GLU G 496 8.48 51.82 -37.00
CA GLU G 496 8.23 51.11 -35.76
C GLU G 496 8.09 52.06 -34.58
N PRO G 497 7.49 51.59 -33.49
CA PRO G 497 7.30 52.40 -32.29
C PRO G 497 8.60 52.92 -31.68
N LEU G 498 8.60 54.18 -31.27
CA LEU G 498 9.78 54.76 -30.63
C LEU G 498 9.98 54.02 -29.30
N ARG G 499 8.94 53.32 -28.85
CA ARG G 499 9.04 52.58 -27.60
C ARG G 499 9.81 51.29 -27.80
N VAL G 500 9.61 50.67 -28.96
CA VAL G 500 10.30 49.43 -29.27
C VAL G 500 11.80 49.64 -29.13
N LYS G 501 12.32 50.64 -29.84
CA LYS G 501 13.76 50.98 -29.80
C LYS G 501 14.23 51.37 -28.41
N LYS G 502 13.52 52.28 -27.76
CA LYS G 502 13.90 52.72 -26.42
C LYS G 502 13.98 51.57 -25.43
N GLN G 503 13.05 50.62 -25.51
CA GLN G 503 13.04 49.49 -24.58
C GLN G 503 14.09 48.44 -24.92
N ALA G 504 14.41 48.33 -26.21
CA ALA G 504 15.42 47.38 -26.67
C ALA G 504 16.74 47.77 -26.03
N ILE G 505 17.16 49.03 -26.26
CA ILE G 505 18.39 49.53 -25.69
C ILE G 505 18.34 49.33 -24.19
N LYS G 506 17.24 49.76 -23.57
CA LYS G 506 17.09 49.63 -22.13
C LYS G 506 17.33 48.19 -21.71
N SER G 507 16.59 47.26 -22.29
CA SER G 507 16.73 45.84 -21.96
C SER G 507 18.14 45.25 -22.18
N ALA G 508 18.67 45.43 -23.38
CA ALA G 508 19.99 44.92 -23.75
C ALA G 508 21.08 45.40 -22.80
N SER G 509 21.37 46.69 -22.83
CA SER G 509 22.39 47.28 -21.97
C SER G 509 22.23 46.87 -20.51
N GLU G 510 20.98 46.84 -20.04
CA GLU G 510 20.67 46.43 -18.68
C GLU G 510 21.27 45.07 -18.41
N ALA G 511 21.00 44.14 -19.33
CA ALA G 511 21.47 42.76 -19.26
C ALA G 511 22.97 42.64 -19.40
N ALA G 512 23.49 43.21 -20.49
CA ALA G 512 24.93 43.19 -20.77
C ALA G 512 25.70 43.65 -19.52
N ILE G 513 25.33 44.80 -18.98
CA ILE G 513 25.96 45.32 -17.79
C ILE G 513 25.77 44.38 -16.60
N MET G 514 24.62 43.70 -16.57
CA MET G 514 24.33 42.80 -15.45
C MET G 514 25.32 41.64 -15.43
N ILE G 515 25.65 41.16 -16.61
CA ILE G 515 26.59 40.06 -16.75
C ILE G 515 28.01 40.60 -16.48
N LEU G 516 28.36 41.72 -17.12
CA LEU G 516 29.67 42.35 -16.94
C LEU G 516 30.02 42.57 -15.46
N ARG G 517 29.00 42.61 -14.61
CA ARG G 517 29.19 42.83 -13.18
C ARG G 517 29.40 41.57 -12.38
N ILE G 518 29.13 40.41 -12.97
CA ILE G 518 29.29 39.16 -12.26
C ILE G 518 30.71 38.62 -12.45
N ASP G 519 31.42 38.44 -11.35
CA ASP G 519 32.78 37.98 -11.39
C ASP G 519 32.92 36.64 -10.70
N ASP G 520 31.79 36.01 -10.40
CA ASP G 520 31.83 34.72 -9.71
C ASP G 520 30.49 34.04 -9.96
N VAL G 521 30.50 32.74 -10.25
CA VAL G 521 29.26 31.99 -10.46
C VAL G 521 29.35 30.70 -9.65
N ILE G 522 28.39 30.47 -8.75
CA ILE G 522 28.41 29.26 -7.95
C ILE G 522 27.14 28.44 -8.09
N ALA G 523 27.25 27.34 -8.86
CA ALA G 523 26.12 26.44 -9.14
C ALA G 523 26.22 25.08 -8.44
N ALA G 524 25.05 24.54 -8.06
CA ALA G 524 24.97 23.24 -7.39
C ALA G 524 24.82 22.04 -8.35
N LYS G 525 23.93 22.16 -9.36
CA LYS G 525 23.70 21.06 -10.34
C LYS G 525 23.12 21.46 -11.76
N ALA G 526 23.98 21.77 -12.74
CA ALA G 526 23.51 22.16 -14.11
C ALA G 526 24.57 22.21 -15.26
N VAL H 10 24.11 22.43 -16.51
CA VAL H 10 24.98 22.51 -17.71
C VAL H 10 24.56 23.64 -18.73
N ILE H 11 24.88 23.51 -20.03
CA ILE H 11 24.54 24.52 -21.09
C ILE H 11 23.18 24.34 -21.85
N LEU H 12 23.02 23.23 -22.57
CA LEU H 12 21.78 22.89 -23.29
C LEU H 12 21.66 21.35 -23.15
N PRO H 13 20.53 20.86 -22.61
CA PRO H 13 20.25 19.43 -22.38
C PRO H 13 20.93 18.45 -23.33
N GLU H 14 21.47 17.37 -22.76
CA GLU H 14 22.12 16.34 -23.56
C GLU H 14 21.03 15.44 -24.17
N GLY H 15 21.42 14.62 -25.17
CA GLY H 15 20.46 13.75 -25.82
C GLY H 15 19.46 14.63 -26.56
N THR H 16 19.93 15.82 -26.89
CA THR H 16 19.16 16.84 -27.60
C THR H 16 19.92 17.17 -28.88
N GLN H 17 19.30 16.91 -30.04
CA GLN H 17 19.92 17.16 -31.33
C GLN H 17 19.53 18.51 -31.92
N ARG H 18 20.31 18.93 -32.92
CA ARG H 18 20.07 20.20 -33.59
C ARG H 18 20.72 20.20 -34.96
N TYR H 19 20.08 20.84 -35.93
CA TYR H 19 20.60 20.94 -37.28
C TYR H 19 20.37 22.34 -37.78
N VAL H 20 21.23 22.81 -38.69
CA VAL H 20 21.09 24.15 -39.24
C VAL H 20 21.38 24.15 -40.75
N GLY H 21 20.91 25.20 -41.44
CA GLY H 21 21.11 25.34 -42.88
C GLY H 21 21.02 24.06 -43.70
N ARG H 22 22.11 23.72 -44.39
CA ARG H 22 22.16 22.49 -45.19
C ARG H 22 21.49 21.34 -44.44
N ASP H 23 22.12 20.91 -43.35
CA ASP H 23 21.62 19.83 -42.52
C ASP H 23 20.12 19.90 -42.26
N ALA H 24 19.70 20.94 -41.55
CA ALA H 24 18.29 21.13 -41.21
C ALA H 24 17.40 20.89 -42.42
N GLN H 25 17.54 21.72 -43.45
CA GLN H 25 16.74 21.59 -44.65
C GLN H 25 16.88 20.23 -45.35
N ARG H 26 18.10 19.71 -45.39
CA ARG H 26 18.37 18.43 -46.03
C ARG H 26 17.59 17.29 -45.38
N LEU H 27 17.68 17.19 -44.05
CA LEU H 27 16.99 16.15 -43.31
C LEU H 27 15.48 16.32 -43.43
N ASN H 28 15.00 17.52 -43.18
CA ASN H 28 13.58 17.80 -43.28
C ASN H 28 13.05 17.37 -44.64
N ILE H 29 13.66 17.82 -45.72
CA ILE H 29 13.20 17.43 -47.04
C ILE H 29 13.25 15.91 -47.23
N LEU H 30 14.29 15.25 -46.72
CA LEU H 30 14.38 13.80 -46.86
C LEU H 30 13.21 13.11 -46.16
N ALA H 31 13.01 13.43 -44.89
CA ALA H 31 11.93 12.84 -44.12
C ALA H 31 10.59 13.06 -44.82
N ALA H 32 10.39 14.28 -45.30
CA ALA H 32 9.16 14.61 -45.98
C ALA H 32 9.00 13.72 -47.21
N ARG H 33 10.02 13.70 -48.06
CA ARG H 33 10.01 12.89 -49.28
C ARG H 33 9.77 11.40 -49.02
N ILE H 34 10.34 10.88 -47.94
CA ILE H 34 10.20 9.47 -47.58
C ILE H 34 8.74 9.12 -47.38
N ILE H 35 8.07 9.89 -46.53
CA ILE H 35 6.66 9.71 -46.22
C ILE H 35 5.83 9.79 -47.49
N ALA H 36 6.08 10.82 -48.30
CA ALA H 36 5.37 11.01 -49.55
C ALA H 36 5.46 9.80 -50.46
N GLU H 37 6.64 9.20 -50.56
CA GLU H 37 6.88 8.04 -51.42
C GLU H 37 6.27 6.78 -50.82
N THR H 38 6.01 6.81 -49.52
CA THR H 38 5.41 5.68 -48.86
C THR H 38 3.94 5.52 -49.30
N VAL H 39 3.29 6.64 -49.62
CA VAL H 39 1.89 6.58 -50.03
C VAL H 39 1.63 6.67 -51.53
N ARG H 40 2.58 7.19 -52.30
CA ARG H 40 2.37 7.34 -53.74
C ARG H 40 2.09 6.03 -54.46
N THR H 41 2.45 4.93 -53.81
CA THR H 41 2.26 3.61 -54.36
C THR H 41 0.77 3.23 -54.34
N THR H 42 -0.05 4.11 -53.76
CA THR H 42 -1.49 3.89 -53.62
C THR H 42 -2.35 4.88 -54.41
N LEU H 43 -1.70 5.78 -55.13
CA LEU H 43 -2.38 6.79 -55.90
C LEU H 43 -3.09 6.24 -57.12
N GLY H 44 -4.36 6.64 -57.28
CA GLY H 44 -5.14 6.22 -58.42
C GLY H 44 -5.87 4.91 -58.26
N PRO H 45 -6.63 4.52 -59.29
CA PRO H 45 -7.44 3.29 -59.39
C PRO H 45 -6.62 2.02 -59.30
N LYS H 46 -5.38 2.09 -59.77
CA LYS H 46 -4.48 0.94 -59.78
C LYS H 46 -3.50 0.93 -58.61
N GLY H 47 -3.57 1.95 -57.77
CA GLY H 47 -2.68 2.03 -56.62
C GLY H 47 -2.83 0.84 -55.71
N MET H 48 -1.80 0.56 -54.90
CA MET H 48 -1.82 -0.58 -53.99
C MET H 48 -2.38 -0.30 -52.60
N ASP H 49 -2.40 -1.34 -51.77
CA ASP H 49 -2.90 -1.22 -50.41
C ASP H 49 -1.77 -1.44 -49.44
N LYS H 50 -2.01 -1.09 -48.19
CA LYS H 50 -1.00 -1.28 -47.16
C LYS H 50 -1.60 -1.98 -45.94
N MET H 51 -0.80 -2.83 -45.33
CA MET H 51 -1.24 -3.55 -44.16
C MET H 51 -0.49 -2.94 -42.99
N LEU H 52 -1.22 -2.23 -42.14
CA LEU H 52 -0.64 -1.58 -40.98
C LEU H 52 -0.91 -2.40 -39.74
N VAL H 53 0.15 -2.94 -39.13
CA VAL H 53 -0.02 -3.77 -37.94
C VAL H 53 0.30 -3.04 -36.66
N ASP H 54 -0.78 -2.60 -36.01
CA ASP H 54 -0.73 -1.90 -34.75
C ASP H 54 0.04 -2.75 -33.71
N SER H 55 0.77 -2.06 -32.82
CA SER H 55 1.56 -2.72 -31.76
C SER H 55 0.74 -3.67 -30.89
N LEU H 56 -0.56 -3.38 -30.75
CA LEU H 56 -1.47 -4.21 -29.98
C LEU H 56 -1.98 -5.39 -30.82
N GLY H 57 -1.35 -5.61 -31.98
CA GLY H 57 -1.73 -6.70 -32.86
C GLY H 57 -2.83 -6.37 -33.87
N ASP H 58 -3.45 -5.19 -33.73
CA ASP H 58 -4.50 -4.71 -34.56
C ASP H 58 -4.08 -4.63 -36.01
N ILE H 59 -4.94 -5.05 -36.96
CA ILE H 59 -4.62 -5.03 -38.38
C ILE H 59 -5.55 -4.17 -39.23
N VAL H 60 -4.96 -3.20 -39.95
CA VAL H 60 -5.72 -2.31 -40.82
C VAL H 60 -5.18 -2.35 -42.24
N VAL H 61 -6.02 -2.75 -43.18
CA VAL H 61 -5.62 -2.84 -44.58
C VAL H 61 -6.41 -1.78 -45.36
N THR H 62 -5.73 -0.72 -45.82
CA THR H 62 -6.41 0.35 -46.53
C THR H 62 -5.62 1.00 -47.67
N ASN H 63 -6.31 1.77 -48.51
CA ASN H 63 -5.74 2.50 -49.65
C ASN H 63 -5.70 3.99 -49.28
N ASP H 64 -6.35 4.31 -48.16
CA ASP H 64 -6.48 5.67 -47.66
C ASP H 64 -5.22 6.28 -47.06
N CYS H 65 -4.79 7.38 -47.66
CA CYS H 65 -3.60 8.09 -47.21
C CYS H 65 -3.78 8.62 -45.79
N ALA H 66 -4.91 9.30 -45.57
CA ALA H 66 -5.23 9.87 -44.28
C ALA H 66 -5.12 8.83 -43.17
N THR H 67 -5.67 7.66 -43.42
CA THR H 67 -5.65 6.56 -42.46
C THR H 67 -4.25 5.99 -42.26
N ILE H 68 -3.51 5.86 -43.36
CA ILE H 68 -2.15 5.32 -43.30
C ILE H 68 -1.20 6.24 -42.54
N LEU H 69 -1.12 7.50 -42.96
CA LEU H 69 -0.26 8.50 -42.30
C LEU H 69 -0.60 8.62 -40.83
N ASP H 70 -1.87 8.40 -40.52
CA ASP H 70 -2.36 8.48 -39.15
C ASP H 70 -1.93 7.28 -38.30
N LYS H 71 -2.21 6.07 -38.78
CA LYS H 71 -1.88 4.86 -38.07
C LYS H 71 -0.37 4.62 -37.93
N ILE H 72 0.38 4.89 -38.99
CA ILE H 72 1.84 4.71 -38.93
C ILE H 72 2.41 5.63 -37.87
N ASP H 73 3.28 5.09 -37.01
CA ASP H 73 3.88 5.91 -35.97
C ASP H 73 5.08 6.68 -36.50
N LEU H 74 4.86 7.93 -36.88
CA LEU H 74 5.92 8.78 -37.41
C LEU H 74 6.72 9.45 -36.31
N GLN H 75 8.05 9.45 -36.46
CA GLN H 75 8.95 10.05 -35.49
C GLN H 75 9.46 11.39 -35.97
N HIS H 76 10.09 11.42 -37.13
CA HIS H 76 10.62 12.68 -37.63
C HIS H 76 9.54 13.74 -37.73
N PRO H 77 9.78 14.92 -37.15
CA PRO H 77 8.86 16.04 -37.13
C PRO H 77 8.42 16.47 -38.51
N ALA H 78 9.37 16.60 -39.43
CA ALA H 78 9.03 17.03 -40.78
C ALA H 78 8.05 16.06 -41.45
N ALA H 79 8.12 14.78 -41.08
CA ALA H 79 7.23 13.77 -41.64
C ALA H 79 5.84 13.88 -41.02
N LYS H 80 5.77 14.25 -39.74
CA LYS H 80 4.50 14.40 -39.06
C LYS H 80 3.76 15.57 -39.67
N MET H 81 4.50 16.53 -40.16
CA MET H 81 3.89 17.69 -40.78
C MET H 81 3.18 17.29 -42.05
N MET H 82 3.66 16.23 -42.69
CA MET H 82 3.04 15.75 -43.91
C MET H 82 1.68 15.16 -43.59
N VAL H 83 1.48 14.77 -42.32
CA VAL H 83 0.21 14.23 -41.89
C VAL H 83 -0.80 15.39 -41.92
N GLU H 84 -0.36 16.56 -41.47
CA GLU H 84 -1.22 17.72 -41.48
C GLU H 84 -1.69 18.04 -42.89
N VAL H 85 -0.90 17.70 -43.91
CA VAL H 85 -1.33 18.00 -45.27
C VAL H 85 -2.60 17.21 -45.57
N ALA H 86 -2.53 15.89 -45.42
CA ALA H 86 -3.69 15.03 -45.67
C ALA H 86 -4.83 15.35 -44.70
N LYS H 87 -4.48 15.74 -43.49
CA LYS H 87 -5.46 16.09 -42.46
C LYS H 87 -6.27 17.31 -42.91
N THR H 88 -5.62 18.30 -43.50
CA THR H 88 -6.30 19.52 -43.95
C THR H 88 -7.06 19.28 -45.23
N GLN H 89 -6.52 18.43 -46.08
CA GLN H 89 -7.16 18.12 -47.35
C GLN H 89 -8.44 17.32 -47.11
N ASP H 90 -8.39 16.39 -46.16
CA ASP H 90 -9.52 15.54 -45.84
C ASP H 90 -10.65 16.32 -45.21
N LYS H 91 -10.27 17.39 -44.54
CA LYS H 91 -11.22 18.24 -43.86
C LYS H 91 -11.70 19.42 -44.68
N GLU H 92 -11.29 19.51 -45.95
CA GLU H 92 -11.69 20.63 -46.77
C GLU H 92 -12.20 20.25 -48.14
N ALA H 93 -11.76 19.12 -48.65
CA ALA H 93 -12.19 18.69 -49.96
C ALA H 93 -12.58 17.22 -49.88
N GLY H 94 -12.21 16.57 -48.79
CA GLY H 94 -12.54 15.18 -48.59
C GLY H 94 -11.68 14.20 -49.36
N ASP H 95 -11.50 14.44 -50.65
CA ASP H 95 -10.70 13.58 -51.50
C ASP H 95 -9.36 14.25 -51.86
N GLY H 96 -8.48 13.46 -52.48
CA GLY H 96 -7.16 13.93 -52.88
C GLY H 96 -6.11 14.07 -51.79
N THR H 97 -6.17 13.23 -50.75
CA THR H 97 -5.17 13.34 -49.69
C THR H 97 -3.81 12.81 -50.13
N THR H 98 -3.82 11.73 -50.92
CA THR H 98 -2.58 11.16 -51.43
C THR H 98 -1.95 12.22 -52.35
N THR H 99 -2.76 12.74 -53.27
CA THR H 99 -2.32 13.78 -54.22
C THR H 99 -1.60 14.96 -53.54
N ALA H 100 -2.22 15.53 -52.51
CA ALA H 100 -1.63 16.67 -51.79
C ALA H 100 -0.26 16.35 -51.17
N VAL H 101 -0.14 15.17 -50.55
CA VAL H 101 1.10 14.74 -49.93
C VAL H 101 2.16 14.38 -50.97
N VAL H 102 1.75 13.74 -52.06
CA VAL H 102 2.68 13.40 -53.11
C VAL H 102 3.26 14.69 -53.69
N ILE H 103 2.40 15.65 -54.02
CA ILE H 103 2.87 16.92 -54.58
C ILE H 103 3.72 17.73 -53.61
N ALA H 104 3.47 17.59 -52.32
CA ALA H 104 4.23 18.32 -51.31
C ALA H 104 5.65 17.75 -51.29
N GLY H 105 5.75 16.43 -51.38
CA GLY H 105 7.06 15.81 -51.39
C GLY H 105 7.85 16.20 -52.63
N GLU H 106 7.18 16.21 -53.78
CA GLU H 106 7.85 16.57 -55.03
C GLU H 106 8.33 17.99 -55.01
N LEU H 107 7.46 18.87 -54.56
CA LEU H 107 7.77 20.28 -54.44
C LEU H 107 9.04 20.44 -53.61
N LEU H 108 9.18 19.61 -52.57
CA LEU H 108 10.36 19.67 -51.70
C LEU H 108 11.62 19.10 -52.34
N ARG H 109 11.45 18.12 -53.23
CA ARG H 109 12.58 17.50 -53.92
C ARG H 109 13.11 18.51 -54.92
N LYS H 110 12.24 19.04 -55.76
CA LYS H 110 12.62 20.02 -56.78
C LYS H 110 13.13 21.30 -56.12
N ALA H 111 12.68 21.53 -54.89
CA ALA H 111 13.09 22.71 -54.14
C ALA H 111 14.52 22.54 -53.64
N GLU H 112 14.85 21.36 -53.14
CA GLU H 112 16.19 21.14 -52.66
C GLU H 112 17.16 21.27 -53.82
N GLU H 113 16.71 20.92 -55.01
CA GLU H 113 17.55 21.04 -56.19
C GLU H 113 17.98 22.49 -56.33
N LEU H 114 17.04 23.41 -56.18
CA LEU H 114 17.33 24.84 -56.28
C LEU H 114 18.22 25.32 -55.13
N LEU H 115 18.17 24.64 -54.00
CA LEU H 115 18.98 25.01 -52.85
C LEU H 115 20.41 24.61 -53.14
N ASP H 116 20.58 23.42 -53.70
CA ASP H 116 21.89 22.88 -54.04
C ASP H 116 22.53 23.80 -55.06
N GLN H 117 21.71 24.44 -55.88
CA GLN H 117 22.21 25.34 -56.90
C GLN H 117 22.66 26.66 -56.27
N ASN H 118 22.55 26.72 -54.94
CA ASN H 118 22.94 27.88 -54.14
C ASN H 118 21.92 29.01 -54.07
N ILE H 119 20.73 28.77 -54.62
CA ILE H 119 19.68 29.79 -54.62
C ILE H 119 19.14 29.96 -53.20
N HIS H 120 19.06 31.22 -52.75
CA HIS H 120 18.61 31.56 -51.41
C HIS H 120 17.19 31.06 -51.13
N PRO H 121 16.99 30.41 -49.96
CA PRO H 121 15.64 29.91 -49.62
C PRO H 121 14.58 31.00 -49.87
N SER H 122 14.91 32.23 -49.52
CA SER H 122 14.03 33.37 -49.74
C SER H 122 13.49 33.42 -51.18
N ILE H 123 14.32 33.11 -52.15
CA ILE H 123 13.90 33.15 -53.56
C ILE H 123 12.98 31.98 -53.90
N ILE H 124 13.32 30.78 -53.44
CA ILE H 124 12.52 29.59 -53.72
C ILE H 124 11.11 29.78 -53.14
N ILE H 125 11.06 30.16 -51.88
CA ILE H 125 9.79 30.40 -51.20
C ILE H 125 8.93 31.36 -52.05
N LYS H 126 9.44 32.55 -52.29
CA LYS H 126 8.73 33.57 -53.08
C LYS H 126 8.30 33.10 -54.47
N GLY H 127 9.14 32.31 -55.13
CA GLY H 127 8.78 31.82 -56.45
C GLY H 127 7.72 30.74 -56.36
N TYR H 128 7.70 30.04 -55.24
CA TYR H 128 6.74 28.99 -54.99
C TYR H 128 5.38 29.61 -54.70
N ALA H 129 5.38 30.67 -53.91
CA ALA H 129 4.15 31.37 -53.56
C ALA H 129 3.51 31.92 -54.82
N LEU H 130 4.31 32.49 -55.71
CA LEU H 130 3.79 33.05 -56.96
C LEU H 130 3.18 31.97 -57.81
N ALA H 131 3.83 30.82 -57.82
CA ALA H 131 3.37 29.67 -58.60
C ALA H 131 2.07 29.13 -58.02
N ALA H 132 2.05 29.02 -56.69
CA ALA H 132 0.89 28.52 -55.95
C ALA H 132 -0.33 29.42 -56.17
N GLU H 133 -0.12 30.72 -55.99
CA GLU H 133 -1.18 31.70 -56.17
C GLU H 133 -1.68 31.75 -57.61
N LYS H 134 -0.76 31.61 -58.55
CA LYS H 134 -1.13 31.66 -59.95
C LYS H 134 -1.81 30.39 -60.43
N ALA H 135 -1.70 29.32 -59.64
CA ALA H 135 -2.32 28.05 -59.99
C ALA H 135 -3.80 28.12 -59.64
N GLN H 136 -4.10 28.67 -58.47
CA GLN H 136 -5.49 28.82 -58.04
C GLN H 136 -6.17 29.55 -59.18
N GLU H 137 -5.56 30.64 -59.59
CA GLU H 137 -6.06 31.46 -60.68
C GLU H 137 -6.40 30.63 -61.93
N ILE H 138 -5.43 29.85 -62.41
CA ILE H 138 -5.61 29.01 -63.59
C ILE H 138 -6.71 27.98 -63.41
N LEU H 139 -6.83 27.44 -62.20
CA LEU H 139 -7.85 26.43 -61.90
C LEU H 139 -9.25 27.06 -61.87
N ASP H 140 -9.39 28.19 -61.19
CA ASP H 140 -10.66 28.89 -61.12
C ASP H 140 -11.11 29.16 -62.53
N GLU H 141 -10.15 29.40 -63.40
CA GLU H 141 -10.43 29.69 -64.80
C GLU H 141 -10.81 28.47 -65.62
N ILE H 142 -9.95 27.46 -65.66
CA ILE H 142 -10.22 26.26 -66.45
C ILE H 142 -11.36 25.40 -65.93
N ALA H 143 -11.82 25.67 -64.71
CA ALA H 143 -12.90 24.90 -64.10
C ALA H 143 -14.17 24.84 -64.94
N ILE H 144 -14.77 23.65 -65.03
CA ILE H 144 -16.02 23.45 -65.77
C ILE H 144 -17.20 23.70 -64.87
N ARG H 145 -17.77 24.90 -64.94
CA ARG H 145 -18.92 25.24 -64.11
C ARG H 145 -20.12 24.38 -64.42
N VAL H 146 -20.52 23.55 -63.47
CA VAL H 146 -21.64 22.65 -63.64
C VAL H 146 -22.83 23.09 -62.78
N ASP H 147 -24.00 22.48 -62.99
CA ASP H 147 -25.20 22.82 -62.24
C ASP H 147 -25.28 22.10 -60.90
N PRO H 148 -25.15 22.85 -59.79
CA PRO H 148 -25.18 22.41 -58.40
C PRO H 148 -25.90 21.12 -58.05
N ASP H 149 -26.95 20.80 -58.77
CA ASP H 149 -27.68 19.58 -58.47
C ASP H 149 -27.88 18.69 -59.67
N ASP H 150 -27.23 19.05 -60.79
CA ASP H 150 -27.29 18.25 -62.01
C ASP H 150 -26.89 16.84 -61.57
N GLU H 151 -27.87 16.00 -61.27
CA GLU H 151 -27.61 14.64 -60.80
C GLU H 151 -26.68 13.82 -61.66
N GLU H 152 -26.64 14.14 -62.94
CA GLU H 152 -25.75 13.43 -63.87
C GLU H 152 -24.30 13.47 -63.39
N THR H 153 -23.71 14.66 -63.42
CA THR H 153 -22.32 14.86 -63.02
C THR H 153 -22.10 14.61 -61.53
N LEU H 154 -23.15 14.77 -60.73
CA LEU H 154 -23.03 14.53 -59.30
C LEU H 154 -22.80 13.04 -59.10
N LEU H 155 -23.31 12.24 -60.02
CA LEU H 155 -23.15 10.79 -59.96
C LEU H 155 -21.76 10.39 -60.45
N LYS H 156 -21.22 11.18 -61.38
CA LYS H 156 -19.88 10.93 -61.93
C LYS H 156 -18.83 11.23 -60.86
N ILE H 157 -18.89 12.43 -60.29
CA ILE H 157 -17.96 12.83 -59.25
C ILE H 157 -17.87 11.73 -58.21
N ALA H 158 -19.01 11.33 -57.67
CA ALA H 158 -19.05 10.31 -56.63
C ALA H 158 -18.42 9.00 -57.06
N ALA H 159 -18.68 8.61 -58.30
CA ALA H 159 -18.17 7.36 -58.85
C ALA H 159 -16.67 7.40 -59.07
N THR H 160 -16.19 8.47 -59.69
CA THR H 160 -14.77 8.67 -59.97
C THR H 160 -13.97 8.55 -58.69
N SER H 161 -14.55 9.06 -57.61
CA SER H 161 -13.92 9.03 -56.30
C SER H 161 -13.74 7.61 -55.78
N ILE H 162 -14.81 6.83 -55.85
CA ILE H 162 -14.79 5.44 -55.38
C ILE H 162 -13.85 4.58 -56.21
N THR H 163 -13.72 4.92 -57.49
CA THR H 163 -12.83 4.22 -58.40
C THR H 163 -11.46 4.84 -58.11
N GLY H 164 -10.84 4.38 -57.04
CA GLY H 164 -9.55 4.92 -56.65
C GLY H 164 -9.16 4.10 -55.46
N LYS H 165 -10.13 3.29 -55.02
CA LYS H 165 -9.95 2.43 -53.88
C LYS H 165 -10.32 0.99 -54.19
N ASN H 166 -10.23 0.19 -53.13
CA ASN H 166 -10.53 -1.23 -53.14
C ASN H 166 -11.98 -1.50 -53.60
N ALA H 167 -12.93 -0.81 -52.97
CA ALA H 167 -14.38 -0.95 -53.22
C ALA H 167 -14.96 -0.54 -54.60
N GLU H 168 -14.11 -0.25 -55.58
CA GLU H 168 -14.56 0.12 -56.93
C GLU H 168 -15.43 -0.98 -57.55
N SER H 169 -15.48 -2.13 -56.87
CA SER H 169 -16.27 -3.28 -57.32
C SER H 169 -17.76 -2.95 -57.53
N HIS H 170 -18.29 -2.09 -56.67
CA HIS H 170 -19.69 -1.68 -56.78
C HIS H 170 -19.70 -0.16 -56.80
N LYS H 171 -18.93 0.43 -57.72
CA LYS H 171 -18.87 1.88 -57.82
C LYS H 171 -20.25 2.40 -58.20
N GLU H 172 -21.00 1.57 -58.91
CA GLU H 172 -22.33 1.93 -59.36
C GLU H 172 -23.28 2.25 -58.20
N LEU H 173 -23.52 1.24 -57.36
CA LEU H 173 -24.41 1.35 -56.20
C LEU H 173 -23.97 2.44 -55.22
N LEU H 174 -22.77 2.27 -54.67
CA LEU H 174 -22.19 3.21 -53.70
C LEU H 174 -22.23 4.66 -54.15
N ALA H 175 -22.01 4.92 -55.44
CA ALA H 175 -22.04 6.29 -55.94
C ALA H 175 -23.45 6.83 -55.78
N LYS H 176 -24.41 6.00 -56.18
CA LYS H 176 -25.83 6.35 -56.09
C LYS H 176 -26.26 6.64 -54.65
N LEU H 177 -25.85 5.78 -53.72
CA LEU H 177 -26.21 5.95 -52.32
C LEU H 177 -25.63 7.24 -51.76
N ALA H 178 -24.45 7.62 -52.26
CA ALA H 178 -23.79 8.82 -51.78
C ALA H 178 -24.40 10.10 -52.31
N VAL H 179 -24.88 10.08 -53.55
CA VAL H 179 -25.48 11.27 -54.14
C VAL H 179 -26.87 11.47 -53.57
N GLU H 180 -27.53 10.34 -53.30
CA GLU H 180 -28.88 10.34 -52.76
C GLU H 180 -28.84 10.82 -51.31
N ALA H 181 -27.88 10.28 -50.56
CA ALA H 181 -27.70 10.65 -49.16
C ALA H 181 -27.42 12.13 -48.98
N VAL H 182 -26.52 12.67 -49.80
CA VAL H 182 -26.18 14.09 -49.69
C VAL H 182 -27.31 14.99 -50.14
N LYS H 183 -27.97 14.65 -51.25
CA LYS H 183 -29.07 15.45 -51.77
C LYS H 183 -30.18 15.60 -50.74
N GLN H 184 -30.36 14.58 -49.92
CA GLN H 184 -31.41 14.63 -48.91
C GLN H 184 -31.10 15.57 -47.76
N VAL H 185 -29.99 15.33 -47.06
CA VAL H 185 -29.62 16.16 -45.93
C VAL H 185 -29.17 17.56 -46.31
N ALA H 186 -28.79 17.72 -47.57
CA ALA H 186 -28.33 19.00 -48.08
C ALA H 186 -29.29 20.10 -47.69
N GLU H 187 -28.77 21.31 -47.51
CA GLU H 187 -29.62 22.43 -47.13
C GLU H 187 -29.34 23.63 -48.04
N LYS H 188 -30.37 24.42 -48.30
CA LYS H 188 -30.27 25.60 -49.16
C LYS H 188 -31.37 26.59 -48.81
N LYS H 189 -31.01 27.71 -48.19
CA LYS H 189 -32.00 28.72 -47.82
C LYS H 189 -31.51 30.13 -48.15
N ASP H 190 -30.34 30.20 -48.77
CA ASP H 190 -29.68 31.46 -49.11
C ASP H 190 -29.35 31.61 -50.58
N GLY H 191 -29.64 30.58 -51.37
CA GLY H 191 -29.34 30.63 -52.78
C GLY H 191 -28.46 29.47 -53.20
N LYS H 192 -27.46 29.15 -52.36
CA LYS H 192 -26.56 28.04 -52.65
C LYS H 192 -26.68 26.97 -51.56
N TYR H 193 -26.20 25.77 -51.86
CA TYR H 193 -26.28 24.67 -50.91
C TYR H 193 -25.24 24.75 -49.80
N VAL H 194 -25.52 24.02 -48.73
CA VAL H 194 -24.64 23.96 -47.56
C VAL H 194 -24.86 22.60 -46.94
N VAL H 195 -23.86 21.72 -47.04
CA VAL H 195 -24.00 20.37 -46.51
C VAL H 195 -23.26 20.07 -45.21
N ASP H 196 -23.99 19.68 -44.19
CA ASP H 196 -23.39 19.32 -42.90
C ASP H 196 -23.32 17.79 -42.93
N LEU H 197 -22.17 17.25 -43.32
CA LEU H 197 -22.05 15.82 -43.40
C LEU H 197 -22.24 15.05 -42.10
N ASP H 198 -22.39 15.75 -40.97
CA ASP H 198 -22.61 15.05 -39.70
C ASP H 198 -24.01 14.47 -39.72
N ASN H 199 -24.79 14.91 -40.70
CA ASN H 199 -26.16 14.47 -40.87
C ASN H 199 -26.30 13.21 -41.68
N ILE H 200 -25.18 12.51 -41.91
CA ILE H 200 -25.20 11.28 -42.66
C ILE H 200 -24.46 10.23 -41.85
N LYS H 201 -25.20 9.49 -41.03
CA LYS H 201 -24.62 8.47 -40.20
C LYS H 201 -24.31 7.24 -41.07
N PHE H 202 -23.29 6.49 -40.71
CA PHE H 202 -22.89 5.28 -41.44
C PHE H 202 -23.04 4.11 -40.49
N GLU H 203 -23.70 3.05 -40.94
CA GLU H 203 -23.89 1.88 -40.09
C GLU H 203 -23.21 0.70 -40.75
N LYS H 204 -22.17 0.19 -40.09
CA LYS H 204 -21.41 -0.93 -40.62
C LYS H 204 -21.75 -2.26 -39.95
N LYS H 205 -22.32 -3.18 -40.71
CA LYS H 205 -22.63 -4.50 -40.16
C LYS H 205 -22.12 -5.62 -41.06
N ALA H 206 -21.27 -6.48 -40.48
CA ALA H 206 -20.68 -7.60 -41.22
C ALA H 206 -21.72 -8.63 -41.63
N GLY H 207 -21.41 -9.36 -42.69
CA GLY H 207 -22.33 -10.36 -43.20
C GLY H 207 -22.85 -9.81 -44.51
N GLU H 208 -23.45 -10.64 -45.34
CA GLU H 208 -23.97 -10.16 -46.62
C GLU H 208 -22.83 -9.70 -47.55
N GLY H 209 -23.21 -9.07 -48.65
CA GLY H 209 -22.24 -8.54 -49.57
C GLY H 209 -22.43 -7.03 -49.63
N VAL H 210 -21.45 -6.34 -50.21
CA VAL H 210 -21.53 -4.88 -50.35
C VAL H 210 -22.74 -4.56 -51.22
N GLU H 211 -23.32 -5.61 -51.79
CA GLU H 211 -24.48 -5.46 -52.64
C GLU H 211 -25.73 -5.04 -51.88
N GLU H 212 -25.82 -5.51 -50.64
CA GLU H 212 -26.97 -5.25 -49.78
C GLU H 212 -26.89 -3.94 -49.02
N SER H 213 -25.95 -3.09 -49.39
CA SER H 213 -25.83 -1.80 -48.73
C SER H 213 -26.98 -0.94 -49.24
N GLU H 214 -27.53 -0.11 -48.36
CA GLU H 214 -28.67 0.74 -48.73
C GLU H 214 -28.74 2.05 -47.98
N LEU H 215 -29.53 2.97 -48.52
CA LEU H 215 -29.75 4.27 -47.90
C LEU H 215 -31.02 4.16 -47.06
N VAL H 216 -30.91 4.46 -45.77
CA VAL H 216 -32.04 4.40 -44.86
C VAL H 216 -32.52 5.81 -44.55
N ARG H 217 -33.52 6.30 -45.30
CA ARG H 217 -34.07 7.63 -45.08
C ARG H 217 -34.73 7.63 -43.71
N GLY H 218 -33.89 7.47 -42.70
CA GLY H 218 -34.29 7.41 -41.31
C GLY H 218 -33.04 7.31 -40.46
N VAL H 219 -33.02 6.38 -39.52
CA VAL H 219 -31.87 6.20 -38.63
C VAL H 219 -31.82 4.77 -38.14
N VAL H 220 -30.63 4.27 -37.83
CA VAL H 220 -30.50 2.92 -37.29
C VAL H 220 -29.82 3.04 -35.94
N ILE H 221 -30.42 2.42 -34.93
CA ILE H 221 -29.89 2.50 -33.59
C ILE H 221 -29.57 1.13 -33.04
N ASP H 222 -28.41 1.00 -32.42
CA ASP H 222 -28.02 -0.27 -31.84
C ASP H 222 -28.47 -0.42 -30.42
N LYS H 223 -29.78 -0.57 -30.26
CA LYS H 223 -30.39 -0.74 -28.96
C LYS H 223 -31.52 -1.72 -29.18
N GLU H 224 -32.12 -2.19 -28.09
CA GLU H 224 -33.25 -3.10 -28.19
C GLU H 224 -34.51 -2.46 -27.60
N VAL H 225 -35.64 -3.12 -27.74
CA VAL H 225 -36.88 -2.64 -27.16
C VAL H 225 -36.70 -3.01 -25.69
N VAL H 226 -36.78 -2.02 -24.80
CA VAL H 226 -36.54 -2.23 -23.38
C VAL H 226 -37.38 -3.23 -22.59
N HIS H 227 -38.60 -3.52 -23.03
CA HIS H 227 -39.46 -4.46 -22.30
C HIS H 227 -39.93 -5.61 -23.19
N PRO H 228 -40.04 -6.82 -22.61
CA PRO H 228 -40.47 -8.00 -23.37
C PRO H 228 -41.83 -7.84 -24.03
N ARG H 229 -42.75 -7.23 -23.31
CA ARG H 229 -44.11 -7.05 -23.78
C ARG H 229 -44.40 -5.85 -24.67
N MET H 230 -43.37 -5.16 -25.13
CA MET H 230 -43.60 -4.00 -25.99
C MET H 230 -43.58 -4.40 -27.45
N PRO H 231 -44.26 -3.62 -28.31
CA PRO H 231 -44.31 -3.91 -29.74
C PRO H 231 -42.90 -3.95 -30.30
N LYS H 232 -42.58 -4.98 -31.09
CA LYS H 232 -41.26 -5.06 -31.69
C LYS H 232 -41.35 -4.37 -33.06
N ARG H 233 -42.47 -3.71 -33.31
CA ARG H 233 -42.68 -3.02 -34.57
C ARG H 233 -43.91 -2.14 -34.49
N VAL H 234 -43.78 -0.93 -35.00
CA VAL H 234 -44.89 0.02 -34.99
C VAL H 234 -45.04 0.51 -36.42
N GLU H 235 -46.26 0.56 -36.88
CA GLU H 235 -46.51 0.98 -38.26
C GLU H 235 -46.30 2.49 -38.48
N ASN H 236 -47.35 3.30 -38.36
CA ASN H 236 -47.15 4.73 -38.51
C ASN H 236 -46.88 5.28 -37.12
N ALA H 237 -45.59 5.28 -36.78
CA ALA H 237 -45.12 5.71 -35.48
C ALA H 237 -45.15 7.20 -35.21
N LYS H 238 -45.57 7.53 -34.00
CA LYS H 238 -45.61 8.90 -33.52
C LYS H 238 -44.54 8.83 -32.46
N ILE H 239 -43.35 9.28 -32.83
CA ILE H 239 -42.17 9.21 -31.98
C ILE H 239 -41.91 10.33 -30.99
N ALA H 240 -41.54 9.94 -29.77
CA ALA H 240 -41.23 10.87 -28.71
C ALA H 240 -39.77 10.70 -28.26
N LEU H 241 -39.01 11.79 -28.30
CA LEU H 241 -37.61 11.80 -27.87
C LEU H 241 -37.55 12.48 -26.50
N ILE H 242 -37.56 11.68 -25.45
CA ILE H 242 -37.52 12.22 -24.09
C ILE H 242 -36.13 12.14 -23.51
N ASN H 243 -35.59 13.29 -23.07
CA ASN H 243 -34.27 13.32 -22.44
C ASN H 243 -34.44 13.63 -20.97
N GLU H 244 -35.11 12.74 -20.27
CA GLU H 244 -35.35 12.86 -18.86
C GLU H 244 -35.42 11.43 -18.40
N ALA H 245 -35.03 11.17 -17.17
CA ALA H 245 -35.06 9.81 -16.67
C ALA H 245 -36.45 9.42 -16.16
N LEU H 246 -37.02 8.41 -16.80
CA LEU H 246 -38.32 7.90 -16.41
C LEU H 246 -38.10 7.06 -15.17
N GLU H 247 -37.75 7.73 -14.08
CA GLU H 247 -37.54 7.03 -12.83
C GLU H 247 -37.87 7.94 -11.66
N VAL H 248 -38.03 7.33 -10.48
CA VAL H 248 -38.40 8.04 -9.26
C VAL H 248 -37.54 9.23 -8.85
N LYS H 249 -37.93 10.43 -9.28
CA LYS H 249 -37.19 11.65 -8.94
C LYS H 249 -36.93 11.86 -7.46
N LYS H 250 -35.79 12.48 -7.16
CA LYS H 250 -35.41 12.76 -5.78
C LYS H 250 -35.10 14.24 -5.63
N THR H 251 -35.19 14.76 -4.42
CA THR H 251 -34.92 16.17 -4.18
C THR H 251 -33.44 16.48 -4.15
N GLU H 252 -33.05 17.65 -4.65
CA GLU H 252 -31.64 18.02 -4.64
C GLU H 252 -31.18 18.11 -3.20
N THR H 253 -32.11 18.43 -2.30
CA THR H 253 -31.79 18.55 -0.89
C THR H 253 -31.79 17.18 -0.26
N ASP H 254 -30.69 16.81 0.39
CA ASP H 254 -30.62 15.51 1.02
C ASP H 254 -31.95 15.18 1.67
N ALA H 255 -32.45 13.97 1.42
CA ALA H 255 -33.74 13.55 1.97
C ALA H 255 -33.79 12.06 2.22
N LYS H 256 -34.50 11.64 3.27
CA LYS H 256 -34.63 10.23 3.60
C LYS H 256 -35.98 9.95 4.28
N ILE H 257 -36.53 8.77 4.03
CA ILE H 257 -37.82 8.36 4.56
C ILE H 257 -37.74 7.65 5.91
N ASN H 258 -38.58 8.06 6.86
CA ASN H 258 -38.59 7.44 8.18
C ASN H 258 -39.87 6.67 8.40
N ILE H 259 -39.84 5.39 8.06
CA ILE H 259 -40.99 4.54 8.25
C ILE H 259 -41.20 4.40 9.76
N THR H 260 -42.40 4.72 10.22
CA THR H 260 -42.73 4.67 11.64
C THR H 260 -43.78 3.61 12.01
N SER H 261 -44.59 3.20 11.04
CA SER H 261 -45.62 2.18 11.24
C SER H 261 -45.78 1.38 9.95
N PRO H 262 -46.04 0.07 10.06
CA PRO H 262 -46.22 -0.90 8.96
C PRO H 262 -46.92 -0.43 7.69
N ASP H 263 -48.14 0.05 7.82
CA ASP H 263 -48.90 0.49 6.65
C ASP H 263 -48.10 1.36 5.67
N GLN H 264 -47.01 1.94 6.16
CA GLN H 264 -46.19 2.81 5.35
C GLN H 264 -45.34 2.13 4.29
N LEU H 265 -44.83 0.95 4.59
CA LEU H 265 -44.03 0.25 3.61
C LEU H 265 -44.81 0.28 2.31
N MET H 266 -46.09 -0.02 2.38
CA MET H 266 -46.93 -0.03 1.18
C MET H 266 -47.25 1.33 0.60
N SER H 267 -47.84 2.20 1.40
CA SER H 267 -48.23 3.55 0.97
C SER H 267 -47.17 4.30 0.18
N PHE H 268 -45.91 4.17 0.60
CA PHE H 268 -44.80 4.83 -0.05
C PHE H 268 -44.52 4.25 -1.42
N LEU H 269 -44.33 2.93 -1.47
CA LEU H 269 -44.10 2.26 -2.74
C LEU H 269 -45.18 2.68 -3.72
N GLU H 270 -46.41 2.70 -3.26
CA GLU H 270 -47.53 3.08 -4.12
C GLU H 270 -47.38 4.53 -4.54
N GLN H 271 -46.85 5.35 -3.65
CA GLN H 271 -46.66 6.75 -3.96
C GLN H 271 -45.71 6.92 -5.12
N GLU H 272 -44.66 6.09 -5.16
CA GLU H 272 -43.70 6.17 -6.25
C GLU H 272 -44.27 5.59 -7.54
N GLU H 273 -45.02 4.49 -7.45
CA GLU H 273 -45.61 3.90 -8.64
C GLU H 273 -46.41 4.98 -9.30
N LYS H 274 -47.15 5.70 -8.46
CA LYS H 274 -48.00 6.76 -8.94
C LYS H 274 -47.19 7.80 -9.69
N MET H 275 -46.12 8.28 -9.06
CA MET H 275 -45.27 9.28 -9.69
C MET H 275 -44.78 8.75 -11.01
N LEU H 276 -44.35 7.49 -10.98
CA LEU H 276 -43.85 6.82 -12.16
C LEU H 276 -44.93 6.77 -13.22
N LYS H 277 -46.08 6.23 -12.85
CA LYS H 277 -47.20 6.10 -13.78
C LYS H 277 -47.67 7.43 -14.34
N ASP H 278 -47.58 8.47 -13.54
CA ASP H 278 -48.00 9.79 -13.99
C ASP H 278 -47.12 10.29 -15.12
N MET H 279 -45.83 9.97 -15.05
CA MET H 279 -44.88 10.39 -16.08
C MET H 279 -45.24 9.68 -17.38
N VAL H 280 -45.48 8.38 -17.27
CA VAL H 280 -45.85 7.58 -18.42
C VAL H 280 -47.14 8.09 -19.02
N ASP H 281 -48.16 8.31 -18.17
CA ASP H 281 -49.45 8.81 -18.63
C ASP H 281 -49.24 10.05 -19.48
N HIS H 282 -48.34 10.92 -19.04
CA HIS H 282 -48.02 12.15 -19.74
C HIS H 282 -47.55 11.91 -21.16
N ILE H 283 -46.81 10.82 -21.35
CA ILE H 283 -46.29 10.46 -22.65
C ILE H 283 -47.38 9.88 -23.53
N ALA H 284 -48.24 9.04 -22.96
CA ALA H 284 -49.31 8.43 -23.73
C ALA H 284 -50.31 9.45 -24.26
N GLN H 285 -50.78 10.34 -23.38
CA GLN H 285 -51.75 11.37 -23.72
C GLN H 285 -51.44 12.16 -24.97
N THR H 286 -50.20 12.08 -25.44
CA THR H 286 -49.81 12.81 -26.64
C THR H 286 -50.06 11.94 -27.85
N GLY H 287 -50.28 10.66 -27.62
CA GLY H 287 -50.56 9.75 -28.72
C GLY H 287 -49.32 9.07 -29.24
N ALA H 288 -48.23 9.22 -28.51
CA ALA H 288 -46.96 8.63 -28.89
C ALA H 288 -46.92 7.15 -28.61
N ASN H 289 -46.59 6.36 -29.64
CA ASN H 289 -46.50 4.90 -29.52
C ASN H 289 -45.04 4.44 -29.51
N VAL H 290 -44.12 5.36 -29.81
CA VAL H 290 -42.69 5.07 -29.82
C VAL H 290 -41.95 6.15 -29.02
N VAL H 291 -41.15 5.71 -28.05
CA VAL H 291 -40.40 6.62 -27.20
C VAL H 291 -38.93 6.25 -27.06
N PHE H 292 -38.06 7.22 -27.37
CA PHE H 292 -36.63 7.02 -27.21
C PHE H 292 -36.24 7.89 -26.03
N VAL H 293 -35.82 7.26 -24.94
CA VAL H 293 -35.43 7.96 -23.73
C VAL H 293 -33.90 8.00 -23.68
N GLN H 294 -33.33 9.15 -23.35
CA GLN H 294 -31.88 9.27 -23.27
C GLN H 294 -31.34 8.70 -21.95
N LYS H 295 -32.00 9.01 -20.83
CA LYS H 295 -31.57 8.51 -19.54
C LYS H 295 -32.16 7.13 -19.29
N GLY H 296 -32.28 6.72 -18.02
CA GLY H 296 -32.82 5.40 -17.72
C GLY H 296 -34.32 5.27 -17.67
N ILE H 297 -34.83 4.06 -17.38
CA ILE H 297 -36.27 3.80 -17.29
C ILE H 297 -36.58 2.74 -16.23
N ASP H 298 -37.16 3.16 -15.11
CA ASP H 298 -37.50 2.24 -14.03
C ASP H 298 -38.32 1.08 -14.58
N ASP H 299 -38.45 0.01 -13.81
CA ASP H 299 -39.19 -1.16 -14.28
C ASP H 299 -40.68 -0.97 -14.34
N LEU H 300 -41.25 -0.28 -13.36
CA LEU H 300 -42.68 -0.06 -13.37
C LEU H 300 -43.03 0.81 -14.55
N ALA H 301 -42.26 1.88 -14.74
CA ALA H 301 -42.49 2.79 -15.84
C ALA H 301 -42.37 2.04 -17.17
N GLN H 302 -41.58 0.98 -17.17
CA GLN H 302 -41.39 0.16 -18.36
C GLN H 302 -42.69 -0.62 -18.56
N HIS H 303 -43.24 -1.07 -17.45
CA HIS H 303 -44.47 -1.83 -17.42
C HIS H 303 -45.69 -1.00 -17.83
N TYR H 304 -45.84 0.21 -17.30
CA TYR H 304 -46.97 1.03 -17.69
C TYR H 304 -46.86 1.34 -19.17
N LEU H 305 -45.68 1.73 -19.63
CA LEU H 305 -45.47 2.02 -21.04
C LEU H 305 -45.82 0.83 -21.92
N ALA H 306 -45.53 -0.37 -21.42
CA ALA H 306 -45.81 -1.61 -22.15
C ALA H 306 -47.31 -1.84 -22.26
N LYS H 307 -48.01 -1.63 -21.14
CA LYS H 307 -49.45 -1.80 -21.10
C LYS H 307 -50.17 -0.86 -22.04
N TYR H 308 -49.59 0.29 -22.35
CA TYR H 308 -50.24 1.22 -23.26
C TYR H 308 -49.86 0.88 -24.70
N GLY H 309 -49.09 -0.19 -24.88
CA GLY H 309 -48.69 -0.59 -26.22
C GLY H 309 -47.73 0.38 -26.86
N ILE H 310 -46.90 1.00 -26.04
CA ILE H 310 -45.88 1.96 -26.47
C ILE H 310 -44.49 1.31 -26.50
N MET H 311 -43.79 1.43 -27.63
CA MET H 311 -42.44 0.87 -27.76
C MET H 311 -41.44 1.87 -27.20
N ALA H 312 -40.62 1.40 -26.26
CA ALA H 312 -39.64 2.24 -25.62
C ALA H 312 -38.22 1.69 -25.64
N VAL H 313 -37.26 2.59 -25.83
CA VAL H 313 -35.84 2.27 -25.86
C VAL H 313 -35.18 3.18 -24.85
N ARG H 314 -34.30 2.65 -24.02
CA ARG H 314 -33.64 3.50 -23.03
C ARG H 314 -32.16 3.66 -23.30
N ARG H 315 -31.51 4.58 -22.56
CA ARG H 315 -30.10 4.86 -22.71
C ARG H 315 -29.68 5.08 -24.15
N VAL H 316 -30.29 6.05 -24.80
CA VAL H 316 -29.95 6.34 -26.17
C VAL H 316 -28.82 7.37 -26.22
N LYS H 317 -27.83 7.11 -27.06
CA LYS H 317 -26.70 8.02 -27.22
C LYS H 317 -27.24 9.40 -27.58
N LYS H 318 -26.67 10.43 -26.98
CA LYS H 318 -27.10 11.79 -27.26
C LYS H 318 -26.96 12.10 -28.75
N SER H 319 -25.98 11.50 -29.40
CA SER H 319 -25.74 11.71 -30.81
C SER H 319 -26.87 11.09 -31.61
N ASP H 320 -27.40 9.99 -31.08
CA ASP H 320 -28.51 9.26 -31.69
C ASP H 320 -29.80 10.04 -31.57
N MET H 321 -30.03 10.62 -30.39
CA MET H 321 -31.22 11.41 -30.13
C MET H 321 -31.31 12.53 -31.14
N GLU H 322 -30.20 13.20 -31.40
CA GLU H 322 -30.21 14.29 -32.35
C GLU H 322 -30.43 13.83 -33.79
N LYS H 323 -29.94 12.64 -34.13
CA LYS H 323 -30.13 12.11 -35.47
C LYS H 323 -31.60 11.78 -35.61
N LEU H 324 -32.17 11.23 -34.53
CA LEU H 324 -33.58 10.87 -34.51
C LEU H 324 -34.43 12.12 -34.65
N ALA H 325 -33.98 13.20 -34.03
CA ALA H 325 -34.70 14.46 -34.09
C ALA H 325 -34.69 15.02 -35.50
N LYS H 326 -33.54 15.00 -36.15
CA LYS H 326 -33.46 15.54 -37.49
C LYS H 326 -34.13 14.66 -38.54
N ALA H 327 -34.23 13.37 -38.25
CA ALA H 327 -34.84 12.44 -39.19
C ALA H 327 -36.36 12.34 -39.09
N THR H 328 -36.87 12.24 -37.86
CA THR H 328 -38.30 12.11 -37.61
C THR H 328 -39.07 13.41 -37.41
N GLY H 329 -38.37 14.52 -37.19
CA GLY H 329 -39.07 15.78 -37.00
C GLY H 329 -39.53 15.96 -35.57
N ALA H 330 -39.19 14.99 -34.73
CA ALA H 330 -39.56 15.06 -33.33
C ALA H 330 -38.73 16.12 -32.62
N LYS H 331 -39.18 16.55 -31.45
CA LYS H 331 -38.45 17.55 -30.69
C LYS H 331 -38.01 16.94 -29.38
N ILE H 332 -36.73 17.05 -29.05
CA ILE H 332 -36.25 16.49 -27.81
C ILE H 332 -36.85 17.27 -26.66
N VAL H 333 -37.30 16.57 -25.64
CA VAL H 333 -37.94 17.21 -24.50
C VAL H 333 -37.26 16.84 -23.18
N THR H 334 -37.09 17.84 -22.32
CA THR H 334 -36.44 17.67 -21.01
C THR H 334 -37.43 17.38 -19.88
N ASN H 335 -38.69 17.75 -20.09
CA ASN H 335 -39.75 17.55 -19.10
C ASN H 335 -40.95 16.85 -19.74
N VAL H 336 -41.27 15.63 -19.29
CA VAL H 336 -42.41 14.92 -19.87
C VAL H 336 -43.70 15.71 -19.64
N LYS H 337 -43.80 16.37 -18.49
CA LYS H 337 -44.95 17.17 -18.14
C LYS H 337 -45.36 18.17 -19.21
N ASP H 338 -44.41 18.67 -19.97
CA ASP H 338 -44.71 19.63 -21.01
C ASP H 338 -44.74 19.06 -22.42
N LEU H 339 -44.67 17.74 -22.53
CA LEU H 339 -44.70 17.11 -23.83
C LEU H 339 -46.07 17.25 -24.48
N THR H 340 -46.10 17.61 -25.76
CA THR H 340 -47.36 17.75 -26.47
C THR H 340 -47.24 16.99 -27.79
N PRO H 341 -48.37 16.78 -28.48
CA PRO H 341 -48.32 16.05 -29.74
C PRO H 341 -47.46 16.70 -30.82
N GLU H 342 -47.27 18.02 -30.74
CA GLU H 342 -46.48 18.75 -31.71
C GLU H 342 -45.00 18.44 -31.57
N ASP H 343 -44.65 17.84 -30.43
CA ASP H 343 -43.28 17.47 -30.15
C ASP H 343 -42.95 16.14 -30.81
N LEU H 344 -43.96 15.28 -30.96
CA LEU H 344 -43.81 13.96 -31.56
C LEU H 344 -43.37 13.98 -33.01
N GLY H 345 -42.58 12.98 -33.41
CA GLY H 345 -42.09 12.90 -34.76
C GLY H 345 -42.72 11.74 -35.49
N TYR H 346 -42.49 11.63 -36.79
CA TYR H 346 -43.08 10.55 -37.55
C TYR H 346 -42.08 9.67 -38.31
N ALA H 347 -42.38 8.38 -38.29
CA ALA H 347 -41.59 7.36 -38.97
C ALA H 347 -42.58 6.37 -39.59
N GLU H 348 -42.41 6.10 -40.87
CA GLU H 348 -43.29 5.17 -41.57
C GLU H 348 -43.27 3.76 -40.99
N VAL H 349 -42.18 3.42 -40.31
CA VAL H 349 -42.02 2.12 -39.66
C VAL H 349 -40.86 2.20 -38.67
N VAL H 350 -41.10 1.72 -37.46
CA VAL H 350 -40.06 1.69 -36.44
C VAL H 350 -40.05 0.23 -35.98
N GLU H 351 -39.06 -0.53 -36.43
CA GLU H 351 -38.98 -1.95 -36.10
C GLU H 351 -37.66 -2.47 -35.53
N GLU H 352 -37.73 -3.48 -34.68
CA GLU H 352 -36.55 -4.09 -34.10
C GLU H 352 -36.21 -5.34 -34.90
N ARG H 353 -35.13 -5.28 -35.66
CA ARG H 353 -34.67 -6.38 -36.49
C ARG H 353 -33.36 -6.94 -35.97
N LYS H 354 -33.17 -8.24 -36.13
CA LYS H 354 -31.96 -8.90 -35.69
C LYS H 354 -31.02 -9.04 -36.89
N LEU H 355 -30.17 -8.04 -37.08
CA LEU H 355 -29.23 -8.02 -38.19
C LEU H 355 -27.87 -8.59 -37.78
N ALA H 356 -27.54 -9.74 -38.36
CA ALA H 356 -26.29 -10.43 -38.07
C ALA H 356 -26.22 -10.75 -36.59
N GLY H 357 -27.27 -11.38 -36.07
CA GLY H 357 -27.29 -11.74 -34.66
C GLY H 357 -27.56 -10.61 -33.69
N GLU H 358 -27.28 -9.37 -34.10
CA GLU H 358 -27.48 -8.19 -33.25
C GLU H 358 -28.85 -7.55 -33.46
N ASN H 359 -29.45 -7.09 -32.37
CA ASN H 359 -30.74 -6.44 -32.44
C ASN H 359 -30.48 -4.96 -32.62
N MET H 360 -31.23 -4.36 -33.52
CA MET H 360 -31.06 -2.95 -33.79
C MET H 360 -32.44 -2.40 -34.02
N ILE H 361 -32.59 -1.09 -33.92
CA ILE H 361 -33.88 -0.48 -34.12
C ILE H 361 -33.84 0.36 -35.38
N PHE H 362 -34.66 0.01 -36.35
CA PHE H 362 -34.69 0.75 -37.60
C PHE H 362 -35.80 1.77 -37.63
N VAL H 363 -35.44 3.04 -37.65
CA VAL H 363 -36.43 4.08 -37.72
C VAL H 363 -36.36 4.54 -39.15
N GLU H 364 -37.09 3.85 -40.03
CA GLU H 364 -37.08 4.20 -41.44
C GLU H 364 -38.37 4.82 -41.95
N GLY H 365 -38.34 5.25 -43.21
CA GLY H 365 -39.49 5.85 -43.81
C GLY H 365 -39.89 7.15 -43.18
N CYS H 366 -38.92 7.96 -42.80
CA CYS H 366 -39.24 9.23 -42.18
C CYS H 366 -39.74 10.20 -43.22
N LYS H 367 -40.49 11.19 -42.73
CA LYS H 367 -41.03 12.22 -43.61
C LYS H 367 -39.96 12.71 -44.60
N ASN H 368 -39.29 13.79 -44.23
CA ASN H 368 -38.41 14.47 -45.19
C ASN H 368 -37.20 14.64 -44.29
N PRO H 369 -36.56 13.52 -43.89
CA PRO H 369 -35.39 13.50 -43.02
C PRO H 369 -34.31 14.52 -43.34
N LYS H 370 -33.78 15.14 -42.28
CA LYS H 370 -32.73 16.14 -42.43
C LYS H 370 -31.43 15.46 -42.02
N ALA H 371 -31.58 14.21 -41.58
CA ALA H 371 -30.49 13.35 -41.16
C ALA H 371 -30.85 11.96 -41.70
N VAL H 372 -29.89 11.27 -42.32
CA VAL H 372 -30.11 9.94 -42.89
C VAL H 372 -29.00 8.95 -42.50
N THR H 373 -29.19 7.66 -42.78
CA THR H 373 -28.19 6.64 -42.45
C THR H 373 -27.91 5.74 -43.64
N ILE H 374 -26.65 5.35 -43.80
CA ILE H 374 -26.28 4.44 -44.88
C ILE H 374 -25.80 3.14 -44.25
N LEU H 375 -26.58 2.08 -44.47
CA LEU H 375 -26.25 0.77 -43.93
C LEU H 375 -25.27 0.07 -44.87
N ILE H 376 -24.09 -0.24 -44.34
CA ILE H 376 -23.04 -0.90 -45.10
C ILE H 376 -22.97 -2.38 -44.75
N ARG H 377 -23.01 -3.23 -45.78
CA ARG H 377 -22.95 -4.68 -45.62
C ARG H 377 -21.73 -5.27 -46.37
N GLY H 378 -21.11 -6.32 -45.81
CA GLY H 378 -19.97 -6.91 -46.46
C GLY H 378 -19.44 -8.16 -45.76
N GLY H 379 -18.68 -8.98 -46.48
CA GLY H 379 -18.15 -10.21 -45.94
C GLY H 379 -17.33 -10.14 -44.66
N THR H 380 -16.33 -9.26 -44.65
CA THR H 380 -15.46 -9.07 -43.51
C THR H 380 -15.43 -7.64 -43.00
N GLU H 381 -14.91 -7.48 -41.78
CA GLU H 381 -14.77 -6.20 -41.11
C GLU H 381 -14.04 -5.25 -42.03
N HIS H 382 -12.97 -5.77 -42.63
CA HIS H 382 -12.12 -5.03 -43.55
C HIS H 382 -12.90 -4.52 -44.73
N VAL H 383 -13.64 -5.39 -45.41
CA VAL H 383 -14.44 -4.94 -46.55
C VAL H 383 -15.34 -3.76 -46.14
N ILE H 384 -15.93 -3.88 -44.95
CA ILE H 384 -16.82 -2.85 -44.42
C ILE H 384 -16.09 -1.54 -44.20
N ASP H 385 -15.08 -1.55 -43.32
CA ASP H 385 -14.31 -0.35 -43.02
C ASP H 385 -13.85 0.40 -44.26
N GLU H 386 -13.38 -0.31 -45.27
CA GLU H 386 -12.88 0.32 -46.49
C GLU H 386 -14.02 0.94 -47.30
N VAL H 387 -15.18 0.30 -47.28
CA VAL H 387 -16.34 0.83 -48.01
C VAL H 387 -16.81 2.10 -47.34
N GLU H 388 -16.76 2.13 -46.00
CA GLU H 388 -17.16 3.31 -45.28
C GLU H 388 -16.24 4.45 -45.73
N ARG H 389 -14.94 4.16 -45.78
CA ARG H 389 -13.93 5.13 -46.19
C ARG H 389 -14.23 5.61 -47.60
N ALA H 390 -14.46 4.67 -48.50
CA ALA H 390 -14.76 5.02 -49.88
C ALA H 390 -15.95 5.98 -49.92
N LEU H 391 -17.00 5.64 -49.19
CA LEU H 391 -18.23 6.42 -49.14
C LEU H 391 -18.05 7.82 -48.57
N GLU H 392 -17.24 7.93 -47.51
CA GLU H 392 -17.00 9.22 -46.89
C GLU H 392 -16.36 10.17 -47.86
N ASP H 393 -15.51 9.63 -48.72
CA ASP H 393 -14.85 10.46 -49.71
C ASP H 393 -15.88 10.76 -50.79
N ALA H 394 -16.65 9.74 -51.15
CA ALA H 394 -17.70 9.86 -52.16
C ALA H 394 -18.70 10.94 -51.76
N VAL H 395 -19.07 10.94 -50.48
CA VAL H 395 -20.01 11.91 -49.95
C VAL H 395 -19.41 13.31 -49.93
N LYS H 396 -18.16 13.38 -49.50
CA LYS H 396 -17.45 14.64 -49.40
C LYS H 396 -17.22 15.34 -50.73
N VAL H 397 -17.03 14.59 -51.80
CA VAL H 397 -16.82 15.21 -53.10
C VAL H 397 -18.14 15.73 -53.63
N VAL H 398 -19.22 15.00 -53.35
CA VAL H 398 -20.55 15.40 -53.80
C VAL H 398 -20.88 16.71 -53.09
N LYS H 399 -20.51 16.80 -51.81
CA LYS H 399 -20.73 18.02 -51.05
C LYS H 399 -20.04 19.20 -51.70
N ASP H 400 -18.84 18.97 -52.21
CA ASP H 400 -18.05 20.03 -52.84
C ASP H 400 -18.72 20.56 -54.09
N VAL H 401 -19.09 19.66 -54.99
CA VAL H 401 -19.71 20.05 -56.24
C VAL H 401 -21.06 20.75 -56.07
N MET H 402 -21.78 20.41 -55.01
CA MET H 402 -23.07 21.04 -54.76
C MET H 402 -22.92 22.46 -54.22
N GLU H 403 -21.86 22.68 -53.44
CA GLU H 403 -21.60 23.99 -52.88
C GLU H 403 -20.81 24.87 -53.84
N ASP H 404 -19.91 24.27 -54.60
CA ASP H 404 -19.06 25.01 -55.55
C ASP H 404 -19.69 25.15 -56.92
N GLY H 405 -20.18 24.04 -57.46
CA GLY H 405 -20.78 24.08 -58.76
C GLY H 405 -19.75 24.16 -59.87
N ALA H 406 -18.59 23.56 -59.62
CA ALA H 406 -17.50 23.55 -60.58
C ALA H 406 -16.75 22.24 -60.48
N VAL H 407 -16.34 21.71 -61.62
CA VAL H 407 -15.61 20.44 -61.66
C VAL H 407 -14.44 20.49 -62.64
N LEU H 408 -13.62 19.44 -62.64
CA LEU H 408 -12.46 19.32 -63.51
C LEU H 408 -12.25 17.89 -63.95
N PRO H 409 -11.49 17.69 -65.03
CA PRO H 409 -11.21 16.33 -65.54
C PRO H 409 -10.22 15.67 -64.58
N ALA H 410 -10.14 14.34 -64.56
CA ALA H 410 -9.23 13.64 -63.66
C ALA H 410 -7.99 13.10 -64.36
N GLY H 411 -7.41 12.03 -63.79
CA GLY H 411 -6.23 11.42 -64.37
C GLY H 411 -5.08 12.39 -64.66
N GLY H 412 -4.79 13.28 -63.70
CA GLY H 412 -3.71 14.24 -63.87
C GLY H 412 -3.93 15.34 -64.90
N ALA H 413 -5.12 15.40 -65.47
CA ALA H 413 -5.43 16.40 -66.50
C ALA H 413 -5.26 17.84 -66.04
N PRO H 414 -5.64 18.15 -64.79
CA PRO H 414 -5.51 19.52 -64.27
C PRO H 414 -4.06 19.91 -63.97
N GLU H 415 -3.29 18.99 -63.40
CA GLU H 415 -1.90 19.26 -63.08
C GLU H 415 -1.10 19.42 -64.37
N ILE H 416 -1.52 18.71 -65.43
CA ILE H 416 -0.85 18.83 -66.73
C ILE H 416 -1.17 20.19 -67.31
N GLU H 417 -2.37 20.68 -67.06
CA GLU H 417 -2.74 21.99 -67.55
C GLU H 417 -1.89 22.99 -66.77
N LEU H 418 -1.84 22.82 -65.45
CA LEU H 418 -1.07 23.70 -64.57
C LEU H 418 0.42 23.72 -64.89
N ALA H 419 0.97 22.56 -65.25
CA ALA H 419 2.38 22.45 -65.58
C ALA H 419 2.62 23.27 -66.84
N ILE H 420 2.06 22.78 -67.96
CA ILE H 420 2.17 23.44 -69.26
C ILE H 420 1.99 24.95 -69.16
N ARG H 421 1.01 25.37 -68.38
CA ARG H 421 0.73 26.79 -68.24
C ARG H 421 1.67 27.50 -67.28
N LEU H 422 1.82 26.96 -66.07
CA LEU H 422 2.69 27.59 -65.05
C LEU H 422 4.14 27.77 -65.49
N ASP H 423 4.47 27.28 -66.68
CA ASP H 423 5.84 27.42 -67.18
C ASP H 423 5.93 28.72 -67.97
N GLU H 424 4.79 29.18 -68.47
CA GLU H 424 4.74 30.44 -69.20
C GLU H 424 4.81 31.50 -68.15
N TYR H 425 4.08 31.30 -67.07
CA TYR H 425 4.08 32.27 -66.00
C TYR H 425 5.51 32.43 -65.52
N ALA H 426 6.27 31.33 -65.54
CA ALA H 426 7.65 31.36 -65.12
C ALA H 426 8.42 32.35 -66.00
N LYS H 427 8.36 32.15 -67.32
CA LYS H 427 9.06 33.03 -68.24
C LYS H 427 8.75 34.49 -67.90
N GLN H 428 7.47 34.82 -67.83
CA GLN H 428 7.05 36.19 -67.51
C GLN H 428 7.72 36.72 -66.25
N VAL H 429 7.69 35.94 -65.17
CA VAL H 429 8.32 36.36 -63.92
C VAL H 429 9.82 36.57 -64.12
N GLY H 430 10.47 35.58 -64.73
CA GLY H 430 11.89 35.67 -65.00
C GLY H 430 12.79 35.76 -63.77
N GLY H 431 14.06 35.45 -63.99
CA GLY H 431 15.04 35.51 -62.93
C GLY H 431 15.16 34.27 -62.08
N LYS H 432 15.63 34.46 -60.85
CA LYS H 432 15.78 33.36 -59.91
C LYS H 432 14.41 32.76 -59.63
N GLU H 433 13.41 33.62 -59.49
CA GLU H 433 12.03 33.19 -59.21
C GLU H 433 11.53 32.23 -60.28
N ALA H 434 11.76 32.59 -61.54
CA ALA H 434 11.33 31.75 -62.66
C ALA H 434 11.82 30.31 -62.52
N LEU H 435 12.96 30.13 -61.85
CA LEU H 435 13.53 28.81 -61.63
C LEU H 435 12.65 28.01 -60.69
N ALA H 436 12.21 28.66 -59.63
CA ALA H 436 11.34 28.05 -58.63
C ALA H 436 9.98 27.76 -59.27
N ILE H 437 9.47 28.73 -60.03
CA ILE H 437 8.19 28.59 -60.70
C ILE H 437 8.17 27.44 -61.69
N GLU H 438 9.24 27.29 -62.45
CA GLU H 438 9.32 26.21 -63.43
C GLU H 438 9.42 24.88 -62.72
N ASN H 439 10.16 24.86 -61.61
CA ASN H 439 10.34 23.64 -60.84
C ASN H 439 9.01 23.22 -60.20
N PHE H 440 8.22 24.20 -59.80
CA PHE H 440 6.90 23.99 -59.18
C PHE H 440 6.00 23.33 -60.22
N ALA H 441 6.04 23.86 -61.43
CA ALA H 441 5.25 23.37 -62.56
C ALA H 441 5.64 21.95 -62.93
N ASP H 442 6.90 21.61 -62.71
CA ASP H 442 7.37 20.28 -63.04
C ASP H 442 6.97 19.32 -61.93
N ALA H 443 7.12 19.75 -60.69
CA ALA H 443 6.75 18.91 -59.56
C ALA H 443 5.32 18.39 -59.77
N LEU H 444 4.43 19.27 -60.19
CA LEU H 444 3.04 18.92 -60.45
C LEU H 444 2.83 17.72 -61.36
N LYS H 445 3.88 17.23 -61.99
CA LYS H 445 3.71 16.10 -62.91
C LYS H 445 3.79 14.72 -62.28
N ILE H 446 4.01 14.63 -60.97
CA ILE H 446 4.09 13.32 -60.32
C ILE H 446 2.73 12.65 -60.27
N ILE H 447 1.68 13.44 -60.46
CA ILE H 447 0.34 12.90 -60.45
C ILE H 447 0.15 12.09 -61.74
N PRO H 448 0.30 12.74 -62.92
CA PRO H 448 0.15 11.97 -64.17
C PRO H 448 1.19 10.86 -64.16
N LYS H 449 2.37 11.21 -63.68
CA LYS H 449 3.50 10.30 -63.58
C LYS H 449 3.23 9.06 -62.71
N THR H 450 3.05 9.24 -61.41
CA THR H 450 2.82 8.09 -60.54
C THR H 450 1.50 7.39 -60.81
N LEU H 451 0.64 8.02 -61.62
CA LEU H 451 -0.64 7.39 -61.96
C LEU H 451 -0.32 6.30 -62.97
N ALA H 452 0.45 6.67 -63.99
CA ALA H 452 0.85 5.73 -65.04
C ALA H 452 1.80 4.68 -64.49
N GLU H 453 2.57 5.05 -63.46
CA GLU H 453 3.52 4.15 -62.85
C GLU H 453 2.79 3.03 -62.10
N ASN H 454 1.92 3.42 -61.16
CA ASN H 454 1.16 2.46 -60.38
C ASN H 454 0.33 1.54 -61.28
N ALA H 455 0.08 2.01 -62.49
CA ALA H 455 -0.71 1.26 -63.47
C ALA H 455 0.15 0.27 -64.26
N GLY H 456 1.45 0.28 -64.02
CA GLY H 456 2.34 -0.62 -64.73
C GLY H 456 2.74 -0.09 -66.10
N LEU H 457 2.22 1.07 -66.49
CA LEU H 457 2.55 1.65 -67.78
C LEU H 457 3.99 2.17 -67.85
N ASP H 458 4.37 2.73 -68.99
CA ASP H 458 5.70 3.28 -69.19
C ASP H 458 5.71 4.74 -68.80
N THR H 459 6.16 5.03 -67.59
CA THR H 459 6.22 6.39 -67.09
C THR H 459 6.78 7.38 -68.10
N VAL H 460 8.05 7.23 -68.44
CA VAL H 460 8.71 8.15 -69.36
C VAL H 460 7.94 8.45 -70.64
N GLU H 461 7.75 7.42 -71.44
CA GLU H 461 7.05 7.51 -72.74
C GLU H 461 5.61 7.97 -72.64
N MET H 462 4.89 7.39 -71.69
CA MET H 462 3.48 7.73 -71.44
C MET H 462 3.30 9.22 -71.13
N LEU H 463 4.17 9.75 -70.27
CA LEU H 463 4.11 11.14 -69.86
C LEU H 463 4.37 12.07 -71.02
N VAL H 464 4.88 11.52 -72.13
CA VAL H 464 5.18 12.34 -73.31
C VAL H 464 3.93 12.46 -74.17
N LYS H 465 3.21 11.34 -74.30
CA LYS H 465 1.98 11.31 -75.08
C LYS H 465 0.91 12.20 -74.45
N VAL H 466 0.81 12.13 -73.12
CA VAL H 466 -0.19 12.91 -72.40
C VAL H 466 -0.02 14.41 -72.57
N ILE H 467 1.22 14.87 -72.49
CA ILE H 467 1.48 16.29 -72.65
C ILE H 467 1.29 16.65 -74.11
N SER H 468 1.47 15.65 -74.98
CA SER H 468 1.32 15.82 -76.41
C SER H 468 -0.14 16.14 -76.71
N GLU H 469 -1.00 15.16 -76.45
CA GLU H 469 -2.44 15.25 -76.66
C GLU H 469 -3.00 16.50 -76.00
N HIS H 470 -2.75 16.63 -74.71
CA HIS H 470 -3.22 17.77 -73.94
C HIS H 470 -2.87 19.09 -74.64
N LYS H 471 -1.65 19.19 -75.15
CA LYS H 471 -1.22 20.39 -75.85
C LYS H 471 -2.09 20.59 -77.08
N ASN H 472 -2.46 19.48 -77.71
CA ASN H 472 -3.30 19.50 -78.90
C ASN H 472 -4.79 19.53 -78.56
N ARG H 473 -5.33 18.37 -78.21
CA ARG H 473 -6.74 18.21 -77.85
C ARG H 473 -7.23 19.21 -76.79
N GLY H 474 -6.56 19.32 -75.65
CA GLY H 474 -7.02 20.30 -74.67
C GLY H 474 -7.16 19.87 -73.22
N LEU H 475 -7.56 20.84 -72.39
CA LEU H 475 -7.76 20.68 -70.96
C LEU H 475 -8.31 19.33 -70.46
N GLY H 476 -9.12 18.67 -71.27
CA GLY H 476 -9.69 17.40 -70.85
C GLY H 476 -8.79 16.20 -71.00
N ILE H 477 -7.61 16.37 -71.58
CA ILE H 477 -6.74 15.23 -71.76
C ILE H 477 -5.90 14.89 -70.54
N GLY H 478 -6.05 13.64 -70.10
CA GLY H 478 -5.32 13.15 -68.95
C GLY H 478 -5.00 11.69 -69.23
N ILE H 479 -4.71 10.92 -68.20
CA ILE H 479 -4.40 9.51 -68.40
C ILE H 479 -5.51 8.66 -67.82
N ASP H 480 -5.84 7.58 -68.50
CA ASP H 480 -6.87 6.68 -68.00
C ASP H 480 -6.12 5.39 -67.72
N VAL H 481 -5.92 5.08 -66.45
CA VAL H 481 -5.20 3.88 -66.05
C VAL H 481 -5.85 2.62 -66.61
N PHE H 482 -7.16 2.68 -66.83
CA PHE H 482 -7.92 1.55 -67.36
C PHE H 482 -7.68 1.40 -68.85
N GLU H 483 -7.43 2.53 -69.51
CA GLU H 483 -7.18 2.56 -70.95
C GLU H 483 -5.70 2.31 -71.27
N GLY H 484 -4.82 2.73 -70.36
CA GLY H 484 -3.40 2.57 -70.57
C GLY H 484 -2.87 3.63 -71.53
N LYS H 485 -3.72 4.60 -71.85
CA LYS H 485 -3.33 5.65 -72.77
C LYS H 485 -4.03 6.95 -72.41
N PRO H 486 -3.67 8.05 -73.09
CA PRO H 486 -4.30 9.34 -72.80
C PRO H 486 -5.72 9.30 -73.34
N ALA H 487 -6.60 10.13 -72.78
CA ALA H 487 -7.99 10.18 -73.22
C ALA H 487 -8.62 11.51 -72.80
N ASP H 488 -9.80 11.80 -73.35
CA ASP H 488 -10.51 13.01 -72.97
C ASP H 488 -11.32 12.55 -71.75
N MET H 489 -10.86 12.95 -70.57
CA MET H 489 -11.50 12.55 -69.31
C MET H 489 -12.95 13.00 -69.21
N LEU H 490 -13.29 14.12 -69.86
CA LEU H 490 -14.64 14.63 -69.84
C LEU H 490 -15.62 13.73 -70.60
N GLU H 491 -15.23 13.27 -71.78
CA GLU H 491 -16.07 12.38 -72.57
C GLU H 491 -16.24 11.03 -71.87
N LYS H 492 -15.31 10.71 -70.98
CA LYS H 492 -15.34 9.45 -70.24
C LYS H 492 -16.01 9.64 -68.87
N GLY H 493 -16.41 10.88 -68.59
CA GLY H 493 -17.07 11.18 -67.34
C GLY H 493 -16.21 10.98 -66.10
N ILE H 494 -14.92 10.79 -66.30
CA ILE H 494 -13.99 10.60 -65.19
C ILE H 494 -13.58 11.99 -64.73
N ILE H 495 -14.23 12.49 -63.70
CA ILE H 495 -13.92 13.82 -63.19
C ILE H 495 -13.85 13.94 -61.68
N GLU H 496 -13.37 15.10 -61.22
CA GLU H 496 -13.22 15.36 -59.80
C GLU H 496 -13.59 16.79 -59.44
N PRO H 497 -13.86 17.04 -58.16
CA PRO H 497 -14.23 18.39 -57.69
C PRO H 497 -13.17 19.46 -57.95
N LEU H 498 -13.61 20.66 -58.32
CA LEU H 498 -12.68 21.76 -58.56
C LEU H 498 -12.03 22.14 -57.24
N ARG H 499 -12.69 21.80 -56.14
CA ARG H 499 -12.18 22.11 -54.80
C ARG H 499 -11.07 21.16 -54.39
N VAL H 500 -11.14 19.92 -54.84
CA VAL H 500 -10.12 18.94 -54.49
C VAL H 500 -8.73 19.36 -55.01
N LYS H 501 -8.65 19.84 -56.27
CA LYS H 501 -7.38 20.29 -56.86
C LYS H 501 -6.94 21.60 -56.19
N LYS H 502 -7.83 22.59 -56.15
CA LYS H 502 -7.52 23.86 -55.54
C LYS H 502 -6.95 23.67 -54.14
N GLN H 503 -7.49 22.72 -53.39
CA GLN H 503 -7.02 22.47 -52.03
C GLN H 503 -5.72 21.69 -51.93
N ALA H 504 -5.47 20.76 -52.85
CA ALA H 504 -4.23 20.01 -52.82
C ALA H 504 -3.10 21.02 -53.00
N ILE H 505 -3.24 21.88 -54.02
CA ILE H 505 -2.23 22.89 -54.28
C ILE H 505 -1.99 23.78 -53.05
N LYS H 506 -3.06 24.20 -52.37
CA LYS H 506 -2.86 25.02 -51.17
C LYS H 506 -2.08 24.24 -50.14
N SER H 507 -2.63 23.11 -49.74
CA SER H 507 -2.01 22.25 -48.73
C SER H 507 -0.54 21.90 -48.97
N ALA H 508 -0.22 21.45 -50.18
CA ALA H 508 1.14 21.07 -50.52
C ALA H 508 2.11 22.23 -50.55
N SER H 509 1.77 23.27 -51.31
CA SER H 509 2.63 24.43 -51.42
C SER H 509 2.90 25.11 -50.07
N GLU H 510 1.96 25.03 -49.14
CA GLU H 510 2.18 25.63 -47.83
C GLU H 510 3.05 24.74 -46.98
N ALA H 511 2.91 23.43 -47.16
CA ALA H 511 3.71 22.49 -46.39
C ALA H 511 5.13 22.61 -46.91
N ALA H 512 5.27 22.78 -48.22
CA ALA H 512 6.58 22.92 -48.84
C ALA H 512 7.25 24.20 -48.33
N ILE H 513 6.56 25.33 -48.50
CA ILE H 513 7.10 26.61 -48.06
C ILE H 513 7.38 26.66 -46.57
N MET H 514 6.61 25.92 -45.77
CA MET H 514 6.82 25.95 -44.33
C MET H 514 8.12 25.26 -43.95
N ILE H 515 8.52 24.29 -44.76
CA ILE H 515 9.74 23.55 -44.52
C ILE H 515 10.92 24.32 -45.10
N LEU H 516 10.71 24.90 -46.28
CA LEU H 516 11.75 25.69 -46.94
C LEU H 516 12.04 26.93 -46.10
N ARG H 517 11.37 27.04 -44.97
CA ARG H 517 11.55 28.19 -44.10
C ARG H 517 12.22 27.85 -42.79
N ILE H 518 12.31 26.56 -42.47
CA ILE H 518 12.92 26.18 -41.21
C ILE H 518 14.40 25.97 -41.40
N ASP H 519 15.20 26.86 -40.80
CA ASP H 519 16.65 26.82 -40.92
C ASP H 519 17.34 26.25 -39.68
N ASP H 520 16.54 25.81 -38.71
CA ASP H 520 17.10 25.26 -37.50
C ASP H 520 16.09 24.33 -36.81
N VAL H 521 16.53 23.14 -36.44
CA VAL H 521 15.65 22.17 -35.77
C VAL H 521 16.22 21.83 -34.41
N ILE H 522 15.45 22.06 -33.36
CA ILE H 522 15.94 21.73 -32.03
C ILE H 522 15.02 20.76 -31.35
N ALA H 523 15.47 19.50 -31.35
CA ALA H 523 14.74 18.38 -30.76
C ALA H 523 15.40 17.88 -29.48
N ALA H 524 14.65 17.95 -28.38
CA ALA H 524 15.13 17.51 -27.07
C ALA H 524 15.27 15.99 -26.98
N LYS H 525 15.35 15.49 -25.76
CA LYS H 525 15.45 14.05 -25.51
C LYS H 525 14.01 13.58 -25.33
N ALA H 526 13.67 12.43 -25.93
CA ALA H 526 12.32 11.88 -25.84
C ALA H 526 12.10 11.07 -24.56
#